data_9G1X
#
_entry.id   9G1X
#
_cell.length_a   1.00
_cell.length_b   1.00
_cell.length_c   1.00
_cell.angle_alpha   90.00
_cell.angle_beta   90.00
_cell.angle_gamma   90.00
#
_symmetry.space_group_name_H-M   'P 1'
#
loop_
_entity.id
_entity.type
_entity.pdbx_description
1 polymer 'DNA-directed RNA polymerase I subunit RPA190'
2 polymer 'DNA-directed RNA polymerase I subunit RPA135'
3 polymer 'DNA-directed RNA polymerases I and III subunit RPAC1'
4 polymer 'DNA-directed RNA polymerase I subunit RPA14'
5 polymer 'DNA-directed RNA polymerases I, II, and III subunit RPABC1'
6 polymer 'DNA-directed RNA polymerases I, II, and III subunit RPABC2'
7 polymer 'DNA-directed RNA polymerase I subunit RPA43'
8 polymer 'DNA-directed RNA polymerases I, II, and III subunit RPABC3'
9 polymer 'DNA-directed RNA polymerases I, II, and III subunit RPABC5'
10 polymer 'DNA-directed RNA polymerases I and III subunit RPAC2'
11 polymer 'DNA-directed RNA polymerases I, II, and III subunit RPABC4'
12 polymer RNA
13 polymer 'Non-template DNA'
14 polymer 'Template DNA'
15 non-polymer 'ZINC ION'
#
loop_
_entity_poly.entity_id
_entity_poly.type
_entity_poly.pdbx_seq_one_letter_code
_entity_poly.pdbx_strand_id
1 'polypeptide(L)'
;MDISKPVGSEITSVDFGILTAKEIRNLSAKQITNPTVLDNLGHPVSGGLYDLALGAFLRNLCSTCGLDEKFCPGHQGHIE
LPVPCYNPLFFNQLYIYLRASCLFCHHFRLKSVEVHRYACKLRLLQYGLIDESYKLDEITLGSLNSSMYTDDEAIEDNED
EMDGEGSKQSKDISSTLLNELKSKRSEYVDMAIAKALSDGRTTERGSFTATVNDERKKLVHEFHKKLLSRGKCDNCGMFS
PKFRKDGFTKIFETALNEKQITNNRVKGFIRQDMIKKQKQAKKLDGSNEASANDEESFDVGRNPTTRPKTGSTYILSTEV
KNILDTVFRKEQCVLQYVFHSRPNLSRKLVKADSFFMDVLVVPPTRFRLPSKLGEEVHENSQNQLLSKVLTTSLLIRDLN
DDLSKLQKDKVSLEDRRVIFSRLMNAFVTIQNDVNAFIDSTKAQGRTSGKVPIPGVKQALEKKEGLFRKHMMGKRVNYAA
RSVISPDPNIETNEIGVPPVFAVKLTYPEPVTAYNIAELRQAVINGPDKWPGATQIQNEDGSLVSLIGMSVEQRKALANQ
LLTPSSNVSTHTLNKKVYRHIKNRDVVLMNRQPTLHKASMMGHKVRVLPNEKTLRLHYANTGAYNADFDGDEMNMHFPQN
ENARAEALNLANTDSQYLTPTSGSPVRGLIQDHISAGVWLTSKDSFFTREQYQQYIYGCIRPEDGHTTRSKIVTLPPTIF
KPYPLWTGKQIITTVLLNVTPPDMPGINLISKNKIKNEYWGKGSLENEVLFKDGALLCGILDKSQYGASKYGIVHSLHEV
YGPEVAAKVLSVLGRLFTNYITATAFTCGMDDLRLTAEGNKWRTDILKTSVDTGREAAAEVTNLDKDTPADDPELLKRLQ
EILRDNNKSGILDAVTSSKVNAITSQVVSKCVPDGTMKKFPCNSMQAMALSGAKGSNVNVSQIMCLLGQQALEGRRVPVM
VSGKTLPSFKPYETDAMAGGYVKGRFYSGIKPQEYYFHCMAGREGLIDTAVKTSRSGYLQRCLTKQLEGVHVSYDNSIRD
ADGTLVQFMYGGDAIDITKESHMTQFEFCLDNYYALLKKYNPSALIEHLDVESALKYSKKTLKYRKKHSKEPHYKQSVKY
DPVLAKYNPAKYLGSVSENFQDKLESFLDKNSKLFKSSDGVNEKKFRALMQLKYMRSLINPGEAVGIIASQSVGEPSTQM
TLNTFHFAGHGAANVTLGIPRLREIVMTASAAIKTPQMTLPIWNDVSDEQADTFCKSISKVLLSEVIDKVIVTETTGTSN
TAGGNAARSYVIHMRFFDNNEYSEEYDVSKEELQNVISNQFIHLLEAAIVKEIKKQKRTTGPDIGVAVPRLQTDVANSSS
NSKRLEEDNDEEQSHKKTKQAVSYDEPDEDEIETMREAEKSSDEEGIDSDKESDSDSEDEDVDMNEQINKSIVEANNNMN
KVQRDRQSAIISHHRFITKYNFDDESGKWCEFKLELAADTEKLLMVNIVEEICRKSIIRQIPHIDRCVHPEPENGKRVLV
TEGVNFQAMWDQEAFIDVDGITSNDVAAVLKTYGVEAARNTIVNEINNVFSRYAISVSFRHLDLIADMMTRQGTYLAFNR
QGMETSTSSFMKMSYETTCQFLTKAVLDNEREQLDSPSARIVVGKLNNVGTGSFDVLAKVPNAA
;
A
2 'polypeptide(L)'
;MSKVIKPPGQARTADFRTLERESRFINPPKDKSAFPLLQEAVQPHIGSFNALTEGPDGGLLNLGVKDIGEKVIFDGKPLN
SEDEISNSGYLGNKLSVSVEQVSIAKPMSNDGVSSAVERKVYPSESRQRLTSYRGKLLLKLKWSVNNGEENLFEVRDCGG
LPVMLQSNRCHLNKMSPYELVQHKEESDEIGGYFIVNGIEKLIRMLIVQRRNHPMAIIRPSFANRGASYSHYGIQIRSVR
PDQTSQTNVLHYLNDGQVTFRFSWRKNEYLVPVVMILKALCHTSDREIFDGIIGNDVKDSFLTDRLELLLRGFKKRYPHL
QNRTQVLQYLGDKFRVVFQASPDQSDLEVGQEVLDRIVLVHLGKDGSQDKFRMLLFMIRKLYSLVAGECSPDNPDATQHQ
EVLLGGFLYGMILKEKIDEYLQNIIAQVRMDINRGMAINFKDKRYMSRVLMRVNENIGSKMQYFLSTGNLVSQSGLDLQQ
VSGYTVVAEKINFYRFISHFRMVHRGSFFAQLKTTTVRKLLPESWGFLCPVHTPDGSPCGLLNHFAHKCRISTQQSDVSR
IPSILYSLGVAPASHTFAAGPSLCCVQIDGKIIGWVSHEQGKIIADTLRYWKVEGKTPGLPIDLEIGYVPPSTRGQYPGL
YLFGGHSRMLRPVRYLPLDKEDIVGPFEQVYMNIAVTPQEIQNNVHTHVEFTPTNILSILANLTPFSDFNQSPRNMYQCQ
MGKQTMGTPGVALCHRSDNKLYRLQTGQTPIVKANLYDDYGMDNFPNGFNAVVAVISYTGYDMDDAMIINKSADERGFGY
GTMYKTEKVDLALNRNRGDPITQHFGFGNDEWPKEWLEKLDEDGLPYIGTYVEEGDPICAYFDDTLNKTKIKTYHSSEPA
YIEEVNLIGDESNKFQELQTVSIKYRIRRTPQIGDKFSSRHGQKGVCSRKWPTIDMPFSETGIQPDIIINPHAFPSRMTI
GMFVESLAGKAGALHGIAQDSTPWIFNEDDTPADYFGEQLAKAGYNYHGNEPMYSGATGEELRADIYVGVVYYQRLRHMV
NDKFQVRSTGPVNSLTMQPVKGRKRHGGIRVGEMERDALIGHGTSFLLQDRLLNSSDYTQASVCRECGSILTTQQSVPRI
GSISTVCCRRCSMRFEDAKKLLTKSEDGEKIFIDDSQIWEDGQGNKFVGGNETTTVAIPFVLKYLDSELSAMGIRLRYNV
EPK
;
B
3 'polypeptide(L)'
;MSNIVGIEYNRVTNTTSTDFPGFSKDAENEWNVEKFKKDFEVNISSLDAREANFDLINIDTSIANAFRRIMISEVPSVAA
EYVYFFNNTSVIQDEVLAHRIGLVPLKVDPDMLTWVDSNLPDDEKFTDENTIVLSLNVKCTRNPDAPKGSTDPKELYNNA
HVYARDLKFEPQGRQSTTFADCPVVPADPDILLAKLRPGQEISLKAHCILGIGGDHAKFSPVSTASYRLLPQINILQPIK
GESARRFQKCFPPGVIGIDEGSDEAYVKDARKDTVSREVLRYEEFADKVKLGRVRNHFIFNVESAGAMTPEEIFFKSVRI
LKNKAEYLKNCPITQ
;
C
4 'polypeptide(L)'
;MMKGSRRTGNNTATTLNTPVVIHATQLPQHVSTDEVLQFLESFIDEKENIIDSTTMNTISGNAADADAAAVANTSLNIDT
NLSSSISQLKRIQRDFKGLPPAQDFSAAPIQVSTTEKKETSIGVSATGGKKTTFADE
;
D
5 'polypeptide(L)'
;MDQENERNISRLWRAFRTVKEMVKDRGYFITQEEVELPLEDFKAKYCDSMGRPQRKMMSFQANPTEESISKFPDMGSLWV
EFCDEPSVGVKTMKTFVIHIQEKNFQTGIFVYQNNITPSAMKLVPSIPPATIETFNEAALVVNITHHELVPKHIRLSSDE
KRELLKRYRLKESQLPRIQRADPVALYLGLKRGEVVKIIRKSETSGRYASYRICM
;
E
6 'polypeptide(L)'
;MSDYEEAFNDGNENFEDFDVEHFSDEETYEEKPQFKDGETTDANGKTIVTGGNGPEDFQQHEQIRRKTLKEKAIPKDQRA
TTPYMTKYERARILGTRALQISMNAPVFVDLEGETDPLRIAMKELAEKKIPLVIRRYLPDGSFEDWSVEELIVDL
;
F
7 'polypeptide(L)'
;MSQVKRANENRETARFIKKHKKQVTNPIDEKNGTSNCIVRVPIALYVSLAPMYLENPLQGVMKQHLNPLVMKYNNKVGGV
VLGYEGLKILDADPLSKEDTSEKLIKITPDTPFGFTWCHVNLYVWQPQVGDVLEGYIFIQSASHIGLLIHDAFNASIKKN
NIPVDWTFVHNDVEEDADVINTDENNGNNNNEDNKDSNGGSNSLGKFSFGNRSLGHWVDSNGEPIDGKLRFTVRNVHTTG
RVVSVDGTLISDADEEGNGYNSSRSQAESLPIVSNKKIVFDDEVSIENKESHKELDLPEVKEDNGSEIVYEENTSESNDG
ESSDSD
;
G
8 'polypeptide(L)'
;MSNTLFDDIFQVSEVDPGRYNKVCRIEAASTTQDQCKLTLDINVELFPVAAQDSLTVTIASSLNLEDTPANDSSATRSWR
PPQAGDRSLADDYDYVMYGTAYKFEEVSKDLIAVYYSFGGLLMRLEGNYRNLNNLKQENAYLLIRR
;
H
9 'polypeptide(L)' MIVPVRCFSCGKVVGDKWESYLNLLQEDELDEGTALSRLGLKRYCCRRMILTHVDLIEKFLRYNPLEKRD J
10 'polypeptide(L)'
;MTEDIEQKKTATEVTPQEPKHIQEEEEQDVDMTGDEEQEEEPDREKIKLLTQATSEDGTSASFQIVEEDHTLGNALRYVI
MKNPDVEFCGYSIPHPSENLLNIRIQTYGETTAVDALQKGLKDLMDLCDVVESKFTEKIKSM
;
K
11 'polypeptide(L)' MSREGFQIPTNLDAAAAGTSQARTATLKYICAECSSKLSLSRTDAVRCKDCGHRILLKARTKRLVQFEAR L
12 'polyribonucleotide' AUAAAUCGAGAG R
13 'polydeoxyribonucleotide'
;(DG)(DA)(DT)(DT)(DT)(DC)(DA)(DT)(DA)(DC)(DG)(DC)(DC)(DA)(DT)(DT)(DC)(DC)(DT)(DT)
(DC)(DT)(DC)(DT)(DC)(DT)(DG)(DC)(DT)(DT)(DA)(DT)(DC)(DG)(DG)(DT)(DA)(DG)
;
S
14 'polydeoxyribonucleotide'
;(DC)(DT)(DA)(DC)(DC)(DG)(DA)(DT)(DA)(DA)(DG)(DC)(DA)(DG)(DA)(DT)(3DR)(DC)(DT)
(DC)(DT)(DC)(DG)(DA)(DT)(DT)(DG)(DC)(DG)(DT)(DA)(DT)(DG)(DA)(DA)(DA)(DT)(DC)
;
T
#
# COMPACT_ATOMS: atom_id res chain seq x y z
N MET A 1 -14.87 -17.77 -17.56
CA MET A 1 -16.04 -18.61 -17.37
C MET A 1 -17.23 -18.07 -18.12
N ASP A 2 -17.91 -18.96 -18.84
CA ASP A 2 -19.08 -18.61 -19.61
C ASP A 2 -20.32 -19.15 -18.91
N ILE A 3 -21.33 -18.30 -18.74
CA ILE A 3 -22.57 -18.73 -18.12
C ILE A 3 -23.36 -19.66 -19.02
N SER A 4 -23.12 -19.60 -20.33
CA SER A 4 -23.86 -20.40 -21.28
C SER A 4 -23.22 -21.77 -21.51
N LYS A 5 -22.16 -22.09 -20.77
CA LYS A 5 -21.56 -23.42 -20.74
C LYS A 5 -21.76 -24.00 -19.35
N PRO A 6 -22.77 -24.82 -19.15
CA PRO A 6 -23.04 -25.33 -17.80
C PRO A 6 -22.25 -26.58 -17.47
N VAL A 7 -21.83 -26.67 -16.22
CA VAL A 7 -21.02 -27.78 -15.71
C VAL A 7 -21.87 -28.56 -14.71
N GLY A 8 -22.02 -29.86 -14.96
CA GLY A 8 -22.84 -30.70 -14.11
C GLY A 8 -22.10 -31.35 -12.96
N SER A 9 -21.00 -32.03 -13.25
CA SER A 9 -20.26 -32.72 -12.22
C SER A 9 -19.50 -31.74 -11.33
N GLU A 10 -19.39 -32.08 -10.06
CA GLU A 10 -18.63 -31.27 -9.11
C GLU A 10 -17.77 -32.18 -8.23
N ILE A 11 -16.59 -31.70 -7.89
CA ILE A 11 -15.67 -32.46 -7.05
C ILE A 11 -16.20 -32.42 -5.61
N THR A 12 -16.67 -33.56 -5.12
CA THR A 12 -17.14 -33.62 -3.74
C THR A 12 -15.99 -33.47 -2.77
N SER A 13 -14.92 -34.25 -2.98
CA SER A 13 -13.75 -34.20 -2.12
C SER A 13 -12.61 -34.90 -2.85
N VAL A 14 -11.41 -34.73 -2.32
CA VAL A 14 -10.23 -35.39 -2.84
C VAL A 14 -9.53 -36.07 -1.68
N ASP A 15 -8.74 -37.11 -2.01
CA ASP A 15 -8.01 -37.85 -0.99
C ASP A 15 -6.59 -38.09 -1.46
N PHE A 16 -5.65 -37.99 -0.53
CA PHE A 16 -4.22 -37.98 -0.81
C PHE A 16 -3.69 -39.41 -0.70
N GLY A 17 -3.52 -40.07 -1.84
CA GLY A 17 -3.00 -41.42 -1.85
C GLY A 17 -1.72 -41.56 -2.66
N ILE A 18 -0.87 -42.52 -2.31
CA ILE A 18 0.39 -42.71 -3.01
C ILE A 18 0.14 -43.45 -4.32
N LEU A 19 0.74 -42.95 -5.39
CA LEU A 19 0.66 -43.63 -6.68
C LEU A 19 1.65 -44.78 -6.70
N THR A 20 1.24 -45.91 -7.27
CA THR A 20 2.05 -47.11 -7.28
C THR A 20 2.70 -47.33 -8.64
N ALA A 21 3.80 -48.08 -8.64
CA ALA A 21 4.56 -48.31 -9.86
C ALA A 21 3.71 -49.01 -10.91
N LYS A 22 2.94 -50.02 -10.50
CA LYS A 22 2.14 -50.77 -11.46
C LYS A 22 1.11 -49.88 -12.13
N GLU A 23 0.53 -48.94 -11.38
CA GLU A 23 -0.47 -48.05 -11.95
C GLU A 23 0.14 -47.13 -12.99
N ILE A 24 1.36 -46.64 -12.74
CA ILE A 24 2.00 -45.71 -13.66
C ILE A 24 2.27 -46.38 -15.00
N ARG A 25 2.82 -47.60 -14.98
CA ARG A 25 3.22 -48.24 -16.22
C ARG A 25 2.04 -48.53 -17.13
N ASN A 26 0.82 -48.51 -16.59
CA ASN A 26 -0.38 -48.74 -17.38
C ASN A 26 -0.88 -47.47 -18.05
N LEU A 27 -0.81 -46.33 -17.35
CA LEU A 27 -1.32 -45.08 -17.92
C LEU A 27 -0.37 -44.48 -18.93
N SER A 28 0.94 -44.63 -18.73
CA SER A 28 1.94 -43.84 -19.43
C SER A 28 1.81 -43.98 -20.94
N ALA A 29 1.99 -42.84 -21.63
CA ALA A 29 1.96 -42.86 -23.09
C ALA A 29 3.29 -43.35 -23.67
N LYS A 30 4.37 -43.19 -22.91
CA LYS A 30 5.69 -43.68 -23.32
C LYS A 30 6.61 -43.63 -22.10
N GLN A 31 7.61 -44.49 -22.10
CA GLN A 31 8.72 -44.34 -21.18
C GLN A 31 9.93 -43.80 -21.93
N ILE A 32 10.64 -42.89 -21.29
CA ILE A 32 11.73 -42.16 -21.92
C ILE A 32 13.05 -42.82 -21.52
N THR A 33 14.00 -42.83 -22.45
CA THR A 33 15.24 -43.57 -22.28
C THR A 33 16.47 -42.68 -22.20
N ASN A 34 16.71 -41.83 -23.19
CA ASN A 34 18.02 -41.20 -23.32
C ASN A 34 18.06 -39.84 -22.62
N PRO A 35 19.20 -39.48 -22.04
CA PRO A 35 19.31 -38.17 -21.38
C PRO A 35 19.66 -37.05 -22.33
N THR A 36 19.03 -37.01 -23.49
CA THR A 36 19.17 -35.91 -24.44
C THR A 36 17.79 -35.35 -24.71
N VAL A 37 17.62 -34.04 -24.45
CA VAL A 37 16.31 -33.43 -24.59
C VAL A 37 15.88 -33.41 -26.05
N LEU A 38 16.76 -32.93 -26.93
CA LEU A 38 16.40 -32.77 -28.33
C LEU A 38 17.68 -32.71 -29.15
N ASP A 39 17.69 -33.43 -30.27
CA ASP A 39 18.86 -33.47 -31.11
C ASP A 39 18.90 -32.24 -32.01
N ASN A 40 20.00 -32.09 -32.75
CA ASN A 40 20.16 -30.93 -33.62
C ASN A 40 19.15 -30.99 -34.75
N LEU A 41 19.14 -29.93 -35.56
CA LEU A 41 18.18 -29.64 -36.63
C LEU A 41 16.83 -29.18 -36.10
N GLY A 42 16.63 -29.16 -34.78
CA GLY A 42 15.44 -28.61 -34.18
C GLY A 42 14.37 -29.61 -33.80
N HIS A 43 14.40 -30.81 -34.36
CA HIS A 43 13.40 -31.79 -33.97
C HIS A 43 13.73 -32.41 -32.61
N PRO A 44 12.72 -32.83 -31.87
CA PRO A 44 12.97 -33.50 -30.59
C PRO A 44 13.35 -34.96 -30.79
N VAL A 45 14.29 -35.42 -29.98
CA VAL A 45 14.77 -36.80 -30.11
C VAL A 45 13.71 -37.74 -29.55
N SER A 46 13.28 -38.69 -30.38
CA SER A 46 12.30 -39.67 -29.93
C SER A 46 12.84 -40.46 -28.76
N GLY A 47 12.04 -40.62 -27.71
CA GLY A 47 12.46 -41.27 -26.51
C GLY A 47 13.08 -40.38 -25.47
N GLY A 48 13.28 -39.10 -25.78
CA GLY A 48 13.86 -38.16 -24.84
C GLY A 48 12.83 -37.53 -23.94
N LEU A 49 13.26 -36.52 -23.19
CA LEU A 49 12.37 -35.82 -22.28
C LEU A 49 11.18 -35.24 -23.02
N TYR A 50 11.42 -34.52 -24.10
CA TYR A 50 10.36 -34.18 -25.03
C TYR A 50 10.10 -35.37 -25.93
N ASP A 51 8.94 -35.36 -26.58
CA ASP A 51 8.57 -36.36 -27.56
C ASP A 51 7.22 -35.97 -28.15
N LEU A 52 6.92 -36.54 -29.31
CA LEU A 52 5.59 -36.37 -29.88
C LEU A 52 4.52 -36.93 -28.97
N ALA A 53 4.83 -37.99 -28.22
CA ALA A 53 3.82 -38.70 -27.44
C ALA A 53 3.75 -38.25 -25.99
N LEU A 54 4.53 -37.26 -25.58
CA LEU A 54 4.38 -36.62 -24.28
C LEU A 54 3.67 -35.28 -24.38
N GLY A 55 2.98 -35.02 -25.48
CA GLY A 55 2.34 -33.74 -25.68
C GLY A 55 2.89 -33.03 -26.90
N ALA A 56 1.99 -32.38 -27.66
CA ALA A 56 2.42 -31.66 -28.84
C ALA A 56 3.42 -30.58 -28.47
N PHE A 57 4.51 -30.52 -29.22
CA PHE A 57 5.65 -29.68 -28.86
C PHE A 57 6.06 -28.81 -30.04
N LEU A 58 5.74 -27.52 -29.95
CA LEU A 58 6.29 -26.50 -30.85
C LEU A 58 6.04 -26.86 -32.32
N ARG A 59 4.75 -26.87 -32.67
CA ARG A 59 4.29 -27.22 -34.00
C ARG A 59 4.71 -28.65 -34.35
N ASN A 60 4.21 -29.59 -33.55
CA ASN A 60 4.41 -31.01 -33.78
C ASN A 60 3.20 -31.73 -33.23
N LEU A 61 2.35 -32.27 -34.11
CA LEU A 61 1.13 -32.92 -33.66
C LEU A 61 1.46 -34.05 -32.69
N CYS A 62 0.80 -34.04 -31.53
CA CYS A 62 1.09 -35.02 -30.50
C CYS A 62 0.72 -36.42 -30.98
N SER A 63 1.64 -37.37 -30.77
CA SER A 63 1.39 -38.75 -31.19
C SER A 63 0.33 -39.41 -30.32
N THR A 64 0.33 -39.13 -29.02
CA THR A 64 -0.58 -39.80 -28.10
C THR A 64 -2.02 -39.51 -28.43
N CYS A 65 -2.36 -38.24 -28.71
CA CYS A 65 -3.74 -37.84 -28.90
C CYS A 65 -4.09 -37.52 -30.35
N GLY A 66 -3.17 -36.91 -31.10
CA GLY A 66 -3.45 -36.52 -32.46
C GLY A 66 -3.99 -35.11 -32.62
N LEU A 67 -3.76 -34.24 -31.66
CA LEU A 67 -4.25 -32.87 -31.69
C LEU A 67 -3.10 -31.89 -31.54
N ASP A 68 -3.37 -30.64 -31.93
CA ASP A 68 -2.34 -29.63 -32.08
C ASP A 68 -1.82 -29.19 -30.71
N GLU A 69 -0.95 -28.17 -30.71
CA GLU A 69 -0.35 -27.70 -29.46
C GLU A 69 -1.40 -27.13 -28.51
N LYS A 70 -2.42 -26.47 -29.06
CA LYS A 70 -3.45 -25.88 -28.20
C LYS A 70 -4.43 -26.94 -27.70
N PHE A 71 -4.75 -27.92 -28.55
CA PHE A 71 -5.80 -28.89 -28.25
C PHE A 71 -5.24 -30.21 -27.71
N CYS A 72 -3.95 -30.24 -27.36
CA CYS A 72 -3.38 -31.39 -26.68
C CYS A 72 -3.21 -31.03 -25.21
N PRO A 73 -3.95 -31.66 -24.30
CA PRO A 73 -3.78 -31.34 -22.88
C PRO A 73 -2.43 -31.70 -22.34
N GLY A 74 -1.70 -32.56 -23.03
CA GLY A 74 -0.48 -33.12 -22.50
C GLY A 74 -0.73 -34.48 -21.87
N HIS A 75 0.24 -35.36 -22.01
CA HIS A 75 0.12 -36.73 -21.55
C HIS A 75 1.35 -37.08 -20.72
N GLN A 76 1.17 -38.00 -19.78
CA GLN A 76 2.19 -38.26 -18.77
C GLN A 76 3.00 -39.48 -19.15
N GLY A 77 4.32 -39.35 -19.07
CA GLY A 77 5.24 -40.45 -19.27
C GLY A 77 5.93 -40.82 -17.96
N HIS A 78 6.76 -41.85 -18.04
CA HIS A 78 7.44 -42.36 -16.87
C HIS A 78 8.86 -42.75 -17.22
N ILE A 79 9.69 -42.81 -16.19
CA ILE A 79 11.09 -43.22 -16.31
C ILE A 79 11.23 -44.55 -15.60
N GLU A 80 11.66 -45.57 -16.33
CA GLU A 80 11.93 -46.87 -15.73
C GLU A 80 13.22 -46.78 -14.94
N LEU A 81 13.10 -46.65 -13.62
CA LEU A 81 14.29 -46.67 -12.78
C LEU A 81 14.80 -48.11 -12.68
N PRO A 82 16.08 -48.35 -12.96
CA PRO A 82 16.59 -49.73 -12.87
C PRO A 82 16.47 -50.32 -11.47
N VAL A 83 16.64 -49.52 -10.43
CA VAL A 83 16.57 -50.02 -9.06
C VAL A 83 15.63 -49.15 -8.23
N PRO A 84 14.93 -49.72 -7.25
CA PRO A 84 14.09 -48.90 -6.38
C PRO A 84 14.90 -48.15 -5.35
N CYS A 85 14.56 -46.87 -5.16
CA CYS A 85 15.30 -45.97 -4.29
C CYS A 85 14.34 -45.24 -3.37
N TYR A 86 14.89 -44.66 -2.30
CA TYR A 86 14.09 -44.02 -1.28
C TYR A 86 13.28 -42.87 -1.87
N ASN A 87 12.08 -42.68 -1.31
CA ASN A 87 11.30 -41.49 -1.61
C ASN A 87 11.57 -40.46 -0.53
N PRO A 88 12.17 -39.32 -0.86
CA PRO A 88 12.59 -38.37 0.18
C PRO A 88 11.45 -37.79 0.98
N LEU A 89 10.23 -37.81 0.43
CA LEU A 89 9.09 -37.35 1.21
C LEU A 89 8.88 -38.22 2.44
N PHE A 90 9.00 -39.53 2.28
CA PHE A 90 8.64 -40.49 3.32
C PHE A 90 9.86 -41.07 4.02
N PHE A 91 11.00 -40.38 3.96
CA PHE A 91 12.22 -40.95 4.52
C PHE A 91 12.13 -41.08 6.03
N ASN A 92 11.46 -40.13 6.69
CA ASN A 92 11.33 -40.25 8.14
C ASN A 92 10.36 -41.37 8.51
N GLN A 93 9.30 -41.55 7.72
CA GLN A 93 8.43 -42.70 7.93
C GLN A 93 9.16 -44.01 7.67
N LEU A 94 9.92 -44.07 6.58
CA LEU A 94 10.68 -45.27 6.27
C LEU A 94 11.76 -45.53 7.31
N TYR A 95 12.26 -44.48 7.95
CA TYR A 95 13.35 -44.62 8.91
C TYR A 95 12.84 -44.88 10.32
N ILE A 96 11.56 -44.60 10.57
CA ILE A 96 10.96 -45.03 11.83
C ILE A 96 10.47 -46.48 11.71
N TYR A 97 9.88 -46.84 10.57
CA TYR A 97 9.46 -48.22 10.40
C TYR A 97 10.59 -49.12 9.93
N LEU A 98 11.78 -48.57 9.67
CA LEU A 98 12.95 -49.42 9.45
C LEU A 98 13.54 -49.88 10.78
N ARG A 99 13.60 -48.98 11.76
CA ARG A 99 13.95 -49.35 13.11
C ARG A 99 12.72 -49.99 13.75
N ALA A 100 12.76 -50.15 15.08
CA ALA A 100 11.62 -50.64 15.85
C ALA A 100 11.14 -52.00 15.38
N SER A 101 12.05 -52.83 14.86
CA SER A 101 11.69 -54.15 14.40
C SER A 101 12.80 -55.14 14.78
N CYS A 102 12.44 -56.42 14.81
CA CYS A 102 13.40 -57.50 14.93
C CYS A 102 13.63 -58.07 13.54
N LEU A 103 14.88 -58.04 13.08
CA LEU A 103 15.20 -58.50 11.74
C LEU A 103 15.05 -60.01 11.57
N PHE A 104 14.89 -60.76 12.66
CA PHE A 104 14.72 -62.21 12.59
C PHE A 104 13.25 -62.60 12.72
N CYS A 105 12.59 -62.19 13.80
CA CYS A 105 11.18 -62.50 13.96
C CYS A 105 10.33 -61.75 12.95
N HIS A 106 10.84 -60.67 12.38
CA HIS A 106 10.12 -59.85 11.41
C HIS A 106 8.81 -59.32 11.98
N HIS A 107 8.81 -59.03 13.27
CA HIS A 107 7.78 -58.26 13.95
C HIS A 107 8.42 -56.98 14.46
N PHE A 108 7.64 -56.21 15.20
CA PHE A 108 8.23 -55.09 15.90
C PHE A 108 8.97 -55.59 17.14
N ARG A 109 9.88 -54.78 17.62
CA ARG A 109 10.54 -55.13 18.87
C ARG A 109 9.65 -54.94 20.07
N LEU A 110 8.37 -54.65 19.84
CA LEU A 110 7.38 -54.51 20.91
C LEU A 110 6.53 -55.78 20.99
N LYS A 111 6.16 -56.14 22.21
CA LYS A 111 5.33 -57.32 22.40
C LYS A 111 4.00 -57.17 21.69
N SER A 112 3.60 -58.23 20.98
CA SER A 112 2.43 -58.16 20.12
C SER A 112 1.16 -57.82 20.89
N VAL A 113 1.15 -58.01 22.21
CA VAL A 113 0.01 -57.57 23.00
C VAL A 113 -0.15 -56.06 22.91
N GLU A 114 0.95 -55.32 23.09
CA GLU A 114 0.89 -53.86 22.96
C GLU A 114 0.57 -53.43 21.54
N VAL A 115 1.14 -54.13 20.56
CA VAL A 115 0.88 -53.78 19.15
C VAL A 115 -0.59 -53.96 18.82
N HIS A 116 -1.19 -55.07 19.26
CA HIS A 116 -2.61 -55.30 19.02
C HIS A 116 -3.46 -54.30 19.80
N ARG A 117 -3.02 -53.93 21.01
CA ARG A 117 -3.73 -52.94 21.79
C ARG A 117 -3.81 -51.61 21.05
N TYR A 118 -2.67 -51.16 20.52
CA TYR A 118 -2.67 -49.92 19.76
C TYR A 118 -3.48 -50.04 18.48
N ALA A 119 -3.44 -51.21 17.84
CA ALA A 119 -4.22 -51.40 16.63
C ALA A 119 -5.71 -51.23 16.91
N CYS A 120 -6.20 -51.83 17.99
CA CYS A 120 -7.63 -51.70 18.26
C CYS A 120 -7.99 -50.30 18.75
N LYS A 121 -7.11 -49.63 19.51
CA LYS A 121 -7.37 -48.24 19.88
C LYS A 121 -7.50 -47.36 18.65
N LEU A 122 -6.59 -47.52 17.69
CA LEU A 122 -6.64 -46.71 16.47
C LEU A 122 -7.83 -47.10 15.59
N ARG A 123 -8.27 -48.36 15.65
CA ARG A 123 -9.48 -48.71 14.91
C ARG A 123 -10.71 -48.07 15.53
N LEU A 124 -10.73 -47.93 16.85
CA LEU A 124 -11.84 -47.23 17.48
C LEU A 124 -11.80 -45.75 17.16
N LEU A 125 -10.60 -45.18 17.05
CA LEU A 125 -10.52 -43.78 16.62
C LEU A 125 -10.83 -43.62 15.15
N GLN A 126 -10.76 -44.69 14.35
CA GLN A 126 -11.22 -44.61 12.98
C GLN A 126 -12.69 -44.29 12.89
N TYR A 127 -13.47 -44.70 13.89
CA TYR A 127 -14.91 -44.53 13.89
C TYR A 127 -15.38 -43.42 14.84
N GLY A 128 -14.46 -42.77 15.55
CA GLY A 128 -14.80 -41.64 16.39
C GLY A 128 -15.16 -41.99 17.82
N LEU A 129 -15.24 -43.27 18.18
CA LEU A 129 -15.59 -43.68 19.54
C LEU A 129 -14.36 -43.50 20.43
N ILE A 130 -14.07 -42.23 20.73
CA ILE A 130 -12.84 -41.90 21.44
C ILE A 130 -12.88 -42.40 22.87
N ASP A 131 -14.00 -42.19 23.57
CA ASP A 131 -14.07 -42.60 24.96
C ASP A 131 -14.17 -44.11 25.12
N GLU A 132 -14.78 -44.80 24.15
CA GLU A 132 -14.86 -46.26 24.25
C GLU A 132 -13.48 -46.89 24.30
N SER A 133 -12.53 -46.34 23.53
CA SER A 133 -11.18 -46.87 23.55
C SER A 133 -10.49 -46.65 24.89
N TYR A 134 -10.80 -45.55 25.58
CA TYR A 134 -10.20 -45.35 26.90
C TYR A 134 -10.65 -46.41 27.89
N LYS A 135 -11.84 -46.99 27.67
CA LYS A 135 -12.27 -48.15 28.44
C LYS A 135 -11.69 -49.44 27.90
N LEU A 136 -11.37 -49.47 26.60
CA LEU A 136 -10.69 -50.64 26.04
C LEU A 136 -9.36 -50.89 26.73
N ASP A 137 -8.62 -49.82 27.02
CA ASP A 137 -7.39 -49.94 27.79
C ASP A 137 -7.64 -50.55 29.17
N GLU A 138 -8.86 -50.41 29.69
CA GLU A 138 -9.16 -50.92 31.02
C GLU A 138 -9.44 -52.42 30.99
N ILE A 139 -8.52 -53.18 30.42
CA ILE A 139 -8.59 -54.64 30.41
C ILE A 139 -7.26 -55.16 30.95
N THR A 140 -7.31 -55.83 32.10
CA THR A 140 -6.09 -56.33 32.75
C THR A 140 -6.37 -57.60 33.54
N SER A 174 3.02 -66.97 30.95
CA SER A 174 1.87 -67.54 30.26
C SER A 174 1.65 -66.85 28.92
N SER A 175 1.31 -67.64 27.91
CA SER A 175 1.10 -67.12 26.56
C SER A 175 -0.23 -67.53 25.94
N THR A 176 -0.82 -68.65 26.33
CA THR A 176 -2.08 -69.06 25.73
C THR A 176 -3.24 -68.19 26.17
N LEU A 177 -3.09 -67.46 27.28
CA LEU A 177 -4.11 -66.49 27.69
C LEU A 177 -4.01 -65.18 26.92
N LEU A 178 -2.85 -64.89 26.31
CA LEU A 178 -2.73 -63.68 25.52
C LEU A 178 -3.65 -63.74 24.30
N ASN A 179 -3.79 -64.92 23.70
CA ASN A 179 -4.70 -65.05 22.57
C ASN A 179 -6.14 -64.76 22.99
N GLU A 180 -6.51 -65.22 24.19
CA GLU A 180 -7.84 -64.90 24.69
C GLU A 180 -8.00 -63.41 24.99
N LEU A 181 -6.95 -62.77 25.52
CA LEU A 181 -7.01 -61.34 25.77
C LEU A 181 -7.20 -60.56 24.47
N LYS A 182 -6.45 -60.94 23.43
CA LYS A 182 -6.62 -60.32 22.12
C LYS A 182 -8.02 -60.54 21.58
N SER A 183 -8.54 -61.77 21.72
CA SER A 183 -9.89 -62.03 21.21
C SER A 183 -10.94 -61.24 21.98
N LYS A 184 -10.76 -61.09 23.29
CA LYS A 184 -11.69 -60.28 24.08
C LYS A 184 -11.68 -58.84 23.63
N ARG A 185 -10.48 -58.27 23.43
CA ARG A 185 -10.40 -56.89 22.95
C ARG A 185 -11.03 -56.76 21.57
N SER A 186 -10.80 -57.74 20.68
CA SER A 186 -11.38 -57.69 19.36
C SER A 186 -12.91 -57.75 19.42
N GLU A 187 -13.45 -58.62 20.26
CA GLU A 187 -14.91 -58.68 20.42
C GLU A 187 -15.45 -57.37 20.96
N TYR A 188 -14.77 -56.80 21.95
CA TYR A 188 -15.19 -55.52 22.52
C TYR A 188 -15.24 -54.44 21.44
N VAL A 189 -14.18 -54.34 20.64
CA VAL A 189 -14.11 -53.31 19.62
C VAL A 189 -15.16 -53.54 18.54
N ASP A 190 -15.32 -54.78 18.08
CA ASP A 190 -16.31 -55.05 17.05
C ASP A 190 -17.71 -54.75 17.54
N MET A 191 -18.00 -55.06 18.81
CA MET A 191 -19.34 -54.84 19.32
C MET A 191 -19.61 -53.36 19.56
N ALA A 192 -18.61 -52.61 20.03
CA ALA A 192 -18.77 -51.17 20.16
C ALA A 192 -18.99 -50.53 18.79
N ILE A 193 -18.24 -50.97 17.78
CA ILE A 193 -18.46 -50.49 16.41
C ILE A 193 -19.87 -50.81 15.95
N ALA A 194 -20.33 -52.04 16.22
CA ALA A 194 -21.66 -52.44 15.78
C ALA A 194 -22.73 -51.59 16.46
N LYS A 195 -22.58 -51.32 17.75
CA LYS A 195 -23.56 -50.51 18.45
C LYS A 195 -23.58 -49.09 17.92
N ALA A 196 -22.41 -48.49 17.72
CA ALA A 196 -22.36 -47.12 17.22
C ALA A 196 -22.95 -47.01 15.82
N LEU A 197 -22.68 -48.00 14.97
CA LEU A 197 -23.23 -47.96 13.62
C LEU A 197 -24.73 -48.22 13.63
N SER A 198 -25.20 -49.08 14.52
CA SER A 198 -26.63 -49.37 14.63
C SER A 198 -27.38 -48.30 15.40
N ASP A 199 -26.67 -47.41 16.10
CA ASP A 199 -27.28 -46.34 16.88
C ASP A 199 -27.50 -45.07 16.08
N GLY A 200 -27.17 -45.07 14.79
CA GLY A 200 -27.22 -43.87 13.99
C GLY A 200 -26.23 -42.81 14.45
N ARG A 201 -25.05 -43.24 14.93
CA ARG A 201 -24.04 -42.33 15.45
C ARG A 201 -22.85 -42.17 14.52
N THR A 202 -22.53 -43.18 13.71
CA THR A 202 -21.44 -43.08 12.76
C THR A 202 -21.73 -44.00 11.58
N THR A 203 -21.69 -43.44 10.37
CA THR A 203 -22.00 -44.20 9.17
C THR A 203 -20.83 -45.09 8.80
N GLU A 204 -20.90 -45.66 7.59
CA GLU A 204 -19.87 -46.59 7.13
C GLU A 204 -18.56 -45.92 6.79
N ARG A 205 -18.52 -44.59 6.70
CA ARG A 205 -17.32 -43.87 6.29
C ARG A 205 -16.66 -43.13 7.45
N GLY A 206 -16.83 -43.61 8.67
CA GLY A 206 -16.13 -43.07 9.82
C GLY A 206 -16.63 -41.71 10.25
N SER A 207 -16.17 -41.23 11.39
CA SER A 207 -16.50 -39.90 11.88
C SER A 207 -15.20 -39.23 12.30
N PHE A 208 -14.67 -38.37 11.43
CA PHE A 208 -13.37 -37.74 11.62
C PHE A 208 -13.58 -36.24 11.81
N THR A 209 -13.07 -35.72 12.92
CA THR A 209 -13.18 -34.29 13.22
C THR A 209 -11.92 -33.86 13.96
N ALA A 210 -11.87 -32.58 14.34
CA ALA A 210 -10.64 -32.01 14.87
C ALA A 210 -10.20 -32.71 16.16
N THR A 211 -11.15 -32.96 17.07
CA THR A 211 -10.80 -33.57 18.34
C THR A 211 -10.36 -35.02 18.17
N VAL A 212 -11.11 -35.81 17.40
CA VAL A 212 -10.73 -37.20 17.16
C VAL A 212 -9.40 -37.25 16.43
N ASN A 213 -9.16 -36.29 15.53
CA ASN A 213 -7.86 -36.18 14.90
C ASN A 213 -6.78 -35.89 15.92
N ASP A 214 -7.07 -35.01 16.88
CA ASP A 214 -6.08 -34.67 17.89
C ASP A 214 -5.70 -35.89 18.71
N GLU A 215 -6.70 -36.65 19.16
CA GLU A 215 -6.40 -37.84 19.94
C GLU A 215 -5.70 -38.91 19.12
N ARG A 216 -6.07 -39.04 17.84
CA ARG A 216 -5.38 -39.98 16.97
C ARG A 216 -3.92 -39.60 16.80
N LYS A 217 -3.64 -38.32 16.59
CA LYS A 217 -2.25 -37.88 16.45
C LYS A 217 -1.48 -38.13 17.73
N LYS A 218 -2.07 -37.83 18.89
CA LYS A 218 -1.40 -38.08 20.16
C LYS A 218 -1.12 -39.57 20.33
N LEU A 219 -2.09 -40.41 19.99
CA LEU A 219 -1.91 -41.85 20.12
C LEU A 219 -0.79 -42.35 19.23
N VAL A 220 -0.77 -41.92 17.97
CA VAL A 220 0.28 -42.38 17.05
C VAL A 220 1.65 -41.89 17.50
N HIS A 221 1.74 -40.65 17.98
CA HIS A 221 3.04 -40.14 18.41
C HIS A 221 3.55 -40.89 19.63
N GLU A 222 2.66 -41.21 20.58
CA GLU A 222 3.09 -42.04 21.71
C GLU A 222 3.45 -43.44 21.22
N PHE A 223 2.71 -43.95 20.26
CA PHE A 223 2.99 -45.25 19.65
C PHE A 223 4.43 -45.30 19.13
N HIS A 224 4.81 -44.29 18.37
CA HIS A 224 6.16 -44.27 17.80
C HIS A 224 7.21 -43.99 18.86
N LYS A 225 6.91 -43.12 19.84
CA LYS A 225 7.87 -42.81 20.88
C LYS A 225 8.21 -44.05 21.70
N LYS A 226 7.20 -44.85 22.04
CA LYS A 226 7.45 -46.07 22.78
C LYS A 226 7.87 -47.22 21.89
N LEU A 227 7.64 -47.14 20.58
CA LEU A 227 8.02 -48.23 19.69
C LEU A 227 9.53 -48.28 19.48
N LEU A 228 10.21 -47.15 19.59
CA LEU A 228 11.66 -47.13 19.57
C LEU A 228 12.26 -47.42 20.95
N SER A 229 11.44 -47.42 22.00
CA SER A 229 11.94 -47.73 23.34
C SER A 229 12.34 -49.19 23.48
N ARG A 230 11.99 -50.03 22.52
CA ARG A 230 12.29 -51.46 22.56
C ARG A 230 13.63 -51.69 21.87
N GLY A 231 14.70 -51.76 22.66
CA GLY A 231 16.00 -52.10 22.10
C GLY A 231 16.23 -53.58 21.89
N LYS A 232 15.40 -54.43 22.48
CA LYS A 232 15.50 -55.87 22.37
C LYS A 232 14.13 -56.44 22.06
N CYS A 233 14.07 -57.36 21.10
CA CYS A 233 12.80 -57.85 20.61
C CYS A 233 12.04 -58.61 21.70
N ASP A 234 10.72 -58.66 21.55
CA ASP A 234 9.84 -59.34 22.49
C ASP A 234 9.29 -60.66 21.98
N ASN A 235 9.14 -60.81 20.66
CA ASN A 235 8.67 -62.07 20.12
C ASN A 235 9.77 -63.13 20.12
N CYS A 236 11.02 -62.70 20.05
CA CYS A 236 12.17 -63.60 20.12
C CYS A 236 13.35 -62.75 20.59
N GLY A 237 13.65 -62.82 21.88
CA GLY A 237 14.51 -61.83 22.49
C GLY A 237 15.96 -61.92 22.05
N MET A 238 16.20 -61.61 20.78
CA MET A 238 17.55 -61.54 20.23
C MET A 238 17.80 -60.13 19.74
N PHE A 239 18.94 -59.57 20.14
CA PHE A 239 19.29 -58.20 19.80
C PHE A 239 19.39 -58.03 18.29
N SER A 240 19.30 -56.77 17.85
CA SER A 240 19.42 -56.41 16.46
C SER A 240 20.36 -55.22 16.34
N PRO A 241 20.99 -55.03 15.18
CA PRO A 241 21.82 -53.84 14.99
C PRO A 241 21.00 -52.58 15.03
N LYS A 242 21.64 -51.49 15.45
CA LYS A 242 21.01 -50.18 15.48
C LYS A 242 21.34 -49.45 14.18
N PHE A 243 20.31 -49.13 13.40
CA PHE A 243 20.52 -48.42 12.15
C PHE A 243 20.78 -46.96 12.42
N ARG A 244 21.89 -46.45 11.88
CA ARG A 244 22.29 -45.07 12.11
C ARG A 244 22.41 -44.36 10.77
N LYS A 245 21.66 -43.28 10.60
CA LYS A 245 21.63 -42.50 9.38
C LYS A 245 22.44 -41.23 9.59
N ASP A 246 23.54 -41.10 8.84
CA ASP A 246 24.34 -39.89 8.89
C ASP A 246 23.65 -38.74 8.15
N GLY A 247 22.96 -39.06 7.06
CA GLY A 247 22.22 -38.06 6.30
C GLY A 247 21.36 -38.75 5.27
N PHE A 248 20.50 -37.95 4.63
CA PHE A 248 19.61 -38.48 3.61
C PHE A 248 20.43 -39.09 2.47
N THR A 249 19.87 -40.14 1.85
CA THR A 249 20.42 -40.98 0.79
C THR A 249 21.32 -42.10 1.32
N LYS A 250 21.57 -42.20 2.61
CA LYS A 250 22.45 -43.24 3.13
C LYS A 250 22.06 -43.63 4.54
N ILE A 251 22.09 -44.93 4.83
CA ILE A 251 21.80 -45.48 6.15
C ILE A 251 22.89 -46.49 6.49
N PHE A 252 23.36 -46.44 7.73
CA PHE A 252 24.51 -47.22 8.18
C PHE A 252 24.16 -48.07 9.40
N GLU A 253 24.67 -49.30 9.44
CA GLU A 253 24.47 -50.22 10.53
C GLU A 253 25.70 -50.28 11.43
N THR A 254 25.47 -50.49 12.71
CA THR A 254 26.54 -50.70 13.68
C THR A 254 26.21 -51.90 14.56
N ALA A 255 27.24 -52.63 14.97
CA ALA A 255 27.06 -53.80 15.82
C ALA A 255 26.83 -53.41 17.27
N SER A 312 28.35 -47.39 10.47
CA SER A 312 29.60 -48.01 10.06
C SER A 312 29.42 -48.76 8.76
N THR A 313 28.77 -49.92 8.83
CA THR A 313 28.50 -50.72 7.65
C THR A 313 27.35 -50.11 6.86
N TYR A 314 27.55 -49.95 5.55
CA TYR A 314 26.49 -49.50 4.65
C TYR A 314 25.52 -50.64 4.39
N ILE A 315 24.26 -50.27 4.14
CA ILE A 315 23.23 -51.24 3.78
C ILE A 315 22.55 -50.79 2.50
N LEU A 316 22.47 -51.69 1.52
CA LEU A 316 21.83 -51.37 0.26
C LEU A 316 20.35 -51.05 0.47
N SER A 317 19.78 -50.33 -0.48
CA SER A 317 18.39 -49.93 -0.36
C SER A 317 17.45 -51.11 -0.61
N THR A 318 17.83 -52.04 -1.49
CA THR A 318 16.98 -53.21 -1.72
C THR A 318 16.85 -54.04 -0.46
N GLU A 319 17.89 -54.08 0.37
CA GLU A 319 17.76 -54.77 1.65
C GLU A 319 16.72 -54.10 2.53
N VAL A 320 16.73 -52.76 2.58
CA VAL A 320 15.76 -52.05 3.40
C VAL A 320 14.35 -52.31 2.88
N LYS A 321 14.19 -52.29 1.55
CA LYS A 321 12.88 -52.54 0.97
C LYS A 321 12.39 -53.93 1.32
N ASN A 322 13.25 -54.94 1.19
CA ASN A 322 12.83 -56.30 1.50
C ASN A 322 12.52 -56.46 2.99
N ILE A 323 13.34 -55.87 3.86
CA ILE A 323 13.12 -55.96 5.30
C ILE A 323 11.75 -55.39 5.65
N LEU A 324 11.47 -54.17 5.19
CA LEU A 324 10.21 -53.56 5.57
C LEU A 324 9.04 -54.18 4.83
N ASP A 325 9.27 -54.77 3.66
CA ASP A 325 8.24 -55.56 3.00
C ASP A 325 7.81 -56.72 3.87
N THR A 326 8.79 -57.45 4.42
CA THR A 326 8.46 -58.56 5.31
C THR A 326 7.75 -58.08 6.56
N VAL A 327 8.24 -57.00 7.16
CA VAL A 327 7.63 -56.47 8.38
C VAL A 327 6.18 -56.08 8.12
N PHE A 328 5.93 -55.38 7.01
CA PHE A 328 4.58 -54.96 6.70
C PHE A 328 3.69 -56.15 6.38
N ARG A 329 4.24 -57.18 5.73
CA ARG A 329 3.45 -58.38 5.50
C ARG A 329 3.01 -59.01 6.81
N LYS A 330 3.91 -59.07 7.80
CA LYS A 330 3.53 -59.70 9.06
C LYS A 330 2.51 -58.85 9.83
N GLU A 331 2.66 -57.53 9.80
CA GLU A 331 1.84 -56.63 10.60
C GLU A 331 0.89 -55.79 9.76
N GLN A 332 0.38 -56.36 8.67
CA GLN A 332 -0.55 -55.62 7.82
C GLN A 332 -1.81 -55.24 8.58
N CYS A 333 -2.28 -56.13 9.46
CA CYS A 333 -3.46 -55.84 10.26
C CYS A 333 -3.23 -54.70 11.25
N VAL A 334 -1.99 -54.45 11.64
CA VAL A 334 -1.71 -53.43 12.65
C VAL A 334 -1.37 -52.10 12.03
N LEU A 335 -0.71 -52.10 10.88
CA LEU A 335 -0.47 -50.88 10.13
C LEU A 335 -1.66 -50.46 9.28
N GLN A 336 -2.63 -51.35 9.05
CA GLN A 336 -3.85 -50.96 8.35
C GLN A 336 -4.59 -49.87 9.11
N TYR A 337 -4.35 -49.76 10.42
CA TYR A 337 -4.99 -48.74 11.24
C TYR A 337 -4.02 -47.66 11.71
N VAL A 338 -2.78 -47.68 11.24
CA VAL A 338 -1.86 -46.57 11.47
C VAL A 338 -1.71 -45.69 10.24
N PHE A 339 -1.98 -46.24 9.05
CA PHE A 339 -1.91 -45.50 7.80
C PHE A 339 -3.30 -45.22 7.23
N HIS A 340 -4.30 -45.09 8.10
CA HIS A 340 -5.66 -44.85 7.65
C HIS A 340 -6.45 -44.13 8.72
N SER A 341 -7.47 -43.40 8.29
CA SER A 341 -8.36 -42.70 9.20
C SER A 341 -9.83 -42.94 8.89
N ARG A 342 -10.21 -42.98 7.62
CA ARG A 342 -11.55 -43.42 7.32
C ARG A 342 -11.55 -44.89 6.96
N PRO A 343 -12.64 -45.61 7.21
CA PRO A 343 -12.64 -47.06 6.95
C PRO A 343 -12.19 -47.40 5.55
N ASN A 344 -11.14 -48.21 5.43
CA ASN A 344 -10.62 -48.59 4.12
C ASN A 344 -11.65 -49.52 3.51
N LEU A 345 -12.71 -48.91 2.97
CA LEU A 345 -13.73 -49.69 2.28
C LEU A 345 -13.15 -50.42 1.08
N SER A 346 -12.09 -49.89 0.49
CA SER A 346 -11.43 -50.57 -0.61
C SER A 346 -10.68 -51.82 -0.16
N ARG A 347 -10.33 -51.90 1.12
CA ARG A 347 -9.66 -53.07 1.68
C ARG A 347 -8.41 -53.45 0.88
N LYS A 348 -7.65 -52.44 0.49
CA LYS A 348 -6.43 -52.63 -0.27
C LYS A 348 -5.23 -52.57 0.67
N LEU A 349 -4.39 -53.61 0.63
CA LEU A 349 -3.31 -53.72 1.57
C LEU A 349 -2.26 -52.64 1.35
N VAL A 350 -1.74 -52.09 2.44
CA VAL A 350 -0.67 -51.11 2.37
C VAL A 350 0.66 -51.83 2.40
N LYS A 351 1.52 -51.53 1.43
CA LYS A 351 2.78 -52.21 1.23
C LYS A 351 3.93 -51.32 1.68
N ALA A 352 5.15 -51.80 1.46
CA ALA A 352 6.34 -50.97 1.55
C ALA A 352 6.76 -50.43 0.19
N ASP A 353 6.11 -50.86 -0.88
CA ASP A 353 6.43 -50.36 -2.22
C ASP A 353 6.11 -48.88 -2.33
N SER A 354 5.10 -48.41 -1.61
CA SER A 354 4.76 -46.99 -1.63
C SER A 354 5.92 -46.13 -1.12
N PHE A 355 6.73 -46.66 -0.20
CA PHE A 355 7.82 -45.90 0.40
C PHE A 355 9.04 -45.78 -0.50
N PHE A 356 9.05 -46.42 -1.66
CA PHE A 356 10.23 -46.48 -2.52
C PHE A 356 9.89 -46.02 -3.92
N MET A 357 10.88 -45.42 -4.59
CA MET A 357 10.69 -44.84 -5.91
C MET A 357 11.06 -45.89 -6.96
N ASP A 358 10.09 -46.72 -7.32
CA ASP A 358 10.29 -47.69 -8.39
C ASP A 358 10.32 -47.01 -9.75
N VAL A 359 9.55 -45.93 -9.90
CA VAL A 359 9.44 -45.20 -11.15
C VAL A 359 9.40 -43.71 -10.83
N LEU A 360 10.04 -42.91 -11.66
CA LEU A 360 9.83 -41.46 -11.65
C LEU A 360 8.85 -41.09 -12.76
N VAL A 361 8.04 -40.07 -12.51
CA VAL A 361 6.97 -39.65 -13.41
C VAL A 361 7.36 -38.31 -14.01
N VAL A 362 7.37 -38.24 -15.34
CA VAL A 362 7.71 -37.00 -16.05
C VAL A 362 6.42 -36.33 -16.49
N PRO A 363 6.15 -35.10 -16.05
CA PRO A 363 4.93 -34.43 -16.44
C PRO A 363 4.88 -34.23 -17.94
N PRO A 364 3.72 -33.95 -18.52
CA PRO A 364 3.65 -33.72 -19.96
C PRO A 364 4.58 -32.60 -20.37
N THR A 365 5.00 -32.65 -21.64
CA THR A 365 5.96 -31.65 -22.11
C THR A 365 5.44 -30.24 -21.90
N ARG A 366 4.11 -30.08 -21.89
CA ARG A 366 3.48 -28.79 -21.71
C ARG A 366 3.92 -28.11 -20.43
N PHE A 367 4.35 -28.88 -19.44
CA PHE A 367 4.71 -28.32 -18.14
C PHE A 367 6.21 -28.17 -17.95
N ARG A 368 7.00 -28.43 -18.99
CA ARG A 368 8.44 -28.20 -18.94
C ARG A 368 8.92 -27.53 -20.22
N LEU A 369 8.08 -26.68 -20.80
CA LEU A 369 8.45 -25.99 -22.03
C LEU A 369 9.63 -25.06 -21.78
N PRO A 370 10.51 -24.87 -22.77
CA PRO A 370 11.74 -24.14 -22.52
C PRO A 370 11.53 -22.64 -22.38
N SER A 371 12.33 -22.04 -21.51
CA SER A 371 12.35 -20.59 -21.35
C SER A 371 12.78 -19.92 -22.64
N LYS A 372 11.85 -19.28 -23.34
CA LYS A 372 12.09 -18.61 -24.61
C LYS A 372 12.18 -17.11 -24.38
N LEU A 373 13.31 -16.51 -24.75
CA LEU A 373 13.55 -15.08 -24.58
C LEU A 373 14.21 -14.58 -25.86
N GLY A 374 13.38 -14.17 -26.82
CA GLY A 374 13.91 -13.81 -28.12
C GLY A 374 14.65 -14.98 -28.71
N GLU A 375 15.97 -14.88 -28.78
CA GLU A 375 16.80 -15.95 -29.30
C GLU A 375 17.21 -16.95 -28.21
N GLU A 376 17.35 -16.48 -26.97
CA GLU A 376 17.78 -17.34 -25.88
C GLU A 376 16.75 -18.44 -25.60
N VAL A 377 17.23 -19.66 -25.43
CA VAL A 377 16.40 -20.79 -25.04
C VAL A 377 17.09 -21.48 -23.88
N HIS A 378 16.50 -21.37 -22.69
CA HIS A 378 17.06 -22.01 -21.50
C HIS A 378 16.10 -23.11 -21.07
N GLU A 379 16.57 -24.35 -21.16
CA GLU A 379 15.70 -25.48 -20.86
C GLU A 379 15.37 -25.53 -19.37
N ASN A 380 14.32 -26.28 -19.05
CA ASN A 380 13.78 -26.30 -17.71
C ASN A 380 14.78 -26.92 -16.72
N SER A 381 14.72 -26.44 -15.48
CA SER A 381 15.49 -27.08 -14.42
C SER A 381 14.97 -28.48 -14.14
N GLN A 382 13.66 -28.69 -14.27
CA GLN A 382 13.13 -30.04 -14.16
C GLN A 382 13.65 -30.93 -15.28
N ASN A 383 13.72 -30.40 -16.50
CA ASN A 383 14.31 -31.17 -17.59
C ASN A 383 15.77 -31.50 -17.32
N GLN A 384 16.52 -30.55 -16.76
CA GLN A 384 17.92 -30.83 -16.44
C GLN A 384 18.05 -31.90 -15.36
N LEU A 385 17.22 -31.84 -14.32
CA LEU A 385 17.29 -32.85 -13.27
C LEU A 385 16.89 -34.23 -13.80
N LEU A 386 15.86 -34.28 -14.65
CA LEU A 386 15.50 -35.55 -15.26
C LEU A 386 16.59 -36.07 -16.19
N SER A 387 17.27 -35.17 -16.90
CA SER A 387 18.41 -35.58 -17.72
C SER A 387 19.50 -36.19 -16.86
N LYS A 388 19.77 -35.58 -15.71
CA LYS A 388 20.79 -36.09 -14.81
C LYS A 388 20.41 -37.47 -14.29
N VAL A 389 19.14 -37.67 -13.93
CA VAL A 389 18.72 -38.98 -13.45
C VAL A 389 18.78 -40.02 -14.57
N LEU A 390 18.45 -39.63 -15.80
CA LEU A 390 18.57 -40.55 -16.91
C LEU A 390 20.02 -40.93 -17.18
N THR A 391 20.94 -39.97 -17.06
CA THR A 391 22.35 -40.26 -17.20
C THR A 391 22.82 -41.25 -16.14
N THR A 392 22.42 -41.02 -14.89
CA THR A 392 22.79 -41.95 -13.82
C THR A 392 22.19 -43.33 -14.06
N SER A 393 20.97 -43.37 -14.60
CA SER A 393 20.33 -44.65 -14.91
C SER A 393 21.13 -45.41 -15.96
N LEU A 394 21.54 -44.72 -17.03
CA LEU A 394 22.32 -45.39 -18.06
C LEU A 394 23.66 -45.89 -17.51
N LEU A 395 24.33 -45.07 -16.70
CA LEU A 395 25.62 -45.47 -16.15
C LEU A 395 25.50 -46.68 -15.24
N ILE A 396 24.51 -46.67 -14.35
CA ILE A 396 24.36 -47.79 -13.42
C ILE A 396 23.89 -49.04 -14.17
N ARG A 397 23.06 -48.87 -15.20
CA ARG A 397 22.68 -50.02 -16.02
C ARG A 397 23.88 -50.62 -16.71
N ASP A 398 24.79 -49.79 -17.21
CA ASP A 398 26.00 -50.31 -17.85
C ASP A 398 26.90 -51.03 -16.86
N LEU A 399 27.04 -50.49 -15.65
CA LEU A 399 27.83 -51.19 -14.63
C LEU A 399 27.21 -52.54 -14.30
N ASN A 400 25.89 -52.59 -14.17
CA ASN A 400 25.20 -53.85 -13.92
C ASN A 400 25.41 -54.83 -15.07
N ASP A 401 25.33 -54.35 -16.31
CA ASP A 401 25.53 -55.25 -17.44
C ASP A 401 26.95 -55.79 -17.48
N ASP A 402 27.93 -54.94 -17.16
CA ASP A 402 29.32 -55.40 -17.10
C ASP A 402 29.47 -56.49 -16.06
N LEU A 403 28.89 -56.28 -14.87
CA LEU A 403 28.92 -57.32 -13.85
C LEU A 403 28.18 -58.57 -14.30
N SER A 404 27.21 -58.42 -15.19
CA SER A 404 26.43 -59.56 -15.68
C SER A 404 27.17 -60.37 -16.74
N LYS A 405 28.01 -59.72 -17.55
CA LYS A 405 28.73 -60.44 -18.60
C LYS A 405 29.77 -61.40 -18.04
N LEU A 406 30.05 -61.34 -16.74
CA LEU A 406 31.02 -62.22 -16.10
C LEU A 406 30.32 -63.42 -15.45
N LEU A 413 37.64 -61.08 -9.70
CA LEU A 413 37.98 -60.66 -8.36
C LEU A 413 38.22 -59.15 -8.30
N GLU A 414 39.46 -58.74 -8.59
CA GLU A 414 39.83 -57.33 -8.46
C GLU A 414 39.00 -56.45 -9.39
N ASP A 415 38.81 -56.90 -10.64
CA ASP A 415 37.91 -56.18 -11.54
C ASP A 415 36.51 -56.14 -10.97
N ARG A 416 36.06 -57.25 -10.38
CA ARG A 416 34.76 -57.24 -9.71
C ARG A 416 34.78 -56.29 -8.51
N ARG A 417 35.92 -56.17 -7.83
CA ARG A 417 35.99 -55.24 -6.71
C ARG A 417 35.78 -53.79 -7.17
N VAL A 418 36.51 -53.37 -8.20
CA VAL A 418 36.37 -52.00 -8.67
C VAL A 418 34.98 -51.77 -9.27
N ILE A 419 34.46 -52.75 -10.01
CA ILE A 419 33.14 -52.58 -10.58
C ILE A 419 32.07 -52.55 -9.50
N PHE A 420 32.29 -53.25 -8.38
CA PHE A 420 31.33 -53.20 -7.28
C PHE A 420 31.38 -51.86 -6.58
N SER A 421 32.57 -51.31 -6.36
CA SER A 421 32.66 -49.97 -5.78
C SER A 421 31.98 -48.95 -6.68
N ARG A 422 32.20 -49.05 -8.00
CA ARG A 422 31.56 -48.11 -8.92
C ARG A 422 30.06 -48.31 -8.99
N LEU A 423 29.58 -49.56 -8.91
CA LEU A 423 28.14 -49.82 -8.90
C LEU A 423 27.50 -49.25 -7.66
N MET A 424 28.14 -49.41 -6.50
CA MET A 424 27.62 -48.82 -5.27
C MET A 424 27.55 -47.30 -5.38
N ASN A 425 28.59 -46.68 -5.94
CA ASN A 425 28.54 -45.24 -6.08
C ASN A 425 27.49 -44.81 -7.09
N ALA A 426 27.24 -45.62 -8.12
CA ALA A 426 26.14 -45.30 -9.04
C ALA A 426 24.80 -45.36 -8.33
N PHE A 427 24.60 -46.37 -7.48
CA PHE A 427 23.41 -46.42 -6.64
C PHE A 427 23.26 -45.14 -5.83
N VAL A 428 24.31 -44.75 -5.12
CA VAL A 428 24.22 -43.58 -4.24
C VAL A 428 23.97 -42.32 -5.04
N THR A 429 24.64 -42.18 -6.19
CA THR A 429 24.46 -40.96 -6.98
C THR A 429 23.07 -40.87 -7.56
N ILE A 430 22.50 -41.98 -8.04
CA ILE A 430 21.14 -41.89 -8.57
C ILE A 430 20.15 -41.66 -7.45
N GLN A 431 20.43 -42.19 -6.24
CA GLN A 431 19.60 -41.87 -5.10
C GLN A 431 19.62 -40.37 -4.81
N ASN A 432 20.82 -39.78 -4.78
CA ASN A 432 20.92 -38.36 -4.48
C ASN A 432 20.32 -37.51 -5.60
N ASP A 433 20.41 -37.98 -6.84
CA ASP A 433 19.82 -37.22 -7.95
C ASP A 433 18.30 -37.28 -7.91
N VAL A 434 17.72 -38.42 -7.52
CA VAL A 434 16.27 -38.47 -7.33
C VAL A 434 15.85 -37.56 -6.18
N ASN A 435 16.59 -37.63 -5.06
CA ASN A 435 16.32 -36.73 -3.95
C ASN A 435 16.40 -35.27 -4.38
N ALA A 436 17.29 -34.95 -5.32
CA ALA A 436 17.39 -33.59 -5.80
C ALA A 436 16.24 -33.23 -6.73
N PHE A 437 15.80 -34.17 -7.57
CA PHE A 437 14.67 -33.90 -8.43
C PHE A 437 13.40 -33.67 -7.64
N ILE A 438 13.30 -34.25 -6.44
CA ILE A 438 12.14 -33.99 -5.61
C ILE A 438 12.38 -32.81 -4.66
N ASP A 439 13.47 -32.82 -3.90
CA ASP A 439 13.74 -31.76 -2.94
C ASP A 439 15.12 -31.15 -3.21
N SER A 440 15.19 -29.82 -3.12
CA SER A 440 16.42 -29.11 -3.46
C SER A 440 17.22 -28.68 -2.24
N THR A 441 17.08 -29.37 -1.11
CA THR A 441 17.87 -29.04 0.07
C THR A 441 18.43 -30.23 0.83
N LYS A 442 18.04 -31.46 0.49
CA LYS A 442 18.63 -32.63 1.11
C LYS A 442 19.91 -33.08 0.42
N ALA A 443 20.24 -32.51 -0.74
CA ALA A 443 21.32 -33.01 -1.56
C ALA A 443 22.68 -32.68 -0.95
N GLN A 444 23.73 -33.17 -1.60
CA GLN A 444 25.10 -32.87 -1.23
C GLN A 444 25.82 -32.32 -2.45
N GLY A 445 26.42 -31.13 -2.29
CA GLY A 445 27.16 -30.51 -3.37
C GLY A 445 27.76 -29.16 -2.97
N VAL A 451 21.81 -21.85 -4.05
CA VAL A 451 22.70 -22.31 -5.10
C VAL A 451 22.11 -23.48 -5.91
N PRO A 452 21.71 -24.58 -5.26
CA PRO A 452 21.21 -25.72 -6.02
C PRO A 452 19.91 -25.40 -6.73
N ILE A 453 19.69 -26.12 -7.85
CA ILE A 453 18.53 -25.88 -8.71
C ILE A 453 17.25 -26.13 -7.92
N PRO A 454 16.18 -25.35 -8.13
CA PRO A 454 14.93 -25.61 -7.41
C PRO A 454 14.33 -26.97 -7.75
N GLY A 455 13.85 -27.66 -6.71
CA GLY A 455 13.20 -28.93 -6.87
C GLY A 455 11.68 -28.80 -6.85
N VAL A 456 11.00 -29.91 -7.13
CA VAL A 456 9.55 -29.89 -7.25
C VAL A 456 8.89 -29.53 -5.92
N LYS A 457 9.51 -29.90 -4.80
CA LYS A 457 9.04 -29.41 -3.51
C LYS A 457 9.25 -27.91 -3.39
N GLN A 458 10.38 -27.40 -3.91
CA GLN A 458 10.67 -25.98 -3.80
C GLN A 458 9.71 -25.12 -4.61
N ALA A 459 8.92 -25.72 -5.50
CA ALA A 459 7.87 -24.98 -6.19
C ALA A 459 6.63 -24.80 -5.33
N LEU A 460 6.66 -25.23 -4.07
CA LEU A 460 5.48 -25.21 -3.21
C LEU A 460 5.72 -24.69 -1.81
N GLU A 461 6.96 -24.73 -1.30
CA GLU A 461 7.20 -24.63 0.15
C GLU A 461 6.70 -23.31 0.71
N LYS A 462 7.26 -22.20 0.26
CA LYS A 462 7.04 -20.92 0.90
C LYS A 462 6.27 -19.99 -0.04
N LYS A 463 6.21 -18.72 0.33
CA LYS A 463 5.66 -17.71 -0.57
C LYS A 463 6.36 -17.80 -1.93
N GLU A 464 5.68 -17.34 -2.96
CA GLU A 464 6.09 -17.51 -4.35
C GLU A 464 6.00 -18.95 -4.81
N GLY A 465 5.52 -19.86 -3.96
CA GLY A 465 5.23 -21.21 -4.35
C GLY A 465 3.90 -21.31 -5.04
N LEU A 466 3.55 -22.53 -5.45
CA LEU A 466 2.31 -22.72 -6.18
C LEU A 466 1.07 -22.50 -5.32
N PHE A 467 1.22 -22.41 -4.00
CA PHE A 467 0.06 -22.22 -3.14
C PHE A 467 -0.18 -20.75 -2.85
N ARG A 468 0.79 -20.08 -2.24
CA ARG A 468 0.64 -18.68 -1.88
C ARG A 468 0.92 -17.72 -3.03
N LYS A 469 0.98 -18.20 -4.28
CA LYS A 469 1.20 -17.31 -5.41
C LYS A 469 0.35 -17.61 -6.63
N HIS A 470 -0.18 -18.81 -6.79
CA HIS A 470 -0.99 -19.12 -7.94
C HIS A 470 -2.30 -19.81 -7.60
N MET A 471 -2.55 -20.07 -6.32
CA MET A 471 -3.83 -20.62 -5.87
C MET A 471 -4.56 -19.67 -4.93
N MET A 472 -3.91 -19.24 -3.84
CA MET A 472 -4.57 -18.29 -2.94
C MET A 472 -4.76 -16.95 -3.63
N GLY A 473 -3.67 -16.28 -3.96
CA GLY A 473 -3.75 -15.02 -4.66
C GLY A 473 -3.34 -15.12 -6.10
N LYS A 474 -4.31 -15.15 -6.99
CA LYS A 474 -4.04 -15.31 -8.41
C LYS A 474 -3.80 -13.93 -9.03
N ARG A 475 -3.76 -13.88 -10.36
CA ARG A 475 -3.71 -12.62 -11.08
C ARG A 475 -4.90 -12.57 -12.02
N VAL A 476 -5.71 -11.53 -11.89
CA VAL A 476 -7.07 -11.55 -12.39
C VAL A 476 -7.16 -10.88 -13.75
N ASN A 477 -8.19 -11.25 -14.48
CA ASN A 477 -8.52 -10.70 -15.79
C ASN A 477 -9.68 -9.73 -15.66
N TYR A 478 -9.85 -8.88 -16.68
CA TYR A 478 -10.89 -7.85 -16.70
C TYR A 478 -10.79 -6.94 -15.48
N ALA A 479 -9.62 -6.36 -15.28
CA ALA A 479 -9.39 -5.45 -14.18
C ALA A 479 -8.47 -4.34 -14.64
N ALA A 480 -8.41 -3.28 -13.83
CA ALA A 480 -7.59 -2.12 -14.15
C ALA A 480 -6.99 -1.57 -12.87
N ARG A 481 -5.97 -0.75 -13.03
CA ARG A 481 -5.32 -0.09 -11.92
C ARG A 481 -5.02 1.34 -12.37
N SER A 482 -4.96 2.26 -11.42
CA SER A 482 -4.60 3.64 -11.76
C SER A 482 -4.29 4.38 -10.48
N VAL A 483 -4.18 5.71 -10.60
CA VAL A 483 -3.96 6.60 -9.48
C VAL A 483 -5.24 7.41 -9.27
N ILE A 484 -5.62 7.59 -8.02
CA ILE A 484 -6.89 8.22 -7.69
C ILE A 484 -6.72 9.72 -7.55
N SER A 485 -7.69 10.46 -8.08
CA SER A 485 -7.79 11.90 -7.94
C SER A 485 -9.20 12.25 -7.46
N PRO A 486 -9.32 13.23 -6.56
CA PRO A 486 -10.64 13.50 -5.96
C PRO A 486 -11.61 14.10 -6.96
N ASP A 487 -12.90 13.91 -6.69
CA ASP A 487 -13.92 14.46 -7.58
C ASP A 487 -15.29 14.55 -6.92
N PRO A 488 -15.66 15.67 -6.29
CA PRO A 488 -17.07 15.90 -5.98
C PRO A 488 -17.89 15.97 -7.26
N ASN A 489 -19.22 15.95 -7.14
CA ASN A 489 -20.17 15.62 -8.20
C ASN A 489 -20.18 14.14 -8.51
N ILE A 490 -19.46 13.34 -7.72
CA ILE A 490 -19.55 11.89 -7.76
C ILE A 490 -20.30 11.45 -6.51
N GLU A 491 -21.30 10.61 -6.68
CA GLU A 491 -22.38 10.46 -5.71
C GLU A 491 -22.00 9.70 -4.44
N THR A 492 -20.74 9.46 -4.09
CA THR A 492 -20.34 8.78 -2.86
C THR A 492 -20.63 7.29 -2.93
N ASN A 493 -21.37 6.87 -3.96
CA ASN A 493 -21.55 5.47 -4.31
C ASN A 493 -21.14 5.23 -5.76
N GLU A 494 -20.38 6.14 -6.33
CA GLU A 494 -19.93 6.04 -7.70
C GLU A 494 -18.42 6.18 -7.77
N ILE A 495 -17.87 5.74 -8.88
CA ILE A 495 -16.45 5.88 -9.19
C ILE A 495 -16.35 6.36 -10.64
N GLY A 496 -15.43 7.29 -10.88
CA GLY A 496 -15.31 7.87 -12.21
C GLY A 496 -14.33 7.15 -13.10
N VAL A 497 -14.83 6.35 -14.04
CA VAL A 497 -13.96 5.58 -14.91
C VAL A 497 -13.47 6.46 -16.05
N PRO A 498 -12.17 6.57 -16.26
CA PRO A 498 -11.64 7.28 -17.42
C PRO A 498 -12.12 6.66 -18.71
N PRO A 499 -12.12 7.42 -19.80
CA PRO A 499 -12.49 6.83 -21.10
C PRO A 499 -11.60 5.68 -21.52
N VAL A 500 -10.32 5.67 -21.15
CA VAL A 500 -9.44 4.57 -21.53
C VAL A 500 -9.95 3.26 -20.93
N PHE A 501 -10.21 3.25 -19.62
CA PHE A 501 -10.79 2.08 -18.99
C PHE A 501 -12.19 1.83 -19.53
N ALA A 502 -12.95 2.90 -19.74
CA ALA A 502 -14.32 2.75 -20.20
C ALA A 502 -14.41 2.14 -21.58
N VAL A 503 -13.31 2.12 -22.33
CA VAL A 503 -13.33 1.54 -23.67
C VAL A 503 -12.66 0.18 -23.63
N LYS A 504 -11.76 -0.04 -22.66
CA LYS A 504 -11.11 -1.34 -22.58
C LYS A 504 -11.99 -2.37 -21.89
N LEU A 505 -12.40 -2.10 -20.66
CA LEU A 505 -13.19 -3.06 -19.89
C LEU A 505 -14.53 -3.32 -20.58
N THR A 506 -14.94 -4.58 -20.59
CA THR A 506 -16.18 -4.97 -21.25
C THR A 506 -16.93 -5.98 -20.39
N TYR A 507 -18.21 -6.14 -20.72
CA TYR A 507 -19.11 -7.06 -20.03
C TYR A 507 -19.88 -7.85 -21.09
N PRO A 508 -19.98 -9.16 -20.95
CA PRO A 508 -20.81 -9.95 -21.89
C PRO A 508 -22.28 -9.94 -21.54
N GLU A 509 -23.08 -9.15 -22.27
CA GLU A 509 -24.52 -9.14 -22.07
C GLU A 509 -25.18 -9.98 -23.14
N PRO A 510 -25.93 -11.01 -22.79
CA PRO A 510 -26.63 -11.79 -23.81
C PRO A 510 -27.80 -11.00 -24.39
N VAL A 511 -27.95 -11.09 -25.70
CA VAL A 511 -28.97 -10.31 -26.39
C VAL A 511 -30.34 -10.96 -26.18
N THR A 512 -31.33 -10.13 -25.87
CA THR A 512 -32.70 -10.59 -25.68
C THR A 512 -33.61 -9.88 -26.65
N ALA A 513 -34.93 -10.04 -26.50
CA ALA A 513 -35.86 -9.25 -27.27
C ALA A 513 -35.99 -7.84 -26.74
N TYR A 514 -35.58 -7.59 -25.49
CA TYR A 514 -35.70 -6.27 -24.90
C TYR A 514 -34.40 -5.48 -24.92
N ASN A 515 -33.27 -6.11 -25.22
CA ASN A 515 -31.99 -5.42 -25.18
C ASN A 515 -31.52 -4.93 -26.54
N ILE A 516 -32.05 -5.47 -27.64
CA ILE A 516 -31.56 -5.10 -28.96
C ILE A 516 -31.82 -3.63 -29.29
N ALA A 517 -32.55 -2.92 -28.44
CA ALA A 517 -32.63 -1.48 -28.59
C ALA A 517 -31.27 -0.83 -28.37
N GLU A 518 -30.54 -1.27 -27.34
CA GLU A 518 -29.28 -0.62 -26.99
C GLU A 518 -28.05 -1.40 -27.41
N LEU A 519 -28.10 -2.74 -27.41
CA LEU A 519 -26.93 -3.47 -27.85
C LEU A 519 -26.73 -3.37 -29.35
N ARG A 520 -27.82 -3.24 -30.12
CA ARG A 520 -27.66 -3.00 -31.56
C ARG A 520 -26.92 -1.70 -31.81
N GLN A 521 -27.28 -0.64 -31.10
CA GLN A 521 -26.57 0.63 -31.30
C GLN A 521 -25.18 0.59 -30.68
N ALA A 522 -24.95 -0.28 -29.70
CA ALA A 522 -23.59 -0.47 -29.20
C ALA A 522 -22.71 -1.14 -30.23
N VAL A 523 -23.26 -2.11 -30.97
CA VAL A 523 -22.51 -2.71 -32.07
C VAL A 523 -22.31 -1.71 -33.19
N ILE A 524 -23.32 -0.90 -33.47
CA ILE A 524 -23.21 0.15 -34.49
C ILE A 524 -22.11 1.14 -34.12
N ASN A 525 -22.00 1.46 -32.82
CA ASN A 525 -20.97 2.38 -32.37
C ASN A 525 -19.58 1.88 -32.72
N GLY A 526 -19.30 0.62 -32.41
CA GLY A 526 -17.99 0.07 -32.60
C GLY A 526 -17.19 0.03 -31.31
N PRO A 527 -15.96 -0.46 -31.38
CA PRO A 527 -15.16 -0.62 -30.16
C PRO A 527 -14.55 0.67 -29.64
N ASP A 528 -14.67 1.77 -30.37
CA ASP A 528 -14.09 3.05 -30.00
C ASP A 528 -15.13 4.10 -29.64
N LYS A 529 -16.25 4.13 -30.36
CA LYS A 529 -17.33 5.07 -30.08
C LYS A 529 -18.04 4.62 -28.81
N TRP A 530 -17.64 5.19 -27.67
CA TRP A 530 -18.33 4.90 -26.44
C TRP A 530 -19.75 5.45 -26.49
N PRO A 531 -20.75 4.70 -26.02
CA PRO A 531 -20.70 3.33 -25.53
C PRO A 531 -20.78 2.34 -26.69
N GLY A 532 -20.22 1.15 -26.58
CA GLY A 532 -20.22 0.26 -27.73
C GLY A 532 -19.61 -1.08 -27.39
N ALA A 533 -19.59 -1.95 -28.40
CA ALA A 533 -19.18 -3.33 -28.24
C ALA A 533 -17.81 -3.56 -28.83
N THR A 534 -17.11 -4.56 -28.31
CA THR A 534 -15.81 -4.96 -28.81
C THR A 534 -15.77 -6.39 -29.33
N GLN A 535 -16.82 -7.18 -29.12
CA GLN A 535 -16.85 -8.58 -29.52
C GLN A 535 -18.29 -9.06 -29.51
N ILE A 536 -18.57 -10.03 -30.37
CA ILE A 536 -19.86 -10.71 -30.40
C ILE A 536 -19.58 -12.20 -30.23
N GLN A 537 -19.99 -12.75 -29.09
CA GLN A 537 -19.82 -14.17 -28.81
C GLN A 537 -21.08 -14.91 -29.26
N ASN A 538 -20.98 -15.64 -30.36
CA ASN A 538 -22.14 -16.16 -31.07
C ASN A 538 -22.76 -17.34 -30.34
N GLU A 539 -23.77 -17.94 -30.97
CA GLU A 539 -24.40 -19.14 -30.42
C GLU A 539 -23.44 -20.31 -30.43
N ASP A 540 -22.58 -20.38 -31.44
CA ASP A 540 -21.60 -21.46 -31.56
C ASP A 540 -20.36 -21.23 -30.72
N GLY A 541 -20.35 -20.21 -29.88
CA GLY A 541 -19.19 -19.89 -29.07
C GLY A 541 -18.10 -19.14 -29.81
N SER A 542 -18.28 -18.87 -31.09
CA SER A 542 -17.28 -18.14 -31.87
C SER A 542 -17.29 -16.67 -31.48
N LEU A 543 -16.11 -16.11 -31.28
CA LEU A 543 -15.97 -14.71 -30.83
C LEU A 543 -15.65 -13.84 -32.03
N VAL A 544 -16.70 -13.41 -32.74
CA VAL A 544 -16.51 -12.48 -33.86
C VAL A 544 -15.99 -11.17 -33.30
N SER A 545 -14.97 -10.63 -33.95
CA SER A 545 -14.30 -9.43 -33.48
C SER A 545 -14.82 -8.20 -34.20
N LEU A 546 -14.78 -7.06 -33.50
CA LEU A 546 -15.18 -5.79 -34.05
C LEU A 546 -14.06 -4.77 -34.15
N ILE A 547 -12.89 -5.04 -33.55
CA ILE A 547 -11.83 -4.04 -33.48
C ILE A 547 -11.35 -3.66 -34.88
N GLY A 548 -11.05 -4.65 -35.70
CA GLY A 548 -10.69 -4.39 -37.08
C GLY A 548 -11.84 -4.53 -38.04
N MET A 549 -12.86 -3.68 -37.93
CA MET A 549 -14.03 -3.79 -38.79
C MET A 549 -14.49 -2.40 -39.21
N SER A 550 -15.26 -2.37 -40.29
CA SER A 550 -15.83 -1.15 -40.82
C SER A 550 -17.22 -0.92 -40.25
N VAL A 551 -17.61 0.36 -40.19
CA VAL A 551 -18.86 0.72 -39.55
C VAL A 551 -20.05 0.18 -40.35
N GLU A 552 -19.93 0.18 -41.68
CA GLU A 552 -20.98 -0.40 -42.52
C GLU A 552 -21.21 -1.87 -42.19
N GLN A 553 -20.15 -2.66 -42.19
CA GLN A 553 -20.26 -4.06 -41.82
C GLN A 553 -20.70 -4.22 -40.37
N ARG A 554 -20.29 -3.30 -39.50
CA ARG A 554 -20.72 -3.37 -38.10
C ARG A 554 -22.23 -3.25 -37.98
N LYS A 555 -22.83 -2.29 -38.70
CA LYS A 555 -24.28 -2.18 -38.68
C LYS A 555 -24.93 -3.40 -39.32
N ALA A 556 -24.33 -3.94 -40.38
CA ALA A 556 -24.86 -5.14 -40.99
C ALA A 556 -24.89 -6.30 -39.99
N LEU A 557 -23.82 -6.45 -39.21
CA LEU A 557 -23.79 -7.46 -38.16
C LEU A 557 -24.84 -7.18 -37.09
N ALA A 558 -24.98 -5.90 -36.71
CA ALA A 558 -25.98 -5.53 -35.70
C ALA A 558 -27.38 -5.92 -36.15
N ASN A 559 -27.66 -5.86 -37.44
CA ASN A 559 -28.99 -6.21 -37.92
C ASN A 559 -29.30 -7.70 -37.81
N GLN A 560 -28.34 -8.52 -37.37
CA GLN A 560 -28.55 -9.95 -37.22
C GLN A 560 -28.23 -10.44 -35.80
N LEU A 561 -28.20 -9.54 -34.82
CA LEU A 561 -27.91 -9.97 -33.46
C LEU A 561 -28.97 -10.93 -32.96
N LEU A 562 -30.24 -10.53 -33.04
CA LEU A 562 -31.33 -11.34 -32.49
C LEU A 562 -32.04 -12.09 -33.62
N THR A 563 -31.31 -13.01 -34.21
CA THR A 563 -31.92 -13.91 -35.19
C THR A 563 -32.17 -15.26 -34.55
N PRO A 564 -33.12 -16.01 -35.07
CA PRO A 564 -33.30 -17.40 -34.60
C PRO A 564 -32.07 -18.23 -34.94
N SER A 565 -31.86 -19.28 -34.16
CA SER A 565 -30.77 -20.20 -34.41
C SER A 565 -31.24 -21.29 -35.36
N SER A 566 -30.49 -21.49 -36.44
CA SER A 566 -30.72 -22.59 -37.37
C SER A 566 -29.95 -23.84 -36.96
N ASN A 567 -29.57 -23.95 -35.70
CA ASN A 567 -28.89 -25.12 -35.17
C ASN A 567 -29.81 -25.76 -34.14
N VAL A 568 -30.14 -27.03 -34.34
CA VAL A 568 -31.05 -27.73 -33.45
C VAL A 568 -30.48 -27.83 -32.05
N SER A 569 -29.15 -27.76 -31.92
CA SER A 569 -28.48 -28.00 -30.65
C SER A 569 -28.23 -26.74 -29.84
N THR A 570 -28.21 -25.57 -30.47
CA THR A 570 -27.92 -24.32 -29.77
C THR A 570 -29.15 -23.46 -29.58
N HIS A 571 -30.34 -24.05 -29.68
CA HIS A 571 -31.58 -23.29 -29.55
C HIS A 571 -31.71 -22.66 -28.17
N THR A 572 -31.04 -23.23 -27.16
CA THR A 572 -31.12 -22.67 -25.82
C THR A 572 -30.38 -21.35 -25.71
N LEU A 573 -29.17 -21.28 -26.24
CA LEU A 573 -28.30 -20.13 -26.06
C LEU A 573 -28.72 -18.98 -26.97
N ASN A 574 -28.00 -17.87 -26.86
CA ASN A 574 -28.19 -16.71 -27.72
C ASN A 574 -26.89 -15.92 -27.72
N LYS A 575 -26.78 -15.00 -28.69
CA LYS A 575 -25.55 -14.25 -28.84
C LYS A 575 -25.30 -13.34 -27.65
N LYS A 576 -24.03 -13.03 -27.42
CA LYS A 576 -23.61 -12.06 -26.41
C LYS A 576 -22.88 -10.93 -27.10
N VAL A 577 -23.02 -9.73 -26.54
CA VAL A 577 -22.25 -8.57 -26.95
C VAL A 577 -21.37 -8.16 -25.79
N TYR A 578 -20.09 -7.93 -26.06
CA TYR A 578 -19.17 -7.47 -25.01
C TYR A 578 -19.21 -5.94 -24.98
N ARG A 579 -20.22 -5.42 -24.31
CA ARG A 579 -20.42 -3.99 -24.28
C ARG A 579 -19.39 -3.31 -23.41
N HIS A 580 -19.13 -2.04 -23.70
CA HIS A 580 -18.29 -1.23 -22.83
C HIS A 580 -18.94 -1.04 -21.48
N ILE A 581 -18.11 -0.79 -20.46
CA ILE A 581 -18.64 -0.64 -19.11
C ILE A 581 -19.46 0.65 -19.08
N LYS A 582 -20.78 0.49 -19.05
CA LYS A 582 -21.71 1.61 -19.16
C LYS A 582 -21.84 2.31 -17.83
N ASN A 583 -22.82 3.21 -17.71
CA ASN A 583 -23.02 3.95 -16.48
C ASN A 583 -23.80 3.18 -15.43
N ARG A 584 -24.45 2.09 -15.80
CA ARG A 584 -25.27 1.32 -14.88
C ARG A 584 -24.49 0.26 -14.11
N ASP A 585 -23.27 -0.05 -14.55
CA ASP A 585 -22.55 -1.21 -14.05
C ASP A 585 -21.95 -0.95 -12.68
N VAL A 586 -21.33 -1.98 -12.13
CA VAL A 586 -20.77 -1.95 -10.78
C VAL A 586 -19.32 -2.41 -10.88
N VAL A 587 -18.49 -1.88 -9.99
CA VAL A 587 -17.07 -2.16 -10.03
C VAL A 587 -16.57 -2.34 -8.61
N LEU A 588 -15.78 -3.37 -8.40
CA LEU A 588 -15.23 -3.68 -7.08
C LEU A 588 -13.91 -2.93 -6.95
N MET A 589 -13.90 -1.84 -6.21
CA MET A 589 -12.71 -1.03 -6.03
C MET A 589 -11.99 -1.46 -4.77
N ASN A 590 -10.69 -1.72 -4.91
CA ASN A 590 -9.84 -2.11 -3.79
C ASN A 590 -8.57 -1.30 -3.84
N ARG A 591 -7.99 -1.05 -2.66
CA ARG A 591 -6.71 -0.35 -2.57
C ARG A 591 -5.82 -1.15 -1.65
N GLN A 592 -4.80 -1.80 -2.21
CA GLN A 592 -3.84 -2.52 -1.40
C GLN A 592 -3.08 -1.55 -0.52
N PRO A 593 -2.73 -1.94 0.71
CA PRO A 593 -3.06 -3.19 1.38
C PRO A 593 -4.50 -3.22 1.87
N THR A 594 -5.14 -4.39 1.93
CA THR A 594 -6.53 -4.49 2.35
C THR A 594 -6.57 -4.88 3.81
N LEU A 595 -6.32 -3.90 4.68
CA LEU A 595 -6.26 -4.17 6.11
C LEU A 595 -7.61 -4.57 6.71
N HIS A 596 -8.72 -4.26 6.04
CA HIS A 596 -10.04 -4.64 6.53
C HIS A 596 -10.98 -4.79 5.35
N LYS A 597 -12.12 -5.43 5.59
CA LYS A 597 -13.02 -5.76 4.50
C LYS A 597 -13.61 -4.52 3.85
N ALA A 598 -13.79 -3.44 4.62
CA ALA A 598 -14.42 -2.25 4.05
C ALA A 598 -13.54 -1.57 3.02
N SER A 599 -12.29 -1.99 2.89
CA SER A 599 -11.35 -1.43 1.93
C SER A 599 -11.55 -1.97 0.52
N MET A 600 -12.51 -2.86 0.31
CA MET A 600 -12.77 -3.43 -1.00
C MET A 600 -14.28 -3.34 -1.22
N MET A 601 -14.73 -2.20 -1.71
CA MET A 601 -16.15 -1.92 -1.81
C MET A 601 -16.62 -2.06 -3.25
N GLY A 602 -17.92 -1.85 -3.44
CA GLY A 602 -18.48 -1.87 -4.77
C GLY A 602 -19.16 -0.56 -5.10
N HIS A 603 -18.70 0.08 -6.18
CA HIS A 603 -19.18 1.39 -6.57
C HIS A 603 -19.95 1.27 -7.88
N LYS A 604 -20.84 2.23 -8.12
CA LYS A 604 -21.49 2.33 -9.43
C LYS A 604 -20.65 3.24 -10.31
N VAL A 605 -20.52 2.87 -11.58
CA VAL A 605 -19.54 3.50 -12.44
C VAL A 605 -20.16 4.66 -13.20
N ARG A 606 -19.47 5.81 -13.18
CA ARG A 606 -19.81 6.95 -14.00
C ARG A 606 -18.70 7.17 -15.00
N VAL A 607 -19.05 7.25 -16.28
CA VAL A 607 -18.07 7.29 -17.36
C VAL A 607 -17.73 8.76 -17.60
N LEU A 608 -16.69 9.23 -16.92
CA LEU A 608 -16.22 10.58 -17.12
C LEU A 608 -15.61 10.72 -18.51
N PRO A 609 -15.60 11.92 -19.08
CA PRO A 609 -15.17 12.09 -20.47
C PRO A 609 -13.72 12.48 -20.69
N ASN A 610 -12.93 12.74 -19.65
CA ASN A 610 -11.76 13.59 -19.81
C ASN A 610 -10.43 12.91 -19.57
N GLU A 611 -10.15 12.44 -18.37
CA GLU A 611 -8.77 12.19 -17.97
C GLU A 611 -8.59 10.76 -17.49
N LYS A 612 -7.32 10.33 -17.47
CA LYS A 612 -6.96 8.93 -17.17
C LYS A 612 -6.56 8.78 -15.71
N THR A 613 -7.55 8.87 -14.84
CA THR A 613 -7.35 8.59 -13.42
C THR A 613 -8.70 8.26 -12.80
N LEU A 614 -8.70 7.35 -11.84
CA LEU A 614 -9.93 6.91 -11.20
C LEU A 614 -10.39 8.01 -10.25
N ARG A 615 -11.50 8.65 -10.58
CA ARG A 615 -11.99 9.79 -9.82
C ARG A 615 -13.02 9.31 -8.80
N LEU A 616 -12.76 9.60 -7.52
CA LEU A 616 -13.44 9.00 -6.38
C LEU A 616 -13.83 10.09 -5.38
N HIS A 617 -15.03 9.98 -4.82
CA HIS A 617 -15.53 10.98 -3.89
C HIS A 617 -14.76 10.94 -2.56
N TYR A 618 -14.82 12.06 -1.85
CA TYR A 618 -13.99 12.26 -0.67
C TYR A 618 -14.39 11.36 0.49
N ALA A 619 -15.67 10.98 0.57
CA ALA A 619 -16.19 10.33 1.78
C ALA A 619 -15.45 9.05 2.11
N ASN A 620 -15.11 8.26 1.11
CA ASN A 620 -14.44 6.97 1.21
C ASN A 620 -12.99 7.08 1.59
N THR A 621 -12.51 8.25 2.01
CA THR A 621 -11.10 8.41 2.32
C THR A 621 -10.69 7.53 3.50
N GLY A 622 -11.41 7.63 4.62
CA GLY A 622 -11.11 6.75 5.74
C GLY A 622 -11.42 5.30 5.46
N ALA A 623 -12.37 5.04 4.56
CA ALA A 623 -12.75 3.67 4.24
C ALA A 623 -11.63 2.92 3.54
N TYR A 624 -10.92 3.59 2.64
CA TYR A 624 -9.74 3.02 2.01
C TYR A 624 -8.45 3.47 2.65
N ASN A 625 -8.51 4.39 3.62
CA ASN A 625 -7.32 4.99 4.23
C ASN A 625 -6.41 5.58 3.15
N ALA A 626 -7.02 6.25 2.18
CA ALA A 626 -6.32 6.72 1.00
C ALA A 626 -6.05 8.22 1.08
N ASP A 627 -5.08 8.66 0.28
CA ASP A 627 -4.82 10.07 0.04
C ASP A 627 -4.84 10.29 -1.45
N PHE A 628 -4.41 11.46 -1.92
CA PHE A 628 -4.31 11.68 -3.35
C PHE A 628 -2.91 12.15 -3.72
N ASP A 629 -1.92 11.79 -2.93
CA ASP A 629 -0.53 12.03 -3.32
C ASP A 629 0.03 10.86 -4.12
N GLY A 630 -0.69 10.49 -5.17
CA GLY A 630 -0.27 9.42 -6.05
C GLY A 630 -0.68 8.04 -5.63
N ASP A 631 -1.57 7.90 -4.66
CA ASP A 631 -2.05 6.59 -4.26
C ASP A 631 -2.64 5.88 -5.46
N GLU A 632 -2.34 4.59 -5.57
CA GLU A 632 -2.83 3.78 -6.66
C GLU A 632 -3.85 2.79 -6.11
N MET A 633 -4.85 2.49 -6.94
CA MET A 633 -5.81 1.47 -6.54
C MET A 633 -6.43 0.86 -7.77
N ASN A 634 -7.07 -0.29 -7.57
CA ASN A 634 -7.49 -1.16 -8.64
C ASN A 634 -9.00 -1.30 -8.66
N MET A 635 -9.53 -1.42 -9.87
CA MET A 635 -10.94 -1.63 -10.12
C MET A 635 -11.10 -2.99 -10.78
N HIS A 636 -11.94 -3.84 -10.20
CA HIS A 636 -12.23 -5.15 -10.75
C HIS A 636 -13.64 -5.13 -11.33
N PHE A 637 -13.79 -5.61 -12.55
CA PHE A 637 -15.07 -5.56 -13.22
C PHE A 637 -15.67 -6.96 -13.32
N PRO A 638 -16.66 -7.29 -12.50
CA PRO A 638 -17.26 -8.63 -12.57
C PRO A 638 -17.98 -8.87 -13.89
N GLN A 639 -18.08 -10.14 -14.27
CA GLN A 639 -18.53 -10.50 -15.60
C GLN A 639 -19.84 -11.27 -15.64
N ASN A 640 -20.48 -11.54 -14.50
CA ASN A 640 -21.75 -12.23 -14.48
C ASN A 640 -22.68 -11.58 -13.47
N GLU A 641 -23.98 -11.77 -13.70
CA GLU A 641 -24.99 -11.07 -12.90
C GLU A 641 -24.91 -11.45 -11.43
N ASN A 642 -24.61 -12.72 -11.13
CA ASN A 642 -24.51 -13.14 -9.74
C ASN A 642 -23.39 -12.42 -9.02
N ALA A 643 -22.33 -12.07 -9.74
CA ALA A 643 -21.25 -11.29 -9.15
C ALA A 643 -21.62 -9.83 -9.00
N ARG A 644 -22.40 -9.29 -9.96
CA ARG A 644 -22.88 -7.92 -9.82
C ARG A 644 -23.74 -7.77 -8.58
N ALA A 645 -24.49 -8.81 -8.22
CA ALA A 645 -25.43 -8.72 -7.11
C ALA A 645 -24.71 -8.46 -5.79
N GLU A 646 -23.56 -9.08 -5.58
CA GLU A 646 -22.90 -8.95 -4.28
C GLU A 646 -22.27 -7.58 -4.08
N ALA A 647 -21.64 -7.03 -5.10
CA ALA A 647 -21.07 -5.70 -4.97
C ALA A 647 -22.16 -4.63 -4.97
N LEU A 648 -23.28 -4.91 -5.63
CA LEU A 648 -24.39 -3.97 -5.67
C LEU A 648 -25.19 -3.99 -4.38
N ASN A 649 -25.22 -5.11 -3.66
CA ASN A 649 -26.07 -5.27 -2.49
C ASN A 649 -25.28 -5.58 -1.22
N LEU A 650 -24.37 -6.55 -1.25
CA LEU A 650 -23.70 -6.96 -0.03
C LEU A 650 -22.46 -6.14 0.28
N ALA A 651 -21.63 -5.86 -0.72
CA ALA A 651 -20.45 -5.03 -0.53
C ALA A 651 -20.67 -3.61 -1.02
N ASN A 652 -21.91 -3.22 -1.29
CA ASN A 652 -22.20 -1.91 -1.82
C ASN A 652 -21.79 -0.83 -0.85
N THR A 653 -21.30 0.30 -1.39
CA THR A 653 -20.78 1.37 -0.56
C THR A 653 -21.82 1.87 0.44
N ASP A 654 -23.11 1.76 0.09
CA ASP A 654 -24.15 2.12 1.05
C ASP A 654 -24.15 1.19 2.25
N SER A 655 -23.97 -0.10 2.02
CA SER A 655 -23.97 -1.12 3.07
C SER A 655 -22.75 -1.08 3.97
N GLN A 656 -21.86 -0.10 3.87
CA GLN A 656 -20.55 -0.14 4.52
C GLN A 656 -20.33 1.02 5.47
N TYR A 657 -21.40 1.61 5.99
CA TYR A 657 -21.27 2.85 6.73
C TYR A 657 -20.56 2.65 8.08
N LEU A 658 -20.83 1.54 8.76
CA LEU A 658 -20.31 1.29 10.09
C LEU A 658 -19.27 0.18 10.05
N THR A 659 -18.08 0.46 10.55
CA THR A 659 -17.04 -0.56 10.60
C THR A 659 -17.35 -1.56 11.71
N PRO A 660 -17.26 -2.87 11.44
CA PRO A 660 -17.56 -3.85 12.49
C PRO A 660 -16.49 -3.97 13.57
N THR A 661 -15.43 -3.15 13.52
CA THR A 661 -14.47 -3.16 14.62
C THR A 661 -15.10 -2.71 15.91
N SER A 662 -15.96 -1.69 15.84
CA SER A 662 -16.73 -1.27 17.00
C SER A 662 -18.15 -0.84 16.65
N GLY A 663 -18.56 -0.95 15.40
CA GLY A 663 -19.82 -0.40 14.97
C GLY A 663 -19.81 1.10 14.74
N SER A 664 -18.65 1.74 14.90
CA SER A 664 -18.54 3.16 14.67
C SER A 664 -18.61 3.46 13.17
N PRO A 665 -18.91 4.69 12.80
CA PRO A 665 -18.85 5.07 11.40
C PRO A 665 -17.43 5.42 10.98
N VAL A 666 -17.13 5.14 9.71
CA VAL A 666 -15.88 5.57 9.11
C VAL A 666 -16.18 6.25 7.78
N ARG A 667 -17.33 6.90 7.70
CA ARG A 667 -17.62 7.79 6.60
C ARG A 667 -17.86 9.19 7.16
N GLY A 668 -18.10 10.14 6.25
CA GLY A 668 -18.26 11.51 6.63
C GLY A 668 -17.23 12.41 6.00
N LEU A 669 -17.64 13.61 5.60
CA LEU A 669 -16.75 14.51 4.89
C LEU A 669 -15.58 14.92 5.79
N ILE A 670 -14.43 15.21 5.17
CA ILE A 670 -13.16 15.15 5.88
C ILE A 670 -12.60 16.52 6.29
N GLN A 671 -12.19 17.34 5.32
CA GLN A 671 -11.36 18.50 5.66
C GLN A 671 -12.02 19.83 5.30
N ASP A 672 -12.33 20.06 4.03
CA ASP A 672 -12.89 21.36 3.65
C ASP A 672 -14.33 21.48 4.13
N HIS A 673 -15.12 20.43 3.94
CA HIS A 673 -16.54 20.49 4.26
C HIS A 673 -16.76 20.69 5.75
N ILE A 674 -15.83 20.24 6.59
CA ILE A 674 -15.98 20.42 8.03
C ILE A 674 -15.87 21.89 8.41
N SER A 675 -14.86 22.58 7.87
CA SER A 675 -14.73 24.00 8.17
C SER A 675 -15.82 24.81 7.51
N ALA A 676 -16.24 24.40 6.32
CA ALA A 676 -17.40 25.03 5.71
C ALA A 676 -18.65 24.84 6.56
N GLY A 677 -18.71 23.75 7.33
CA GLY A 677 -19.81 23.60 8.27
C GLY A 677 -19.68 24.51 9.48
N VAL A 678 -18.48 24.61 10.04
CA VAL A 678 -18.29 25.49 11.19
C VAL A 678 -18.60 26.94 10.81
N TRP A 679 -18.50 27.27 9.53
CA TRP A 679 -18.82 28.64 9.13
C TRP A 679 -20.25 28.81 8.62
N LEU A 680 -20.75 27.89 7.79
CA LEU A 680 -22.06 28.08 7.17
C LEU A 680 -23.18 28.02 8.19
N THR A 681 -23.04 27.18 9.20
CA THR A 681 -24.06 27.06 10.25
C THR A 681 -23.71 27.91 11.45
N SER A 682 -23.10 29.07 11.23
CA SER A 682 -22.87 30.02 12.30
C SER A 682 -24.11 30.89 12.49
N LYS A 683 -24.10 31.70 13.55
CA LYS A 683 -25.16 32.69 13.69
C LYS A 683 -24.99 33.83 12.70
N ASP A 684 -23.75 34.16 12.35
CA ASP A 684 -23.49 35.25 11.41
C ASP A 684 -23.93 34.92 9.98
N SER A 685 -24.30 33.68 9.70
CA SER A 685 -24.57 33.27 8.33
C SER A 685 -26.01 33.61 7.97
N PHE A 686 -26.21 34.70 7.24
CA PHE A 686 -27.50 35.08 6.71
C PHE A 686 -27.44 35.12 5.21
N PHE A 687 -28.52 34.70 4.55
CA PHE A 687 -28.51 34.50 3.12
C PHE A 687 -29.76 35.12 2.52
N THR A 688 -29.56 35.96 1.50
CA THR A 688 -30.67 36.61 0.82
C THR A 688 -31.52 35.55 0.13
N ARG A 689 -32.60 35.95 -0.51
CA ARG A 689 -33.46 34.99 -1.19
C ARG A 689 -32.73 34.32 -2.35
N GLU A 690 -32.04 35.13 -3.16
CA GLU A 690 -31.34 34.58 -4.32
C GLU A 690 -30.24 33.62 -3.89
N GLN A 691 -29.44 34.02 -2.90
CA GLN A 691 -28.34 33.19 -2.44
C GLN A 691 -28.84 31.88 -1.88
N TYR A 692 -29.83 31.95 -1.00
CA TYR A 692 -30.34 30.74 -0.36
C TYR A 692 -30.96 29.80 -1.38
N GLN A 693 -31.75 30.34 -2.31
CA GLN A 693 -32.36 29.48 -3.31
C GLN A 693 -31.31 28.83 -4.19
N GLN A 694 -30.26 29.58 -4.57
CA GLN A 694 -29.21 28.99 -5.38
C GLN A 694 -28.45 27.92 -4.62
N TYR A 695 -28.18 28.14 -3.34
CA TYR A 695 -27.51 27.12 -2.55
C TYR A 695 -28.35 25.85 -2.47
N ILE A 696 -29.66 26.00 -2.32
CA ILE A 696 -30.51 24.83 -2.21
C ILE A 696 -30.57 24.07 -3.53
N TYR A 697 -30.79 24.77 -4.64
CA TYR A 697 -30.79 24.07 -5.92
C TYR A 697 -29.40 23.68 -6.37
N GLY A 698 -28.37 24.25 -5.77
CA GLY A 698 -27.01 23.89 -6.14
C GLY A 698 -26.61 22.49 -5.76
N CYS A 699 -27.36 21.86 -4.86
CA CYS A 699 -27.04 20.52 -4.39
C CYS A 699 -28.19 19.53 -4.47
N ILE A 700 -29.44 19.97 -4.51
CA ILE A 700 -30.55 19.03 -4.45
C ILE A 700 -31.29 19.04 -5.78
N ARG A 701 -30.56 19.16 -6.88
CA ARG A 701 -31.12 19.15 -8.22
C ARG A 701 -32.11 18.01 -8.39
N PRO A 702 -33.41 18.29 -8.51
CA PRO A 702 -34.39 17.22 -8.67
C PRO A 702 -34.63 16.79 -10.11
N GLU A 703 -33.58 16.62 -10.90
CA GLU A 703 -33.73 16.07 -12.24
C GLU A 703 -33.25 14.63 -12.34
N ASP A 704 -32.60 14.12 -11.30
CA ASP A 704 -32.22 12.73 -11.23
C ASP A 704 -32.79 12.02 -10.01
N GLY A 705 -33.27 12.75 -9.02
CA GLY A 705 -33.80 12.15 -7.82
C GLY A 705 -33.10 12.52 -6.53
N HIS A 706 -32.53 13.72 -6.44
CA HIS A 706 -31.89 14.14 -5.19
C HIS A 706 -32.92 14.33 -4.09
N THR A 707 -34.08 14.88 -4.40
CA THR A 707 -35.11 15.15 -3.41
C THR A 707 -36.36 14.35 -3.71
N THR A 708 -37.11 14.06 -2.64
CA THR A 708 -38.23 13.13 -2.68
C THR A 708 -39.58 13.84 -2.78
N ARG A 709 -39.65 14.95 -3.50
CA ARG A 709 -40.91 15.65 -3.70
C ARG A 709 -41.17 16.08 -5.14
N SER A 710 -40.17 16.01 -6.01
CA SER A 710 -40.29 16.32 -7.44
C SER A 710 -40.65 17.78 -7.69
N LYS A 711 -40.57 18.63 -6.67
CA LYS A 711 -40.74 20.07 -6.79
C LYS A 711 -40.17 20.68 -5.52
N ILE A 712 -39.09 21.45 -5.64
CA ILE A 712 -38.38 21.90 -4.45
C ILE A 712 -39.30 22.74 -3.58
N VAL A 713 -39.25 22.49 -2.27
CA VAL A 713 -40.00 23.25 -1.29
C VAL A 713 -39.02 24.14 -0.54
N THR A 714 -39.48 25.34 -0.19
CA THR A 714 -38.64 26.30 0.51
C THR A 714 -39.06 26.43 1.96
N LEU A 715 -38.42 27.35 2.67
CA LEU A 715 -38.73 27.63 4.06
C LEU A 715 -38.96 29.12 4.24
N PRO A 716 -39.86 29.51 5.14
CA PRO A 716 -40.11 30.93 5.39
C PRO A 716 -38.87 31.62 5.93
N PRO A 717 -38.62 32.86 5.50
CA PRO A 717 -37.43 33.58 5.95
C PRO A 717 -37.40 33.79 7.45
N THR A 718 -36.22 33.65 8.03
CA THR A 718 -36.07 33.81 9.47
C THR A 718 -36.30 35.24 9.91
N ILE A 719 -35.80 36.22 9.16
CA ILE A 719 -35.94 37.62 9.48
C ILE A 719 -36.78 38.27 8.39
N PHE A 720 -37.98 38.71 8.75
CA PHE A 720 -38.92 39.25 7.77
C PHE A 720 -38.60 40.70 7.43
N LYS A 721 -38.58 41.55 8.43
CA LYS A 721 -38.28 42.95 8.20
C LYS A 721 -36.88 43.29 8.67
N PRO A 722 -36.16 44.17 7.98
CA PRO A 722 -36.56 44.91 6.77
C PRO A 722 -36.69 44.10 5.48
N TYR A 723 -35.81 43.15 5.20
CA TYR A 723 -35.90 42.38 3.98
C TYR A 723 -35.71 40.89 4.26
N PRO A 724 -36.26 40.02 3.41
CA PRO A 724 -36.24 38.58 3.71
C PRO A 724 -34.84 38.00 3.75
N LEU A 725 -34.40 37.60 4.94
CA LEU A 725 -33.12 36.93 5.13
C LEU A 725 -33.36 35.47 5.47
N TRP A 726 -32.27 34.74 5.71
CA TRP A 726 -32.33 33.33 6.05
C TRP A 726 -31.17 33.02 6.99
N THR A 727 -30.90 31.75 7.20
CA THR A 727 -29.75 31.34 8.00
C THR A 727 -29.23 30.01 7.45
N GLY A 728 -27.96 29.73 7.75
CA GLY A 728 -27.40 28.45 7.37
C GLY A 728 -28.11 27.29 8.03
N LYS A 729 -28.57 27.49 9.27
CA LYS A 729 -29.42 26.51 9.91
C LYS A 729 -30.61 26.17 9.02
N GLN A 730 -31.25 27.20 8.47
CA GLN A 730 -32.37 26.95 7.57
C GLN A 730 -31.91 26.23 6.30
N ILE A 731 -30.68 26.46 5.86
CA ILE A 731 -30.15 25.75 4.71
C ILE A 731 -30.08 24.26 4.99
N ILE A 732 -29.50 23.91 6.14
CA ILE A 732 -29.44 22.51 6.53
C ILE A 732 -30.84 21.93 6.67
N THR A 733 -31.74 22.71 7.27
CA THR A 733 -33.11 22.24 7.49
C THR A 733 -33.82 21.95 6.18
N THR A 734 -33.71 22.84 5.20
CA THR A 734 -34.41 22.60 3.94
C THR A 734 -33.72 21.53 3.13
N VAL A 735 -32.41 21.36 3.28
CA VAL A 735 -31.74 20.25 2.61
C VAL A 735 -32.26 18.92 3.16
N LEU A 736 -32.33 18.81 4.49
CA LEU A 736 -32.87 17.61 5.11
C LEU A 736 -34.32 17.40 4.70
N LEU A 737 -35.11 18.46 4.69
CA LEU A 737 -36.53 18.33 4.34
C LEU A 737 -36.69 17.86 2.90
N ASN A 738 -35.81 18.29 2.00
CA ASN A 738 -35.92 17.86 0.61
C ASN A 738 -35.43 16.43 0.42
N VAL A 739 -34.35 16.05 1.11
CA VAL A 739 -33.80 14.71 0.86
C VAL A 739 -34.58 13.64 1.61
N THR A 740 -35.14 13.97 2.77
CA THR A 740 -35.84 12.98 3.57
C THR A 740 -37.11 12.53 2.86
N PRO A 741 -37.49 11.25 2.97
CA PRO A 741 -38.67 10.76 2.28
C PRO A 741 -39.92 11.41 2.83
N PRO A 742 -40.98 11.52 2.03
CA PRO A 742 -42.23 12.12 2.49
C PRO A 742 -43.03 11.12 3.32
N ASP A 743 -44.16 11.60 3.86
CA ASP A 743 -45.05 10.77 4.67
C ASP A 743 -44.30 10.16 5.85
N MET A 744 -43.34 10.92 6.38
CA MET A 744 -42.54 10.47 7.51
C MET A 744 -42.04 11.72 8.20
N PRO A 745 -41.96 11.74 9.54
CA PRO A 745 -41.51 12.94 10.24
C PRO A 745 -40.01 13.13 10.11
N GLY A 746 -39.56 14.31 10.56
CA GLY A 746 -38.15 14.60 10.60
C GLY A 746 -37.46 14.06 11.84
N ILE A 747 -36.14 14.18 11.83
CA ILE A 747 -35.33 13.63 12.92
C ILE A 747 -35.46 14.49 14.16
N ASN A 748 -35.25 13.87 15.32
CA ASN A 748 -35.08 14.56 16.60
C ASN A 748 -33.78 14.07 17.20
N LEU A 749 -32.94 15.00 17.64
CA LEU A 749 -31.59 14.61 18.07
C LEU A 749 -31.03 15.69 18.98
N ILE A 750 -30.35 15.25 20.03
CA ILE A 750 -29.62 16.13 20.93
C ILE A 750 -28.19 15.60 21.02
N SER A 751 -27.21 16.47 20.84
CA SER A 751 -25.83 16.03 20.89
C SER A 751 -24.93 17.23 21.18
N LYS A 752 -23.63 17.06 20.97
CA LYS A 752 -22.66 18.11 21.19
C LYS A 752 -21.69 18.13 20.02
N ASN A 753 -20.81 19.11 20.03
CA ASN A 753 -19.68 19.16 19.10
C ASN A 753 -18.41 19.44 19.89
N LYS A 754 -17.30 19.61 19.17
CA LYS A 754 -16.00 19.77 19.80
C LYS A 754 -15.69 21.22 20.15
N ILE A 755 -16.52 22.15 19.74
CA ILE A 755 -16.27 23.57 19.98
C ILE A 755 -17.01 23.97 21.25
N LYS A 756 -16.27 24.39 22.27
CA LYS A 756 -16.84 24.70 23.56
C LYS A 756 -17.78 25.91 23.45
N ASN A 757 -18.39 26.25 24.58
CA ASN A 757 -19.26 27.41 24.68
C ASN A 757 -18.52 28.66 25.08
N GLU A 758 -17.19 28.63 25.15
CA GLU A 758 -16.41 29.84 25.35
C GLU A 758 -15.92 30.43 24.03
N TYR A 759 -15.76 29.62 23.00
CA TYR A 759 -15.29 30.07 21.70
C TYR A 759 -16.38 30.72 20.87
N TRP A 760 -17.54 30.99 21.45
CA TRP A 760 -18.60 31.71 20.75
C TRP A 760 -19.08 32.95 21.48
N GLY A 761 -18.50 33.26 22.63
CA GLY A 761 -18.93 34.38 23.44
C GLY A 761 -19.66 33.95 24.69
N LYS A 762 -19.82 34.90 25.61
CA LYS A 762 -20.43 34.63 26.89
C LYS A 762 -21.91 34.28 26.72
N GLY A 763 -22.37 33.27 27.46
CA GLY A 763 -23.75 32.87 27.42
C GLY A 763 -24.18 32.16 26.17
N SER A 764 -23.23 31.67 25.37
CA SER A 764 -23.56 31.04 24.10
C SER A 764 -23.96 29.58 24.33
N LEU A 765 -24.79 29.06 23.42
CA LEU A 765 -25.26 27.69 23.49
C LEU A 765 -25.06 26.96 22.18
N GLU A 766 -24.08 27.38 21.39
CA GLU A 766 -23.81 26.70 20.12
C GLU A 766 -23.10 25.36 20.29
N ASN A 767 -22.50 25.11 21.46
CA ASN A 767 -21.76 23.86 21.66
C ASN A 767 -22.66 22.65 21.65
N GLU A 768 -23.89 22.79 22.12
CA GLU A 768 -24.86 21.72 22.11
C GLU A 768 -25.73 21.83 20.88
N VAL A 769 -25.83 20.74 20.13
CA VAL A 769 -26.54 20.67 18.87
C VAL A 769 -27.92 20.10 19.12
N LEU A 770 -28.93 20.66 18.45
CA LEU A 770 -30.31 20.24 18.62
C LEU A 770 -30.99 20.21 17.26
N PHE A 771 -31.48 19.04 16.86
CA PHE A 771 -32.42 18.91 15.76
C PHE A 771 -33.77 18.59 16.36
N LYS A 772 -34.80 19.32 15.94
CA LYS A 772 -36.15 19.09 16.44
C LYS A 772 -37.11 19.04 15.27
N ASP A 773 -37.72 17.86 15.06
CA ASP A 773 -38.71 17.67 14.02
C ASP A 773 -38.17 18.05 12.66
N GLY A 774 -36.94 17.62 12.38
CA GLY A 774 -36.36 17.83 11.06
C GLY A 774 -35.87 19.22 10.79
N ALA A 775 -35.67 20.03 11.82
CA ALA A 775 -35.16 21.39 11.68
C ALA A 775 -33.95 21.57 12.58
N LEU A 776 -32.93 22.25 12.06
CA LEU A 776 -31.74 22.54 12.82
C LEU A 776 -31.96 23.84 13.58
N LEU A 777 -32.15 23.73 14.90
CA LEU A 777 -32.52 24.87 15.72
C LEU A 777 -31.39 25.39 16.58
N CYS A 778 -30.30 24.66 16.74
CA CYS A 778 -29.20 25.11 17.56
C CYS A 778 -27.96 24.31 17.23
N GLY A 779 -26.81 24.83 17.62
CA GLY A 779 -25.56 24.13 17.45
C GLY A 779 -25.03 24.14 16.03
N ILE A 780 -23.71 24.06 15.89
CA ILE A 780 -23.04 24.11 14.60
C ILE A 780 -22.66 22.70 14.17
N LEU A 781 -22.95 22.36 12.92
CA LEU A 781 -22.44 21.12 12.36
C LEU A 781 -20.92 21.14 12.38
N ASP A 782 -20.31 19.99 12.63
CA ASP A 782 -18.92 19.91 13.00
C ASP A 782 -18.33 18.63 12.42
N LYS A 783 -17.17 18.21 12.92
CA LYS A 783 -16.71 16.86 12.68
C LYS A 783 -17.62 15.86 13.37
N SER A 784 -18.07 16.18 14.58
CA SER A 784 -18.86 15.24 15.36
C SER A 784 -20.18 14.91 14.69
N GLN A 785 -20.83 15.90 14.08
CA GLN A 785 -22.11 15.63 13.46
C GLN A 785 -21.95 14.79 12.20
N TYR A 786 -21.26 15.32 11.20
CA TYR A 786 -20.90 14.56 10.02
C TYR A 786 -19.38 14.44 9.99
N GLY A 787 -18.90 13.23 9.76
CA GLY A 787 -17.51 12.90 9.89
C GLY A 787 -17.37 11.56 10.58
N ALA A 788 -16.14 11.21 10.94
CA ALA A 788 -15.88 9.96 11.65
C ALA A 788 -16.24 10.14 13.12
N SER A 789 -17.54 10.22 13.37
CA SER A 789 -18.03 10.34 14.74
C SER A 789 -19.39 9.66 14.84
N LYS A 790 -19.64 9.09 16.02
CA LYS A 790 -20.82 8.29 16.28
C LYS A 790 -21.91 9.14 16.92
N TYR A 791 -23.16 8.83 16.56
CA TYR A 791 -24.39 9.42 17.10
C TYR A 791 -24.66 10.83 16.58
N GLY A 792 -23.93 11.27 15.55
CA GLY A 792 -24.20 12.56 14.94
C GLY A 792 -25.41 12.51 14.04
N ILE A 793 -25.64 13.63 13.34
CA ILE A 793 -26.84 13.75 12.52
C ILE A 793 -26.84 12.73 11.39
N VAL A 794 -25.71 12.56 10.71
CA VAL A 794 -25.68 11.63 9.60
C VAL A 794 -25.84 10.19 10.09
N HIS A 795 -25.24 9.88 11.25
CA HIS A 795 -25.45 8.57 11.84
C HIS A 795 -26.92 8.35 12.18
N SER A 796 -27.57 9.38 12.73
CA SER A 796 -28.98 9.26 13.09
C SER A 796 -29.84 9.08 11.85
N LEU A 797 -29.54 9.80 10.78
CA LEU A 797 -30.26 9.61 9.53
C LEU A 797 -30.07 8.20 9.01
N HIS A 798 -28.86 7.67 9.15
CA HIS A 798 -28.60 6.29 8.78
C HIS A 798 -29.49 5.35 9.57
N GLU A 799 -29.57 5.55 10.88
CA GLU A 799 -30.31 4.63 11.74
C GLU A 799 -31.81 4.74 11.55
N VAL A 800 -32.32 5.91 11.15
CA VAL A 800 -33.75 6.13 11.10
C VAL A 800 -34.30 5.90 9.70
N TYR A 801 -33.77 6.60 8.70
CA TYR A 801 -34.30 6.50 7.35
C TYR A 801 -33.66 5.41 6.52
N GLY A 802 -32.61 4.77 7.01
CA GLY A 802 -31.90 3.76 6.25
C GLY A 802 -30.51 4.19 5.89
N PRO A 803 -29.74 3.29 5.27
CA PRO A 803 -28.38 3.64 4.85
C PRO A 803 -28.35 4.42 3.55
N GLU A 804 -29.29 4.12 2.65
CA GLU A 804 -29.33 4.82 1.37
C GLU A 804 -29.65 6.30 1.54
N VAL A 805 -30.56 6.63 2.46
CA VAL A 805 -30.86 8.04 2.71
C VAL A 805 -29.65 8.74 3.32
N ALA A 806 -28.88 8.02 4.15
CA ALA A 806 -27.65 8.61 4.68
C ALA A 806 -26.63 8.84 3.58
N ALA A 807 -26.56 7.92 2.61
CA ALA A 807 -25.64 8.13 1.48
C ALA A 807 -26.06 9.34 0.64
N LYS A 808 -27.35 9.48 0.38
CA LYS A 808 -27.83 10.64 -0.35
C LYS A 808 -27.57 11.92 0.44
N VAL A 809 -27.74 11.87 1.76
CA VAL A 809 -27.44 13.01 2.60
C VAL A 809 -25.97 13.37 2.54
N LEU A 810 -25.09 12.37 2.54
CA LEU A 810 -23.66 12.66 2.42
C LEU A 810 -23.34 13.32 1.10
N SER A 811 -23.93 12.82 0.01
CA SER A 811 -23.69 13.44 -1.29
C SER A 811 -24.16 14.89 -1.31
N VAL A 812 -25.36 15.14 -0.78
CA VAL A 812 -25.90 16.50 -0.85
C VAL A 812 -25.14 17.44 0.09
N LEU A 813 -24.76 16.95 1.27
CA LEU A 813 -23.97 17.78 2.17
C LEU A 813 -22.62 18.12 1.56
N GLY A 814 -21.97 17.15 0.92
CA GLY A 814 -20.73 17.46 0.23
C GLY A 814 -20.90 18.47 -0.88
N ARG A 815 -21.93 18.28 -1.72
CA ARG A 815 -22.16 19.21 -2.82
C ARG A 815 -22.47 20.61 -2.32
N LEU A 816 -23.31 20.72 -1.27
CA LEU A 816 -23.67 22.02 -0.74
C LEU A 816 -22.47 22.72 -0.12
N PHE A 817 -21.71 22.01 0.72
CA PHE A 817 -20.54 22.65 1.32
C PHE A 817 -19.50 23.02 0.28
N THR A 818 -19.41 22.26 -0.81
CA THR A 818 -18.49 22.63 -1.88
C THR A 818 -18.96 23.88 -2.60
N ASN A 819 -20.23 23.91 -3.02
CA ASN A 819 -20.75 25.07 -3.72
C ASN A 819 -20.71 26.31 -2.84
N TYR A 820 -20.77 26.13 -1.53
CA TYR A 820 -20.62 27.24 -0.61
C TYR A 820 -19.17 27.66 -0.45
N ILE A 821 -18.22 26.71 -0.54
CA ILE A 821 -16.83 27.11 -0.44
C ILE A 821 -16.31 27.66 -1.77
N THR A 822 -16.92 27.31 -2.90
CA THR A 822 -16.54 27.89 -4.19
C THR A 822 -17.21 29.23 -4.44
N ALA A 823 -18.06 29.68 -3.51
CA ALA A 823 -18.56 31.04 -3.49
C ALA A 823 -18.07 31.81 -2.28
N THR A 824 -17.35 31.16 -1.38
CA THR A 824 -16.80 31.79 -0.19
C THR A 824 -15.59 30.99 0.26
N ALA A 825 -14.42 31.61 0.27
CA ALA A 825 -13.21 30.83 0.49
C ALA A 825 -12.97 30.63 1.99
N PHE A 826 -11.84 29.97 2.28
CA PHE A 826 -11.43 29.71 3.66
C PHE A 826 -9.94 29.42 3.63
N THR A 827 -9.15 30.31 4.22
CA THR A 827 -7.70 30.28 4.03
C THR A 827 -6.95 30.42 5.34
N CYS A 828 -5.80 29.76 5.42
CA CYS A 828 -4.88 29.92 6.53
C CYS A 828 -3.76 30.87 6.12
N GLY A 829 -3.27 31.64 7.09
CA GLY A 829 -2.30 32.68 6.81
C GLY A 829 -1.16 32.66 7.81
N MET A 830 -0.33 33.70 7.70
CA MET A 830 0.78 33.87 8.62
C MET A 830 0.38 34.63 9.89
N ASP A 831 -0.69 35.42 9.84
CA ASP A 831 -1.18 36.08 11.04
C ASP A 831 -1.87 35.10 11.98
N ASP A 832 -2.49 34.06 11.42
CA ASP A 832 -3.15 33.05 12.25
C ASP A 832 -2.19 32.42 13.25
N LEU A 833 -0.92 32.33 12.90
CA LEU A 833 0.06 31.66 13.73
C LEU A 833 0.66 32.55 14.79
N ARG A 834 0.30 33.83 14.85
CA ARG A 834 1.00 34.78 15.69
C ARG A 834 0.35 34.91 17.07
N LEU A 835 1.09 35.51 17.98
CA LEU A 835 0.63 35.81 19.32
C LEU A 835 0.80 37.30 19.58
N THR A 836 -0.08 37.86 20.41
CA THR A 836 0.05 39.25 20.79
C THR A 836 1.31 39.44 21.63
N ALA A 837 1.66 40.70 21.86
CA ALA A 837 2.78 41.00 22.75
C ALA A 837 2.52 40.47 24.15
N GLU A 838 1.25 40.47 24.58
CA GLU A 838 0.90 39.85 25.86
C GLU A 838 1.21 38.37 25.83
N GLY A 839 0.76 37.67 24.79
CA GLY A 839 1.02 36.24 24.70
C GLY A 839 2.50 35.92 24.64
N ASN A 840 3.24 36.68 23.85
CA ASN A 840 4.68 36.45 23.75
C ASN A 840 5.37 36.71 25.08
N LYS A 841 4.98 37.77 25.79
CA LYS A 841 5.60 38.01 27.09
C LYS A 841 5.29 36.90 28.07
N TRP A 842 4.05 36.41 28.08
CA TRP A 842 3.71 35.29 28.96
C TRP A 842 4.54 34.05 28.61
N ARG A 843 4.67 33.77 27.30
CA ARG A 843 5.45 32.61 26.88
C ARG A 843 6.90 32.74 27.33
N THR A 844 7.50 33.91 27.12
CA THR A 844 8.89 34.11 27.56
C THR A 844 9.03 34.00 29.07
N ASP A 845 8.10 34.58 29.82
CA ASP A 845 8.23 34.59 31.27
C ASP A 845 8.05 33.20 31.86
N ILE A 846 7.17 32.39 31.27
CA ILE A 846 7.04 31.01 31.73
C ILE A 846 8.26 30.21 31.32
N LEU A 847 8.73 30.35 30.07
CA LEU A 847 9.88 29.58 29.64
C LEU A 847 11.14 29.96 30.39
N LYS A 848 11.19 31.15 30.98
CA LYS A 848 12.29 31.48 31.88
C LYS A 848 12.25 30.63 33.14
N THR A 849 11.09 30.05 33.47
CA THR A 849 11.02 29.12 34.59
C THR A 849 11.46 27.72 34.19
N SER A 850 11.79 27.49 32.93
CA SER A 850 12.38 26.23 32.51
C SER A 850 13.90 26.24 32.58
N VAL A 851 14.50 27.32 33.09
CA VAL A 851 15.96 27.41 33.16
C VAL A 851 16.51 26.46 34.20
N ASP A 852 15.88 26.39 35.37
CA ASP A 852 16.39 25.56 36.46
C ASP A 852 15.60 24.26 36.63
N THR A 853 14.76 23.91 35.66
CA THR A 853 14.04 22.64 35.74
C THR A 853 15.01 21.47 35.76
N GLY A 854 16.00 21.49 34.87
CA GLY A 854 16.88 20.34 34.72
C GLY A 854 17.72 20.07 35.95
N ARG A 855 18.32 21.12 36.52
CA ARG A 855 19.18 20.93 37.69
C ARG A 855 18.37 20.42 38.88
N GLU A 856 17.20 20.99 39.10
CA GLU A 856 16.36 20.55 40.22
C GLU A 856 15.90 19.11 40.02
N ALA A 857 15.50 18.75 38.81
CA ALA A 857 15.08 17.37 38.54
C ALA A 857 16.24 16.40 38.74
N ALA A 858 17.43 16.76 38.26
CA ALA A 858 18.58 15.89 38.41
C ALA A 858 18.95 15.70 39.87
N ALA A 859 18.93 16.79 40.65
CA ALA A 859 19.22 16.70 42.07
C ALA A 859 18.16 15.86 42.79
N GLU A 860 16.91 15.95 42.32
CA GLU A 860 15.85 15.14 42.91
C GLU A 860 16.09 13.66 42.65
N VAL A 861 16.39 13.29 41.41
CA VAL A 861 16.55 11.88 41.06
C VAL A 861 17.72 11.27 41.82
N THR A 862 18.83 12.00 41.92
CA THR A 862 19.97 11.51 42.67
C THR A 862 19.84 11.72 44.16
N ASN A 863 18.76 12.37 44.61
CA ASN A 863 18.44 12.53 46.02
C ASN A 863 19.46 13.39 46.77
N LEU A 864 19.78 14.56 46.22
CA LEU A 864 20.63 15.52 46.90
C LEU A 864 19.82 16.77 47.23
N ASP A 865 20.51 17.78 47.77
CA ASP A 865 19.86 19.04 48.08
C ASP A 865 19.50 19.78 46.79
N LYS A 866 18.27 20.31 46.76
CA LYS A 866 17.83 21.04 45.57
C LYS A 866 18.71 22.25 45.29
N ASP A 867 19.26 22.86 46.33
CA ASP A 867 20.10 24.04 46.18
C ASP A 867 21.58 23.64 46.20
N THR A 868 21.96 22.90 45.16
CA THR A 868 23.33 22.53 44.90
C THR A 868 23.76 23.01 43.51
N PRO A 869 24.97 23.55 43.38
CA PRO A 869 25.38 24.13 42.10
C PRO A 869 25.52 23.08 41.01
N ALA A 870 25.33 23.53 39.77
CA ALA A 870 25.50 22.65 38.62
C ALA A 870 26.93 22.15 38.50
N ASP A 871 27.90 22.91 39.01
CA ASP A 871 29.30 22.54 38.94
C ASP A 871 29.77 21.74 40.14
N ASP A 872 28.87 21.40 41.06
CA ASP A 872 29.26 20.65 42.24
C ASP A 872 29.74 19.27 41.80
N PRO A 873 31.01 18.93 42.06
CA PRO A 873 31.53 17.65 41.53
C PRO A 873 30.78 16.44 42.05
N GLU A 874 30.13 16.53 43.21
CA GLU A 874 29.31 15.42 43.68
C GLU A 874 28.15 15.14 42.75
N LEU A 875 27.44 16.18 42.32
CA LEU A 875 26.35 15.98 41.37
C LEU A 875 26.87 15.42 40.06
N LEU A 876 28.02 15.92 39.59
CA LEU A 876 28.59 15.40 38.36
C LEU A 876 28.91 13.91 38.50
N LYS A 877 29.51 13.52 39.64
CA LYS A 877 29.85 12.13 39.86
C LYS A 877 28.61 11.25 39.91
N ARG A 878 27.57 11.70 40.60
CA ARG A 878 26.36 10.89 40.70
C ARG A 878 25.65 10.76 39.36
N LEU A 879 25.62 11.85 38.58
CA LEU A 879 25.10 11.77 37.22
C LEU A 879 25.94 10.81 36.38
N GLN A 880 27.25 10.79 36.62
CA GLN A 880 28.11 9.88 35.87
C GLN A 880 27.81 8.42 36.21
N GLU A 881 27.59 8.13 37.49
CA GLU A 881 27.19 6.79 37.87
C GLU A 881 25.84 6.43 37.26
N ILE A 882 24.94 7.41 37.18
CA ILE A 882 23.65 7.21 36.52
C ILE A 882 23.84 6.95 35.02
N LEU A 883 24.94 7.46 34.45
CA LEU A 883 25.09 7.46 32.99
C LEU A 883 25.16 6.05 32.41
N ARG A 884 25.94 5.16 33.04
CA ARG A 884 26.14 3.83 32.46
C ARG A 884 24.93 2.93 32.69
N ASP A 885 24.30 3.03 33.86
CA ASP A 885 23.10 2.26 34.11
C ASP A 885 21.96 2.74 33.22
N ASN A 886 21.19 1.79 32.69
CA ASN A 886 20.11 2.09 31.76
C ASN A 886 18.77 2.30 32.45
N ASN A 887 18.71 2.12 33.77
CA ASN A 887 17.48 2.32 34.53
C ASN A 887 17.58 3.48 35.52
N LYS A 888 18.75 3.70 36.14
CA LYS A 888 18.96 4.91 36.91
C LYS A 888 18.84 6.13 36.00
N SER A 889 19.40 6.05 34.79
CA SER A 889 19.11 7.06 33.79
C SER A 889 17.66 7.00 33.35
N GLY A 890 17.04 5.82 33.43
CA GLY A 890 15.62 5.72 33.10
C GLY A 890 14.75 6.55 34.02
N ILE A 891 15.05 6.55 35.32
CA ILE A 891 14.32 7.41 36.24
C ILE A 891 14.86 8.83 36.23
N LEU A 892 16.08 9.04 35.72
CA LEU A 892 16.52 10.39 35.43
C LEU A 892 15.93 10.93 34.13
N ASP A 893 15.44 10.05 33.27
CA ASP A 893 14.79 10.45 32.03
C ASP A 893 13.28 10.59 32.16
N ALA A 894 12.70 10.12 33.27
CA ALA A 894 11.26 10.12 33.43
C ALA A 894 10.75 11.30 34.24
N VAL A 895 11.45 11.65 35.33
CA VAL A 895 10.99 12.74 36.17
C VAL A 895 11.17 14.08 35.46
N THR A 896 12.32 14.28 34.82
CA THR A 896 12.56 15.53 34.09
C THR A 896 11.60 15.67 32.92
N SER A 897 11.29 14.56 32.24
CA SER A 897 10.36 14.62 31.12
C SER A 897 8.97 15.06 31.57
N SER A 898 8.52 14.56 32.73
CA SER A 898 7.24 15.01 33.27
C SER A 898 7.25 16.50 33.57
N LYS A 899 8.34 17.00 34.17
CA LYS A 899 8.42 18.43 34.48
C LYS A 899 8.35 19.28 33.21
N VAL A 900 9.10 18.89 32.18
CA VAL A 900 9.10 19.71 30.97
C VAL A 900 7.76 19.60 30.25
N ASN A 901 7.09 18.45 30.30
CA ASN A 901 5.75 18.37 29.73
C ASN A 901 4.77 19.24 30.50
N ALA A 902 4.92 19.32 31.82
CA ALA A 902 4.04 20.19 32.60
C ALA A 902 4.28 21.65 32.27
N ILE A 903 5.55 22.05 32.09
CA ILE A 903 5.84 23.42 31.72
C ILE A 903 5.31 23.71 30.31
N THR A 904 5.38 22.72 29.42
CA THR A 904 4.75 22.83 28.11
C THR A 904 3.26 23.11 28.26
N SER A 905 2.58 22.35 29.13
CA SER A 905 1.15 22.56 29.32
C SER A 905 0.86 23.93 29.92
N GLN A 906 1.71 24.40 30.84
CA GLN A 906 1.54 25.74 31.40
C GLN A 906 1.64 26.80 30.32
N VAL A 907 2.65 26.68 29.45
CA VAL A 907 2.79 27.63 28.34
C VAL A 907 1.57 27.59 27.43
N VAL A 908 1.10 26.38 27.10
CA VAL A 908 -0.01 26.26 26.17
C VAL A 908 -1.28 26.85 26.78
N SER A 909 -1.57 26.54 28.04
CA SER A 909 -2.78 27.04 28.68
C SER A 909 -2.73 28.55 28.83
N LYS A 910 -1.60 29.10 29.26
CA LYS A 910 -1.54 30.54 29.49
C LYS A 910 -1.47 31.33 28.20
N CYS A 911 -0.88 30.77 27.14
CA CYS A 911 -0.79 31.46 25.87
C CYS A 911 -2.09 31.32 25.07
N VAL A 912 -2.44 30.10 24.68
CA VAL A 912 -3.60 29.89 23.84
C VAL A 912 -4.75 29.37 24.69
N PRO A 913 -6.01 29.63 24.31
CA PRO A 913 -6.43 30.44 23.16
C PRO A 913 -6.59 31.90 23.54
N ASP A 914 -5.84 32.36 24.54
CA ASP A 914 -5.96 33.74 24.99
C ASP A 914 -5.02 34.67 24.23
N GLY A 915 -3.74 34.33 24.16
CA GLY A 915 -2.77 35.26 23.62
C GLY A 915 -2.81 35.46 22.12
N THR A 916 -3.44 34.54 21.38
CA THR A 916 -3.37 34.57 19.93
C THR A 916 -3.95 35.86 19.36
N MET A 917 -3.22 36.47 18.44
CA MET A 917 -3.63 37.76 17.90
C MET A 917 -4.97 37.68 17.20
N LYS A 918 -5.19 36.60 16.45
CA LYS A 918 -6.47 36.36 15.80
C LYS A 918 -7.19 35.24 16.54
N LYS A 919 -8.46 35.47 16.87
CA LYS A 919 -9.24 34.56 17.68
C LYS A 919 -10.23 33.77 16.82
N PHE A 920 -10.74 32.70 17.39
CA PHE A 920 -11.75 31.90 16.73
C PHE A 920 -13.05 32.69 16.58
N PRO A 921 -13.76 32.56 15.44
CA PRO A 921 -13.46 31.75 14.26
C PRO A 921 -12.63 32.48 13.22
N CYS A 922 -12.16 33.70 13.52
CA CYS A 922 -11.29 34.39 12.57
C CYS A 922 -10.00 33.62 12.36
N ASN A 923 -9.45 33.05 13.43
CA ASN A 923 -8.19 32.31 13.34
C ASN A 923 -8.46 30.99 12.63
N SER A 924 -8.20 30.97 11.33
CA SER A 924 -8.49 29.78 10.54
C SER A 924 -7.71 28.56 11.02
N MET A 925 -6.51 28.77 11.56
CA MET A 925 -5.76 27.66 12.13
C MET A 925 -6.51 27.02 13.28
N GLN A 926 -6.92 27.83 14.27
CA GLN A 926 -7.74 27.30 15.34
C GLN A 926 -9.09 26.82 14.83
N ALA A 927 -9.64 27.47 13.81
CA ALA A 927 -10.94 27.07 13.30
C ALA A 927 -10.90 25.66 12.76
N MET A 928 -9.82 25.30 12.05
CA MET A 928 -9.69 23.95 11.53
C MET A 928 -9.07 22.98 12.52
N ALA A 929 -8.48 23.46 13.62
CA ALA A 929 -7.94 22.54 14.60
C ALA A 929 -8.98 22.13 15.65
N LEU A 930 -9.67 23.10 16.24
CA LEU A 930 -10.72 22.78 17.21
C LEU A 930 -11.82 21.97 16.57
N SER A 931 -12.23 22.35 15.37
CA SER A 931 -13.33 21.68 14.71
C SER A 931 -13.02 20.23 14.39
N GLY A 932 -11.76 19.88 14.15
CA GLY A 932 -11.41 18.54 13.80
C GLY A 932 -11.16 18.29 12.33
N ALA A 933 -11.20 19.35 11.50
CA ALA A 933 -10.92 19.18 10.09
C ALA A 933 -9.48 18.72 9.88
N LYS A 934 -8.55 19.22 10.68
CA LYS A 934 -7.17 18.73 10.63
C LYS A 934 -6.47 19.11 11.93
N GLY A 935 -5.53 18.29 12.34
CA GLY A 935 -4.65 18.63 13.44
C GLY A 935 -5.31 18.53 14.79
N SER A 936 -4.53 18.87 15.81
CA SER A 936 -4.97 18.80 17.19
C SER A 936 -4.58 20.09 17.89
N ASN A 937 -4.83 20.15 19.20
CA ASN A 937 -4.31 21.25 19.99
C ASN A 937 -2.79 21.19 20.09
N VAL A 938 -2.22 19.99 20.02
CA VAL A 938 -0.76 19.87 20.12
C VAL A 938 -0.09 20.49 18.91
N ASN A 939 -0.72 20.39 17.73
CA ASN A 939 -0.13 20.95 16.53
C ASN A 939 -0.08 22.47 16.60
N VAL A 940 -1.20 23.11 16.94
CA VAL A 940 -1.19 24.55 17.06
C VAL A 940 -0.37 24.99 18.26
N SER A 941 -0.19 24.14 19.25
CA SER A 941 0.74 24.45 20.33
C SER A 941 2.17 24.53 19.81
N GLN A 942 2.60 23.51 19.08
CA GLN A 942 3.95 23.50 18.53
C GLN A 942 4.14 24.65 17.55
N ILE A 943 3.11 24.95 16.75
CA ILE A 943 3.21 26.02 15.78
C ILE A 943 3.29 27.38 16.47
N MET A 944 2.57 27.55 17.57
CA MET A 944 2.48 28.85 18.24
C MET A 944 3.20 28.94 19.57
N CYS A 945 3.40 27.84 20.29
CA CYS A 945 3.97 27.92 21.63
C CYS A 945 5.34 27.25 21.73
N LEU A 946 5.42 25.94 21.47
CA LEU A 946 6.69 25.22 21.53
C LEU A 946 6.53 23.76 21.11
N LEU A 947 7.62 23.16 20.64
CA LEU A 947 7.57 21.74 20.30
C LEU A 947 7.54 20.88 21.55
N GLY A 948 8.38 21.19 22.54
CA GLY A 948 8.33 20.49 23.79
C GLY A 948 9.48 19.56 24.07
N GLN A 949 9.19 18.38 24.61
CA GLN A 949 10.20 17.37 24.88
C GLN A 949 10.21 16.33 23.76
N GLN A 950 11.40 15.97 23.33
CA GLN A 950 11.55 14.98 22.28
C GLN A 950 11.73 13.60 22.89
N ALA A 951 10.87 12.66 22.50
CA ALA A 951 10.86 11.32 23.04
C ALA A 951 11.50 10.35 22.05
N LEU A 952 12.50 9.61 22.53
CA LEU A 952 13.16 8.57 21.74
C LEU A 952 13.04 7.28 22.56
N GLU A 953 11.94 6.57 22.36
CA GLU A 953 11.66 5.33 23.10
C GLU A 953 11.62 5.60 24.60
N GLY A 954 10.63 6.41 25.00
CA GLY A 954 10.31 6.62 26.40
C GLY A 954 11.31 7.44 27.18
N ARG A 955 12.54 7.54 26.68
CA ARG A 955 13.61 8.22 27.38
C ARG A 955 13.99 9.49 26.65
N ARG A 956 15.03 10.16 27.16
CA ARG A 956 15.50 11.40 26.58
C ARG A 956 16.49 11.10 25.46
N VAL A 957 17.17 12.13 24.99
CA VAL A 957 18.01 12.02 23.79
C VAL A 957 19.22 11.14 24.09
N PRO A 958 19.61 10.23 23.19
CA PRO A 958 20.75 9.36 23.46
C PRO A 958 22.03 10.16 23.68
N VAL A 959 22.87 9.64 24.59
CA VAL A 959 24.01 10.37 25.11
C VAL A 959 25.30 9.71 24.63
N MET A 960 26.35 10.52 24.53
CA MET A 960 27.66 10.03 24.17
C MET A 960 28.29 9.28 25.34
N VAL A 961 29.40 8.58 25.04
CA VAL A 961 30.15 7.89 26.08
C VAL A 961 30.81 8.89 27.01
N SER A 962 31.08 10.09 26.52
CA SER A 962 31.71 11.11 27.35
C SER A 962 30.80 11.53 28.50
N GLY A 963 29.51 11.70 28.22
CA GLY A 963 28.61 12.31 29.17
C GLY A 963 28.03 13.58 28.61
N LYS A 964 28.13 13.74 27.29
CA LYS A 964 27.58 14.89 26.58
C LYS A 964 26.46 14.41 25.67
N THR A 965 25.34 15.11 25.70
CA THR A 965 24.27 14.81 24.76
C THR A 965 24.66 15.21 23.34
N LEU A 966 25.31 16.36 23.19
CA LEU A 966 25.76 16.86 21.90
C LEU A 966 27.09 17.55 22.11
N PRO A 967 27.87 17.75 21.04
CA PRO A 967 29.15 18.46 21.20
C PRO A 967 28.98 19.87 21.74
N SER A 968 27.83 20.50 21.52
CA SER A 968 27.62 21.87 21.95
C SER A 968 27.41 21.99 23.45
N PHE A 969 27.06 20.90 24.13
CA PHE A 969 26.71 20.94 25.53
C PHE A 969 27.83 20.33 26.37
N LYS A 970 28.01 20.87 27.58
CA LYS A 970 29.07 20.41 28.45
C LYS A 970 28.76 19.02 29.00
N PRO A 971 29.77 18.31 29.50
CA PRO A 971 29.53 16.97 30.06
C PRO A 971 28.48 17.00 31.18
N TYR A 972 27.42 16.21 30.99
CA TYR A 972 26.29 16.14 31.91
C TYR A 972 25.65 17.52 32.10
N GLU A 973 25.21 18.11 30.99
CA GLU A 973 24.64 19.45 31.05
C GLU A 973 23.37 19.44 31.88
N THR A 974 23.45 19.97 33.10
CA THR A 974 22.30 20.02 34.01
C THR A 974 21.38 21.15 33.57
N ASP A 975 20.74 20.93 32.43
CA ASP A 975 19.76 21.87 31.89
C ASP A 975 18.85 21.11 30.95
N ALA A 976 17.54 21.37 31.05
CA ALA A 976 16.59 20.69 30.19
C ALA A 976 16.80 21.00 28.72
N MET A 977 17.48 22.11 28.42
CA MET A 977 17.77 22.44 27.04
C MET A 977 18.59 21.37 26.37
N ALA A 978 19.62 20.86 27.05
CA ALA A 978 20.47 19.83 26.45
C ALA A 978 19.74 18.50 26.33
N GLY A 979 18.75 18.25 27.17
CA GLY A 979 18.11 16.95 27.19
C GLY A 979 17.23 16.68 26.00
N GLY A 980 16.75 17.71 25.33
CA GLY A 980 15.83 17.51 24.22
C GLY A 980 14.58 18.34 24.34
N TYR A 981 14.62 19.36 25.21
CA TYR A 981 13.48 20.25 25.41
C TYR A 981 13.53 21.33 24.34
N VAL A 982 12.68 21.20 23.33
CA VAL A 982 12.66 22.13 22.20
C VAL A 982 11.72 23.26 22.55
N LYS A 983 12.28 24.39 23.00
CA LYS A 983 11.47 25.55 23.34
C LYS A 983 11.00 26.31 22.12
N GLY A 984 11.74 26.24 21.02
CA GLY A 984 11.35 26.97 19.84
C GLY A 984 10.09 26.42 19.20
N ARG A 985 9.45 27.25 18.41
CA ARG A 985 8.22 26.90 17.74
C ARG A 985 8.42 26.97 16.24
N PHE A 986 7.58 26.25 15.51
CA PHE A 986 7.69 26.25 14.06
C PHE A 986 7.40 27.61 13.44
N TYR A 987 6.85 28.55 14.21
CA TYR A 987 6.65 29.90 13.69
C TYR A 987 7.92 30.73 13.81
N SER A 988 8.60 30.69 14.96
CA SER A 988 9.81 31.47 15.17
C SER A 988 11.08 30.71 14.81
N GLY A 989 10.97 29.45 14.42
CA GLY A 989 12.14 28.65 14.09
C GLY A 989 12.76 28.04 15.32
N ILE A 990 13.63 27.05 15.09
CA ILE A 990 14.27 26.34 16.18
C ILE A 990 15.77 26.34 15.98
N LYS A 991 16.49 26.26 17.10
CA LYS A 991 17.95 26.33 17.10
C LYS A 991 18.54 25.08 16.47
N PRO A 992 19.82 25.13 16.09
CA PRO A 992 20.45 23.94 15.48
C PRO A 992 20.41 22.69 16.35
N GLN A 993 20.64 22.82 17.66
CA GLN A 993 20.57 21.64 18.51
C GLN A 993 19.16 21.08 18.56
N GLU A 994 18.18 21.97 18.74
CA GLU A 994 16.79 21.54 18.71
C GLU A 994 16.40 20.99 17.34
N TYR A 995 16.97 21.55 16.26
CA TYR A 995 16.74 20.99 14.93
C TYR A 995 17.28 19.57 14.85
N TYR A 996 18.45 19.32 15.47
CA TYR A 996 19.03 17.99 15.49
C TYR A 996 18.14 17.01 16.23
N PHE A 997 17.64 17.42 17.40
CA PHE A 997 16.76 16.55 18.17
C PHE A 997 15.46 16.28 17.43
N HIS A 998 14.90 17.30 16.80
CA HIS A 998 13.68 17.10 16.02
C HIS A 998 13.92 16.14 14.86
N CYS A 999 15.11 16.22 14.24
CA CYS A 999 15.46 15.25 13.22
C CYS A 999 15.54 13.84 13.80
N MET A 1000 16.14 13.69 14.98
CA MET A 1000 16.16 12.38 15.65
C MET A 1000 14.77 11.82 15.79
N ALA A 1001 13.87 12.62 16.36
CA ALA A 1001 12.51 12.17 16.62
C ALA A 1001 11.78 11.83 15.33
N GLY A 1002 11.93 12.66 14.29
CA GLY A 1002 11.26 12.39 13.03
C GLY A 1002 11.75 11.12 12.36
N ARG A 1003 13.07 10.89 12.39
CA ARG A 1003 13.60 9.66 11.84
C ARG A 1003 13.08 8.45 12.60
N GLU A 1004 13.01 8.56 13.93
CA GLU A 1004 12.46 7.46 14.72
C GLU A 1004 11.01 7.17 14.33
N GLY A 1005 10.21 8.23 14.16
CA GLY A 1005 8.84 8.05 13.76
C GLY A 1005 8.71 7.40 12.39
N LEU A 1006 9.55 7.81 11.44
CA LEU A 1006 9.52 7.18 10.13
C LEU A 1006 9.91 5.72 10.19
N ILE A 1007 10.92 5.39 10.99
CA ILE A 1007 11.35 4.00 11.16
C ILE A 1007 10.20 3.16 11.68
N ASP A 1008 9.55 3.61 12.74
CA ASP A 1008 8.46 2.83 13.33
C ASP A 1008 7.27 2.73 12.39
N THR A 1009 6.95 3.82 11.69
CA THR A 1009 5.86 3.77 10.72
C THR A 1009 6.16 2.75 9.62
N ALA A 1010 7.42 2.67 9.20
CA ALA A 1010 7.80 1.64 8.24
C ALA A 1010 7.63 0.25 8.85
N VAL A 1011 7.95 0.11 10.14
CA VAL A 1011 7.89 -1.20 10.78
C VAL A 1011 6.45 -1.68 10.94
N LYS A 1012 5.56 -0.80 11.37
CA LYS A 1012 4.29 -1.24 11.97
C LYS A 1012 3.43 -2.03 10.98
N THR A 1013 3.27 -1.54 9.76
CA THR A 1013 2.40 -2.21 8.81
C THR A 1013 2.93 -3.61 8.49
N SER A 1014 4.24 -3.72 8.27
CA SER A 1014 4.80 -5.01 7.89
C SER A 1014 4.82 -5.97 9.07
N ARG A 1015 5.24 -5.50 10.25
CA ARG A 1015 5.38 -6.38 11.40
C ARG A 1015 4.03 -6.93 11.83
N SER A 1016 3.00 -6.09 11.86
CA SER A 1016 1.70 -6.46 12.41
C SER A 1016 0.77 -7.07 11.37
N GLY A 1017 1.22 -7.26 10.13
CA GLY A 1017 0.41 -7.95 9.15
C GLY A 1017 0.49 -9.45 9.22
N TYR A 1018 1.62 -9.98 9.71
CA TYR A 1018 1.76 -11.43 9.85
C TYR A 1018 0.73 -11.98 10.82
N LEU A 1019 0.51 -11.27 11.93
CA LEU A 1019 -0.49 -11.70 12.90
C LEU A 1019 -1.87 -11.75 12.28
N GLN A 1020 -2.23 -10.74 11.49
CA GLN A 1020 -3.53 -10.75 10.84
C GLN A 1020 -3.63 -11.89 9.83
N ARG A 1021 -2.53 -12.19 9.13
CA ARG A 1021 -2.55 -13.32 8.21
C ARG A 1021 -2.75 -14.64 8.96
N CYS A 1022 -2.08 -14.81 10.11
CA CYS A 1022 -2.30 -15.99 10.94
C CYS A 1022 -3.77 -16.12 11.32
N LEU A 1023 -4.34 -15.05 11.86
CA LEU A 1023 -5.73 -15.09 12.30
C LEU A 1023 -6.65 -15.41 11.14
N THR A 1024 -6.45 -14.76 10.00
CA THR A 1024 -7.34 -14.94 8.86
C THR A 1024 -7.23 -16.34 8.28
N LYS A 1025 -6.05 -16.96 8.34
CA LYS A 1025 -5.93 -18.33 7.88
C LYS A 1025 -6.63 -19.28 8.82
N GLN A 1026 -6.54 -19.03 10.13
CA GLN A 1026 -7.23 -19.92 11.06
C GLN A 1026 -8.74 -19.74 10.98
N LEU A 1027 -9.21 -18.52 11.26
CA LEU A 1027 -10.63 -18.22 11.38
C LEU A 1027 -11.30 -17.99 10.04
N GLU A 1028 -10.73 -18.51 8.96
CA GLU A 1028 -11.29 -18.24 7.64
C GLU A 1028 -12.69 -18.80 7.48
N GLY A 1029 -13.00 -19.92 8.14
CA GLY A 1029 -14.26 -20.59 7.95
C GLY A 1029 -15.25 -20.42 9.09
N VAL A 1030 -14.80 -19.85 10.21
CA VAL A 1030 -15.66 -19.64 11.36
C VAL A 1030 -16.74 -18.64 11.01
N HIS A 1031 -17.97 -19.11 10.82
CA HIS A 1031 -19.07 -18.24 10.40
C HIS A 1031 -20.24 -18.45 11.34
N VAL A 1032 -21.40 -17.90 10.96
CA VAL A 1032 -22.63 -18.05 11.74
C VAL A 1032 -23.52 -19.07 11.04
N SER A 1033 -23.93 -20.10 11.78
CA SER A 1033 -24.78 -21.14 11.24
C SER A 1033 -26.25 -20.70 11.32
N TYR A 1034 -27.15 -21.63 11.06
CA TYR A 1034 -28.57 -21.33 11.18
C TYR A 1034 -29.14 -21.67 12.55
N ASP A 1035 -28.34 -22.28 13.44
CA ASP A 1035 -28.69 -22.35 14.84
C ASP A 1035 -28.29 -21.09 15.58
N ASN A 1036 -27.82 -20.07 14.86
CA ASN A 1036 -27.24 -18.87 15.45
C ASN A 1036 -26.04 -19.22 16.32
N SER A 1037 -25.41 -20.34 16.02
CA SER A 1037 -24.19 -20.78 16.68
C SER A 1037 -23.04 -20.72 15.68
N ILE A 1038 -21.91 -20.19 16.12
CA ILE A 1038 -20.77 -19.99 15.24
C ILE A 1038 -19.89 -21.23 15.29
N ARG A 1039 -19.48 -21.70 14.11
CA ARG A 1039 -18.74 -22.94 14.01
C ARG A 1039 -17.86 -22.90 12.77
N ASP A 1040 -16.89 -23.81 12.73
CA ASP A 1040 -15.96 -23.86 11.61
C ASP A 1040 -16.66 -24.38 10.35
N ALA A 1041 -15.86 -24.54 9.30
CA ALA A 1041 -16.38 -25.07 8.05
C ALA A 1041 -16.83 -26.51 8.20
N ASP A 1042 -16.00 -27.34 8.86
CA ASP A 1042 -16.38 -28.72 9.11
C ASP A 1042 -17.63 -28.80 9.98
N GLY A 1043 -17.63 -28.07 11.10
CA GLY A 1043 -18.78 -28.08 11.98
C GLY A 1043 -18.44 -28.02 13.45
N THR A 1044 -17.16 -28.00 13.81
CA THR A 1044 -16.81 -28.03 15.23
C THR A 1044 -17.29 -26.77 15.92
N LEU A 1045 -18.37 -26.87 16.66
CA LEU A 1045 -19.03 -25.70 17.23
C LEU A 1045 -18.07 -24.89 18.08
N VAL A 1046 -17.95 -23.60 17.77
CA VAL A 1046 -17.05 -22.70 18.47
C VAL A 1046 -17.77 -21.97 19.60
N GLN A 1047 -18.89 -21.34 19.30
CA GLN A 1047 -19.77 -20.79 20.31
C GLN A 1047 -21.21 -21.07 19.91
N PHE A 1048 -22.10 -21.02 20.90
CA PHE A 1048 -23.51 -21.27 20.67
C PHE A 1048 -24.29 -20.01 20.36
N MET A 1049 -23.89 -18.88 20.93
CA MET A 1049 -24.55 -17.61 20.67
C MET A 1049 -23.47 -16.56 20.43
N TYR A 1050 -23.59 -15.84 19.31
CA TYR A 1050 -22.62 -14.82 18.96
C TYR A 1050 -22.52 -13.76 20.05
N GLY A 1051 -21.39 -13.69 20.72
CA GLY A 1051 -21.21 -12.76 21.82
C GLY A 1051 -22.14 -12.97 22.99
N GLY A 1052 -22.95 -14.03 22.96
CA GLY A 1052 -23.96 -14.26 23.96
C GLY A 1052 -25.32 -13.66 23.64
N ASP A 1053 -25.43 -12.87 22.57
CA ASP A 1053 -26.70 -12.25 22.21
C ASP A 1053 -27.00 -12.27 20.72
N ALA A 1054 -26.03 -12.57 19.87
CA ALA A 1054 -26.23 -12.64 18.41
C ALA A 1054 -26.66 -11.30 17.83
N ILE A 1055 -26.06 -10.21 18.30
CA ILE A 1055 -26.36 -8.88 17.81
C ILE A 1055 -25.27 -8.45 16.85
N ASP A 1056 -25.66 -7.99 15.67
CA ASP A 1056 -24.69 -7.50 14.70
C ASP A 1056 -24.14 -6.16 15.16
N ILE A 1057 -22.81 -6.04 15.18
CA ILE A 1057 -22.19 -4.81 15.64
C ILE A 1057 -22.42 -3.68 14.65
N THR A 1058 -22.69 -4.00 13.39
CA THR A 1058 -23.07 -2.99 12.41
C THR A 1058 -24.51 -2.54 12.58
N LYS A 1059 -25.26 -3.16 13.49
CA LYS A 1059 -26.64 -2.76 13.77
C LYS A 1059 -26.87 -2.59 15.26
N GLU A 1060 -25.81 -2.55 16.06
CA GLU A 1060 -25.87 -2.41 17.51
C GLU A 1060 -25.76 -0.96 17.96
N SER A 1061 -25.56 -0.02 17.03
CA SER A 1061 -25.20 1.34 17.41
C SER A 1061 -26.30 2.01 18.22
N HIS A 1062 -27.53 1.98 17.70
CA HIS A 1062 -28.64 2.66 18.36
C HIS A 1062 -29.63 1.66 18.91
N MET A 1063 -29.12 0.64 19.60
CA MET A 1063 -30.00 -0.30 20.29
C MET A 1063 -30.21 0.08 21.74
N THR A 1064 -29.22 0.74 22.35
CA THR A 1064 -29.34 1.22 23.72
C THR A 1064 -29.43 2.74 23.79
N GLN A 1065 -29.80 3.38 22.68
CA GLN A 1065 -30.07 4.81 22.67
C GLN A 1065 -31.58 5.02 22.81
N PHE A 1066 -32.07 4.69 24.00
CA PHE A 1066 -33.51 4.66 24.21
C PHE A 1066 -34.15 6.02 24.02
N GLU A 1067 -33.50 7.07 24.52
CA GLU A 1067 -34.07 8.41 24.38
C GLU A 1067 -34.19 8.81 22.93
N PHE A 1068 -33.17 8.50 22.13
CA PHE A 1068 -33.25 8.72 20.69
C PHE A 1068 -34.39 7.92 20.09
N CYS A 1069 -34.55 6.66 20.51
CA CYS A 1069 -35.59 5.81 19.95
C CYS A 1069 -36.98 6.36 20.27
N LEU A 1070 -37.16 6.88 21.47
CA LEU A 1070 -38.44 7.43 21.86
C LEU A 1070 -38.73 8.74 21.14
N ASP A 1071 -37.72 9.59 20.98
CA ASP A 1071 -37.94 10.87 20.31
C ASP A 1071 -38.40 10.66 18.87
N ASN A 1072 -37.77 9.74 18.16
CA ASN A 1072 -38.12 9.42 16.78
C ASN A 1072 -39.00 8.18 16.72
N TYR A 1073 -39.85 7.98 17.73
CA TYR A 1073 -40.61 6.75 17.82
C TYR A 1073 -41.45 6.52 16.57
N TYR A 1074 -42.08 7.57 16.05
CA TYR A 1074 -42.95 7.39 14.90
C TYR A 1074 -42.17 7.01 13.65
N ALA A 1075 -40.99 7.61 13.44
CA ALA A 1075 -40.19 7.28 12.27
C ALA A 1075 -39.73 5.83 12.31
N LEU A 1076 -39.23 5.39 13.46
CA LEU A 1076 -38.81 3.99 13.60
C LEU A 1076 -40.00 3.06 13.43
N LEU A 1077 -41.14 3.41 14.00
CA LEU A 1077 -42.31 2.55 13.87
C LEU A 1077 -42.75 2.43 12.41
N LYS A 1078 -42.63 3.52 11.65
CA LYS A 1078 -42.90 3.45 10.22
C LYS A 1078 -41.88 2.59 9.50
N LYS A 1079 -40.61 2.66 9.92
CA LYS A 1079 -39.56 1.92 9.21
C LYS A 1079 -39.66 0.43 9.44
N TYR A 1080 -40.15 0.00 10.60
CA TYR A 1080 -40.24 -1.43 10.86
C TYR A 1080 -41.55 -2.04 10.39
N ASN A 1081 -42.64 -1.26 10.43
CA ASN A 1081 -43.95 -1.68 9.94
C ASN A 1081 -44.35 -3.03 10.53
N PRO A 1082 -44.68 -3.10 11.82
CA PRO A 1082 -45.02 -4.39 12.42
C PRO A 1082 -46.34 -4.96 11.92
N SER A 1083 -46.94 -4.35 10.91
CA SER A 1083 -48.19 -4.87 10.35
C SER A 1083 -47.99 -6.25 9.72
N ALA A 1084 -46.93 -6.39 8.91
CA ALA A 1084 -46.62 -7.64 8.26
C ALA A 1084 -45.50 -8.42 8.94
N LEU A 1085 -45.10 -8.00 10.16
CA LEU A 1085 -44.11 -8.73 10.94
C LEU A 1085 -44.71 -9.40 12.17
N ILE A 1086 -46.01 -9.71 12.15
CA ILE A 1086 -46.65 -10.48 13.20
C ILE A 1086 -47.38 -11.70 12.67
N GLU A 1087 -47.70 -11.75 11.38
CA GLU A 1087 -48.42 -12.89 10.81
C GLU A 1087 -47.59 -14.17 10.79
N HIS A 1088 -46.28 -14.09 11.07
CA HIS A 1088 -45.43 -15.27 11.09
C HIS A 1088 -44.43 -15.22 12.24
N LEU A 1089 -44.78 -14.58 13.36
CA LEU A 1089 -43.88 -14.50 14.50
C LEU A 1089 -44.66 -14.69 15.79
N ASP A 1090 -44.12 -15.51 16.69
CA ASP A 1090 -44.71 -15.70 18.01
C ASP A 1090 -44.15 -14.67 18.99
N VAL A 1091 -45.02 -14.19 19.88
CA VAL A 1091 -44.68 -13.15 20.84
C VAL A 1091 -44.92 -13.61 22.27
N GLU A 1092 -46.06 -14.25 22.51
CA GLU A 1092 -46.55 -14.45 23.87
C GLU A 1092 -45.62 -15.35 24.68
N SER A 1093 -45.18 -16.47 24.10
CA SER A 1093 -44.38 -17.43 24.84
C SER A 1093 -43.03 -16.85 25.24
N ALA A 1094 -42.34 -16.22 24.29
CA ALA A 1094 -41.04 -15.66 24.58
C ALA A 1094 -41.15 -14.52 25.59
N LEU A 1095 -42.18 -13.69 25.47
CA LEU A 1095 -42.36 -12.62 26.45
C LEU A 1095 -42.65 -13.20 27.84
N LYS A 1096 -43.47 -14.25 27.90
CA LYS A 1096 -43.76 -14.89 29.18
C LYS A 1096 -42.49 -15.41 29.83
N TYR A 1097 -41.68 -16.14 29.08
CA TYR A 1097 -40.48 -16.72 29.68
C TYR A 1097 -39.49 -15.64 30.05
N SER A 1098 -39.40 -14.58 29.25
CA SER A 1098 -38.50 -13.47 29.60
C SER A 1098 -38.93 -12.83 30.91
N LYS A 1099 -40.24 -12.62 31.09
CA LYS A 1099 -40.75 -12.09 32.34
C LYS A 1099 -40.44 -13.02 33.50
N LYS A 1100 -40.65 -14.33 33.29
CA LYS A 1100 -40.42 -15.30 34.37
C LYS A 1100 -38.96 -15.31 34.80
N THR A 1101 -38.04 -15.33 33.84
CA THR A 1101 -36.62 -15.34 34.20
C THR A 1101 -36.18 -14.01 34.79
N LEU A 1102 -36.77 -12.90 34.32
CA LEU A 1102 -36.46 -11.60 34.92
C LEU A 1102 -36.89 -11.58 36.39
N LYS A 1103 -38.07 -12.11 36.68
CA LYS A 1103 -38.54 -12.18 38.06
C LYS A 1103 -37.67 -13.10 38.90
N TYR A 1104 -37.28 -14.24 38.33
CA TYR A 1104 -36.42 -15.19 39.04
C TYR A 1104 -35.05 -14.57 39.35
N ARG A 1105 -34.49 -13.84 38.39
CA ARG A 1105 -33.20 -13.20 38.62
C ARG A 1105 -33.32 -12.11 39.68
N LYS A 1106 -34.36 -11.29 39.61
CA LYS A 1106 -34.57 -10.30 40.66
C LYS A 1106 -34.78 -10.96 42.01
N LYS A 1107 -35.33 -12.18 42.01
CA LYS A 1107 -35.38 -12.97 43.24
C LYS A 1107 -33.98 -13.35 43.72
N HIS A 1108 -33.00 -13.38 42.83
CA HIS A 1108 -31.66 -13.86 43.11
C HIS A 1108 -30.65 -12.72 42.98
N SER A 1109 -29.36 -13.08 42.97
CA SER A 1109 -28.18 -12.21 42.91
C SER A 1109 -27.83 -11.61 44.26
N LYS A 1110 -28.38 -12.13 45.36
CA LYS A 1110 -27.84 -11.79 46.68
C LYS A 1110 -26.50 -12.48 46.90
N GLU A 1111 -26.34 -13.70 46.39
CA GLU A 1111 -25.23 -14.60 46.58
C GLU A 1111 -24.29 -14.55 45.39
N PRO A 1112 -23.04 -14.97 45.57
CA PRO A 1112 -22.09 -15.00 44.44
C PRO A 1112 -22.51 -15.98 43.35
N HIS A 1113 -21.72 -15.99 42.28
CA HIS A 1113 -22.16 -16.61 41.03
C HIS A 1113 -22.21 -18.13 41.10
N TYR A 1114 -21.34 -18.75 41.91
CA TYR A 1114 -21.31 -20.22 41.92
C TYR A 1114 -22.58 -20.79 42.56
N LYS A 1115 -23.09 -20.14 43.62
CA LYS A 1115 -24.28 -20.64 44.28
C LYS A 1115 -25.55 -20.43 43.46
N GLN A 1116 -25.51 -19.58 42.43
CA GLN A 1116 -26.71 -19.20 41.70
C GLN A 1116 -27.14 -20.32 40.76
N SER A 1117 -27.83 -21.30 41.34
CA SER A 1117 -28.39 -22.37 40.53
C SER A 1117 -29.38 -21.79 39.51
N VAL A 1118 -29.28 -22.24 38.26
CA VAL A 1118 -30.02 -21.59 37.18
C VAL A 1118 -31.52 -21.87 37.32
N LYS A 1119 -31.91 -23.13 37.20
CA LYS A 1119 -33.32 -23.55 37.28
C LYS A 1119 -34.12 -22.94 36.12
N TYR A 1120 -33.48 -22.08 35.33
CA TYR A 1120 -34.17 -21.30 34.32
C TYR A 1120 -33.11 -20.74 33.38
N ASP A 1121 -33.21 -21.10 32.11
CA ASP A 1121 -32.23 -20.69 31.13
C ASP A 1121 -32.48 -19.25 30.68
N PRO A 1122 -31.46 -18.58 30.16
CA PRO A 1122 -31.70 -17.32 29.45
C PRO A 1122 -32.54 -17.57 28.21
N VAL A 1123 -33.32 -16.56 27.83
CA VAL A 1123 -34.30 -16.74 26.76
C VAL A 1123 -33.63 -17.12 25.45
N LEU A 1124 -32.46 -16.54 25.18
CA LEU A 1124 -31.77 -16.85 23.93
C LEU A 1124 -31.37 -18.31 23.84
N ALA A 1125 -30.98 -18.90 24.97
CA ALA A 1125 -30.60 -20.31 24.97
C ALA A 1125 -31.80 -21.20 24.68
N LYS A 1126 -32.97 -20.81 25.16
CA LYS A 1126 -34.17 -21.61 24.96
C LYS A 1126 -34.93 -21.23 23.70
N TYR A 1127 -35.05 -19.94 23.41
CA TYR A 1127 -35.87 -19.46 22.31
C TYR A 1127 -35.02 -18.73 21.27
N ASN A 1128 -35.42 -18.86 20.01
CA ASN A 1128 -34.67 -18.31 18.91
C ASN A 1128 -34.97 -16.83 18.76
N PRO A 1129 -33.98 -15.94 18.95
CA PRO A 1129 -34.28 -14.50 18.90
C PRO A 1129 -34.81 -14.03 17.57
N ALA A 1130 -34.53 -14.75 16.49
CA ALA A 1130 -35.02 -14.36 15.17
C ALA A 1130 -36.36 -14.96 14.83
N LYS A 1131 -36.93 -15.77 15.72
CA LYS A 1131 -38.23 -16.39 15.49
C LYS A 1131 -39.25 -16.06 16.56
N TYR A 1132 -38.82 -15.73 17.77
CA TYR A 1132 -39.71 -15.40 18.87
C TYR A 1132 -39.40 -13.98 19.33
N LEU A 1133 -40.39 -13.10 19.24
CA LEU A 1133 -40.23 -11.75 19.74
C LEU A 1133 -40.08 -11.74 21.25
N GLY A 1134 -39.18 -10.91 21.74
CA GLY A 1134 -38.93 -10.79 23.17
C GLY A 1134 -37.78 -11.61 23.68
N SER A 1135 -37.22 -12.48 22.85
CA SER A 1135 -36.06 -13.28 23.23
C SER A 1135 -34.84 -12.39 23.17
N VAL A 1136 -34.50 -11.76 24.28
CA VAL A 1136 -33.44 -10.77 24.34
C VAL A 1136 -32.51 -11.08 25.50
N SER A 1137 -31.32 -10.50 25.44
CA SER A 1137 -30.28 -10.79 26.41
C SER A 1137 -30.60 -10.17 27.76
N GLU A 1138 -29.89 -10.63 28.79
CA GLU A 1138 -30.17 -10.20 30.16
C GLU A 1138 -29.76 -8.75 30.39
N ASN A 1139 -28.55 -8.38 29.98
CA ASN A 1139 -28.09 -7.02 30.24
C ASN A 1139 -28.89 -6.00 29.44
N PHE A 1140 -29.23 -6.31 28.19
CA PHE A 1140 -30.06 -5.40 27.40
C PHE A 1140 -31.43 -5.21 28.04
N GLN A 1141 -32.08 -6.31 28.41
CA GLN A 1141 -33.41 -6.21 28.99
C GLN A 1141 -33.36 -5.46 30.32
N ASP A 1142 -32.32 -5.68 31.11
CA ASP A 1142 -32.20 -4.98 32.38
C ASP A 1142 -31.99 -3.49 32.17
N LYS A 1143 -31.18 -3.10 31.18
CA LYS A 1143 -30.98 -1.67 30.95
C LYS A 1143 -32.24 -1.01 30.40
N LEU A 1144 -32.96 -1.71 29.52
CA LEU A 1144 -34.24 -1.18 29.04
C LEU A 1144 -35.23 -1.02 30.19
N GLU A 1145 -35.27 -1.99 31.10
CA GLU A 1145 -36.15 -1.88 32.25
C GLU A 1145 -35.75 -0.74 33.16
N SER A 1146 -34.44 -0.53 33.37
CA SER A 1146 -34.01 0.61 34.17
C SER A 1146 -34.42 1.93 33.52
N PHE A 1147 -34.26 2.03 32.20
CA PHE A 1147 -34.70 3.23 31.50
C PHE A 1147 -36.19 3.46 31.66
N LEU A 1148 -37.00 2.41 31.48
CA LEU A 1148 -38.45 2.55 31.64
C LEU A 1148 -38.86 2.76 33.08
N ASP A 1149 -37.99 2.44 34.04
CA ASP A 1149 -38.32 2.64 35.45
C ASP A 1149 -37.78 3.94 36.02
N LYS A 1150 -36.93 4.66 35.28
CA LYS A 1150 -36.50 5.99 35.69
C LYS A 1150 -37.15 7.10 34.87
N ASN A 1151 -37.77 6.77 33.74
CA ASN A 1151 -38.33 7.77 32.82
C ASN A 1151 -39.80 7.44 32.57
N SER A 1152 -40.67 7.92 33.47
CA SER A 1152 -42.11 7.69 33.38
C SER A 1152 -42.73 8.90 32.70
N LYS A 1153 -42.95 8.78 31.40
CA LYS A 1153 -43.49 9.89 30.61
C LYS A 1153 -44.72 9.46 29.80
N GLY A 1160 -47.97 10.46 21.00
CA GLY A 1160 -48.65 9.55 21.91
C GLY A 1160 -48.02 8.18 22.00
N VAL A 1161 -47.14 7.99 22.98
CA VAL A 1161 -46.39 6.75 23.15
C VAL A 1161 -46.54 6.28 24.59
N ASN A 1162 -46.87 5.00 24.76
CA ASN A 1162 -46.97 4.37 26.06
C ASN A 1162 -45.75 3.48 26.30
N GLU A 1163 -45.71 2.84 27.47
CA GLU A 1163 -44.57 1.99 27.77
C GLU A 1163 -44.64 0.67 27.02
N LYS A 1164 -45.82 0.06 26.94
CA LYS A 1164 -45.92 -1.23 26.27
C LYS A 1164 -45.60 -1.12 24.78
N LYS A 1165 -46.09 -0.07 24.11
CA LYS A 1165 -45.78 0.08 22.70
C LYS A 1165 -44.31 0.38 22.48
N PHE A 1166 -43.70 1.15 23.38
CA PHE A 1166 -42.27 1.43 23.25
C PHE A 1166 -41.44 0.16 23.42
N ARG A 1167 -41.79 -0.69 24.39
CA ARG A 1167 -41.01 -1.91 24.54
C ARG A 1167 -41.29 -2.88 23.39
N ALA A 1168 -42.49 -2.85 22.82
CA ALA A 1168 -42.74 -3.65 21.62
C ALA A 1168 -41.87 -3.20 20.46
N LEU A 1169 -41.75 -1.89 20.25
CA LEU A 1169 -40.89 -1.39 19.18
C LEU A 1169 -39.44 -1.73 19.45
N MET A 1170 -38.97 -1.55 20.69
CA MET A 1170 -37.58 -1.87 21.00
C MET A 1170 -37.27 -3.34 20.78
N GLN A 1171 -38.19 -4.23 21.19
CA GLN A 1171 -37.94 -5.65 21.03
C GLN A 1171 -38.00 -6.08 19.56
N LEU A 1172 -38.89 -5.47 18.77
CA LEU A 1172 -38.86 -5.75 17.34
C LEU A 1172 -37.55 -5.26 16.72
N LYS A 1173 -37.06 -4.11 17.16
CA LYS A 1173 -35.78 -3.61 16.66
C LYS A 1173 -34.65 -4.55 17.03
N TYR A 1174 -34.69 -5.12 18.23
CA TYR A 1174 -33.73 -6.15 18.60
C TYR A 1174 -33.85 -7.36 17.70
N MET A 1175 -35.08 -7.76 17.37
CA MET A 1175 -35.28 -8.88 16.46
C MET A 1175 -34.70 -8.60 15.09
N ARG A 1176 -34.64 -7.35 14.69
CA ARG A 1176 -34.05 -7.02 13.40
C ARG A 1176 -32.56 -6.68 13.51
N SER A 1177 -32.01 -6.62 14.72
CA SER A 1177 -30.60 -6.32 14.94
C SER A 1177 -29.80 -7.57 15.29
N LEU A 1178 -30.12 -8.70 14.66
CA LEU A 1178 -29.41 -9.94 14.85
C LEU A 1178 -28.54 -10.23 13.63
N ILE A 1179 -27.36 -10.78 13.87
CA ILE A 1179 -26.45 -11.12 12.78
C ILE A 1179 -27.09 -12.18 11.89
N ASN A 1180 -27.08 -11.95 10.59
CA ASN A 1180 -27.69 -12.90 9.68
C ASN A 1180 -26.86 -14.19 9.63
N PRO A 1181 -27.52 -15.32 9.39
CA PRO A 1181 -26.77 -16.57 9.22
C PRO A 1181 -25.83 -16.49 8.02
N GLY A 1182 -24.64 -17.06 8.19
CA GLY A 1182 -23.68 -17.09 7.12
C GLY A 1182 -22.71 -15.93 7.09
N GLU A 1183 -22.48 -15.26 8.20
CA GLU A 1183 -21.54 -14.15 8.25
C GLU A 1183 -20.15 -14.65 8.61
N ALA A 1184 -19.15 -14.22 7.84
CA ALA A 1184 -17.77 -14.61 8.12
C ALA A 1184 -17.31 -13.88 9.37
N VAL A 1185 -17.79 -14.34 10.52
CA VAL A 1185 -17.42 -13.70 11.77
C VAL A 1185 -15.95 -13.93 12.09
N GLY A 1186 -15.38 -15.03 11.62
CA GLY A 1186 -13.95 -15.24 11.80
C GLY A 1186 -13.13 -14.21 11.05
N ILE A 1187 -13.47 -13.97 9.79
CA ILE A 1187 -12.74 -12.98 9.00
C ILE A 1187 -12.90 -11.60 9.63
N ILE A 1188 -14.13 -11.25 9.99
CA ILE A 1188 -14.39 -9.93 10.57
C ILE A 1188 -13.64 -9.77 11.88
N ALA A 1189 -13.64 -10.81 12.71
CA ALA A 1189 -12.89 -10.73 13.97
C ALA A 1189 -11.40 -10.59 13.71
N SER A 1190 -10.87 -11.34 12.76
CA SER A 1190 -9.43 -11.24 12.48
C SER A 1190 -9.05 -9.86 11.99
N GLN A 1191 -9.84 -9.29 11.08
CA GLN A 1191 -9.57 -7.95 10.60
C GLN A 1191 -9.70 -6.92 11.71
N SER A 1192 -10.74 -7.05 12.53
CA SER A 1192 -11.00 -6.10 13.59
C SER A 1192 -10.02 -6.19 14.74
N VAL A 1193 -9.28 -7.29 14.85
CA VAL A 1193 -8.22 -7.39 15.85
C VAL A 1193 -6.85 -7.08 15.26
N GLY A 1194 -6.67 -7.25 13.95
CA GLY A 1194 -5.39 -7.00 13.32
C GLY A 1194 -5.24 -5.59 12.78
N GLU A 1195 -6.25 -5.09 12.06
CA GLU A 1195 -6.15 -3.75 11.50
C GLU A 1195 -5.97 -2.68 12.56
N PRO A 1196 -6.82 -2.58 13.59
CA PRO A 1196 -6.58 -1.56 14.62
C PRO A 1196 -5.26 -1.75 15.34
N SER A 1197 -4.72 -2.97 15.35
CA SER A 1197 -3.44 -3.21 16.00
C SER A 1197 -2.31 -2.47 15.31
N THR A 1198 -2.54 -1.97 14.09
CA THR A 1198 -1.52 -1.20 13.40
C THR A 1198 -1.15 0.06 14.19
N GLN A 1199 -2.15 0.79 14.67
CA GLN A 1199 -1.90 2.02 15.42
C GLN A 1199 -1.11 1.74 16.70
N LEU A 1217 3.66 -4.80 26.07
CA LEU A 1217 2.57 -3.90 25.69
C LEU A 1217 2.56 -3.65 24.18
N GLY A 1218 1.37 -3.49 23.62
CA GLY A 1218 1.23 -3.24 22.20
C GLY A 1218 1.29 -4.53 21.39
N ILE A 1219 1.73 -4.39 20.14
CA ILE A 1219 1.76 -5.54 19.23
C ILE A 1219 2.54 -6.71 19.80
N PRO A 1220 3.75 -6.54 20.37
CA PRO A 1220 4.41 -7.70 20.96
C PRO A 1220 3.57 -8.40 22.02
N ARG A 1221 2.82 -7.64 22.82
CA ARG A 1221 1.89 -8.26 23.76
C ARG A 1221 0.90 -9.15 23.04
N LEU A 1222 0.34 -8.67 21.93
CA LEU A 1222 -0.53 -9.52 21.12
C LEU A 1222 0.18 -10.81 20.74
N ARG A 1223 1.45 -10.72 20.34
CA ARG A 1223 2.17 -11.91 19.93
C ARG A 1223 2.35 -12.87 21.10
N GLU A 1224 2.36 -12.36 22.33
CA GLU A 1224 2.48 -13.21 23.49
C GLU A 1224 1.16 -13.88 23.87
N ILE A 1225 0.06 -13.51 23.22
CA ILE A 1225 -1.27 -14.01 23.56
C ILE A 1225 -1.91 -14.74 22.39
N VAL A 1226 -1.75 -14.22 21.18
CA VAL A 1226 -2.39 -14.85 20.02
C VAL A 1226 -1.47 -15.86 19.36
N MET A 1227 -0.21 -15.50 19.15
CA MET A 1227 0.66 -16.26 18.26
C MET A 1227 1.62 -17.19 18.99
N THR A 1228 2.23 -16.75 20.09
CA THR A 1228 3.36 -17.44 20.70
C THR A 1228 3.06 -17.82 22.15
N ALA A 1229 1.87 -18.37 22.39
CA ALA A 1229 1.47 -18.82 23.72
C ALA A 1229 1.61 -17.72 24.77
N ASN A 1544 -3.00 -13.12 35.44
CA ASN A 1544 -2.49 -12.47 34.23
C ASN A 1544 -2.04 -13.49 33.20
N ASP A 1545 -1.10 -14.35 33.57
CA ASP A 1545 -0.54 -15.28 32.61
C ASP A 1545 -1.54 -16.39 32.30
N VAL A 1546 -1.76 -16.65 31.02
CA VAL A 1546 -2.74 -17.65 30.61
C VAL A 1546 -2.31 -19.03 31.10
N ALA A 1547 -1.02 -19.32 31.07
CA ALA A 1547 -0.54 -20.65 31.47
C ALA A 1547 -0.85 -20.92 32.93
N ALA A 1548 -0.58 -19.95 33.80
CA ALA A 1548 -0.82 -20.14 35.23
C ALA A 1548 -2.32 -20.30 35.52
N VAL A 1549 -3.14 -19.43 34.95
CA VAL A 1549 -4.57 -19.48 35.22
C VAL A 1549 -5.20 -20.75 34.62
N LEU A 1550 -4.64 -21.27 33.53
CA LEU A 1550 -5.16 -22.53 32.99
C LEU A 1550 -4.71 -23.71 33.84
N LYS A 1551 -3.45 -23.72 34.28
CA LYS A 1551 -2.96 -24.83 35.07
C LYS A 1551 -3.54 -24.86 36.48
N THR A 1552 -4.04 -23.73 36.97
CA THR A 1552 -4.68 -23.69 38.29
C THR A 1552 -6.20 -23.66 38.21
N TYR A 1553 -6.79 -22.78 37.41
CA TYR A 1553 -8.22 -22.51 37.47
C TYR A 1553 -9.01 -23.12 36.32
N GLY A 1554 -8.36 -23.73 35.35
CA GLY A 1554 -9.11 -24.38 34.29
C GLY A 1554 -9.19 -23.58 33.01
N VAL A 1555 -10.08 -24.05 32.13
CA VAL A 1555 -10.12 -23.57 30.75
C VAL A 1555 -10.95 -22.30 30.61
N GLU A 1556 -12.06 -22.18 31.36
CA GLU A 1556 -12.88 -20.98 31.24
C GLU A 1556 -12.18 -19.78 31.87
N ALA A 1557 -11.43 -19.99 32.94
CA ALA A 1557 -10.61 -18.92 33.48
C ALA A 1557 -9.56 -18.50 32.47
N ALA A 1558 -8.99 -19.46 31.74
CA ALA A 1558 -8.05 -19.12 30.69
C ALA A 1558 -8.71 -18.28 29.61
N ARG A 1559 -9.94 -18.63 29.22
CA ARG A 1559 -10.65 -17.84 28.23
C ARG A 1559 -10.89 -16.41 28.72
N ASN A 1560 -11.33 -16.26 29.96
CA ASN A 1560 -11.56 -14.92 30.51
C ASN A 1560 -10.28 -14.12 30.58
N THR A 1561 -9.18 -14.75 30.99
CA THR A 1561 -7.89 -14.07 31.03
C THR A 1561 -7.45 -13.65 29.63
N ILE A 1562 -7.65 -14.52 28.66
CA ILE A 1562 -7.31 -14.19 27.28
C ILE A 1562 -8.05 -12.94 26.84
N VAL A 1563 -9.38 -12.93 27.05
CA VAL A 1563 -10.17 -11.78 26.62
C VAL A 1563 -9.74 -10.51 27.36
N ASN A 1564 -9.55 -10.61 28.68
CA ASN A 1564 -9.19 -9.42 29.46
C ASN A 1564 -7.85 -8.84 29.00
N GLU A 1565 -6.84 -9.69 28.80
CA GLU A 1565 -5.54 -9.17 28.42
C GLU A 1565 -5.49 -8.74 26.96
N ILE A 1566 -6.21 -9.43 26.07
CA ILE A 1566 -6.29 -9.02 24.68
C ILE A 1566 -7.17 -7.80 24.51
N ASN A 1567 -7.86 -7.37 25.56
CA ASN A 1567 -8.64 -6.14 25.54
C ASN A 1567 -7.88 -4.96 26.14
N ASN A 1568 -7.33 -5.11 27.35
CA ASN A 1568 -6.76 -3.95 28.02
C ASN A 1568 -5.53 -3.40 27.31
N VAL A 1569 -4.85 -4.20 26.48
CA VAL A 1569 -3.82 -3.62 25.63
C VAL A 1569 -4.44 -2.73 24.56
N PHE A 1570 -5.56 -3.17 23.98
CA PHE A 1570 -6.31 -2.31 23.05
C PHE A 1570 -6.82 -1.07 23.76
N SER A 1571 -7.27 -1.23 25.01
CA SER A 1571 -7.81 -0.10 25.76
C SER A 1571 -6.76 0.98 25.97
N ARG A 1572 -5.53 0.59 26.34
CA ARG A 1572 -4.49 1.57 26.59
C ARG A 1572 -4.18 2.41 25.36
N TYR A 1573 -4.46 1.88 24.18
CA TYR A 1573 -4.40 2.65 22.94
C TYR A 1573 -5.71 3.35 22.63
N ALA A 1574 -6.72 3.21 23.49
CA ALA A 1574 -8.02 3.88 23.33
C ALA A 1574 -8.66 3.55 21.98
N ILE A 1575 -8.63 2.28 21.61
CA ILE A 1575 -9.39 1.77 20.47
C ILE A 1575 -10.55 0.94 21.00
N SER A 1576 -11.77 1.31 20.62
CA SER A 1576 -12.95 0.58 21.02
C SER A 1576 -13.02 -0.72 20.23
N VAL A 1577 -12.94 -1.85 20.93
CA VAL A 1577 -12.91 -3.17 20.31
C VAL A 1577 -14.09 -3.97 20.84
N SER A 1578 -14.99 -4.36 19.95
CA SER A 1578 -16.22 -5.04 20.38
C SER A 1578 -15.90 -6.44 20.87
N PHE A 1579 -16.48 -6.80 22.02
CA PHE A 1579 -16.18 -8.07 22.66
C PHE A 1579 -16.78 -9.26 21.94
N ARG A 1580 -17.60 -9.04 20.91
CA ARG A 1580 -18.02 -10.13 20.06
C ARG A 1580 -16.89 -10.63 19.16
N HIS A 1581 -15.77 -9.92 19.12
CA HIS A 1581 -14.56 -10.38 18.45
C HIS A 1581 -13.59 -11.05 19.40
N LEU A 1582 -13.34 -10.45 20.56
CA LEU A 1582 -12.44 -11.07 21.53
C LEU A 1582 -13.00 -12.40 22.02
N ASP A 1583 -14.32 -12.47 22.21
CA ASP A 1583 -14.93 -13.72 22.63
C ASP A 1583 -14.78 -14.80 21.55
N LEU A 1584 -14.98 -14.45 20.28
CA LEU A 1584 -14.81 -15.43 19.23
C LEU A 1584 -13.36 -15.90 19.13
N ILE A 1585 -12.42 -14.97 19.25
CA ILE A 1585 -11.01 -15.36 19.21
C ILE A 1585 -10.69 -16.31 20.34
N ALA A 1586 -11.06 -15.94 21.57
CA ALA A 1586 -10.74 -16.77 22.72
C ALA A 1586 -11.42 -18.13 22.63
N ASP A 1587 -12.64 -18.17 22.13
CA ASP A 1587 -13.35 -19.44 22.03
C ASP A 1587 -12.90 -20.28 20.85
N MET A 1588 -12.16 -19.70 19.91
CA MET A 1588 -11.52 -20.54 18.90
C MET A 1588 -10.18 -21.06 19.40
N MET A 1589 -9.45 -20.23 20.15
CA MET A 1589 -8.17 -20.69 20.70
C MET A 1589 -8.37 -21.83 21.68
N THR A 1590 -9.40 -21.74 22.51
CA THR A 1590 -9.58 -22.64 23.63
C THR A 1590 -10.49 -23.82 23.29
N ARG A 1591 -10.80 -24.01 22.00
CA ARG A 1591 -11.75 -25.03 21.58
C ARG A 1591 -11.33 -26.44 21.96
N GLN A 1592 -10.04 -26.67 22.21
CA GLN A 1592 -9.57 -27.98 22.63
C GLN A 1592 -9.42 -28.12 24.14
N GLY A 1593 -9.79 -27.09 24.89
CA GLY A 1593 -9.54 -27.10 26.31
C GLY A 1593 -8.15 -26.68 26.70
N THR A 1594 -7.30 -26.34 25.74
CA THR A 1594 -5.94 -25.90 25.98
C THR A 1594 -5.73 -24.50 25.41
N TYR A 1595 -4.48 -24.05 25.46
CA TYR A 1595 -4.13 -22.69 25.06
C TYR A 1595 -3.51 -22.71 23.65
N LEU A 1596 -4.34 -23.08 22.68
CA LEU A 1596 -3.88 -23.19 21.30
C LEU A 1596 -3.62 -21.80 20.72
N ALA A 1597 -2.36 -21.47 20.50
CA ALA A 1597 -2.01 -20.19 19.90
C ALA A 1597 -2.29 -20.24 18.40
N PHE A 1598 -2.07 -19.12 17.73
CA PHE A 1598 -2.32 -19.03 16.30
C PHE A 1598 -1.04 -19.21 15.49
N ASN A 1599 -0.43 -20.38 15.64
CA ASN A 1599 0.74 -20.74 14.87
C ASN A 1599 0.54 -22.14 14.28
N ARG A 1600 1.55 -22.68 13.62
CA ARG A 1600 1.37 -23.96 12.94
C ARG A 1600 1.05 -25.09 13.91
N GLN A 1601 1.42 -24.95 15.19
CA GLN A 1601 1.09 -25.98 16.17
C GLN A 1601 -0.41 -26.12 16.35
N GLY A 1602 -1.11 -24.99 16.47
CA GLY A 1602 -2.56 -25.05 16.60
C GLY A 1602 -3.23 -25.57 15.34
N MET A 1603 -2.76 -25.12 14.18
CA MET A 1603 -3.38 -25.49 12.91
C MET A 1603 -3.30 -26.99 12.63
N GLU A 1604 -2.31 -27.67 13.21
CA GLU A 1604 -2.12 -29.10 12.94
C GLU A 1604 -3.36 -29.91 13.26
N THR A 1605 -4.16 -29.44 14.21
CA THR A 1605 -5.41 -30.11 14.60
C THR A 1605 -6.55 -29.50 13.81
N SER A 1606 -6.65 -29.91 12.54
CA SER A 1606 -7.67 -29.36 11.66
C SER A 1606 -8.01 -30.38 10.58
N THR A 1607 -9.28 -30.43 10.20
CA THR A 1607 -9.79 -31.52 9.39
C THR A 1607 -9.38 -31.41 7.92
N SER A 1608 -9.40 -30.21 7.35
CA SER A 1608 -9.12 -30.06 5.92
C SER A 1608 -7.61 -29.94 5.68
N SER A 1609 -7.11 -30.76 4.75
CA SER A 1609 -5.67 -30.77 4.47
C SER A 1609 -5.25 -29.54 3.69
N PHE A 1610 -6.04 -29.14 2.69
CA PHE A 1610 -5.62 -28.11 1.76
C PHE A 1610 -5.36 -26.77 2.45
N MET A 1611 -6.11 -26.46 3.52
CA MET A 1611 -5.81 -25.25 4.28
C MET A 1611 -4.41 -25.31 4.85
N LYS A 1612 -4.06 -26.43 5.47
CA LYS A 1612 -2.75 -26.57 6.09
C LYS A 1612 -1.65 -26.56 5.05
N MET A 1613 -1.87 -27.20 3.91
CA MET A 1613 -0.88 -27.14 2.83
C MET A 1613 -0.71 -25.71 2.31
N SER A 1614 -1.81 -24.99 2.18
CA SER A 1614 -1.78 -23.62 1.69
C SER A 1614 -1.27 -22.62 2.72
N TYR A 1615 -1.13 -23.02 3.98
CA TYR A 1615 -0.65 -22.09 5.00
C TYR A 1615 0.88 -22.01 5.02
N GLU A 1616 1.54 -23.10 5.42
CA GLU A 1616 3.00 -23.15 5.48
C GLU A 1616 3.41 -24.57 5.80
N THR A 1617 4.71 -24.84 5.67
CA THR A 1617 5.27 -26.18 5.78
C THR A 1617 4.45 -27.15 4.94
N THR A 1618 4.33 -26.81 3.66
CA THR A 1618 3.51 -27.62 2.76
C THR A 1618 4.00 -29.05 2.68
N CYS A 1619 5.31 -29.26 2.82
CA CYS A 1619 5.84 -30.61 2.72
C CYS A 1619 5.38 -31.49 3.87
N GLN A 1620 5.52 -31.00 5.11
CA GLN A 1620 5.14 -31.82 6.26
C GLN A 1620 3.65 -32.13 6.25
N PHE A 1621 2.82 -31.15 5.91
CA PHE A 1621 1.39 -31.37 5.90
C PHE A 1621 0.96 -32.23 4.73
N LEU A 1622 1.65 -32.16 3.59
CA LEU A 1622 1.32 -33.08 2.51
C LEU A 1622 1.70 -34.51 2.86
N THR A 1623 2.86 -34.69 3.51
CA THR A 1623 3.21 -36.04 3.98
C THR A 1623 2.16 -36.56 4.94
N LYS A 1624 1.80 -35.76 5.94
CA LYS A 1624 0.81 -36.22 6.91
C LYS A 1624 -0.54 -36.48 6.26
N ALA A 1625 -0.89 -35.71 5.23
CA ALA A 1625 -2.16 -35.94 4.55
C ALA A 1625 -2.13 -37.24 3.76
N VAL A 1626 -1.02 -37.53 3.08
CA VAL A 1626 -0.98 -38.69 2.20
C VAL A 1626 -0.67 -39.98 2.93
N LEU A 1627 -0.02 -39.91 4.10
CA LEU A 1627 0.26 -41.13 4.84
C LEU A 1627 -0.99 -41.68 5.52
N ASP A 1628 -1.94 -40.82 5.85
CA ASP A 1628 -3.20 -41.24 6.42
C ASP A 1628 -4.28 -41.45 5.38
N ASN A 1629 -3.96 -41.28 4.09
CA ASN A 1629 -4.95 -41.33 3.02
C ASN A 1629 -6.12 -40.39 3.33
N GLU A 1630 -5.79 -39.21 3.85
CA GLU A 1630 -6.80 -38.29 4.32
C GLU A 1630 -7.66 -37.80 3.17
N ARG A 1631 -8.97 -37.91 3.35
CA ARG A 1631 -9.95 -37.49 2.36
C ARG A 1631 -10.67 -36.26 2.93
N GLU A 1632 -10.13 -35.08 2.65
CA GLU A 1632 -10.71 -33.86 3.18
C GLU A 1632 -11.95 -33.49 2.36
N GLN A 1633 -12.98 -33.01 3.06
CA GLN A 1633 -14.31 -32.86 2.48
C GLN A 1633 -14.54 -31.50 1.84
N LEU A 1634 -13.49 -30.72 1.63
CA LEU A 1634 -13.56 -29.46 0.90
C LEU A 1634 -14.62 -28.53 1.48
N ASP A 1635 -14.42 -28.15 2.72
CA ASP A 1635 -15.31 -27.20 3.37
C ASP A 1635 -14.64 -25.90 3.77
N SER A 1636 -13.35 -25.93 4.09
CA SER A 1636 -12.64 -24.72 4.47
C SER A 1636 -12.64 -23.75 3.29
N PRO A 1637 -12.60 -22.44 3.57
CA PRO A 1637 -12.50 -21.49 2.46
C PRO A 1637 -11.27 -21.71 1.60
N SER A 1638 -10.15 -22.07 2.23
CA SER A 1638 -8.92 -22.28 1.50
C SER A 1638 -9.03 -23.47 0.55
N ALA A 1639 -9.67 -24.54 1.00
CA ALA A 1639 -9.74 -25.76 0.20
C ALA A 1639 -10.65 -25.58 -1.01
N ARG A 1640 -11.80 -24.92 -0.82
CA ARG A 1640 -12.78 -24.84 -1.90
C ARG A 1640 -12.26 -24.03 -3.07
N ILE A 1641 -11.36 -23.09 -2.83
CA ILE A 1641 -10.72 -22.37 -3.95
C ILE A 1641 -9.76 -23.29 -4.68
N VAL A 1642 -8.95 -24.05 -3.94
CA VAL A 1642 -7.93 -24.92 -4.52
C VAL A 1642 -8.56 -25.93 -5.46
N VAL A 1643 -9.80 -26.33 -5.20
CA VAL A 1643 -10.48 -27.33 -6.00
C VAL A 1643 -11.56 -26.74 -6.89
N GLY A 1644 -11.75 -25.43 -6.87
CA GLY A 1644 -12.60 -24.75 -7.82
C GLY A 1644 -14.08 -24.68 -7.51
N LYS A 1645 -14.47 -24.89 -6.26
CA LYS A 1645 -15.88 -24.86 -5.87
C LYS A 1645 -16.23 -23.57 -5.13
N LEU A 1646 -17.53 -23.33 -5.01
CA LEU A 1646 -18.03 -22.14 -4.35
C LEU A 1646 -17.75 -22.19 -2.85
N ASN A 1647 -17.64 -21.01 -2.25
CA ASN A 1647 -17.27 -20.92 -0.84
C ASN A 1647 -18.41 -21.36 0.07
N ASN A 1648 -18.11 -21.46 1.37
CA ASN A 1648 -19.05 -21.92 2.39
C ASN A 1648 -19.36 -20.84 3.42
N VAL A 1649 -19.39 -19.58 2.99
CA VAL A 1649 -19.73 -18.46 3.85
C VAL A 1649 -20.62 -17.52 3.05
N GLY A 1650 -21.69 -17.02 3.67
CA GLY A 1650 -22.53 -16.06 3.02
C GLY A 1650 -23.33 -16.61 1.86
N THR A 1651 -23.10 -16.07 0.66
CA THR A 1651 -23.97 -16.35 -0.47
C THR A 1651 -23.95 -17.82 -0.89
N GLY A 1652 -22.88 -18.54 -0.59
CA GLY A 1652 -22.84 -19.94 -0.93
C GLY A 1652 -23.33 -20.86 0.16
N SER A 1653 -23.73 -20.34 1.31
CA SER A 1653 -24.14 -21.13 2.46
C SER A 1653 -25.54 -21.70 2.33
N PHE A 1654 -26.06 -21.78 1.12
CA PHE A 1654 -27.35 -22.38 0.83
C PHE A 1654 -27.40 -22.68 -0.65
N ASP A 1655 -28.41 -23.43 -1.07
CA ASP A 1655 -28.66 -23.68 -2.47
C ASP A 1655 -29.83 -22.85 -2.94
N VAL A 1656 -30.07 -22.89 -4.24
CA VAL A 1656 -31.23 -22.26 -4.84
C VAL A 1656 -31.81 -23.23 -5.85
N LEU A 1657 -33.10 -23.50 -5.74
CA LEU A 1657 -33.80 -24.42 -6.62
C LEU A 1657 -35.05 -23.74 -7.14
N ALA A 1658 -35.40 -24.02 -8.39
CA ALA A 1658 -36.48 -23.31 -9.06
C ALA A 1658 -37.72 -24.18 -9.14
N LYS A 1659 -38.87 -23.61 -8.79
CA LYS A 1659 -40.15 -24.28 -8.96
C LYS A 1659 -40.59 -24.22 -10.42
N VAL A 1660 -41.08 -25.32 -10.93
CA VAL A 1660 -41.52 -25.39 -12.32
C VAL A 1660 -43.00 -25.76 -12.36
N PRO A 1661 -43.79 -25.20 -13.29
CA PRO A 1661 -45.24 -25.40 -13.20
C PRO A 1661 -45.69 -26.79 -13.63
N ASN A 1662 -45.19 -27.31 -14.74
CA ASN A 1662 -45.71 -28.55 -15.28
C ASN A 1662 -45.17 -29.75 -14.50
N ALA A 1663 -45.88 -30.87 -14.61
CA ALA A 1663 -45.55 -32.05 -13.83
C ALA A 1663 -44.92 -33.15 -14.69
N GLN B 10 17.38 46.20 5.65
CA GLN B 10 17.48 44.81 5.24
C GLN B 10 18.93 44.33 5.28
N ALA B 11 19.13 43.12 5.73
CA ALA B 11 20.47 42.56 5.86
C ALA B 11 20.63 41.20 5.17
N ARG B 12 19.60 40.37 5.20
CA ARG B 12 19.64 39.04 4.59
C ARG B 12 19.42 39.18 3.10
N THR B 13 20.45 39.68 2.41
CA THR B 13 20.34 40.09 1.02
C THR B 13 21.16 39.15 0.14
N ALA B 14 20.48 38.17 -0.47
CA ALA B 14 21.06 37.41 -1.56
C ALA B 14 20.78 38.14 -2.87
N ASP B 15 21.25 37.58 -3.98
CA ASP B 15 21.11 38.27 -5.25
C ASP B 15 21.14 37.25 -6.37
N PHE B 16 20.24 37.40 -7.34
CA PHE B 16 20.39 36.67 -8.59
C PHE B 16 21.67 37.15 -9.25
N ARG B 17 22.66 36.27 -9.36
CA ARG B 17 23.93 36.65 -9.97
C ARG B 17 23.80 36.64 -11.49
N THR B 18 22.83 37.39 -11.98
CA THR B 18 22.68 37.60 -13.41
C THR B 18 23.76 38.54 -13.90
N LEU B 19 24.06 38.44 -15.20
CA LEU B 19 25.17 39.14 -15.86
C LEU B 19 26.49 38.53 -15.42
N GLU B 20 26.44 37.70 -14.38
CA GLU B 20 27.52 36.81 -14.01
C GLU B 20 27.22 35.37 -14.37
N ARG B 21 25.94 35.01 -14.43
CA ARG B 21 25.51 33.68 -14.80
C ARG B 21 25.27 33.56 -16.29
N GLU B 22 24.60 34.55 -16.90
CA GLU B 22 24.39 34.50 -18.34
C GLU B 22 25.71 34.61 -19.10
N SER B 23 26.61 35.46 -18.63
CA SER B 23 27.92 35.57 -19.25
C SER B 23 28.67 34.25 -19.17
N ARG B 24 28.70 33.64 -17.97
CA ARG B 24 29.38 32.36 -17.82
C ARG B 24 28.69 31.27 -18.65
N PHE B 25 27.39 31.42 -18.91
CA PHE B 25 26.72 30.50 -19.82
C PHE B 25 27.28 30.63 -21.23
N ILE B 26 27.35 31.86 -21.74
CA ILE B 26 27.69 32.05 -23.15
C ILE B 26 29.13 31.62 -23.41
N ASN B 27 30.06 32.10 -22.60
CA ASN B 27 31.47 31.74 -22.75
C ASN B 27 31.97 31.04 -21.50
N PRO B 28 32.18 29.72 -21.55
CA PRO B 28 32.63 29.01 -20.35
C PRO B 28 34.04 29.42 -19.97
N PRO B 29 34.41 29.29 -18.69
CA PRO B 29 35.75 29.70 -18.27
C PRO B 29 36.84 28.89 -18.96
N LYS B 30 37.97 29.54 -19.20
CA LYS B 30 39.12 28.90 -19.82
C LYS B 30 40.27 28.70 -18.85
N ASP B 31 40.09 29.04 -17.58
CA ASP B 31 41.17 29.11 -16.60
C ASP B 31 41.02 28.05 -15.52
N LYS B 32 39.91 28.05 -14.79
CA LYS B 32 39.59 26.99 -13.85
C LYS B 32 38.09 26.99 -13.65
N SER B 33 37.51 25.79 -13.49
CA SER B 33 36.07 25.67 -13.37
C SER B 33 35.56 26.48 -12.18
N ALA B 34 34.54 27.29 -12.43
CA ALA B 34 33.89 27.98 -11.33
C ALA B 34 33.19 26.97 -10.44
N PHE B 35 32.72 27.45 -9.28
CA PHE B 35 32.14 26.58 -8.27
C PHE B 35 33.15 25.53 -7.84
N PRO B 36 34.19 25.90 -7.10
CA PRO B 36 35.12 24.88 -6.59
C PRO B 36 34.46 23.92 -5.62
N LEU B 37 33.42 24.36 -4.91
CA LEU B 37 32.74 23.48 -3.96
C LEU B 37 32.15 22.26 -4.64
N LEU B 38 31.83 22.37 -5.93
CA LEU B 38 31.25 21.25 -6.65
C LEU B 38 32.27 20.17 -6.94
N GLN B 39 33.52 20.56 -7.21
CA GLN B 39 34.57 19.58 -7.41
C GLN B 39 34.83 18.78 -6.15
N GLU B 40 34.89 19.45 -5.00
CA GLU B 40 35.18 18.78 -3.75
C GLU B 40 34.07 17.81 -3.34
N ALA B 41 32.89 17.93 -3.95
CA ALA B 41 31.82 16.98 -3.65
C ALA B 41 32.18 15.58 -4.08
N VAL B 42 33.03 15.44 -5.10
CA VAL B 42 33.48 14.14 -5.56
C VAL B 42 34.94 13.88 -5.16
N GLN B 43 35.42 14.52 -4.10
CA GLN B 43 36.73 14.18 -3.56
C GLN B 43 36.87 12.72 -3.16
N PRO B 44 35.91 12.07 -2.50
CA PRO B 44 36.13 10.67 -2.10
C PRO B 44 36.40 9.74 -3.25
N HIS B 45 35.91 10.05 -4.45
CA HIS B 45 36.07 9.15 -5.59
C HIS B 45 37.32 9.49 -6.41
N ILE B 46 37.43 10.74 -6.85
CA ILE B 46 38.58 11.15 -7.64
C ILE B 46 39.84 11.08 -6.80
N GLY B 47 39.80 11.62 -5.58
CA GLY B 47 40.95 11.61 -4.71
C GLY B 47 41.35 10.24 -4.23
N SER B 48 40.51 9.22 -4.45
CA SER B 48 40.86 7.86 -4.06
C SER B 48 41.34 7.02 -5.23
N PHE B 49 40.69 7.13 -6.40
CA PHE B 49 41.22 6.45 -7.57
C PHE B 49 42.60 6.99 -7.93
N ASN B 50 42.84 8.27 -7.68
CA ASN B 50 44.14 8.88 -7.89
C ASN B 50 45.11 8.57 -6.74
N ALA B 51 44.79 7.59 -5.91
CA ALA B 51 45.69 7.16 -4.85
C ALA B 51 46.26 5.77 -5.09
N LEU B 52 45.72 5.02 -6.04
CA LEU B 52 46.25 3.69 -6.32
C LEU B 52 47.43 3.70 -7.27
N THR B 53 47.46 4.64 -8.22
CA THR B 53 48.58 4.75 -9.16
C THR B 53 49.62 5.75 -8.68
N GLU B 54 49.20 6.99 -8.44
CA GLU B 54 50.12 8.06 -8.11
C GLU B 54 50.18 8.25 -6.60
N GLY B 55 51.02 9.17 -6.17
CA GLY B 55 51.34 9.31 -4.77
C GLY B 55 52.69 8.69 -4.47
N PRO B 56 53.04 8.60 -3.19
CA PRO B 56 54.30 7.95 -2.82
C PRO B 56 54.24 6.45 -3.05
N ASP B 57 55.44 5.86 -3.13
CA ASP B 57 55.63 4.42 -3.31
C ASP B 57 55.01 3.92 -4.61
N GLY B 58 54.83 4.79 -5.59
CA GLY B 58 54.15 4.42 -6.81
C GLY B 58 52.69 4.07 -6.60
N GLY B 59 52.02 4.73 -5.66
CA GLY B 59 50.61 4.52 -5.46
C GLY B 59 50.30 3.35 -4.55
N LEU B 60 49.21 2.64 -4.82
CA LEU B 60 48.80 1.52 -3.99
C LEU B 60 48.70 0.20 -4.72
N LEU B 61 48.47 0.20 -6.03
CA LEU B 61 48.51 -1.05 -6.77
C LEU B 61 49.89 -1.69 -6.69
N ASN B 62 50.94 -0.89 -6.86
CA ASN B 62 52.29 -1.42 -6.77
C ASN B 62 52.59 -1.93 -5.38
N LEU B 63 52.16 -1.20 -4.33
CA LEU B 63 52.36 -1.68 -2.97
C LEU B 63 51.64 -3.00 -2.75
N GLY B 64 50.41 -3.12 -3.24
CA GLY B 64 49.67 -4.36 -3.05
C GLY B 64 50.32 -5.53 -3.74
N VAL B 65 50.74 -5.35 -4.98
CA VAL B 65 51.34 -6.45 -5.71
C VAL B 65 52.73 -6.76 -5.16
N LYS B 66 53.39 -5.77 -4.54
CA LYS B 66 54.63 -6.07 -3.84
C LYS B 66 54.36 -6.91 -2.60
N ASP B 67 53.24 -6.65 -1.93
CA ASP B 67 52.85 -7.47 -0.79
C ASP B 67 52.40 -8.86 -1.21
N ILE B 68 51.93 -9.02 -2.44
CA ILE B 68 51.47 -10.34 -2.90
C ILE B 68 52.60 -11.36 -2.85
N GLY B 69 53.76 -10.98 -3.37
CA GLY B 69 54.90 -11.86 -3.31
C GLY B 69 54.96 -12.84 -4.48
N GLU B 70 55.62 -13.95 -4.22
CA GLU B 70 55.90 -14.97 -5.23
C GLU B 70 55.12 -16.24 -4.95
N LYS B 71 55.00 -17.06 -5.99
CA LYS B 71 54.35 -18.37 -5.91
C LYS B 71 55.30 -19.42 -6.44
N VAL B 72 56.07 -20.05 -5.55
CA VAL B 72 57.16 -20.94 -5.93
C VAL B 72 56.59 -22.35 -6.10
N ILE B 73 56.74 -22.89 -7.30
CA ILE B 73 56.33 -24.25 -7.62
C ILE B 73 57.54 -25.01 -8.15
N PHE B 74 57.76 -26.21 -7.61
CA PHE B 74 58.94 -27.01 -7.92
C PHE B 74 58.53 -28.23 -8.72
N ASP B 75 59.21 -28.44 -9.85
CA ASP B 75 59.04 -29.66 -10.63
C ASP B 75 59.65 -30.84 -9.87
N GLY B 76 59.69 -31.99 -10.52
CA GLY B 76 60.24 -33.17 -9.86
C GLY B 76 61.36 -33.82 -10.64
N LYS B 77 62.23 -33.01 -11.24
CA LYS B 77 63.29 -33.52 -12.08
C LYS B 77 64.60 -33.52 -11.33
N PRO B 78 65.26 -34.68 -11.16
CA PRO B 78 66.56 -34.78 -10.51
C PRO B 78 67.70 -34.40 -11.46
N GLY B 89 68.00 -34.17 -1.31
CA GLY B 89 66.60 -33.99 -1.63
C GLY B 89 66.29 -32.68 -2.31
N TYR B 90 66.66 -32.58 -3.58
CA TYR B 90 66.49 -31.35 -4.35
C TYR B 90 65.30 -31.48 -5.27
N LEU B 91 64.38 -30.51 -5.19
CA LEU B 91 63.14 -30.60 -5.96
C LEU B 91 63.38 -30.27 -7.43
N GLY B 92 64.28 -29.34 -7.72
CA GLY B 92 64.58 -29.00 -9.09
C GLY B 92 64.65 -27.51 -9.35
N ASN B 93 63.82 -27.03 -10.26
CA ASN B 93 63.80 -25.62 -10.64
C ASN B 93 62.74 -24.88 -9.83
N LYS B 94 63.14 -23.74 -9.25
CA LYS B 94 62.30 -23.08 -8.24
C LYS B 94 61.08 -22.42 -8.87
N LEU B 95 61.28 -21.69 -9.97
CA LEU B 95 60.22 -20.89 -10.60
C LEU B 95 59.55 -19.97 -9.58
N SER B 96 60.30 -18.96 -9.16
CA SER B 96 59.73 -17.86 -8.40
C SER B 96 59.09 -16.87 -9.36
N VAL B 97 57.77 -16.71 -9.26
CA VAL B 97 57.00 -15.89 -10.18
C VAL B 97 56.22 -14.85 -9.40
N SER B 98 56.21 -13.62 -9.89
CA SER B 98 55.53 -12.51 -9.23
C SER B 98 55.26 -11.42 -10.25
N VAL B 99 54.76 -10.29 -9.77
CA VAL B 99 54.60 -9.08 -10.56
C VAL B 99 55.25 -7.94 -9.79
N GLU B 100 55.90 -7.03 -10.50
CA GLU B 100 56.58 -5.91 -9.87
C GLU B 100 56.09 -4.53 -10.31
N GLN B 101 55.48 -4.41 -11.49
CA GLN B 101 54.97 -3.12 -11.95
C GLN B 101 53.60 -3.33 -12.57
N VAL B 102 52.58 -2.78 -11.93
CA VAL B 102 51.21 -2.74 -12.43
C VAL B 102 50.93 -1.29 -12.82
N SER B 103 50.47 -1.08 -14.05
CA SER B 103 50.27 0.29 -14.50
C SER B 103 49.11 0.38 -15.46
N ILE B 104 48.50 1.56 -15.51
CA ILE B 104 47.41 1.86 -16.44
C ILE B 104 47.77 3.15 -17.15
N ALA B 105 47.09 3.40 -18.27
CA ALA B 105 47.26 4.61 -19.04
C ALA B 105 45.90 5.21 -19.33
N LYS B 106 45.88 6.28 -20.13
CA LYS B 106 44.62 6.79 -20.63
C LYS B 106 44.04 5.81 -21.64
N PRO B 107 42.73 5.78 -21.78
CA PRO B 107 42.12 4.82 -22.72
C PRO B 107 42.29 5.24 -24.17
N MET B 108 43.19 4.56 -24.88
CA MET B 108 43.43 4.83 -26.27
C MET B 108 42.70 3.81 -27.13
N SER B 109 42.83 3.94 -28.45
CA SER B 109 42.22 3.01 -29.37
C SER B 109 42.82 3.14 -30.76
N ASN B 110 43.32 2.05 -31.32
CA ASN B 110 43.92 2.06 -32.64
C ASN B 110 42.82 2.00 -33.69
N ASP B 111 42.62 3.11 -34.39
CA ASP B 111 41.60 3.18 -35.43
C ASP B 111 41.96 4.29 -36.43
N ALA B 116 47.24 2.30 -37.44
CA ALA B 116 48.66 2.37 -37.10
C ALA B 116 48.88 3.04 -35.75
N VAL B 117 48.93 4.36 -35.77
CA VAL B 117 49.20 5.15 -34.58
C VAL B 117 47.88 5.39 -33.84
N GLU B 118 47.85 5.05 -32.56
CA GLU B 118 46.62 5.10 -31.79
C GLU B 118 46.19 6.54 -31.52
N ARG B 119 44.90 6.80 -31.68
CA ARG B 119 44.30 8.07 -31.35
C ARG B 119 43.85 8.04 -29.88
N LYS B 120 43.05 9.03 -29.49
CA LYS B 120 42.47 9.07 -28.17
C LYS B 120 40.98 8.76 -28.25
N VAL B 121 40.46 8.18 -27.18
CA VAL B 121 39.04 7.87 -27.05
C VAL B 121 38.48 8.72 -25.93
N TYR B 122 37.41 9.43 -26.22
CA TYR B 122 36.85 10.32 -25.21
C TYR B 122 35.53 9.78 -24.69
N PRO B 123 35.19 10.07 -23.42
CA PRO B 123 33.98 9.47 -22.84
C PRO B 123 32.72 9.82 -23.57
N SER B 124 32.72 10.89 -24.38
CA SER B 124 31.59 11.16 -25.26
C SER B 124 31.36 10.00 -26.22
N GLU B 125 32.43 9.51 -26.83
CA GLU B 125 32.33 8.34 -27.69
C GLU B 125 31.93 7.11 -26.91
N SER B 126 32.45 6.95 -25.70
CA SER B 126 32.12 5.79 -24.88
C SER B 126 30.63 5.76 -24.56
N ARG B 127 30.06 6.91 -24.18
CA ARG B 127 28.62 6.98 -23.96
C ARG B 127 27.84 6.75 -25.24
N GLN B 128 28.27 7.37 -26.34
CA GLN B 128 27.53 7.25 -27.58
C GLN B 128 27.73 5.89 -28.25
N ARG B 129 28.78 5.16 -27.89
CA ARG B 129 28.99 3.83 -28.44
C ARG B 129 28.24 2.74 -27.70
N LEU B 130 27.68 3.07 -26.54
CA LEU B 130 27.06 2.08 -25.66
C LEU B 130 28.07 1.04 -25.20
N THR B 131 29.34 1.42 -25.15
CA THR B 131 30.43 0.54 -24.76
C THR B 131 31.08 1.09 -23.49
N SER B 132 32.17 0.47 -23.09
CA SER B 132 32.82 0.81 -21.83
C SER B 132 33.97 1.79 -22.06
N TYR B 133 34.27 2.55 -21.02
CA TYR B 133 35.38 3.51 -21.05
C TYR B 133 36.55 2.86 -20.32
N ARG B 134 37.26 2.01 -21.05
CA ARG B 134 38.28 1.13 -20.46
C ARG B 134 39.62 1.39 -21.15
N GLY B 135 40.66 1.53 -20.32
CA GLY B 135 42.02 1.59 -20.81
C GLY B 135 42.68 0.23 -20.80
N LYS B 136 43.99 0.23 -20.98
CA LYS B 136 44.77 -0.99 -20.98
C LYS B 136 45.56 -1.09 -19.68
N LEU B 137 45.54 -2.28 -19.09
CA LEU B 137 46.27 -2.58 -17.85
C LEU B 137 47.47 -3.44 -18.18
N LEU B 138 48.65 -3.02 -17.74
CA LEU B 138 49.89 -3.72 -18.04
C LEU B 138 50.53 -4.18 -16.75
N LEU B 139 50.77 -5.49 -16.65
CA LEU B 139 51.51 -6.08 -15.55
C LEU B 139 52.82 -6.62 -16.10
N LYS B 140 53.94 -6.24 -15.48
CA LYS B 140 55.21 -6.85 -15.84
C LYS B 140 55.57 -7.89 -14.78
N LEU B 141 55.78 -9.11 -15.25
CA LEU B 141 55.98 -10.28 -14.40
C LEU B 141 57.42 -10.34 -13.91
N LYS B 142 57.73 -11.40 -13.18
CA LYS B 142 59.12 -11.77 -12.87
C LYS B 142 59.19 -13.29 -12.91
N TRP B 143 59.47 -13.84 -14.09
CA TRP B 143 59.56 -15.28 -14.29
C TRP B 143 60.99 -15.70 -13.98
N SER B 144 61.25 -15.93 -12.70
CA SER B 144 62.59 -16.28 -12.25
C SER B 144 62.71 -17.79 -12.04
N VAL B 145 63.95 -18.27 -12.05
CA VAL B 145 64.23 -19.68 -11.77
C VAL B 145 65.34 -19.78 -10.73
N ASN B 146 65.31 -20.87 -9.97
CA ASN B 146 66.39 -21.29 -9.07
C ASN B 146 66.90 -20.12 -8.25
N ASN B 147 65.96 -19.33 -7.73
CA ASN B 147 66.27 -18.22 -6.82
C ASN B 147 67.15 -17.17 -7.48
N GLY B 148 66.90 -16.89 -8.76
CA GLY B 148 67.53 -15.79 -9.45
C GLY B 148 68.54 -16.14 -10.52
N GLU B 149 68.62 -17.41 -10.93
CA GLU B 149 69.54 -17.77 -12.00
C GLU B 149 69.20 -17.05 -13.30
N GLU B 150 67.96 -17.16 -13.74
CA GLU B 150 67.46 -16.47 -14.91
C GLU B 150 66.11 -15.86 -14.56
N ASN B 151 65.99 -14.55 -14.77
CA ASN B 151 64.78 -13.79 -14.44
C ASN B 151 64.24 -13.21 -15.73
N LEU B 152 63.43 -13.98 -16.43
CA LEU B 152 62.71 -13.45 -17.58
C LEU B 152 61.70 -12.40 -17.12
N PHE B 153 61.48 -11.40 -17.96
CA PHE B 153 60.48 -10.38 -17.72
C PHE B 153 59.48 -10.39 -18.86
N GLU B 154 58.26 -9.98 -18.56
CA GLU B 154 57.23 -9.95 -19.58
C GLU B 154 56.16 -8.92 -19.20
N VAL B 155 55.90 -7.98 -20.10
CA VAL B 155 54.91 -6.94 -19.86
C VAL B 155 53.65 -7.37 -20.59
N ARG B 156 52.78 -8.09 -19.88
CA ARG B 156 51.56 -8.61 -20.45
C ARG B 156 50.39 -7.68 -20.14
N ASP B 157 49.53 -7.48 -21.13
CA ASP B 157 48.33 -6.71 -20.92
C ASP B 157 47.32 -7.51 -20.10
N CYS B 158 46.32 -6.80 -19.59
CA CYS B 158 45.26 -7.43 -18.80
C CYS B 158 43.91 -6.89 -19.22
N GLY B 159 43.71 -6.71 -20.53
CA GLY B 159 42.41 -6.36 -21.04
C GLY B 159 42.01 -4.92 -20.76
N GLY B 160 40.74 -4.64 -21.05
CA GLY B 160 40.20 -3.30 -20.89
C GLY B 160 39.68 -3.03 -19.50
N LEU B 161 40.47 -2.32 -18.72
CA LEU B 161 40.12 -1.96 -17.35
C LEU B 161 39.34 -0.65 -17.35
N PRO B 162 38.07 -0.65 -16.92
CA PRO B 162 37.31 0.61 -16.90
C PRO B 162 37.95 1.65 -15.99
N VAL B 163 37.91 2.90 -16.43
CA VAL B 163 38.57 4.00 -15.74
C VAL B 163 37.53 5.08 -15.44
N MET B 164 37.55 5.60 -14.21
CA MET B 164 36.56 6.59 -13.83
C MET B 164 36.96 7.99 -14.28
N LEU B 165 35.95 8.79 -14.57
CA LEU B 165 36.13 10.06 -15.26
C LEU B 165 36.73 11.09 -14.30
N GLN B 166 37.27 12.16 -14.88
CA GLN B 166 37.91 13.25 -14.15
C GLN B 166 39.05 12.76 -13.26
N SER B 167 39.58 11.58 -13.52
CA SER B 167 40.64 11.02 -12.71
C SER B 167 41.92 10.91 -13.53
N ASN B 168 43.06 10.93 -12.82
CA ASN B 168 44.35 11.11 -13.46
C ASN B 168 44.68 10.02 -14.48
N ARG B 169 43.82 9.02 -14.63
CA ARG B 169 43.93 8.05 -15.71
C ARG B 169 42.83 8.22 -16.75
N CYS B 170 42.24 9.42 -16.83
CA CYS B 170 41.18 9.71 -17.78
C CYS B 170 41.58 10.91 -18.62
N HIS B 171 41.04 10.96 -19.85
CA HIS B 171 41.43 11.96 -20.83
C HIS B 171 40.99 13.37 -20.48
N LEU B 172 40.15 13.56 -19.47
CA LEU B 172 39.63 14.87 -19.09
C LEU B 172 40.13 15.30 -17.72
N ASN B 173 41.31 14.86 -17.32
CA ASN B 173 41.75 15.08 -15.95
C ASN B 173 41.89 16.56 -15.63
N LYS B 174 42.46 17.34 -16.56
CA LYS B 174 42.76 18.74 -16.30
C LYS B 174 42.07 19.69 -17.28
N MET B 175 41.16 19.20 -18.11
CA MET B 175 40.56 20.04 -19.14
C MET B 175 39.74 21.16 -18.51
N SER B 176 39.89 22.37 -19.05
CA SER B 176 39.15 23.52 -18.57
C SER B 176 37.67 23.36 -18.92
N PRO B 177 36.78 24.05 -18.20
CA PRO B 177 35.36 23.96 -18.56
C PRO B 177 35.10 24.34 -20.00
N TYR B 178 35.86 25.29 -20.54
CA TYR B 178 35.81 25.52 -21.99
C TYR B 178 36.25 24.27 -22.73
N GLU B 179 37.35 23.65 -22.29
CA GLU B 179 37.81 22.43 -22.93
C GLU B 179 36.82 21.29 -22.74
N LEU B 180 36.20 21.22 -21.55
CA LEU B 180 35.18 20.20 -21.32
C LEU B 180 34.02 20.35 -22.29
N VAL B 181 33.57 21.58 -22.52
CA VAL B 181 32.53 21.80 -23.52
C VAL B 181 33.06 21.45 -24.91
N GLN B 182 34.35 21.69 -25.14
CA GLN B 182 34.92 21.45 -26.46
C GLN B 182 34.85 19.99 -26.84
N HIS B 183 35.01 19.08 -25.88
CA HIS B 183 34.94 17.66 -26.12
C HIS B 183 33.60 17.06 -25.73
N LYS B 184 32.52 17.82 -25.92
CA LYS B 184 31.15 17.33 -25.82
C LYS B 184 30.84 16.78 -24.44
N GLU B 185 31.48 17.30 -23.40
CA GLU B 185 31.33 16.70 -22.07
C GLU B 185 30.23 17.38 -21.27
N GLU B 186 30.50 18.60 -20.79
CA GLU B 186 29.56 19.49 -20.11
C GLU B 186 30.36 20.69 -19.63
N SER B 187 29.65 21.69 -19.10
CA SER B 187 30.32 22.85 -18.55
C SER B 187 31.16 22.48 -17.32
N ASP B 188 30.54 21.79 -16.36
CA ASP B 188 31.19 21.45 -15.10
C ASP B 188 30.95 19.99 -14.77
N GLU B 189 31.20 19.13 -15.76
CA GLU B 189 31.02 17.70 -15.57
C GLU B 189 31.87 17.21 -14.41
N ILE B 190 31.29 16.35 -13.59
CA ILE B 190 31.99 15.73 -12.48
C ILE B 190 32.25 14.27 -12.84
N GLY B 191 33.34 13.75 -12.29
CA GLY B 191 33.65 12.35 -12.49
C GLY B 191 33.13 11.50 -11.36
N GLY B 192 33.98 10.65 -10.81
CA GLY B 192 33.59 9.80 -9.71
C GLY B 192 32.85 8.55 -10.11
N TYR B 193 32.54 8.38 -11.39
CA TYR B 193 31.72 7.25 -11.82
C TYR B 193 32.32 6.63 -13.07
N PHE B 194 32.30 5.31 -13.13
CA PHE B 194 32.77 4.58 -14.28
C PHE B 194 31.68 4.51 -15.34
N ILE B 195 32.10 4.20 -16.55
CA ILE B 195 31.18 3.94 -17.65
C ILE B 195 31.38 2.48 -18.06
N VAL B 196 30.31 1.70 -18.00
CA VAL B 196 30.36 0.28 -18.33
C VAL B 196 29.22 -0.03 -19.28
N ASN B 197 29.57 -0.45 -20.50
CA ASN B 197 28.59 -0.73 -21.55
C ASN B 197 27.68 0.46 -21.78
N GLY B 198 28.21 1.68 -21.60
CA GLY B 198 27.44 2.88 -21.79
C GLY B 198 26.54 3.25 -20.64
N ILE B 199 26.53 2.47 -19.57
CA ILE B 199 25.75 2.75 -18.39
C ILE B 199 26.67 3.33 -17.34
N GLU B 200 26.28 4.45 -16.76
CA GLU B 200 27.12 5.15 -15.80
C GLU B 200 26.93 4.51 -14.42
N LYS B 201 27.97 3.84 -13.93
CA LYS B 201 27.91 3.11 -12.67
C LYS B 201 28.98 3.65 -11.75
N LEU B 202 28.59 4.11 -10.57
CA LEU B 202 29.55 4.47 -9.55
C LEU B 202 29.64 3.36 -8.53
N ILE B 203 30.64 3.44 -7.67
CA ILE B 203 30.94 2.40 -6.70
C ILE B 203 30.67 2.99 -5.32
N ARG B 204 29.52 2.64 -4.76
CA ARG B 204 28.99 3.32 -3.58
C ARG B 204 29.91 3.15 -2.38
N MET B 205 30.19 4.26 -1.69
CA MET B 205 31.03 4.22 -0.51
C MET B 205 30.37 3.40 0.59
N LEU B 206 31.18 2.78 1.43
CA LEU B 206 30.66 1.98 2.53
C LEU B 206 31.27 2.44 3.84
N ILE B 207 30.66 2.03 4.94
CA ILE B 207 31.12 2.40 6.26
C ILE B 207 31.52 1.13 6.99
N VAL B 208 32.69 1.17 7.64
CA VAL B 208 33.33 0.00 8.22
C VAL B 208 33.99 0.41 9.53
N GLN B 209 34.49 -0.57 10.25
CA GLN B 209 35.13 -0.30 11.54
C GLN B 209 36.38 0.56 11.34
N ARG B 210 36.64 1.42 12.33
CA ARG B 210 37.82 2.28 12.26
C ARG B 210 39.08 1.42 12.27
N ARG B 211 40.04 1.80 11.43
CA ARG B 211 41.23 0.98 11.24
C ARG B 211 42.23 1.20 12.37
N ASN B 212 42.95 0.14 12.68
CA ASN B 212 44.04 0.18 13.67
C ASN B 212 43.56 0.66 15.04
N HIS B 213 42.43 0.13 15.48
CA HIS B 213 41.96 0.52 16.80
C HIS B 213 41.48 -0.69 17.59
N PRO B 214 42.13 -1.03 18.71
CA PRO B 214 41.64 -2.13 19.53
C PRO B 214 40.41 -1.72 20.32
N MET B 215 39.23 -2.11 19.84
CA MET B 215 37.98 -1.64 20.42
C MET B 215 37.31 -2.77 21.19
N ALA B 216 36.92 -2.48 22.42
CA ALA B 216 36.16 -3.43 23.21
C ALA B 216 34.82 -3.69 22.56
N ILE B 217 34.39 -4.94 22.58
CA ILE B 217 33.10 -5.33 22.00
C ILE B 217 32.46 -6.38 22.90
N ILE B 218 31.15 -6.25 23.12
CA ILE B 218 30.37 -7.25 23.84
C ILE B 218 29.17 -7.58 22.96
N ARG B 219 29.32 -8.59 22.12
CA ARG B 219 28.23 -9.04 21.26
C ARG B 219 27.89 -10.48 21.57
N PRO B 220 26.60 -10.82 21.72
CA PRO B 220 26.24 -12.19 22.10
C PRO B 220 26.68 -13.23 21.09
N SER B 221 26.96 -12.85 19.85
CA SER B 221 27.37 -13.82 18.84
C SER B 221 28.61 -14.59 19.28
N PHE B 222 29.55 -13.93 19.96
CA PHE B 222 30.73 -14.62 20.44
C PHE B 222 30.35 -15.78 21.36
N ALA B 223 29.37 -15.55 22.23
CA ALA B 223 28.91 -16.60 23.14
C ALA B 223 28.37 -17.81 22.40
N ASN B 224 27.95 -17.65 21.15
CA ASN B 224 27.44 -18.75 20.35
C ASN B 224 28.53 -19.47 19.58
N ARG B 225 29.77 -19.01 19.65
CA ARG B 225 30.84 -19.67 18.90
C ARG B 225 31.07 -21.10 19.37
N GLY B 226 30.55 -21.47 20.54
CA GLY B 226 30.68 -22.82 21.05
C GLY B 226 30.51 -22.87 22.56
N ALA B 227 31.31 -23.70 23.22
CA ALA B 227 31.28 -23.79 24.68
C ALA B 227 32.36 -22.91 25.29
N SER B 228 32.13 -22.53 26.54
CA SER B 228 33.04 -21.68 27.33
C SER B 228 33.26 -20.31 26.72
N TYR B 229 32.53 -19.97 25.65
CA TYR B 229 32.65 -18.65 25.04
C TYR B 229 31.92 -17.60 25.87
N SER B 230 32.50 -16.41 25.93
CA SER B 230 31.79 -15.24 26.44
C SER B 230 31.38 -14.35 25.27
N HIS B 231 30.31 -13.60 25.47
CA HIS B 231 29.94 -12.62 24.46
C HIS B 231 30.91 -11.45 24.41
N TYR B 232 31.86 -11.39 25.34
CA TYR B 232 32.91 -10.38 25.35
C TYR B 232 33.91 -10.64 24.22
N GLY B 233 34.75 -9.64 23.96
CA GLY B 233 35.77 -9.75 22.95
C GLY B 233 36.54 -8.46 22.73
N ILE B 234 37.72 -8.55 22.12
CA ILE B 234 38.49 -7.38 21.70
C ILE B 234 38.74 -7.52 20.20
N GLN B 235 38.23 -6.58 19.42
CA GLN B 235 38.30 -6.68 17.97
C GLN B 235 39.17 -5.58 17.39
N ILE B 236 39.84 -5.89 16.27
CA ILE B 236 40.60 -4.89 15.53
C ILE B 236 40.56 -5.24 14.05
N ARG B 237 40.39 -4.23 13.21
CA ARG B 237 40.43 -4.38 11.75
C ARG B 237 41.69 -3.70 11.25
N SER B 238 42.80 -4.44 11.25
CA SER B 238 44.07 -3.86 10.82
C SER B 238 44.12 -3.70 9.32
N VAL B 239 44.80 -2.65 8.87
CA VAL B 239 44.94 -2.36 7.45
C VAL B 239 46.42 -2.18 7.14
N ARG B 240 46.88 -2.85 6.09
CA ARG B 240 48.26 -2.76 5.63
C ARG B 240 48.46 -1.48 4.82
N PRO B 241 49.71 -1.08 4.61
CA PRO B 241 49.96 0.10 3.75
C PRO B 241 49.25 0.03 2.41
N ASP B 242 49.12 -1.14 1.81
CA ASP B 242 48.41 -1.28 0.54
C ASP B 242 46.89 -1.23 0.71
N GLN B 243 46.43 -0.89 1.92
CA GLN B 243 45.02 -0.61 2.18
C GLN B 243 44.12 -1.82 1.94
N THR B 244 44.55 -2.97 2.42
CA THR B 244 43.71 -4.16 2.53
C THR B 244 43.69 -4.59 3.99
N SER B 245 42.52 -5.00 4.48
CA SER B 245 42.29 -5.19 5.90
C SER B 245 42.22 -6.66 6.26
N GLN B 246 42.79 -6.99 7.41
CA GLN B 246 42.61 -8.29 8.05
C GLN B 246 42.12 -8.06 9.47
N THR B 247 41.21 -8.91 9.92
CA THR B 247 40.58 -8.76 11.22
C THR B 247 41.23 -9.69 12.23
N ASN B 248 41.17 -9.29 13.50
CA ASN B 248 41.62 -10.13 14.60
C ASN B 248 40.66 -9.94 15.76
N VAL B 249 40.31 -11.04 16.43
CA VAL B 249 39.43 -10.97 17.59
C VAL B 249 40.03 -11.79 18.73
N LEU B 250 40.27 -11.15 19.86
CA LEU B 250 40.64 -11.85 21.09
C LEU B 250 39.37 -12.16 21.86
N HIS B 251 38.90 -13.40 21.75
CA HIS B 251 37.77 -13.85 22.56
C HIS B 251 38.23 -14.12 23.98
N TYR B 252 37.31 -13.91 24.92
CA TYR B 252 37.51 -14.29 26.31
C TYR B 252 36.66 -15.51 26.60
N LEU B 253 37.29 -16.55 27.12
CA LEU B 253 36.60 -17.78 27.49
C LEU B 253 36.36 -17.82 28.99
N ASN B 254 35.31 -18.53 29.40
CA ASN B 254 34.95 -18.57 30.81
C ASN B 254 36.07 -19.13 31.67
N ASP B 255 36.85 -20.06 31.11
CA ASP B 255 37.97 -20.65 31.84
C ASP B 255 39.01 -19.60 32.23
N GLY B 256 39.07 -18.49 31.53
CA GLY B 256 40.15 -17.54 31.68
C GLY B 256 41.21 -17.62 30.61
N GLN B 257 41.02 -18.45 29.60
CA GLN B 257 41.95 -18.59 28.50
C GLN B 257 41.49 -17.73 27.33
N VAL B 258 42.34 -16.81 26.91
CA VAL B 258 42.04 -15.92 25.80
C VAL B 258 42.30 -16.65 24.48
N THR B 259 41.63 -16.21 23.42
CA THR B 259 41.66 -16.96 22.16
C THR B 259 41.70 -16.00 20.97
N PHE B 260 42.86 -15.90 20.34
CA PHE B 260 42.97 -15.21 19.06
C PHE B 260 42.14 -15.93 18.01
N ARG B 261 41.45 -15.17 17.17
CA ARG B 261 40.73 -15.72 16.04
C ARG B 261 40.91 -14.82 14.84
N PHE B 262 41.14 -15.44 13.68
CA PHE B 262 41.23 -14.75 12.41
C PHE B 262 40.55 -15.57 11.34
N SER B 263 40.67 -15.12 10.10
CA SER B 263 40.18 -15.84 8.93
C SER B 263 41.22 -15.65 7.83
N TRP B 264 42.12 -16.61 7.67
CA TRP B 264 43.21 -16.43 6.73
C TRP B 264 42.73 -16.54 5.29
N ARG B 265 41.91 -17.53 4.98
CA ARG B 265 41.44 -17.69 3.62
C ARG B 265 39.93 -17.49 3.48
N LYS B 266 39.12 -18.34 4.09
CA LYS B 266 37.70 -18.04 4.20
C LYS B 266 37.06 -18.60 5.46
N ASN B 267 37.82 -19.24 6.36
CA ASN B 267 37.25 -19.95 7.49
C ASN B 267 37.96 -19.56 8.77
N GLU B 268 37.22 -19.63 9.87
CA GLU B 268 37.71 -19.20 11.17
C GLU B 268 38.87 -20.07 11.64
N TYR B 269 39.83 -19.44 12.30
CA TYR B 269 40.95 -20.15 12.91
C TYR B 269 41.25 -19.53 14.26
N LEU B 270 41.45 -20.38 15.27
CA LEU B 270 41.62 -19.96 16.65
C LEU B 270 42.94 -20.46 17.19
N VAL B 271 43.63 -19.61 17.94
CA VAL B 271 44.95 -19.91 18.49
C VAL B 271 45.06 -19.28 19.87
N PRO B 272 45.60 -19.97 20.87
CA PRO B 272 45.82 -19.31 22.16
C PRO B 272 46.76 -18.14 22.00
N VAL B 273 46.51 -17.07 22.77
CA VAL B 273 47.23 -15.83 22.51
C VAL B 273 48.61 -15.83 23.14
N VAL B 274 48.83 -16.60 24.21
CA VAL B 274 50.17 -16.68 24.77
C VAL B 274 51.10 -17.34 23.76
N MET B 275 50.57 -18.26 22.96
CA MET B 275 51.34 -18.85 21.88
C MET B 275 51.87 -17.78 20.92
N ILE B 276 50.97 -16.92 20.43
CA ILE B 276 51.39 -15.89 19.50
C ILE B 276 52.31 -14.89 20.18
N LEU B 277 52.05 -14.60 21.46
CA LEU B 277 52.91 -13.69 22.21
C LEU B 277 54.35 -14.19 22.20
N LYS B 278 54.55 -15.45 22.58
CA LYS B 278 55.92 -15.98 22.61
C LYS B 278 56.48 -16.16 21.21
N ALA B 279 55.62 -16.41 20.22
CA ALA B 279 56.11 -16.66 18.87
C ALA B 279 56.59 -15.38 18.20
N LEU B 280 55.90 -14.26 18.42
CA LEU B 280 56.32 -13.00 17.83
C LEU B 280 57.70 -12.60 18.34
N CYS B 281 57.94 -12.80 19.63
CA CYS B 281 59.26 -12.61 20.23
C CYS B 281 59.28 -13.30 21.58
N THR B 324 62.25 -20.46 17.97
CA THR B 324 61.72 -21.01 16.73
C THR B 324 60.82 -22.20 17.02
N GLN B 325 60.78 -22.61 18.28
CA GLN B 325 60.01 -23.79 18.66
C GLN B 325 58.53 -23.59 18.43
N VAL B 326 58.00 -22.41 18.80
CA VAL B 326 56.59 -22.13 18.57
C VAL B 326 56.31 -21.92 17.08
N LEU B 327 57.20 -21.18 16.40
CA LEU B 327 56.97 -20.88 14.99
C LEU B 327 56.87 -22.14 14.16
N GLN B 328 57.73 -23.13 14.42
CA GLN B 328 57.56 -24.42 13.79
C GLN B 328 56.24 -25.06 14.20
N TYR B 329 55.90 -24.95 15.49
CA TYR B 329 54.61 -25.48 15.97
C TYR B 329 53.46 -24.74 15.32
N LEU B 330 53.51 -23.41 15.31
CA LEU B 330 52.44 -22.62 14.70
C LEU B 330 52.43 -22.79 13.18
N GLY B 331 53.62 -22.81 12.57
CA GLY B 331 53.68 -22.97 11.13
C GLY B 331 53.18 -24.33 10.66
N ASP B 332 53.42 -25.37 11.46
CA ASP B 332 52.94 -26.70 11.10
C ASP B 332 51.42 -26.76 11.08
N LYS B 333 50.75 -25.93 11.88
CA LYS B 333 49.30 -25.94 11.89
C LYS B 333 48.72 -25.44 10.57
N PHE B 334 49.20 -24.29 10.09
CA PHE B 334 48.63 -23.62 8.94
C PHE B 334 49.43 -23.82 7.66
N ARG B 335 50.36 -24.78 7.66
CA ARG B 335 51.28 -24.90 6.52
C ARG B 335 50.54 -25.22 5.23
N VAL B 336 49.44 -25.96 5.30
CA VAL B 336 48.75 -26.41 4.10
C VAL B 336 47.76 -25.35 3.59
N VAL B 337 47.00 -24.72 4.48
CA VAL B 337 46.01 -23.73 4.05
C VAL B 337 46.69 -22.50 3.46
N PHE B 338 47.84 -22.11 4.00
CA PHE B 338 48.58 -20.97 3.50
C PHE B 338 49.17 -21.22 2.12
N GLN B 339 49.13 -22.46 1.63
CA GLN B 339 49.72 -22.84 0.34
C GLN B 339 51.22 -22.52 0.29
N ALA B 340 51.92 -22.84 1.38
CA ALA B 340 53.37 -22.71 1.38
C ALA B 340 53.98 -23.82 0.53
N SER B 341 55.02 -23.47 -0.22
CA SER B 341 55.70 -24.44 -1.06
C SER B 341 56.52 -25.40 -0.21
N PRO B 342 56.82 -26.59 -0.74
CA PRO B 342 57.70 -27.51 0.00
C PRO B 342 59.07 -26.94 0.30
N ASP B 343 59.55 -26.02 -0.53
CA ASP B 343 60.85 -25.39 -0.29
C ASP B 343 60.87 -24.65 1.03
N GLN B 344 59.83 -23.88 1.32
CA GLN B 344 59.75 -23.15 2.58
C GLN B 344 59.72 -24.12 3.75
N SER B 345 60.54 -23.84 4.75
CA SER B 345 60.54 -24.65 5.96
C SER B 345 59.35 -24.29 6.83
N ASP B 346 59.09 -25.12 7.84
CA ASP B 346 57.99 -24.84 8.75
C ASP B 346 58.25 -23.59 9.58
N LEU B 347 59.51 -23.32 9.93
CA LEU B 347 59.83 -22.07 10.62
C LEU B 347 59.57 -20.87 9.72
N GLU B 348 59.93 -20.99 8.44
CA GLU B 348 59.66 -19.90 7.50
C GLU B 348 58.16 -19.66 7.36
N VAL B 349 57.37 -20.73 7.23
CA VAL B 349 55.93 -20.52 7.12
C VAL B 349 55.35 -19.99 8.43
N GLY B 350 55.94 -20.35 9.57
CA GLY B 350 55.47 -19.82 10.83
C GLY B 350 55.71 -18.32 10.97
N GLN B 351 56.91 -17.88 10.61
CA GLN B 351 57.17 -16.44 10.64
C GLN B 351 56.34 -15.73 9.58
N GLU B 352 56.07 -16.39 8.46
CA GLU B 352 55.17 -15.81 7.46
C GLU B 352 53.76 -15.69 8.02
N VAL B 353 53.32 -16.66 8.82
CA VAL B 353 52.00 -16.56 9.46
C VAL B 353 51.97 -15.36 10.39
N LEU B 354 52.99 -15.23 11.22
CA LEU B 354 53.09 -14.07 12.11
C LEU B 354 53.22 -12.77 11.35
N ASP B 355 53.58 -12.83 10.06
CA ASP B 355 53.62 -11.62 9.25
C ASP B 355 52.28 -11.31 8.60
N ARG B 356 51.61 -12.31 8.05
CA ARG B 356 50.46 -12.11 7.19
C ARG B 356 49.12 -12.19 7.92
N ILE B 357 49.13 -12.39 9.23
CA ILE B 357 47.88 -12.50 9.97
C ILE B 357 47.89 -11.57 11.17
N VAL B 358 48.90 -11.70 12.02
CA VAL B 358 48.91 -10.93 13.26
C VAL B 358 49.23 -9.48 12.95
N LEU B 359 48.20 -8.64 12.97
CA LEU B 359 48.34 -7.18 12.97
C LEU B 359 49.15 -6.71 11.77
N VAL B 360 48.55 -6.88 10.59
CA VAL B 360 49.20 -6.53 9.34
C VAL B 360 49.32 -5.01 9.21
N HIS B 361 48.86 -4.27 10.23
CA HIS B 361 49.09 -2.84 10.29
C HIS B 361 50.39 -2.49 11.00
N LEU B 362 51.18 -3.50 11.38
CA LEU B 362 52.57 -3.28 11.75
C LEU B 362 53.56 -3.89 10.77
N GLY B 363 53.16 -4.91 10.02
CA GLY B 363 53.95 -5.50 8.96
C GLY B 363 55.26 -6.10 9.44
N LYS B 364 56.10 -6.42 8.46
CA LYS B 364 57.43 -6.91 8.75
C LYS B 364 58.23 -5.82 9.45
N ASP B 365 59.29 -6.22 10.15
CA ASP B 365 60.05 -5.31 11.00
C ASP B 365 59.14 -4.65 12.03
N GLY B 366 58.21 -5.43 12.57
CA GLY B 366 57.31 -4.96 13.61
C GLY B 366 56.97 -6.04 14.62
N SER B 367 57.86 -7.02 14.79
CA SER B 367 57.57 -8.13 15.71
C SER B 367 57.39 -7.62 17.14
N GLN B 368 58.34 -6.83 17.63
CA GLN B 368 58.24 -6.32 18.99
C GLN B 368 57.04 -5.39 19.14
N ASP B 369 56.78 -4.58 18.11
CA ASP B 369 55.62 -3.70 18.15
C ASP B 369 54.32 -4.49 18.21
N LYS B 370 54.21 -5.56 17.40
CA LYS B 370 53.02 -6.40 17.46
C LYS B 370 52.89 -7.06 18.83
N PHE B 371 54.02 -7.45 19.43
CA PHE B 371 53.99 -8.06 20.75
C PHE B 371 53.45 -7.07 21.79
N ARG B 372 53.94 -5.83 21.77
CA ARG B 372 53.43 -4.83 22.69
C ARG B 372 51.96 -4.55 22.45
N MET B 373 51.55 -4.49 21.18
CA MET B 373 50.16 -4.23 20.85
C MET B 373 49.26 -5.34 21.37
N LEU B 374 49.66 -6.61 21.20
CA LEU B 374 48.85 -7.71 21.70
C LEU B 374 48.83 -7.74 23.22
N LEU B 375 49.94 -7.36 23.86
CA LEU B 375 49.94 -7.22 25.32
C LEU B 375 48.91 -6.20 25.76
N PHE B 376 48.88 -5.05 25.07
CA PHE B 376 47.90 -4.01 25.37
C PHE B 376 46.48 -4.51 25.13
N MET B 377 46.26 -5.25 24.06
CA MET B 377 44.92 -5.76 23.78
C MET B 377 44.47 -6.75 24.85
N ILE B 378 45.39 -7.59 25.34
CA ILE B 378 45.06 -8.51 26.41
C ILE B 378 44.67 -7.74 27.68
N ARG B 379 45.44 -6.72 28.03
CA ARG B 379 45.09 -5.92 29.21
C ARG B 379 43.72 -5.25 29.03
N LYS B 380 43.45 -4.75 27.82
CA LYS B 380 42.16 -4.14 27.56
C LYS B 380 41.02 -5.14 27.72
N LEU B 381 41.23 -6.36 27.23
CA LEU B 381 40.21 -7.40 27.40
C LEU B 381 40.00 -7.72 28.87
N TYR B 382 41.07 -7.76 29.65
CA TYR B 382 40.94 -8.02 31.07
C TYR B 382 40.14 -6.91 31.75
N SER B 383 40.33 -5.67 31.31
CA SER B 383 39.50 -4.58 31.82
C SER B 383 38.05 -4.77 31.41
N LEU B 384 37.80 -5.11 30.14
CA LEU B 384 36.43 -5.21 29.63
C LEU B 384 35.65 -6.32 30.33
N VAL B 385 36.29 -7.45 30.61
CA VAL B 385 35.62 -8.52 31.34
C VAL B 385 35.55 -8.24 32.84
N ALA B 386 36.37 -7.33 33.35
CA ALA B 386 36.32 -7.02 34.77
C ALA B 386 35.43 -5.83 35.09
N GLY B 387 34.86 -5.18 34.08
CA GLY B 387 33.93 -4.10 34.32
C GLY B 387 34.55 -2.74 34.56
N GLU B 388 35.80 -2.53 34.18
CA GLU B 388 36.43 -1.21 34.27
C GLU B 388 36.39 -0.43 32.96
N CYS B 389 35.74 -0.96 31.93
CA CYS B 389 35.59 -0.28 30.66
C CYS B 389 34.29 -0.74 30.00
N SER B 390 33.84 0.06 29.03
CA SER B 390 32.55 -0.18 28.40
C SER B 390 32.72 -0.67 26.97
N PRO B 391 31.80 -1.50 26.48
CA PRO B 391 31.83 -1.90 25.08
C PRO B 391 31.70 -0.70 24.15
N ASP B 392 32.40 -0.78 23.02
CA ASP B 392 32.40 0.29 22.03
C ASP B 392 31.43 -0.04 20.91
N ASN B 393 30.50 0.86 20.65
CA ASN B 393 29.44 0.58 19.71
C ASN B 393 29.94 0.70 18.29
N PRO B 394 29.88 -0.37 17.48
CA PRO B 394 30.19 -0.21 16.06
C PRO B 394 29.12 0.53 15.29
N ASP B 395 27.92 0.68 15.86
CA ASP B 395 26.89 1.47 15.21
C ASP B 395 27.23 2.95 15.22
N ALA B 396 27.92 3.41 16.26
CA ALA B 396 28.24 4.82 16.40
C ALA B 396 29.18 5.26 15.29
N THR B 397 29.28 6.57 15.12
CA THR B 397 30.25 7.15 14.21
C THR B 397 31.59 7.42 14.90
N GLN B 398 31.65 7.29 16.23
CA GLN B 398 32.91 7.48 16.95
C GLN B 398 33.97 6.45 16.58
N HIS B 399 33.55 5.28 16.09
CA HIS B 399 34.43 4.16 15.78
C HIS B 399 34.20 3.68 14.36
N GLN B 400 34.15 4.60 13.40
CA GLN B 400 33.82 4.22 12.03
C GLN B 400 34.70 4.96 11.03
N GLU B 401 34.84 4.34 9.85
CA GLU B 401 35.56 4.91 8.73
C GLU B 401 34.79 4.59 7.46
N VAL B 402 35.24 5.17 6.35
CA VAL B 402 34.53 5.07 5.08
C VAL B 402 35.47 4.47 4.04
N LEU B 403 35.10 3.30 3.52
CA LEU B 403 35.78 2.74 2.37
C LEU B 403 35.25 3.42 1.11
N LEU B 404 36.17 4.06 0.37
CA LEU B 404 35.82 5.06 -0.65
C LEU B 404 35.44 4.46 -2.00
N GLY B 405 35.69 3.18 -2.23
CA GLY B 405 35.45 2.62 -3.54
C GLY B 405 36.58 2.83 -4.51
N GLY B 406 37.61 3.57 -4.13
CA GLY B 406 38.86 3.59 -4.87
C GLY B 406 39.80 2.62 -4.18
N PHE B 407 39.78 2.66 -2.85
CA PHE B 407 40.52 1.66 -2.09
C PHE B 407 39.93 0.28 -2.28
N LEU B 408 38.60 0.17 -2.32
CA LEU B 408 37.97 -1.10 -2.64
C LEU B 408 38.37 -1.56 -4.04
N TYR B 409 38.44 -0.63 -4.99
CA TYR B 409 38.85 -0.99 -6.34
C TYR B 409 40.27 -1.53 -6.36
N GLY B 410 41.18 -0.86 -5.64
CA GLY B 410 42.53 -1.36 -5.55
C GLY B 410 42.59 -2.74 -4.92
N MET B 411 41.80 -2.96 -3.87
CA MET B 411 41.80 -4.24 -3.18
C MET B 411 41.33 -5.37 -4.10
N ILE B 412 40.24 -5.14 -4.83
CA ILE B 412 39.74 -6.18 -5.71
C ILE B 412 40.67 -6.39 -6.91
N LEU B 413 41.34 -5.32 -7.36
CA LEU B 413 42.35 -5.48 -8.41
C LEU B 413 43.52 -6.33 -7.92
N LYS B 414 43.97 -6.10 -6.70
CA LYS B 414 45.05 -6.89 -6.14
C LYS B 414 44.65 -8.35 -6.03
N GLU B 415 43.44 -8.62 -5.55
CA GLU B 415 42.99 -10.01 -5.45
C GLU B 415 42.90 -10.66 -6.83
N LYS B 416 42.47 -9.89 -7.83
CA LYS B 416 42.37 -10.46 -9.17
C LYS B 416 43.75 -10.80 -9.74
N ILE B 417 44.76 -9.95 -9.52
CA ILE B 417 46.09 -10.29 -10.05
C ILE B 417 46.71 -11.43 -9.24
N ASP B 418 46.40 -11.53 -7.94
CA ASP B 418 46.80 -12.71 -7.19
C ASP B 418 46.19 -13.97 -7.78
N GLU B 419 44.90 -13.91 -8.13
CA GLU B 419 44.25 -15.04 -8.78
C GLU B 419 44.91 -15.35 -10.11
N TYR B 420 45.36 -14.33 -10.83
CA TYR B 420 46.06 -14.54 -12.09
C TYR B 420 47.34 -15.34 -11.87
N LEU B 421 48.15 -14.91 -10.89
CA LEU B 421 49.38 -15.64 -10.59
C LEU B 421 49.07 -17.08 -10.17
N GLN B 422 48.04 -17.26 -9.35
CA GLN B 422 47.68 -18.60 -8.90
C GLN B 422 47.21 -19.46 -10.06
N ASN B 423 46.51 -18.86 -11.02
CA ASN B 423 46.09 -19.61 -12.20
C ASN B 423 47.29 -20.06 -13.02
N ILE B 424 48.29 -19.19 -13.19
CA ILE B 424 49.43 -19.64 -13.98
C ILE B 424 50.25 -20.68 -13.22
N ILE B 425 50.30 -20.58 -11.89
CA ILE B 425 50.99 -21.61 -11.10
C ILE B 425 50.26 -22.93 -11.20
N ALA B 426 48.92 -22.91 -11.14
CA ALA B 426 48.16 -24.14 -11.34
C ALA B 426 48.34 -24.68 -12.75
N GLN B 427 48.52 -23.80 -13.73
CA GLN B 427 48.84 -24.29 -15.08
C GLN B 427 50.18 -24.99 -15.10
N VAL B 428 51.18 -24.41 -14.43
CA VAL B 428 52.49 -25.07 -14.33
C VAL B 428 52.34 -26.43 -13.67
N ARG B 429 51.54 -26.49 -12.60
CA ARG B 429 51.33 -27.76 -11.91
C ARG B 429 50.67 -28.78 -12.83
N MET B 430 49.68 -28.35 -13.60
CA MET B 430 49.05 -29.27 -14.54
C MET B 430 50.04 -29.78 -15.58
N ASP B 431 50.90 -28.90 -16.07
CA ASP B 431 51.91 -29.33 -17.04
C ASP B 431 52.91 -30.30 -16.41
N ILE B 432 53.31 -30.03 -15.16
CA ILE B 432 54.25 -30.91 -14.47
C ILE B 432 53.64 -32.29 -14.25
N ASN B 433 52.35 -32.34 -13.94
CA ASN B 433 51.65 -33.59 -13.72
C ASN B 433 50.85 -34.03 -14.95
N ARG B 434 51.35 -33.73 -16.15
CA ARG B 434 50.76 -34.20 -17.39
C ARG B 434 51.73 -34.96 -18.28
N GLY B 435 53.01 -35.00 -17.95
CA GLY B 435 53.99 -35.63 -18.81
C GLY B 435 55.24 -34.77 -18.96
N MET B 436 55.30 -33.68 -18.20
CA MET B 436 56.45 -32.77 -18.17
C MET B 436 56.65 -32.21 -19.57
N ALA B 437 57.77 -32.49 -20.25
CA ALA B 437 58.13 -31.85 -21.51
C ALA B 437 58.18 -30.33 -21.33
N ILE B 438 58.87 -29.89 -20.29
CA ILE B 438 58.98 -28.49 -19.91
C ILE B 438 60.44 -28.12 -19.79
N ASN B 439 60.73 -26.82 -19.88
CA ASN B 439 62.01 -26.25 -19.50
C ASN B 439 61.76 -24.83 -19.03
N PHE B 440 61.97 -24.58 -17.74
CA PHE B 440 61.54 -23.32 -17.14
C PHE B 440 62.31 -22.12 -17.67
N LYS B 441 63.46 -22.32 -18.31
CA LYS B 441 64.27 -21.22 -18.77
C LYS B 441 64.15 -20.98 -20.28
N ASP B 442 63.02 -21.36 -20.88
CA ASP B 442 62.80 -21.18 -22.31
C ASP B 442 61.63 -20.23 -22.52
N LYS B 443 61.84 -19.18 -23.30
CA LYS B 443 60.76 -18.26 -23.61
C LYS B 443 59.63 -18.96 -24.34
N ARG B 444 59.95 -20.01 -25.09
CA ARG B 444 58.91 -20.79 -25.77
C ARG B 444 57.93 -21.39 -24.75
N TYR B 445 58.45 -21.97 -23.67
CA TYR B 445 57.57 -22.55 -22.67
C TYR B 445 56.81 -21.49 -21.89
N MET B 446 57.43 -20.34 -21.64
CA MET B 446 56.71 -19.25 -20.99
C MET B 446 55.54 -18.78 -21.83
N SER B 447 55.76 -18.60 -23.13
CA SER B 447 54.66 -18.26 -24.02
C SER B 447 53.63 -19.38 -24.10
N ARG B 448 54.07 -20.63 -23.92
CA ARG B 448 53.13 -21.74 -23.97
C ARG B 448 52.20 -21.73 -22.76
N VAL B 449 52.76 -21.52 -21.57
CA VAL B 449 51.93 -21.51 -20.36
C VAL B 449 51.05 -20.28 -20.33
N LEU B 450 51.59 -19.12 -20.68
CA LEU B 450 50.83 -17.88 -20.58
C LEU B 450 49.61 -17.89 -21.50
N MET B 451 49.78 -18.33 -22.74
CA MET B 451 48.71 -18.20 -23.73
C MET B 451 47.53 -19.12 -23.47
N ARG B 452 47.64 -20.07 -22.53
CA ARG B 452 46.55 -20.97 -22.23
C ARG B 452 45.75 -20.55 -20.99
N VAL B 453 46.22 -19.57 -20.23
CA VAL B 453 45.56 -19.14 -19.00
C VAL B 453 44.89 -17.79 -19.22
N ASN B 454 43.99 -17.45 -18.30
CA ASN B 454 43.13 -16.27 -18.45
C ASN B 454 43.87 -15.04 -17.95
N GLU B 455 44.35 -14.23 -18.88
CA GLU B 455 45.02 -12.98 -18.55
C GLU B 455 44.07 -11.78 -18.55
N ASN B 456 42.80 -12.00 -18.86
CA ASN B 456 41.83 -10.91 -19.03
C ASN B 456 41.33 -10.46 -17.66
N ILE B 457 42.23 -9.79 -16.94
CA ILE B 457 41.89 -9.27 -15.61
C ILE B 457 40.93 -8.10 -15.72
N GLY B 458 41.00 -7.35 -16.83
CA GLY B 458 40.14 -6.20 -16.99
C GLY B 458 38.66 -6.55 -17.02
N SER B 459 38.32 -7.65 -17.70
CA SER B 459 36.92 -8.02 -17.79
C SER B 459 36.35 -8.44 -16.44
N LYS B 460 37.20 -8.90 -15.51
CA LYS B 460 36.70 -9.21 -14.18
C LYS B 460 36.37 -7.95 -13.39
N MET B 461 37.18 -6.90 -13.56
CA MET B 461 36.82 -5.60 -12.98
C MET B 461 35.54 -5.07 -13.61
N GLN B 462 35.42 -5.20 -14.93
CA GLN B 462 34.20 -4.78 -15.59
C GLN B 462 32.99 -5.58 -15.11
N TYR B 463 33.20 -6.85 -14.76
CA TYR B 463 32.11 -7.63 -14.19
C TYR B 463 31.73 -7.11 -12.81
N PHE B 464 32.73 -6.86 -11.96
CA PHE B 464 32.45 -6.29 -10.64
C PHE B 464 31.72 -4.96 -10.76
N LEU B 465 31.90 -4.25 -11.87
CA LEU B 465 31.18 -3.00 -12.03
C LEU B 465 29.78 -3.21 -12.60
N SER B 466 29.62 -4.08 -13.60
CA SER B 466 28.33 -4.20 -14.24
C SER B 466 27.34 -5.06 -13.44
N THR B 467 27.83 -5.82 -12.46
CA THR B 467 26.94 -6.57 -11.59
C THR B 467 27.10 -6.26 -10.11
N GLY B 468 28.24 -5.73 -9.69
CA GLY B 468 28.41 -5.38 -8.30
C GLY B 468 28.74 -6.53 -7.39
N ASN B 469 28.94 -7.73 -7.93
CA ASN B 469 29.19 -8.91 -7.13
C ASN B 469 30.68 -9.10 -6.91
N LEU B 470 31.10 -9.12 -5.66
CA LEU B 470 32.51 -9.26 -5.30
C LEU B 470 32.88 -10.74 -5.31
N VAL B 471 33.66 -11.16 -6.30
CA VAL B 471 34.15 -12.53 -6.39
C VAL B 471 35.55 -12.54 -5.77
N SER B 472 35.61 -12.83 -4.47
CA SER B 472 36.86 -12.82 -3.73
C SER B 472 37.20 -14.25 -3.35
N GLN B 473 38.25 -14.80 -3.99
CA GLN B 473 38.71 -16.13 -3.62
C GLN B 473 39.14 -16.16 -2.16
N SER B 474 39.86 -15.14 -1.72
CA SER B 474 40.19 -14.98 -0.31
C SER B 474 39.07 -14.20 0.36
N GLY B 475 38.57 -14.74 1.47
CA GLY B 475 37.59 -14.03 2.25
C GLY B 475 38.16 -12.69 2.69
N LEU B 476 37.45 -11.61 2.42
CA LEU B 476 37.96 -10.28 2.72
C LEU B 476 37.62 -9.93 4.17
N ASP B 477 37.79 -8.67 4.53
CA ASP B 477 37.30 -8.18 5.80
C ASP B 477 35.94 -7.50 5.66
N LEU B 478 35.33 -7.58 4.48
CA LEU B 478 33.98 -7.09 4.29
C LEU B 478 32.97 -8.15 4.71
N GLN B 479 31.84 -7.69 5.22
CA GLN B 479 30.79 -8.56 5.72
C GLN B 479 29.65 -8.77 4.74
N GLN B 480 29.81 -8.33 3.48
CA GLN B 480 28.80 -8.58 2.45
C GLN B 480 29.50 -8.98 1.16
N VAL B 481 28.69 -9.37 0.17
CA VAL B 481 29.23 -9.96 -1.05
C VAL B 481 28.55 -9.41 -2.30
N SER B 482 27.52 -8.59 -2.13
CA SER B 482 26.79 -8.11 -3.30
C SER B 482 26.27 -6.70 -3.05
N GLY B 483 25.96 -6.02 -4.16
CA GLY B 483 25.42 -4.68 -4.13
C GLY B 483 26.45 -3.59 -3.88
N TYR B 484 27.41 -3.45 -4.78
CA TYR B 484 28.46 -2.46 -4.65
C TYR B 484 28.43 -1.37 -5.70
N THR B 485 27.77 -1.58 -6.83
CA THR B 485 27.70 -0.59 -7.90
C THR B 485 26.30 -0.02 -7.96
N VAL B 486 26.23 1.31 -7.95
CA VAL B 486 24.97 2.05 -8.03
C VAL B 486 24.91 2.72 -9.38
N VAL B 487 23.83 2.48 -10.11
CA VAL B 487 23.63 3.19 -11.38
C VAL B 487 23.40 4.66 -11.09
N ALA B 488 24.14 5.52 -11.77
CA ALA B 488 23.91 6.95 -11.67
C ALA B 488 22.78 7.29 -12.63
N GLU B 489 21.56 7.31 -12.09
CA GLU B 489 20.38 7.49 -12.92
C GLU B 489 20.42 8.82 -13.67
N LYS B 490 20.85 9.88 -12.98
CA LYS B 490 20.96 11.22 -13.56
C LYS B 490 19.62 11.68 -14.13
N ILE B 491 18.68 11.88 -13.21
CA ILE B 491 17.42 12.53 -13.49
C ILE B 491 17.44 13.99 -13.06
N ASN B 492 18.15 14.29 -11.98
CA ASN B 492 18.41 15.64 -11.54
C ASN B 492 19.88 15.77 -11.20
N PHE B 493 20.38 17.01 -11.20
CA PHE B 493 21.68 17.20 -10.61
C PHE B 493 21.64 16.95 -9.11
N TYR B 494 20.46 17.05 -8.50
CA TYR B 494 20.34 16.69 -7.09
C TYR B 494 20.54 15.20 -6.89
N ARG B 495 19.87 14.40 -7.71
CA ARG B 495 20.05 12.95 -7.69
C ARG B 495 21.51 12.59 -7.94
N PHE B 496 22.08 13.17 -9.00
CA PHE B 496 23.44 12.86 -9.41
C PHE B 496 24.45 13.28 -8.34
N ILE B 497 24.37 14.51 -7.85
CA ILE B 497 25.31 14.94 -6.82
C ILE B 497 25.06 14.20 -5.52
N SER B 498 23.86 13.66 -5.32
CA SER B 498 23.59 12.89 -4.11
C SER B 498 24.23 11.51 -4.18
N HIS B 499 24.37 10.97 -5.39
CA HIS B 499 25.00 9.66 -5.53
C HIS B 499 26.36 9.61 -4.85
N PHE B 500 27.11 10.70 -4.90
CA PHE B 500 28.51 10.70 -4.49
C PHE B 500 28.72 11.10 -3.04
N ARG B 501 27.66 11.26 -2.25
CA ARG B 501 27.84 11.66 -0.86
C ARG B 501 27.20 10.69 0.13
N MET B 502 26.73 9.53 -0.33
CA MET B 502 25.96 8.63 0.52
C MET B 502 26.83 7.47 0.97
N VAL B 503 26.92 7.28 2.27
CA VAL B 503 27.44 6.05 2.83
C VAL B 503 26.32 5.02 2.85
N HIS B 504 26.70 3.77 3.01
CA HIS B 504 25.74 2.69 3.21
C HIS B 504 26.25 1.85 4.36
N ARG B 505 25.37 1.49 5.29
CA ARG B 505 25.81 0.63 6.37
C ARG B 505 26.17 -0.75 5.86
N GLY B 506 25.46 -1.24 4.85
CA GLY B 506 25.75 -2.52 4.25
C GLY B 506 24.44 -3.24 3.96
N SER B 507 24.45 -4.04 2.89
CA SER B 507 23.28 -4.86 2.60
C SER B 507 23.06 -5.92 3.68
N PHE B 508 24.04 -6.12 4.55
CA PHE B 508 23.85 -6.95 5.74
C PHE B 508 22.75 -6.39 6.62
N PHE B 509 22.85 -5.11 6.98
CA PHE B 509 22.01 -4.51 8.01
C PHE B 509 20.59 -4.19 7.54
N ALA B 510 20.34 -4.24 6.22
CA ALA B 510 18.99 -3.96 5.74
C ALA B 510 18.00 -5.00 6.26
N GLN B 511 18.43 -6.26 6.31
CA GLN B 511 17.60 -7.36 6.79
C GLN B 511 17.98 -7.64 8.24
N LEU B 512 17.47 -6.81 9.13
CA LEU B 512 17.76 -6.94 10.55
C LEU B 512 16.55 -6.50 11.35
N LYS B 513 16.46 -6.98 12.58
CA LYS B 513 15.32 -6.71 13.44
C LYS B 513 15.60 -5.61 14.46
N THR B 514 16.77 -5.65 15.10
CA THR B 514 17.08 -4.66 16.13
C THR B 514 17.51 -3.34 15.50
N THR B 515 16.74 -2.29 15.77
CA THR B 515 16.87 -1.02 15.05
C THR B 515 17.80 -0.05 15.75
N THR B 516 18.67 -0.53 16.63
CA THR B 516 19.62 0.34 17.30
C THR B 516 20.68 0.86 16.33
N VAL B 517 20.91 0.16 15.22
CA VAL B 517 21.83 0.68 14.19
C VAL B 517 21.20 1.86 13.46
N ARG B 518 19.89 1.81 13.20
CA ARG B 518 19.22 2.80 12.37
C ARG B 518 19.01 4.13 13.09
N LYS B 519 19.19 4.19 14.40
CA LYS B 519 18.91 5.43 15.12
C LYS B 519 19.89 6.51 14.71
N LEU B 520 19.40 7.74 14.61
CA LEU B 520 20.28 8.88 14.55
C LEU B 520 21.00 9.03 15.89
N LEU B 521 22.29 9.35 15.83
CA LEU B 521 23.12 9.39 17.02
C LEU B 521 23.86 10.72 17.11
N PRO B 522 24.14 11.19 18.32
CA PRO B 522 24.86 12.47 18.46
C PRO B 522 26.29 12.42 17.98
N GLU B 523 26.88 11.22 17.81
CA GLU B 523 28.24 11.12 17.31
C GLU B 523 28.38 11.57 15.86
N SER B 524 27.28 11.74 15.14
CA SER B 524 27.31 12.21 13.76
C SER B 524 27.07 13.71 13.65
N TRP B 525 27.55 14.49 14.61
CA TRP B 525 27.32 15.93 14.61
C TRP B 525 28.15 16.61 13.54
N GLY B 526 27.61 16.67 12.33
CA GLY B 526 28.27 17.34 11.23
C GLY B 526 28.99 16.42 10.26
N PHE B 527 28.93 15.11 10.47
CA PHE B 527 29.49 14.16 9.53
C PHE B 527 28.43 13.51 8.67
N LEU B 528 27.34 13.06 9.28
CA LEU B 528 26.19 12.54 8.57
C LEU B 528 25.07 13.55 8.65
N CYS B 529 24.44 13.84 7.53
CA CYS B 529 23.36 14.82 7.53
C CYS B 529 22.15 14.24 8.23
N PRO B 530 21.67 14.85 9.32
CA PRO B 530 20.51 14.28 10.02
C PRO B 530 19.26 14.23 9.16
N VAL B 531 18.89 15.33 8.53
CA VAL B 531 17.63 15.38 7.81
C VAL B 531 17.69 14.47 6.58
N HIS B 532 18.82 14.43 5.91
CA HIS B 532 18.93 13.64 4.68
C HIS B 532 18.98 12.17 5.04
N THR B 533 17.92 11.45 4.69
CA THR B 533 17.77 10.02 4.91
C THR B 533 16.58 9.53 4.10
N PRO B 534 16.72 8.44 3.35
CA PRO B 534 15.56 7.92 2.61
C PRO B 534 14.50 7.38 3.55
N ASP B 535 13.26 7.39 3.07
CA ASP B 535 12.11 7.01 3.87
C ASP B 535 11.65 5.60 3.51
N GLY B 536 11.58 4.74 4.52
CA GLY B 536 11.18 3.36 4.32
C GLY B 536 12.21 2.37 4.86
N SER B 537 12.50 1.35 4.08
CA SER B 537 13.50 0.37 4.48
C SER B 537 14.89 0.96 4.69
N PRO B 538 15.44 1.79 3.80
CA PRO B 538 16.82 2.24 3.99
C PRO B 538 16.99 3.29 5.08
N CYS B 539 15.91 3.69 5.75
CA CYS B 539 16.00 4.79 6.71
C CYS B 539 16.99 4.46 7.82
N GLY B 540 17.87 5.41 8.11
CA GLY B 540 18.89 5.23 9.12
C GLY B 540 20.13 4.49 8.66
N LEU B 541 20.14 4.01 7.42
CA LEU B 541 21.28 3.26 6.90
C LEU B 541 21.93 3.96 5.72
N LEU B 542 21.17 4.27 4.66
CA LEU B 542 21.72 4.96 3.49
C LEU B 542 21.81 6.45 3.81
N ASN B 543 22.84 6.80 4.56
CA ASN B 543 23.00 8.17 5.03
C ASN B 543 23.53 9.05 3.90
N HIS B 544 23.90 10.28 4.25
CA HIS B 544 24.62 11.18 3.35
C HIS B 544 25.55 12.02 4.20
N PHE B 545 26.61 12.52 3.58
CA PHE B 545 27.62 13.29 4.30
C PHE B 545 27.24 14.75 4.39
N ALA B 546 27.60 15.38 5.49
CA ALA B 546 27.47 16.83 5.60
C ALA B 546 28.36 17.50 4.58
N HIS B 547 27.82 18.52 3.91
CA HIS B 547 28.43 19.01 2.68
C HIS B 547 29.84 19.54 2.90
N LYS B 548 30.21 19.89 4.13
CA LYS B 548 31.56 20.33 4.44
C LYS B 548 32.44 19.22 4.98
N CYS B 549 31.91 18.02 5.17
CA CYS B 549 32.71 16.91 5.66
C CYS B 549 33.50 16.30 4.51
N ARG B 550 34.82 16.35 4.60
CA ARG B 550 35.72 15.83 3.58
C ARG B 550 36.43 14.60 4.13
N ILE B 551 36.27 13.49 3.45
CA ILE B 551 36.84 12.21 3.87
C ILE B 551 38.29 12.15 3.39
N SER B 552 39.21 11.81 4.29
CA SER B 552 40.61 11.75 3.93
C SER B 552 40.86 10.68 2.88
N THR B 553 41.84 10.92 2.02
CA THR B 553 42.15 9.99 0.95
C THR B 553 43.63 9.64 0.83
N GLN B 554 44.50 10.17 1.70
CA GLN B 554 45.90 9.82 1.67
C GLN B 554 46.46 9.86 3.08
N GLN B 555 47.71 9.44 3.20
CA GLN B 555 48.37 9.29 4.48
C GLN B 555 48.95 10.60 4.97
N SER B 556 48.97 10.78 6.29
CA SER B 556 49.60 11.91 6.95
C SER B 556 50.97 11.49 7.44
N ASP B 557 51.95 12.39 7.30
CA ASP B 557 53.33 12.06 7.62
C ASP B 557 53.56 12.21 9.11
N VAL B 558 53.38 11.11 9.83
CA VAL B 558 53.46 11.11 11.28
C VAL B 558 54.82 10.62 11.76
N SER B 559 55.81 10.54 10.86
CA SER B 559 57.12 10.03 11.24
C SER B 559 57.82 10.96 12.22
N ARG B 560 57.57 12.25 12.13
CA ARG B 560 58.17 13.24 13.02
C ARG B 560 57.40 13.45 14.31
N ILE B 561 56.19 12.88 14.43
CA ILE B 561 55.41 13.07 15.65
C ILE B 561 56.08 12.47 16.88
N PRO B 562 56.66 11.26 16.84
CA PRO B 562 57.33 10.77 18.05
C PRO B 562 58.40 11.71 18.56
N SER B 563 59.13 12.39 17.67
CA SER B 563 60.20 13.28 18.10
C SER B 563 59.69 14.35 19.04
N ILE B 564 58.65 15.07 18.64
CA ILE B 564 58.07 16.08 19.53
C ILE B 564 57.41 15.41 20.73
N LEU B 565 56.81 14.24 20.55
CA LEU B 565 56.20 13.55 21.68
C LEU B 565 57.24 13.18 22.73
N TYR B 566 58.42 12.75 22.29
CA TYR B 566 59.47 12.42 23.24
C TYR B 566 59.95 13.64 24.01
N SER B 567 59.99 14.81 23.36
CA SER B 567 60.36 16.04 24.05
C SER B 567 59.33 16.38 25.13
N LEU B 568 58.05 16.20 24.83
CA LEU B 568 57.01 16.49 25.81
C LEU B 568 57.15 15.60 27.03
N GLY B 569 57.54 14.34 26.84
CA GLY B 569 57.67 13.42 27.94
C GLY B 569 56.98 12.09 27.75
N VAL B 570 56.72 11.71 26.51
CA VAL B 570 56.12 10.40 26.21
C VAL B 570 57.23 9.36 26.31
N ALA B 571 57.28 8.66 27.45
CA ALA B 571 58.34 7.68 27.68
C ALA B 571 58.15 6.48 26.76
N PRO B 572 59.18 6.09 26.00
CA PRO B 572 59.01 5.01 25.01
C PRO B 572 58.62 3.70 25.68
N ALA B 573 57.86 2.90 24.92
CA ALA B 573 57.33 1.64 25.44
C ALA B 573 58.41 0.62 25.74
N SER B 574 59.60 0.75 25.12
CA SER B 574 60.66 -0.20 25.38
C SER B 574 61.24 -0.03 26.77
N HIS B 575 61.25 1.20 27.29
CA HIS B 575 61.92 1.53 28.54
C HIS B 575 60.98 2.25 29.49
N THR B 576 59.80 1.68 29.72
CA THR B 576 58.89 2.30 30.67
C THR B 576 58.36 1.35 31.73
N PHE B 577 58.12 0.08 31.39
CA PHE B 577 57.55 -0.91 32.30
C PHE B 577 56.23 -0.42 32.88
N ALA B 578 55.24 -0.29 31.98
CA ALA B 578 53.92 0.20 32.33
C ALA B 578 52.86 -0.70 31.71
N ALA B 579 51.68 -0.71 32.31
CA ALA B 579 50.55 -1.49 31.81
C ALA B 579 49.27 -1.04 32.49
N GLY B 580 48.16 -1.16 31.77
CA GLY B 580 46.85 -0.93 32.32
C GLY B 580 46.23 0.41 31.94
N PRO B 581 44.90 0.49 32.05
CA PRO B 581 44.23 1.80 31.90
C PRO B 581 44.56 2.77 33.02
N SER B 582 45.22 2.33 34.10
CA SER B 582 45.63 3.24 35.16
C SER B 582 46.57 4.32 34.67
N LEU B 583 47.23 4.10 33.53
CA LEU B 583 48.10 5.08 32.92
C LEU B 583 47.67 5.31 31.47
N CYS B 584 47.89 6.53 30.99
CA CYS B 584 47.54 6.86 29.62
C CYS B 584 48.53 6.23 28.65
N CYS B 585 48.00 5.69 27.55
CA CYS B 585 48.79 5.07 26.51
C CYS B 585 48.74 5.95 25.28
N VAL B 586 49.90 6.45 24.86
CA VAL B 586 50.03 7.31 23.69
C VAL B 586 50.37 6.43 22.51
N GLN B 587 49.49 6.40 21.52
CA GLN B 587 49.61 5.52 20.36
C GLN B 587 49.40 6.32 19.10
N ILE B 588 50.04 5.88 18.01
CA ILE B 588 49.96 6.54 16.73
C ILE B 588 49.58 5.51 15.67
N ASP B 589 48.49 5.78 14.96
CA ASP B 589 48.09 5.02 13.77
C ASP B 589 47.93 3.53 14.05
N GLY B 590 47.76 3.13 15.30
CA GLY B 590 47.59 1.73 15.63
C GLY B 590 48.78 1.02 16.22
N LYS B 591 49.84 1.74 16.60
CA LYS B 591 50.98 1.15 17.27
C LYS B 591 51.28 1.93 18.53
N ILE B 592 51.59 1.21 19.62
CA ILE B 592 51.90 1.86 20.88
C ILE B 592 53.19 2.65 20.73
N ILE B 593 53.17 3.89 21.21
CA ILE B 593 54.36 4.74 21.26
C ILE B 593 54.91 4.85 22.67
N GLY B 594 54.07 5.18 23.63
CA GLY B 594 54.57 5.39 24.98
C GLY B 594 53.47 5.32 26.01
N TRP B 595 53.87 5.49 27.27
CA TRP B 595 52.95 5.51 28.39
C TRP B 595 53.26 6.74 29.24
N VAL B 596 52.24 7.53 29.55
CA VAL B 596 52.38 8.75 30.34
C VAL B 596 51.25 8.84 31.35
N SER B 597 51.36 9.82 32.23
CA SER B 597 50.31 10.10 33.21
C SER B 597 49.09 10.69 32.52
N HIS B 598 47.99 10.75 33.27
CA HIS B 598 46.75 11.30 32.71
C HIS B 598 46.84 12.81 32.56
N GLU B 599 47.35 13.50 33.58
CA GLU B 599 47.50 14.96 33.50
C GLU B 599 48.45 15.34 32.37
N GLN B 600 49.56 14.62 32.26
CA GLN B 600 50.44 14.79 31.11
C GLN B 600 49.71 14.47 29.81
N GLY B 601 48.76 13.53 29.86
CA GLY B 601 47.97 13.24 28.69
C GLY B 601 47.14 14.43 28.24
N LYS B 602 46.45 15.09 29.18
CA LYS B 602 45.70 16.29 28.85
C LYS B 602 46.63 17.36 28.29
N ILE B 603 47.76 17.58 28.95
CA ILE B 603 48.67 18.64 28.53
C ILE B 603 49.15 18.39 27.11
N ILE B 604 49.61 17.17 26.81
CA ILE B 604 50.17 16.93 25.49
C ILE B 604 49.08 16.88 24.43
N ALA B 605 47.86 16.42 24.77
CA ALA B 605 46.79 16.42 23.80
C ALA B 605 46.45 17.85 23.36
N ASP B 606 46.19 18.72 24.34
CA ASP B 606 45.87 20.10 24.00
C ASP B 606 47.05 20.80 23.33
N THR B 607 48.27 20.52 23.78
CA THR B 607 49.45 21.17 23.18
C THR B 607 49.64 20.75 21.74
N LEU B 608 49.44 19.46 21.45
CA LEU B 608 49.55 19.00 20.07
C LEU B 608 48.46 19.62 19.21
N ARG B 609 47.26 19.78 19.76
CA ARG B 609 46.23 20.50 19.00
C ARG B 609 46.64 21.94 18.73
N TYR B 610 47.19 22.62 19.74
CA TYR B 610 47.66 23.98 19.56
C TYR B 610 48.67 24.06 18.43
N TRP B 611 49.68 23.19 18.48
CA TRP B 611 50.73 23.24 17.46
C TRP B 611 50.18 22.91 16.08
N LYS B 612 49.30 21.91 15.97
CA LYS B 612 48.83 21.48 14.66
C LYS B 612 47.94 22.53 14.02
N VAL B 613 47.08 23.19 14.82
CA VAL B 613 46.23 24.23 14.24
C VAL B 613 47.05 25.46 13.88
N GLU B 614 48.00 25.82 14.74
CA GLU B 614 48.83 27.01 14.50
C GLU B 614 49.70 26.86 13.28
N GLY B 619 56.13 19.03 9.26
CA GLY B 619 56.15 19.03 10.70
C GLY B 619 54.96 18.31 11.31
N LEU B 620 53.78 18.88 11.11
CA LEU B 620 52.51 18.30 11.59
C LEU B 620 51.44 18.57 10.55
N PRO B 621 50.76 17.55 10.04
CA PRO B 621 49.75 17.78 9.01
C PRO B 621 48.48 18.38 9.59
N ILE B 622 47.57 18.75 8.69
CA ILE B 622 46.27 19.28 9.10
C ILE B 622 45.22 18.18 9.23
N ASP B 623 45.54 16.95 8.84
CA ASP B 623 44.63 15.83 8.98
C ASP B 623 44.92 14.99 10.21
N LEU B 624 45.83 15.43 11.08
CA LEU B 624 46.21 14.66 12.26
C LEU B 624 45.05 14.65 13.24
N GLU B 625 44.28 13.56 13.25
CA GLU B 625 43.13 13.45 14.14
C GLU B 625 43.59 13.00 15.52
N ILE B 626 43.29 13.80 16.53
CA ILE B 626 43.79 13.57 17.88
C ILE B 626 42.62 13.20 18.78
N GLY B 627 42.62 11.99 19.32
CA GLY B 627 41.59 11.63 20.25
C GLY B 627 42.15 11.28 21.62
N TYR B 628 41.88 12.10 22.61
CA TYR B 628 42.33 11.86 23.96
C TYR B 628 41.13 11.43 24.79
N VAL B 629 41.02 10.13 25.06
CA VAL B 629 39.96 9.60 25.90
C VAL B 629 40.39 9.75 27.36
N PRO B 630 39.74 10.59 28.14
CA PRO B 630 40.21 10.88 29.50
C PRO B 630 39.71 9.83 30.48
N PRO B 631 40.24 9.80 31.71
CA PRO B 631 39.79 8.79 32.68
C PRO B 631 38.35 9.01 33.10
N SER B 632 37.46 8.14 32.64
CA SER B 632 36.04 8.19 32.95
C SER B 632 35.68 6.92 33.70
N THR B 633 34.95 7.07 34.81
CA THR B 633 34.68 5.93 35.67
C THR B 633 33.90 4.86 34.94
N ARG B 634 34.55 3.74 34.67
CA ARG B 634 33.89 2.56 34.09
C ARG B 634 33.22 2.91 32.76
N GLY B 635 33.86 3.79 32.00
CA GLY B 635 33.38 4.17 30.69
C GLY B 635 34.24 3.63 29.57
N GLN B 636 34.78 4.51 28.74
CA GLN B 636 35.64 4.07 27.66
C GLN B 636 37.08 3.92 28.14
N TYR B 637 37.88 3.23 27.34
CA TYR B 637 39.28 2.99 27.65
C TYR B 637 40.09 4.27 27.52
N PRO B 638 40.80 4.70 28.56
CA PRO B 638 41.58 5.92 28.47
C PRO B 638 42.75 5.77 27.51
N GLY B 639 43.19 6.89 26.98
CA GLY B 639 44.42 6.88 26.20
C GLY B 639 44.38 7.90 25.09
N LEU B 640 45.56 8.19 24.55
CA LEU B 640 45.71 9.15 23.48
C LEU B 640 45.95 8.39 22.19
N TYR B 641 45.07 8.58 21.21
CA TYR B 641 45.11 7.87 19.94
C TYR B 641 45.28 8.91 18.83
N LEU B 642 46.36 8.80 18.08
CA LEU B 642 46.64 9.71 16.97
C LEU B 642 46.40 8.97 15.67
N PHE B 643 45.62 9.58 14.78
CA PHE B 643 45.32 8.99 13.49
C PHE B 643 45.81 9.91 12.38
N GLY B 644 46.34 9.30 11.33
CA GLY B 644 46.74 10.03 10.15
C GLY B 644 46.46 9.24 8.89
N GLY B 645 45.78 8.11 9.03
CA GLY B 645 45.60 7.20 7.92
C GLY B 645 44.57 7.67 6.93
N HIS B 646 44.33 6.83 5.94
CA HIS B 646 43.34 7.13 4.93
C HIS B 646 41.93 7.00 5.51
N SER B 647 40.97 7.51 4.75
CA SER B 647 39.55 7.20 4.97
C SER B 647 39.07 7.59 6.36
N ARG B 648 39.45 8.79 6.80
CA ARG B 648 38.99 9.33 8.07
C ARG B 648 38.07 10.51 7.80
N MET B 649 36.84 10.42 8.30
CA MET B 649 35.89 11.51 8.13
C MET B 649 36.37 12.73 8.89
N LEU B 650 36.64 13.80 8.16
CA LEU B 650 37.19 15.01 8.75
C LEU B 650 36.36 16.20 8.30
N ARG B 651 35.93 17.02 9.24
CA ARG B 651 35.19 18.21 8.87
C ARG B 651 35.82 19.43 9.55
N PRO B 652 35.66 20.60 8.94
CA PRO B 652 36.32 21.79 9.47
C PRO B 652 35.55 22.50 10.57
N VAL B 653 36.20 22.72 11.70
CA VAL B 653 35.69 23.56 12.77
C VAL B 653 36.65 24.72 12.92
N ARG B 654 36.28 25.69 13.74
CA ARG B 654 37.10 26.87 13.93
C ARG B 654 37.69 26.81 15.34
N TYR B 655 38.97 26.48 15.42
CA TYR B 655 39.68 26.52 16.69
C TYR B 655 39.62 27.94 17.22
N LEU B 656 38.95 28.10 18.36
CA LEU B 656 38.62 29.42 18.89
C LEU B 656 39.85 30.24 19.23
N PRO B 657 40.83 29.75 19.99
CA PRO B 657 42.13 30.42 19.99
C PRO B 657 42.71 30.39 18.59
N LEU B 658 43.33 31.49 18.19
CA LEU B 658 43.92 31.65 16.87
C LEU B 658 42.83 31.66 15.79
N ASP B 659 41.59 31.39 16.18
CA ASP B 659 40.42 31.50 15.31
C ASP B 659 40.64 30.84 13.95
N LYS B 660 41.32 29.70 13.94
CA LYS B 660 41.80 29.17 12.67
C LYS B 660 41.10 27.86 12.33
N GLU B 661 40.98 27.59 11.03
CA GLU B 661 40.27 26.41 10.54
C GLU B 661 41.04 25.18 10.97
N ASP B 662 40.54 24.50 11.99
CA ASP B 662 41.01 23.19 12.38
C ASP B 662 40.14 22.13 11.70
N ILE B 663 40.69 20.93 11.58
CA ILE B 663 39.97 19.79 11.03
C ILE B 663 39.85 18.75 12.13
N VAL B 664 38.62 18.25 12.36
CA VAL B 664 38.39 17.29 13.43
C VAL B 664 37.65 16.08 12.87
N GLY B 665 37.71 15.00 13.64
CA GLY B 665 37.02 13.77 13.32
C GLY B 665 36.21 13.26 14.49
N PRO B 666 35.42 12.21 14.28
CA PRO B 666 34.45 11.80 15.32
C PRO B 666 35.10 11.36 16.63
N PHE B 667 36.07 10.47 16.56
CA PHE B 667 36.77 10.02 17.76
C PHE B 667 37.33 11.21 18.53
N GLU B 668 37.81 12.21 17.81
CA GLU B 668 38.27 13.45 18.43
C GLU B 668 37.09 14.28 18.93
N GLN B 669 35.96 14.22 18.24
CA GLN B 669 34.86 15.13 18.47
C GLN B 669 34.05 14.80 19.71
N VAL B 670 33.89 13.52 20.03
CA VAL B 670 32.96 13.13 21.08
C VAL B 670 33.49 13.44 22.48
N TYR B 671 34.66 14.08 22.57
CA TYR B 671 35.22 14.43 23.87
C TYR B 671 35.62 15.89 23.99
N MET B 672 35.18 16.75 23.08
CA MET B 672 35.49 18.17 23.18
C MET B 672 34.24 18.99 22.91
N ASN B 673 34.23 20.20 23.47
CA ASN B 673 33.08 21.08 23.38
C ASN B 673 33.19 21.94 22.13
N ILE B 674 32.17 21.85 21.27
CA ILE B 674 32.13 22.58 20.01
C ILE B 674 30.88 23.43 20.02
N ALA B 675 31.03 24.73 20.26
CA ALA B 675 29.88 25.62 20.22
C ALA B 675 29.31 25.69 18.81
N VAL B 676 28.00 25.89 18.73
CA VAL B 676 27.33 25.93 17.43
C VAL B 676 27.33 27.34 16.84
N THR B 677 27.32 28.37 17.67
CA THR B 677 27.41 29.74 17.19
C THR B 677 28.26 30.55 18.16
N PRO B 678 28.94 31.59 17.68
CA PRO B 678 29.84 32.35 18.56
C PRO B 678 29.14 33.01 19.74
N GLN B 679 27.88 33.39 19.58
CA GLN B 679 27.17 34.04 20.69
C GLN B 679 26.99 33.12 21.88
N GLU B 680 27.19 31.81 21.70
CA GLU B 680 26.98 30.82 22.75
C GLU B 680 28.28 30.40 23.43
N ILE B 681 29.39 31.06 23.14
CA ILE B 681 30.68 30.64 23.68
C ILE B 681 30.69 30.87 25.18
N GLN B 682 30.85 29.79 25.94
CA GLN B 682 30.94 29.85 27.39
C GLN B 682 32.40 29.69 27.77
N ASN B 683 32.92 30.65 28.53
CA ASN B 683 34.34 30.70 28.80
C ASN B 683 34.81 29.47 29.59
N ASN B 684 36.05 29.08 29.32
CA ASN B 684 36.76 27.99 29.99
C ASN B 684 36.23 26.61 29.64
N VAL B 685 35.17 26.50 28.83
CA VAL B 685 34.70 25.18 28.41
C VAL B 685 34.65 25.01 26.91
N HIS B 686 34.50 26.06 26.11
CA HIS B 686 34.39 25.90 24.67
C HIS B 686 35.72 26.18 24.00
N THR B 687 36.06 25.33 23.04
CA THR B 687 37.30 25.42 22.30
C THR B 687 37.11 25.56 20.80
N HIS B 688 35.99 25.07 20.28
CA HIS B 688 35.73 25.12 18.85
C HIS B 688 34.33 25.67 18.60
N VAL B 689 34.20 26.50 17.59
CA VAL B 689 32.89 26.94 17.12
C VAL B 689 32.80 26.60 15.64
N GLU B 690 31.60 26.29 15.19
CA GLU B 690 31.43 25.92 13.80
C GLU B 690 31.52 27.15 12.91
N PHE B 691 32.02 26.94 11.69
CA PHE B 691 32.06 28.03 10.72
C PHE B 691 30.66 28.48 10.34
N THR B 692 29.68 27.64 10.57
CA THR B 692 28.27 27.93 10.41
C THR B 692 27.51 26.72 10.95
N PRO B 693 26.26 26.88 11.38
CA PRO B 693 25.44 25.70 11.68
C PRO B 693 24.84 25.06 10.44
N THR B 694 24.98 25.65 9.26
CA THR B 694 24.33 25.11 8.08
C THR B 694 25.19 24.10 7.32
N ASN B 695 26.38 23.79 7.81
CA ASN B 695 27.21 22.80 7.15
C ASN B 695 26.96 21.39 7.68
N ILE B 696 26.12 21.24 8.69
CA ILE B 696 25.73 19.90 9.14
C ILE B 696 24.86 19.22 8.10
N LEU B 697 24.01 19.99 7.44
CA LEU B 697 23.12 19.42 6.46
C LEU B 697 23.88 19.07 5.18
N SER B 698 23.35 18.09 4.45
CA SER B 698 23.85 17.80 3.13
C SER B 698 23.52 18.97 2.19
N ILE B 699 23.90 18.83 0.92
CA ILE B 699 23.60 19.88 -0.04
C ILE B 699 22.10 19.96 -0.28
N LEU B 700 21.45 18.83 -0.51
CA LEU B 700 20.01 18.82 -0.74
C LEU B 700 19.26 19.32 0.49
N ALA B 701 19.73 18.95 1.67
CA ALA B 701 19.07 19.43 2.88
C ALA B 701 19.24 20.92 3.05
N ASN B 702 20.35 21.49 2.56
CA ASN B 702 20.54 22.94 2.63
C ASN B 702 19.73 23.68 1.58
N LEU B 703 19.43 23.03 0.45
CA LEU B 703 18.74 23.68 -0.64
C LEU B 703 17.27 23.94 -0.34
N THR B 704 16.71 23.34 0.72
CA THR B 704 15.32 23.69 0.95
C THR B 704 15.22 24.90 1.87
N PRO B 705 14.28 25.81 1.60
CA PRO B 705 14.25 27.09 2.31
C PRO B 705 13.65 26.99 3.71
N PHE B 706 14.27 27.72 4.64
CA PHE B 706 13.80 27.87 6.03
C PHE B 706 13.55 26.52 6.68
N SER B 707 14.49 25.60 6.49
CA SER B 707 14.28 24.21 6.91
C SER B 707 14.00 24.10 8.40
N ASP B 708 14.47 25.07 9.19
CA ASP B 708 14.20 25.08 10.62
C ASP B 708 12.79 25.58 10.94
N PHE B 709 12.03 26.01 9.94
CA PHE B 709 10.61 26.35 10.07
C PHE B 709 9.74 25.25 9.50
N ASN B 710 10.13 23.99 9.70
CA ASN B 710 9.41 22.86 9.15
C ASN B 710 9.44 21.71 10.13
N GLN B 711 8.53 20.76 9.93
CA GLN B 711 8.57 19.50 10.64
C GLN B 711 9.62 18.59 10.02
N SER B 712 10.37 17.87 10.86
CA SER B 712 11.45 17.03 10.35
C SER B 712 11.00 16.00 9.32
N PRO B 713 9.90 15.27 9.51
CA PRO B 713 9.46 14.36 8.44
C PRO B 713 9.27 15.07 7.12
N ARG B 714 8.86 16.33 7.12
CA ARG B 714 8.69 17.04 5.86
C ARG B 714 10.02 17.46 5.27
N ASN B 715 11.01 17.79 6.10
CA ASN B 715 12.36 17.99 5.58
C ASN B 715 12.86 16.73 4.89
N MET B 716 12.66 15.58 5.52
CA MET B 716 13.13 14.32 4.94
C MET B 716 12.35 13.98 3.68
N TYR B 717 11.05 14.26 3.67
CA TYR B 717 10.24 14.05 2.47
C TYR B 717 10.74 14.90 1.32
N GLN B 718 11.12 16.16 1.60
CA GLN B 718 11.71 17.00 0.56
C GLN B 718 13.04 16.44 0.08
N CYS B 719 13.90 16.04 1.00
CA CYS B 719 15.19 15.49 0.59
C CYS B 719 14.99 14.28 -0.32
N GLN B 720 13.98 13.45 -0.03
CA GLN B 720 13.72 12.31 -0.88
C GLN B 720 13.12 12.72 -2.22
N MET B 721 12.17 13.65 -2.21
CA MET B 721 11.52 14.07 -3.44
C MET B 721 12.29 15.15 -4.18
N GLY B 722 13.33 15.72 -3.58
CA GLY B 722 14.23 16.56 -4.35
C GLY B 722 14.91 15.76 -5.45
N LYS B 723 15.32 14.54 -5.12
CA LYS B 723 16.07 13.68 -6.01
C LYS B 723 15.20 13.00 -7.07
N GLN B 724 13.95 13.45 -7.25
CA GLN B 724 13.06 12.77 -8.18
C GLN B 724 12.28 13.74 -9.06
N THR B 725 12.71 14.99 -9.15
CA THR B 725 11.99 15.98 -9.95
C THR B 725 12.36 15.86 -11.41
N MET B 726 11.37 16.06 -12.28
CA MET B 726 11.63 16.14 -13.71
C MET B 726 12.28 17.49 -13.99
N GLY B 727 13.57 17.56 -13.74
CA GLY B 727 14.34 18.79 -13.89
C GLY B 727 15.16 18.79 -15.17
N THR B 728 16.42 19.21 -15.06
CA THR B 728 17.36 19.16 -16.18
C THR B 728 18.55 18.31 -15.76
N PRO B 729 18.78 17.16 -16.39
CA PRO B 729 19.90 16.31 -15.97
C PRO B 729 21.22 16.76 -16.55
N GLY B 730 21.19 17.29 -17.76
CA GLY B 730 22.40 17.71 -18.44
C GLY B 730 22.07 18.53 -19.66
N VAL B 731 23.11 19.15 -20.21
CA VAL B 731 22.96 20.05 -21.35
C VAL B 731 23.46 19.42 -22.65
N ALA B 732 24.21 18.33 -22.58
CA ALA B 732 24.78 17.66 -23.75
C ALA B 732 23.92 16.49 -24.19
N LEU B 733 22.60 16.63 -24.12
CA LEU B 733 21.71 15.49 -24.34
C LEU B 733 21.82 14.94 -25.75
N CYS B 734 22.29 15.72 -26.72
CA CYS B 734 22.54 15.19 -28.04
C CYS B 734 23.70 14.20 -28.05
N HIS B 735 24.60 14.29 -27.09
CA HIS B 735 25.78 13.43 -27.01
C HIS B 735 25.64 12.34 -25.95
N ARG B 736 24.41 11.90 -25.69
CA ARG B 736 24.15 10.80 -24.78
C ARG B 736 23.13 9.88 -25.43
N SER B 737 23.11 8.63 -24.98
CA SER B 737 22.13 7.65 -25.45
C SER B 737 21.56 6.87 -24.28
N ASP B 738 21.29 7.56 -23.18
CA ASP B 738 20.77 6.90 -21.99
C ASP B 738 19.37 6.37 -22.24
N ASN B 739 19.02 5.31 -21.52
CA ASN B 739 17.75 4.62 -21.77
C ASN B 739 16.56 5.53 -21.49
N LYS B 740 16.62 6.31 -20.41
CA LYS B 740 15.52 7.19 -20.05
C LYS B 740 16.06 8.43 -19.36
N LEU B 741 15.51 9.57 -19.73
CA LEU B 741 15.95 10.87 -19.22
C LEU B 741 14.74 11.78 -19.17
N TYR B 742 14.60 12.55 -18.09
CA TYR B 742 13.49 13.45 -17.91
C TYR B 742 14.00 14.88 -17.93
N ARG B 743 13.48 15.70 -18.85
CA ARG B 743 13.95 17.07 -19.01
C ARG B 743 12.81 18.04 -18.77
N LEU B 744 13.05 19.04 -17.92
CA LEU B 744 12.11 20.13 -17.74
C LEU B 744 12.37 21.22 -18.77
N GLN B 745 11.33 21.61 -19.50
CA GLN B 745 11.53 22.47 -20.66
C GLN B 745 11.92 23.89 -20.25
N THR B 746 11.24 24.44 -19.24
CA THR B 746 11.43 25.84 -18.84
C THR B 746 11.62 25.90 -17.33
N GLY B 747 12.87 25.90 -16.87
CA GLY B 747 13.14 26.07 -15.46
C GLY B 747 13.27 27.53 -15.06
N GLN B 748 13.40 27.76 -13.76
CA GLN B 748 13.54 29.11 -13.23
C GLN B 748 14.38 29.07 -11.96
N THR B 749 15.03 30.19 -11.68
CA THR B 749 15.80 30.32 -10.46
C THR B 749 14.87 30.55 -9.27
N PRO B 750 15.12 29.92 -8.14
CA PRO B 750 14.32 30.21 -6.95
C PRO B 750 14.50 31.65 -6.52
N ILE B 751 13.38 32.34 -6.28
CA ILE B 751 13.42 33.65 -5.65
C ILE B 751 13.93 33.53 -4.23
N VAL B 752 13.53 32.45 -3.55
CA VAL B 752 14.03 32.14 -2.22
C VAL B 752 15.01 30.99 -2.36
N LYS B 753 16.23 31.18 -1.89
CA LYS B 753 17.25 30.17 -2.08
C LYS B 753 18.36 30.37 -1.06
N ALA B 754 18.94 29.26 -0.61
CA ALA B 754 20.05 29.35 0.29
C ALA B 754 21.26 29.92 -0.43
N ASN B 755 22.23 30.42 0.35
CA ASN B 755 23.46 30.90 -0.26
C ASN B 755 24.19 29.78 -0.97
N LEU B 756 24.13 28.56 -0.43
CA LEU B 756 24.79 27.43 -1.05
C LEU B 756 24.17 27.06 -2.39
N TYR B 757 23.01 27.61 -2.75
CA TYR B 757 22.38 27.25 -4.01
C TYR B 757 23.24 27.63 -5.20
N ASP B 758 24.03 28.70 -5.07
CA ASP B 758 24.88 29.17 -6.16
C ASP B 758 26.35 28.89 -5.95
N ASP B 759 26.76 28.50 -4.73
CA ASP B 759 28.10 27.94 -4.56
C ASP B 759 28.25 26.65 -5.34
N TYR B 760 27.21 25.82 -5.35
CA TYR B 760 27.21 24.58 -6.11
C TYR B 760 26.70 24.77 -7.52
N GLY B 761 26.41 26.00 -7.91
CA GLY B 761 26.06 26.28 -9.29
C GLY B 761 24.82 25.58 -9.77
N MET B 762 23.84 25.41 -8.88
CA MET B 762 22.62 24.72 -9.26
C MET B 762 21.88 25.44 -10.36
N ASP B 763 22.09 26.74 -10.52
CA ASP B 763 21.44 27.49 -11.59
C ASP B 763 21.79 26.93 -12.96
N ASN B 764 22.92 26.24 -13.09
CA ASN B 764 23.22 25.51 -14.31
C ASN B 764 22.20 24.42 -14.58
N PHE B 765 21.53 23.93 -13.53
CA PHE B 765 20.50 22.91 -13.63
C PHE B 765 19.25 23.43 -12.93
N PRO B 766 18.36 24.11 -13.65
CA PRO B 766 17.06 24.44 -13.07
C PRO B 766 16.34 23.16 -12.65
N ASN B 767 15.52 23.27 -11.63
CA ASN B 767 14.74 22.13 -11.15
C ASN B 767 13.24 22.34 -11.20
N GLY B 768 12.76 23.56 -10.99
CA GLY B 768 11.34 23.81 -11.02
C GLY B 768 11.00 25.16 -11.58
N PHE B 769 9.95 25.78 -11.05
CA PHE B 769 9.50 27.07 -11.51
C PHE B 769 8.81 27.77 -10.36
N ASN B 770 8.88 29.10 -10.35
CA ASN B 770 8.14 29.86 -9.36
C ASN B 770 6.69 29.95 -9.82
N ALA B 771 5.78 29.74 -8.88
CA ALA B 771 4.35 29.80 -9.18
C ALA B 771 3.65 30.62 -8.11
N VAL B 772 2.55 31.25 -8.51
CA VAL B 772 1.74 32.06 -7.60
C VAL B 772 0.84 31.10 -6.83
N VAL B 773 1.21 30.79 -5.60
CA VAL B 773 0.52 29.79 -4.81
C VAL B 773 -0.50 30.49 -3.90
N ALA B 774 -1.75 30.08 -4.00
CA ALA B 774 -2.83 30.61 -3.18
C ALA B 774 -3.26 29.52 -2.21
N VAL B 775 -3.04 29.77 -0.92
CA VAL B 775 -3.49 28.84 0.11
C VAL B 775 -4.97 29.07 0.34
N ILE B 776 -5.82 28.35 -0.37
CA ILE B 776 -7.25 28.66 -0.39
C ILE B 776 -8.04 27.38 -0.56
N SER B 777 -9.15 27.28 0.18
CA SER B 777 -10.14 26.23 0.00
C SER B 777 -11.19 26.78 -0.96
N TYR B 778 -11.04 26.47 -2.24
CA TYR B 778 -11.91 27.09 -3.24
C TYR B 778 -12.61 26.08 -4.13
N THR B 779 -11.87 25.19 -4.77
CA THR B 779 -12.49 24.35 -5.79
C THR B 779 -13.15 23.12 -5.19
N GLY B 780 -12.68 22.68 -4.03
CA GLY B 780 -13.14 21.44 -3.45
C GLY B 780 -12.50 20.22 -4.05
N TYR B 781 -11.57 20.37 -4.99
CA TYR B 781 -10.86 19.26 -5.61
C TYR B 781 -9.47 19.06 -5.01
N ASP B 782 -9.24 19.55 -3.81
CA ASP B 782 -7.95 19.32 -3.14
C ASP B 782 -8.18 19.41 -1.64
N MET B 783 -8.25 18.28 -0.98
CA MET B 783 -8.36 18.31 0.47
C MET B 783 -7.22 17.59 1.18
N ASP B 784 -6.95 16.34 0.84
CA ASP B 784 -5.95 15.59 1.59
C ASP B 784 -4.55 16.08 1.26
N ASP B 785 -4.13 15.88 0.03
CA ASP B 785 -2.84 16.39 -0.44
C ASP B 785 -2.88 16.87 -1.87
N ALA B 786 -4.03 16.82 -2.54
CA ALA B 786 -4.08 17.22 -3.93
C ALA B 786 -3.84 18.72 -4.05
N MET B 787 -3.78 19.18 -5.29
CA MET B 787 -3.56 20.59 -5.58
C MET B 787 -4.19 20.90 -6.93
N ILE B 788 -4.46 22.18 -7.15
CA ILE B 788 -5.17 22.63 -8.35
C ILE B 788 -4.20 23.43 -9.21
N ILE B 789 -4.15 23.11 -10.49
CA ILE B 789 -3.26 23.77 -11.44
C ILE B 789 -4.11 24.58 -12.42
N ASN B 790 -3.76 25.84 -12.60
CA ASN B 790 -4.47 26.72 -13.50
C ASN B 790 -4.43 26.16 -14.92
N LYS B 791 -5.59 26.08 -15.56
CA LYS B 791 -5.64 25.46 -16.89
C LYS B 791 -4.88 26.30 -17.90
N SER B 792 -5.18 27.59 -17.96
CA SER B 792 -4.53 28.46 -18.93
C SER B 792 -3.04 28.62 -18.66
N ALA B 793 -2.59 28.35 -17.44
CA ALA B 793 -1.16 28.44 -17.16
C ALA B 793 -0.39 27.41 -17.98
N ASP B 794 -0.79 26.14 -17.92
CA ASP B 794 -0.07 25.14 -18.69
C ASP B 794 -0.56 25.04 -20.12
N GLU B 795 -1.70 25.63 -20.46
CA GLU B 795 -2.02 25.82 -21.87
C GLU B 795 -1.04 26.78 -22.52
N ARG B 796 -0.32 27.56 -21.71
CA ARG B 796 0.72 28.45 -22.17
C ARG B 796 2.12 27.96 -21.83
N GLY B 797 2.26 26.74 -21.35
CA GLY B 797 3.56 26.11 -21.18
C GLY B 797 4.03 25.90 -19.76
N PHE B 798 3.20 26.13 -18.76
CA PHE B 798 3.61 25.97 -17.37
C PHE B 798 3.85 24.50 -17.07
N GLY B 799 4.99 24.19 -16.46
CA GLY B 799 5.27 22.84 -16.03
C GLY B 799 5.48 21.82 -17.12
N TYR B 800 5.83 22.25 -18.33
CA TYR B 800 5.95 21.35 -19.46
C TYR B 800 7.32 20.68 -19.47
N GLY B 801 7.37 19.46 -20.00
CA GLY B 801 8.60 18.70 -20.01
C GLY B 801 8.57 17.61 -21.05
N THR B 802 9.71 16.94 -21.21
CA THR B 802 9.84 15.89 -22.21
C THR B 802 10.59 14.71 -21.62
N MET B 803 10.40 13.56 -22.25
CA MET B 803 11.08 12.32 -21.86
C MET B 803 11.85 11.77 -23.04
N TYR B 804 13.14 11.55 -22.84
CA TYR B 804 14.02 10.99 -23.85
C TYR B 804 14.28 9.53 -23.54
N LYS B 805 14.04 8.66 -24.53
CA LYS B 805 14.21 7.23 -24.37
C LYS B 805 15.02 6.70 -25.53
N THR B 806 16.05 5.91 -25.24
CA THR B 806 16.94 5.38 -26.26
C THR B 806 16.84 3.86 -26.33
N GLU B 807 16.54 3.34 -27.53
CA GLU B 807 16.56 1.91 -27.78
C GLU B 807 17.57 1.59 -28.87
N LYS B 808 18.31 0.50 -28.66
CA LYS B 808 19.42 0.10 -29.53
C LYS B 808 18.93 -1.01 -30.44
N VAL B 809 18.72 -0.70 -31.72
CA VAL B 809 18.35 -1.70 -32.70
C VAL B 809 19.64 -2.35 -33.23
N ASP B 810 19.72 -3.66 -33.10
CA ASP B 810 20.92 -4.41 -33.46
C ASP B 810 20.52 -5.55 -34.37
N LEU B 811 21.23 -5.70 -35.49
CA LEU B 811 21.02 -6.81 -36.40
C LEU B 811 22.16 -7.82 -36.33
N ALA B 812 23.16 -7.60 -35.49
CA ALA B 812 24.29 -8.50 -35.32
C ALA B 812 24.11 -9.44 -34.14
N LEU B 813 22.87 -9.60 -33.66
CA LEU B 813 22.62 -10.49 -32.54
C LEU B 813 22.70 -11.96 -32.91
N ASN B 814 22.48 -12.30 -34.18
CA ASN B 814 22.36 -13.69 -34.58
C ASN B 814 23.47 -14.09 -35.55
N ARG B 815 24.71 -13.79 -35.18
CA ARG B 815 25.86 -14.29 -35.92
C ARG B 815 27.09 -14.13 -35.05
N ASN B 816 28.04 -15.05 -35.22
CA ASN B 816 29.32 -14.98 -34.52
C ASN B 816 30.33 -15.84 -35.25
N ARG B 817 31.60 -15.70 -34.85
CA ARG B 817 32.72 -16.44 -35.44
C ARG B 817 32.89 -16.09 -36.92
N GLY B 818 32.49 -14.88 -37.29
CA GLY B 818 32.71 -14.39 -38.64
C GLY B 818 31.80 -14.94 -39.70
N ASP B 819 30.70 -15.59 -39.33
CA ASP B 819 29.74 -16.04 -40.32
C ASP B 819 29.10 -14.84 -41.01
N PRO B 820 28.71 -14.99 -42.27
CA PRO B 820 28.33 -13.82 -43.08
C PRO B 820 27.10 -13.12 -42.53
N ILE B 821 27.04 -11.81 -42.77
CA ILE B 821 25.92 -11.00 -42.32
C ILE B 821 24.70 -11.40 -43.15
N THR B 822 23.70 -11.99 -42.51
CA THR B 822 22.51 -12.44 -43.20
C THR B 822 21.43 -11.38 -43.31
N GLN B 823 21.58 -10.25 -42.61
CA GLN B 823 20.56 -9.20 -42.57
C GLN B 823 21.21 -7.86 -42.91
N HIS B 824 20.67 -7.18 -43.92
CA HIS B 824 21.21 -5.91 -44.39
C HIS B 824 20.21 -4.80 -44.15
N PHE B 825 20.64 -3.73 -43.51
CA PHE B 825 19.76 -2.58 -43.32
C PHE B 825 19.31 -2.03 -44.66
N GLY B 826 18.00 -1.82 -44.80
CA GLY B 826 17.46 -1.19 -45.98
C GLY B 826 16.38 -2.04 -46.62
N PHE B 827 15.91 -1.57 -47.76
CA PHE B 827 14.84 -2.23 -48.50
C PHE B 827 15.46 -3.14 -49.55
N GLY B 828 15.06 -4.40 -49.55
CA GLY B 828 15.59 -5.36 -50.48
C GLY B 828 14.92 -5.32 -51.84
N ASN B 829 15.35 -6.24 -52.70
CA ASN B 829 14.87 -6.29 -54.07
C ASN B 829 13.55 -7.03 -54.22
N ASP B 830 13.00 -7.55 -53.12
CA ASP B 830 11.74 -8.29 -53.16
C ASP B 830 10.58 -7.32 -53.26
N GLU B 831 9.37 -7.82 -53.02
CA GLU B 831 8.16 -7.02 -53.08
C GLU B 831 7.68 -6.75 -51.66
N TRP B 832 7.47 -5.47 -51.33
CA TRP B 832 6.97 -5.03 -50.05
C TRP B 832 5.90 -3.98 -50.26
N PRO B 833 4.96 -3.84 -49.32
CA PRO B 833 4.00 -2.73 -49.41
C PRO B 833 4.69 -1.40 -49.20
N LYS B 834 4.37 -0.43 -50.04
CA LYS B 834 5.02 0.88 -49.99
C LYS B 834 4.62 1.68 -48.77
N GLU B 835 3.61 1.24 -48.03
CA GLU B 835 3.17 1.97 -46.83
C GLU B 835 4.30 2.14 -45.83
N TRP B 836 5.28 1.24 -45.85
CA TRP B 836 6.37 1.33 -44.88
C TRP B 836 7.24 2.55 -45.11
N LEU B 837 7.08 3.23 -46.25
CA LEU B 837 7.88 4.42 -46.55
C LEU B 837 7.45 5.65 -45.76
N GLU B 838 6.48 5.52 -44.85
CA GLU B 838 6.07 6.66 -44.04
C GLU B 838 7.21 7.12 -43.15
N LYS B 839 7.90 6.18 -42.52
CA LYS B 839 8.91 6.50 -41.52
C LYS B 839 10.31 6.15 -41.97
N LEU B 840 10.51 5.01 -42.65
CA LEU B 840 11.83 4.53 -42.95
C LEU B 840 12.42 5.26 -44.15
N ASP B 841 13.72 5.51 -44.10
CA ASP B 841 14.43 6.05 -45.24
C ASP B 841 14.91 4.91 -46.13
N GLU B 842 15.56 5.26 -47.24
CA GLU B 842 16.06 4.24 -48.15
C GLU B 842 17.17 3.41 -47.51
N ASP B 843 17.73 3.87 -46.39
CA ASP B 843 18.70 3.11 -45.62
C ASP B 843 18.04 2.25 -44.56
N GLY B 844 16.71 2.16 -44.57
CA GLY B 844 16.03 1.42 -43.52
C GLY B 844 16.20 2.05 -42.16
N LEU B 845 16.21 3.37 -42.09
CA LEU B 845 16.32 4.08 -40.83
C LEU B 845 15.21 5.11 -40.74
N PRO B 846 14.78 5.47 -39.53
CA PRO B 846 13.67 6.41 -39.40
C PRO B 846 14.10 7.83 -39.76
N TYR B 847 13.23 8.52 -40.50
CA TYR B 847 13.45 9.93 -40.75
C TYR B 847 13.48 10.67 -39.42
N ILE B 848 14.47 11.54 -39.24
CA ILE B 848 14.59 12.24 -37.98
C ILE B 848 13.41 13.19 -37.82
N GLY B 849 12.87 13.24 -36.60
CA GLY B 849 11.76 14.14 -36.32
C GLY B 849 10.42 13.69 -36.87
N THR B 850 10.20 12.40 -37.03
CA THR B 850 8.89 11.91 -37.44
C THR B 850 8.13 11.39 -36.23
N TYR B 851 6.80 11.50 -36.31
CA TYR B 851 5.90 11.07 -35.25
C TYR B 851 5.68 9.57 -35.38
N VAL B 852 6.14 8.82 -34.37
CA VAL B 852 6.09 7.37 -34.40
C VAL B 852 5.01 6.91 -33.44
N GLU B 853 3.96 6.29 -33.99
CA GLU B 853 2.91 5.68 -33.19
C GLU B 853 3.38 4.30 -32.73
N GLU B 854 2.47 3.52 -32.17
CA GLU B 854 2.74 2.13 -31.90
C GLU B 854 2.34 1.30 -33.12
N GLY B 855 3.19 0.34 -33.49
CA GLY B 855 2.93 -0.49 -34.65
C GLY B 855 3.48 0.05 -35.95
N ASP B 856 4.07 1.24 -35.96
CA ASP B 856 4.69 1.78 -37.16
C ASP B 856 6.14 1.29 -37.27
N PRO B 857 6.61 1.00 -38.48
CA PRO B 857 7.98 0.50 -38.64
C PRO B 857 9.02 1.55 -38.28
N ILE B 858 10.14 1.10 -37.72
CA ILE B 858 11.23 1.98 -37.35
C ILE B 858 12.58 1.54 -37.93
N CYS B 859 12.62 0.45 -38.68
CA CYS B 859 13.79 0.08 -39.48
C CYS B 859 13.45 -1.14 -40.32
N ALA B 860 14.05 -1.23 -41.49
CA ALA B 860 13.81 -2.32 -42.43
C ALA B 860 15.14 -3.01 -42.76
N TYR B 861 15.15 -4.33 -42.64
CA TYR B 861 16.34 -5.12 -42.94
C TYR B 861 15.96 -6.23 -43.90
N PHE B 862 16.60 -6.26 -45.06
CA PHE B 862 16.42 -7.34 -46.03
C PHE B 862 17.29 -8.51 -45.61
N ASP B 863 16.66 -9.67 -45.41
CA ASP B 863 17.31 -10.81 -44.78
C ASP B 863 17.72 -11.81 -45.84
N ASP B 864 18.94 -12.36 -45.70
CA ASP B 864 19.40 -13.39 -46.62
C ASP B 864 18.75 -14.73 -46.34
N THR B 865 18.48 -15.03 -45.07
CA THR B 865 17.96 -16.34 -44.71
C THR B 865 16.60 -16.62 -45.34
N LEU B 866 15.80 -15.58 -45.58
CA LEU B 866 14.47 -15.75 -46.16
C LEU B 866 14.27 -15.01 -47.48
N ASN B 867 15.15 -14.07 -47.81
CA ASN B 867 14.98 -13.21 -48.98
C ASN B 867 13.60 -12.54 -48.98
N LYS B 868 13.23 -12.00 -47.83
CA LYS B 868 12.01 -11.23 -47.65
C LYS B 868 12.30 -10.08 -46.71
N THR B 869 11.74 -8.91 -47.01
CA THR B 869 12.07 -7.69 -46.27
C THR B 869 11.28 -7.64 -44.97
N LYS B 870 11.98 -7.65 -43.84
CA LYS B 870 11.37 -7.64 -42.53
C LYS B 870 11.65 -6.31 -41.83
N ILE B 871 10.65 -5.79 -41.14
CA ILE B 871 10.69 -4.47 -40.53
C ILE B 871 10.42 -4.59 -39.04
N LYS B 872 11.20 -3.89 -38.24
CA LYS B 872 10.96 -3.83 -36.81
C LYS B 872 9.96 -2.72 -36.49
N THR B 873 9.26 -2.88 -35.38
CA THR B 873 8.19 -1.97 -34.99
C THR B 873 8.56 -1.24 -33.71
N TYR B 874 7.66 -0.34 -33.29
CA TYR B 874 7.83 0.44 -32.07
C TYR B 874 7.02 -0.22 -30.96
N HIS B 875 7.71 -0.75 -29.96
CA HIS B 875 7.07 -1.45 -28.84
C HIS B 875 6.91 -0.51 -27.65
N SER B 876 5.97 0.42 -27.77
CA SER B 876 5.66 1.30 -26.66
C SER B 876 4.27 1.86 -26.87
N SER B 877 3.70 2.37 -25.78
CA SER B 877 2.35 2.91 -25.84
C SER B 877 2.31 4.37 -26.22
N GLU B 878 3.14 5.19 -25.61
CA GLU B 878 3.14 6.62 -25.89
C GLU B 878 3.71 6.88 -27.27
N PRO B 879 2.96 7.51 -28.18
CA PRO B 879 3.55 7.90 -29.47
C PRO B 879 4.72 8.86 -29.25
N ALA B 880 5.74 8.70 -30.08
CA ALA B 880 7.00 9.41 -29.90
C ALA B 880 7.40 10.11 -31.18
N TYR B 881 8.42 10.95 -31.06
CA TYR B 881 9.06 11.61 -32.19
C TYR B 881 10.52 11.16 -32.25
N ILE B 882 10.98 10.81 -33.45
CA ILE B 882 12.35 10.34 -33.64
C ILE B 882 13.30 11.51 -33.43
N GLU B 883 13.95 11.55 -32.27
CA GLU B 883 14.84 12.67 -31.97
C GLU B 883 16.16 12.55 -32.70
N GLU B 884 16.85 11.42 -32.53
CA GLU B 884 18.18 11.28 -33.12
C GLU B 884 18.51 9.82 -33.35
N VAL B 885 19.53 9.62 -34.20
CA VAL B 885 20.00 8.30 -34.58
C VAL B 885 21.53 8.31 -34.53
N ASN B 886 22.10 7.24 -33.98
CA ASN B 886 23.55 7.06 -34.00
C ASN B 886 23.87 5.74 -34.70
N LEU B 887 24.51 5.82 -35.86
CA LEU B 887 24.92 4.63 -36.61
C LEU B 887 26.26 4.16 -36.06
N ILE B 888 26.21 3.37 -34.98
CA ILE B 888 27.45 2.95 -34.33
C ILE B 888 28.19 1.97 -35.22
N GLY B 889 29.47 2.24 -35.45
CA GLY B 889 30.32 1.33 -36.17
C GLY B 889 31.16 0.50 -35.24
N ASP B 890 31.72 -0.57 -35.77
CA ASP B 890 32.60 -1.45 -35.01
C ASP B 890 34.04 -1.18 -35.40
N GLU B 891 34.91 -1.04 -34.40
CA GLU B 891 36.33 -0.82 -34.66
C GLU B 891 37.00 -2.17 -34.90
N SER B 892 36.79 -2.69 -36.10
CA SER B 892 37.43 -3.89 -36.59
C SER B 892 38.10 -3.56 -37.93
N ASN B 893 39.22 -4.24 -38.20
CA ASN B 893 39.96 -3.96 -39.43
C ASN B 893 39.11 -4.20 -40.66
N LYS B 894 38.20 -5.17 -40.61
CA LYS B 894 37.33 -5.44 -41.74
C LYS B 894 36.35 -4.31 -41.93
N PHE B 895 35.91 -4.14 -43.18
CA PHE B 895 34.82 -3.22 -43.50
C PHE B 895 33.48 -3.84 -43.09
N GLN B 896 33.37 -4.13 -41.80
CA GLN B 896 32.13 -4.70 -41.28
C GLN B 896 31.00 -3.71 -41.46
N GLU B 897 29.87 -4.20 -41.94
CA GLU B 897 28.75 -3.33 -42.25
C GLU B 897 28.15 -2.76 -40.98
N LEU B 898 27.36 -1.69 -41.15
CA LEU B 898 26.60 -1.14 -40.04
C LEU B 898 25.69 -2.19 -39.45
N GLN B 899 25.76 -2.36 -38.13
CA GLN B 899 24.92 -3.34 -37.45
C GLN B 899 24.26 -2.83 -36.17
N THR B 900 24.83 -1.82 -35.51
CA THR B 900 24.27 -1.31 -34.27
C THR B 900 23.81 0.13 -34.48
N VAL B 901 22.57 0.42 -34.10
CA VAL B 901 21.97 1.73 -34.24
C VAL B 901 21.37 2.12 -32.89
N SER B 902 21.59 3.35 -32.48
CA SER B 902 21.01 3.86 -31.24
C SER B 902 19.98 4.92 -31.60
N ILE B 903 18.69 4.57 -31.49
CA ILE B 903 17.61 5.50 -31.81
C ILE B 903 17.10 6.10 -30.51
N LYS B 904 17.09 7.43 -30.43
CA LYS B 904 16.58 8.16 -29.28
C LYS B 904 15.34 8.94 -29.69
N TYR B 905 14.25 8.74 -28.95
CA TYR B 905 12.99 9.44 -29.18
C TYR B 905 12.63 10.33 -28.00
N ARG B 906 11.85 11.36 -28.30
CA ARG B 906 11.30 12.25 -27.28
C ARG B 906 9.79 12.10 -27.26
N ILE B 907 9.22 12.09 -26.06
CA ILE B 907 7.78 12.03 -25.87
C ILE B 907 7.37 13.19 -24.97
N ARG B 908 6.32 13.90 -25.36
CA ARG B 908 5.93 15.15 -24.73
C ARG B 908 5.14 14.86 -23.46
N ARG B 909 5.70 15.19 -22.31
CA ARG B 909 5.03 14.91 -21.05
C ARG B 909 4.35 16.17 -20.52
N THR B 910 3.36 16.62 -21.30
CA THR B 910 2.49 17.70 -20.86
C THR B 910 1.84 17.32 -19.54
N PRO B 911 1.81 18.21 -18.54
CA PRO B 911 1.21 17.83 -17.26
C PRO B 911 -0.25 17.42 -17.40
N GLN B 912 -0.52 16.15 -17.14
CA GLN B 912 -1.89 15.66 -17.06
C GLN B 912 -2.35 15.67 -15.62
N ILE B 913 -3.64 15.47 -15.42
CA ILE B 913 -4.17 15.41 -14.06
C ILE B 913 -3.75 14.09 -13.44
N GLY B 914 -3.21 14.16 -12.23
CA GLY B 914 -2.65 13.01 -11.56
C GLY B 914 -1.13 13.00 -11.47
N ASP B 915 -0.45 13.93 -12.13
CA ASP B 915 1.00 14.01 -12.04
C ASP B 915 1.42 14.68 -10.73
N LYS B 916 2.36 14.05 -10.03
CA LYS B 916 2.76 14.57 -8.73
C LYS B 916 3.59 15.83 -8.89
N PHE B 917 3.15 16.90 -8.22
CA PHE B 917 3.92 18.13 -8.07
C PHE B 917 4.22 18.33 -6.59
N SER B 918 5.33 18.99 -6.31
CA SER B 918 5.72 19.17 -4.92
C SER B 918 6.52 20.46 -4.76
N SER B 919 6.40 21.07 -3.60
CA SER B 919 7.21 22.21 -3.25
C SER B 919 8.49 21.72 -2.58
N ARG B 920 9.33 22.65 -2.15
CA ARG B 920 10.57 22.31 -1.47
C ARG B 920 10.35 22.00 0.00
N HIS B 921 9.11 21.66 0.39
CA HIS B 921 8.81 21.40 1.79
C HIS B 921 8.04 20.10 2.00
N GLY B 922 7.93 19.25 0.98
CA GLY B 922 7.24 17.99 1.15
C GLY B 922 5.74 18.06 1.06
N GLN B 923 5.20 18.99 0.29
CA GLN B 923 3.76 19.07 0.03
C GLN B 923 3.41 18.41 -1.30
N LYS B 924 3.75 17.14 -1.40
CA LYS B 924 3.52 16.40 -2.64
C LYS B 924 2.03 16.24 -2.88
N GLY B 925 1.66 16.21 -4.16
CA GLY B 925 0.27 15.97 -4.49
C GLY B 925 -0.03 15.92 -5.98
N VAL B 926 -1.05 15.17 -6.37
CA VAL B 926 -1.42 15.11 -7.77
C VAL B 926 -2.26 16.32 -8.10
N CYS B 927 -2.50 16.56 -9.38
CA CYS B 927 -3.35 17.65 -9.83
C CYS B 927 -4.72 17.08 -10.18
N SER B 928 -5.75 17.53 -9.47
CA SER B 928 -7.07 16.97 -9.65
C SER B 928 -7.76 17.48 -10.90
N ARG B 929 -7.53 18.73 -11.26
CA ARG B 929 -8.17 19.29 -12.45
C ARG B 929 -7.40 20.52 -12.90
N LYS B 930 -7.34 20.70 -14.20
CA LYS B 930 -6.83 21.95 -14.77
C LYS B 930 -7.99 22.95 -14.79
N TRP B 931 -8.11 23.70 -13.71
CA TRP B 931 -9.24 24.58 -13.49
C TRP B 931 -9.15 25.80 -14.38
N PRO B 932 -10.13 26.07 -15.25
CA PRO B 932 -10.02 27.19 -16.19
C PRO B 932 -9.79 28.51 -15.48
N THR B 933 -9.06 29.40 -16.14
CA THR B 933 -8.59 30.63 -15.50
C THR B 933 -9.74 31.51 -15.03
N ILE B 934 -10.84 31.54 -15.79
CA ILE B 934 -11.97 32.38 -15.42
C ILE B 934 -12.54 31.94 -14.08
N ASP B 935 -12.56 30.64 -13.82
CA ASP B 935 -13.18 30.10 -12.63
C ASP B 935 -12.27 30.11 -11.41
N MET B 936 -11.06 30.59 -11.54
CA MET B 936 -10.21 30.68 -10.36
C MET B 936 -10.38 32.03 -9.69
N PRO B 937 -10.10 32.11 -8.40
CA PRO B 937 -10.12 33.42 -7.74
C PRO B 937 -9.10 34.34 -8.37
N PHE B 938 -9.44 35.62 -8.46
CA PHE B 938 -8.52 36.62 -8.97
C PHE B 938 -8.38 37.75 -7.96
N SER B 939 -7.17 38.23 -7.77
CA SER B 939 -6.91 39.30 -6.84
C SER B 939 -7.46 40.62 -7.39
N GLU B 940 -7.25 41.69 -6.62
CA GLU B 940 -7.59 43.01 -7.12
C GLU B 940 -6.78 43.35 -8.36
N THR B 941 -5.48 43.02 -8.34
CA THR B 941 -4.61 43.31 -9.48
C THR B 941 -5.00 42.53 -10.73
N GLY B 942 -5.72 41.42 -10.58
CA GLY B 942 -6.16 40.65 -11.71
C GLY B 942 -5.36 39.41 -12.03
N ILE B 943 -4.58 38.91 -11.08
CA ILE B 943 -3.78 37.71 -11.32
C ILE B 943 -4.47 36.51 -10.71
N GLN B 944 -4.73 35.51 -11.52
CA GLN B 944 -5.23 34.24 -11.02
C GLN B 944 -4.05 33.37 -10.64
N PRO B 945 -3.95 32.89 -9.40
CA PRO B 945 -2.85 32.01 -9.03
C PRO B 945 -2.84 30.76 -9.89
N ASP B 946 -1.63 30.30 -10.23
CA ASP B 946 -1.49 29.10 -11.04
C ASP B 946 -1.56 27.83 -10.21
N ILE B 947 -1.27 27.91 -8.93
CA ILE B 947 -1.32 26.77 -8.02
C ILE B 947 -2.25 27.13 -6.87
N ILE B 948 -3.23 26.28 -6.62
CA ILE B 948 -4.06 26.37 -5.42
C ILE B 948 -3.72 25.18 -4.52
N ILE B 949 -3.27 25.47 -3.31
CA ILE B 949 -2.97 24.45 -2.31
C ILE B 949 -3.96 24.61 -1.17
N ASN B 950 -4.60 23.52 -0.79
CA ASN B 950 -5.60 23.57 0.26
C ASN B 950 -4.95 23.95 1.59
N PRO B 951 -5.57 24.83 2.38
CA PRO B 951 -4.96 25.27 3.64
C PRO B 951 -4.82 24.18 4.67
N HIS B 952 -5.63 23.12 4.59
CA HIS B 952 -5.65 22.12 5.66
C HIS B 952 -4.40 21.26 5.69
N ALA B 953 -3.53 21.37 4.69
CA ALA B 953 -2.30 20.59 4.69
C ALA B 953 -1.35 20.99 5.81
N PHE B 954 -1.39 22.24 6.23
CA PHE B 954 -0.40 22.82 7.12
C PHE B 954 -0.60 22.53 8.61
N PRO B 955 -1.83 22.56 9.14
CA PRO B 955 -1.96 22.43 10.61
C PRO B 955 -1.34 21.17 11.19
N SER B 956 -1.46 20.03 10.51
CA SER B 956 -0.84 18.80 10.98
C SER B 956 0.61 18.67 10.50
N ARG B 957 0.83 18.82 9.19
CA ARG B 957 2.18 18.70 8.64
C ARG B 957 3.11 19.75 9.21
N MET B 958 2.58 20.91 9.58
CA MET B 958 3.35 21.96 10.27
C MET B 958 4.54 22.43 9.43
N THR B 959 4.28 22.77 8.17
CA THR B 959 5.30 23.31 7.27
C THR B 959 5.15 24.82 7.19
N ILE B 960 5.61 25.51 8.24
CA ILE B 960 5.65 26.96 8.23
C ILE B 960 6.73 27.47 7.28
N GLY B 961 7.66 26.59 6.89
CA GLY B 961 8.59 26.96 5.86
C GLY B 961 7.89 27.38 4.58
N MET B 962 6.80 26.71 4.24
CA MET B 962 6.09 27.08 3.01
C MET B 962 5.42 28.45 3.15
N PHE B 963 4.85 28.74 4.31
CA PHE B 963 4.23 30.05 4.50
C PHE B 963 5.27 31.16 4.40
N VAL B 964 6.38 31.02 5.13
CA VAL B 964 7.39 32.07 5.10
C VAL B 964 8.03 32.14 3.71
N GLU B 965 8.12 31.02 3.00
CA GLU B 965 8.69 31.05 1.66
C GLU B 965 7.77 31.78 0.70
N SER B 966 6.46 31.58 0.81
CA SER B 966 5.53 32.34 -0.03
C SER B 966 5.61 33.83 0.26
N LEU B 967 5.72 34.19 1.54
CA LEU B 967 5.88 35.59 1.91
C LEU B 967 7.13 36.18 1.28
N ALA B 968 8.26 35.52 1.48
CA ALA B 968 9.53 36.03 0.93
C ALA B 968 9.52 36.04 -0.59
N GLY B 969 8.84 35.08 -1.21
CA GLY B 969 8.77 35.06 -2.65
C GLY B 969 7.99 36.23 -3.21
N LYS B 970 6.84 36.55 -2.61
CA LYS B 970 6.11 37.72 -3.08
C LYS B 970 6.92 38.99 -2.84
N ALA B 971 7.56 39.10 -1.67
CA ALA B 971 8.37 40.28 -1.40
C ALA B 971 9.50 40.41 -2.42
N GLY B 972 10.14 39.31 -2.77
CA GLY B 972 11.22 39.35 -3.74
C GLY B 972 10.76 39.68 -5.13
N ALA B 973 9.63 39.12 -5.56
CA ALA B 973 9.14 39.43 -6.89
C ALA B 973 8.65 40.86 -6.99
N LEU B 974 8.30 41.49 -5.86
CA LEU B 974 7.89 42.89 -5.90
C LEU B 974 9.09 43.83 -5.84
N HIS B 975 10.06 43.53 -4.98
CA HIS B 975 11.24 44.38 -4.87
C HIS B 975 12.32 44.05 -5.89
N GLY B 976 12.15 43.00 -6.68
CA GLY B 976 13.20 42.58 -7.59
C GLY B 976 14.49 42.17 -6.89
N ILE B 977 14.36 41.47 -5.76
CA ILE B 977 15.52 40.98 -5.03
C ILE B 977 15.32 39.50 -4.73
N ALA B 978 16.41 38.84 -4.38
CA ALA B 978 16.40 37.43 -4.01
C ALA B 978 16.69 37.30 -2.54
N GLN B 979 15.80 36.64 -1.80
CA GLN B 979 15.91 36.50 -0.36
C GLN B 979 16.53 35.15 -0.03
N ASP B 980 17.62 35.17 0.73
CA ASP B 980 18.23 33.93 1.15
C ASP B 980 17.38 33.28 2.23
N SER B 981 17.49 31.96 2.33
CA SER B 981 16.69 31.22 3.31
C SER B 981 17.51 30.17 4.05
N THR B 982 18.82 30.34 4.16
CA THR B 982 19.63 29.39 4.87
C THR B 982 19.17 29.32 6.32
N PRO B 983 19.01 28.14 6.89
CA PRO B 983 18.45 28.04 8.24
C PRO B 983 19.30 28.76 9.28
N TRP B 984 18.61 29.30 10.29
CA TRP B 984 19.23 29.90 11.48
C TRP B 984 19.90 31.24 11.18
N ILE B 985 19.28 32.03 10.31
CA ILE B 985 19.67 33.42 10.14
C ILE B 985 18.77 34.30 11.00
N PHE B 986 17.54 33.85 11.23
CA PHE B 986 16.57 34.59 12.03
C PHE B 986 16.54 34.04 13.45
N ASN B 987 16.56 34.96 14.43
CA ASN B 987 16.52 34.58 15.83
C ASN B 987 15.08 34.41 16.30
N GLU B 988 14.93 34.12 17.59
CA GLU B 988 13.62 34.17 18.22
C GLU B 988 13.11 35.60 18.28
N ASP B 989 14.02 36.59 18.22
CA ASP B 989 13.63 37.99 18.24
C ASP B 989 13.28 38.50 16.84
N ASP B 990 14.17 38.28 15.87
CA ASP B 990 13.98 38.77 14.51
C ASP B 990 13.23 37.71 13.70
N THR B 991 11.93 37.65 13.95
CA THR B 991 11.08 36.71 13.25
C THR B 991 11.05 37.04 11.77
N PRO B 992 11.26 36.07 10.89
CA PRO B 992 11.24 36.37 9.45
C PRO B 992 9.90 36.81 8.94
N ALA B 993 8.82 36.45 9.64
CA ALA B 993 7.50 36.90 9.21
C ALA B 993 7.41 38.41 9.24
N ASP B 994 7.96 39.04 10.29
CA ASP B 994 8.00 40.49 10.34
C ASP B 994 8.81 41.06 9.18
N TYR B 995 9.96 40.46 8.89
CA TYR B 995 10.84 41.00 7.86
C TYR B 995 10.16 40.98 6.50
N PHE B 996 9.63 39.83 6.09
CA PHE B 996 9.01 39.75 4.78
C PHE B 996 7.68 40.49 4.74
N GLY B 997 6.97 40.58 5.88
CA GLY B 997 5.77 41.38 5.91
C GLY B 997 6.04 42.86 5.73
N GLU B 998 7.08 43.37 6.37
CA GLU B 998 7.45 44.78 6.21
C GLU B 998 7.87 45.07 4.79
N GLN B 999 8.66 44.17 4.19
CA GLN B 999 9.05 44.38 2.80
C GLN B 999 7.86 44.24 1.85
N LEU B 1000 6.83 43.50 2.26
CA LEU B 1000 5.60 43.46 1.46
C LEU B 1000 4.79 44.73 1.61
N ALA B 1001 4.71 45.27 2.82
CA ALA B 1001 3.94 46.48 3.07
C ALA B 1001 4.57 47.67 2.36
N LYS B 1002 5.90 47.80 2.43
CA LYS B 1002 6.57 48.92 1.80
C LYS B 1002 6.41 48.91 0.29
N ALA B 1003 5.99 47.79 -0.29
CA ALA B 1003 5.61 47.76 -1.69
C ALA B 1003 4.12 48.03 -1.90
N GLY B 1004 3.35 48.16 -0.83
CA GLY B 1004 1.95 48.47 -0.91
C GLY B 1004 1.01 47.30 -0.69
N TYR B 1005 1.50 46.08 -0.75
CA TYR B 1005 0.65 44.92 -0.53
C TYR B 1005 0.43 44.71 0.97
N ASN B 1006 -0.51 43.83 1.29
CA ASN B 1006 -0.87 43.59 2.68
C ASN B 1006 0.30 43.01 3.45
N TYR B 1007 0.45 43.45 4.70
CA TYR B 1007 1.60 43.06 5.50
C TYR B 1007 1.65 41.55 5.71
N HIS B 1008 0.53 40.95 6.10
CA HIS B 1008 0.49 39.54 6.41
C HIS B 1008 0.44 38.66 5.17
N GLY B 1009 0.72 39.21 4.00
CA GLY B 1009 0.77 38.40 2.80
C GLY B 1009 -0.57 38.02 2.23
N ASN B 1010 -1.67 38.58 2.75
CA ASN B 1010 -2.97 38.29 2.19
C ASN B 1010 -3.26 39.21 1.01
N GLU B 1011 -4.26 38.82 0.21
CA GLU B 1011 -4.69 39.62 -0.92
C GLU B 1011 -6.20 39.54 -1.04
N PRO B 1012 -6.90 40.67 -1.04
CA PRO B 1012 -8.34 40.64 -1.33
C PRO B 1012 -8.57 40.08 -2.72
N MET B 1013 -9.25 38.94 -2.78
CA MET B 1013 -9.55 38.27 -4.03
C MET B 1013 -11.06 38.17 -4.19
N TYR B 1014 -11.48 37.60 -5.31
CA TYR B 1014 -12.87 37.39 -5.63
C TYR B 1014 -13.08 35.92 -5.93
N SER B 1015 -14.32 35.53 -6.16
CA SER B 1015 -14.62 34.19 -6.65
C SER B 1015 -14.92 34.27 -8.14
N GLY B 1016 -14.12 33.59 -8.94
CA GLY B 1016 -14.30 33.63 -10.38
C GLY B 1016 -15.59 33.01 -10.85
N ALA B 1017 -16.30 32.30 -9.97
CA ALA B 1017 -17.60 31.73 -10.32
C ALA B 1017 -18.73 32.74 -10.08
N THR B 1018 -18.87 33.18 -8.83
CA THR B 1018 -19.96 34.08 -8.46
C THR B 1018 -19.59 35.54 -8.65
N GLY B 1019 -18.34 35.90 -8.42
CA GLY B 1019 -17.87 37.25 -8.62
C GLY B 1019 -17.78 38.08 -7.37
N GLU B 1020 -18.51 37.70 -6.32
CA GLU B 1020 -18.46 38.44 -5.07
C GLU B 1020 -17.09 38.30 -4.43
N GLU B 1021 -16.70 39.32 -3.68
CA GLU B 1021 -15.46 39.26 -2.92
C GLU B 1021 -15.57 38.19 -1.83
N LEU B 1022 -14.49 37.46 -1.62
CA LEU B 1022 -14.52 36.35 -0.69
C LEU B 1022 -14.59 36.87 0.75
N ARG B 1023 -14.91 35.96 1.67
CA ARG B 1023 -15.15 36.35 3.06
C ARG B 1023 -13.93 37.00 3.68
N ALA B 1024 -12.76 36.43 3.45
CA ALA B 1024 -11.54 36.91 4.06
C ALA B 1024 -10.54 37.30 2.96
N ASP B 1025 -9.34 37.64 3.38
CA ASP B 1025 -8.25 37.94 2.46
C ASP B 1025 -7.44 36.68 2.23
N ILE B 1026 -7.39 36.22 0.98
CA ILE B 1026 -6.68 34.99 0.64
C ILE B 1026 -5.19 35.19 0.84
N TYR B 1027 -4.51 34.12 1.25
CA TYR B 1027 -3.06 34.15 1.43
C TYR B 1027 -2.42 33.60 0.16
N VAL B 1028 -1.89 34.49 -0.68
CA VAL B 1028 -1.20 34.11 -1.90
C VAL B 1028 0.27 34.53 -1.77
N GLY B 1029 1.06 34.13 -2.76
CA GLY B 1029 2.48 34.43 -2.74
C GLY B 1029 3.19 33.71 -3.87
N VAL B 1030 4.50 33.58 -3.70
CA VAL B 1030 5.36 32.94 -4.69
C VAL B 1030 6.02 31.73 -4.04
N VAL B 1031 5.87 30.57 -4.66
CA VAL B 1031 6.42 29.34 -4.13
C VAL B 1031 7.18 28.63 -5.24
N TYR B 1032 8.36 28.13 -4.90
CA TYR B 1032 9.14 27.32 -5.83
C TYR B 1032 8.55 25.93 -5.92
N TYR B 1033 8.10 25.53 -7.11
CA TYR B 1033 7.39 24.29 -7.30
C TYR B 1033 8.18 23.37 -8.24
N GLN B 1034 8.04 22.07 -8.00
CA GLN B 1034 8.78 21.04 -8.72
C GLN B 1034 7.81 20.04 -9.33
N ARG B 1035 8.11 19.59 -10.53
CA ARG B 1035 7.32 18.55 -11.18
C ARG B 1035 8.04 17.22 -10.99
N LEU B 1036 7.51 16.37 -10.11
CA LEU B 1036 8.08 15.06 -9.89
C LEU B 1036 7.82 14.16 -11.08
N ARG B 1037 8.59 13.06 -11.16
CA ARG B 1037 8.62 12.20 -12.33
C ARG B 1037 7.66 11.02 -12.23
N HIS B 1038 6.66 11.10 -11.37
CA HIS B 1038 5.67 10.04 -11.25
C HIS B 1038 4.38 10.45 -11.96
N MET B 1039 4.47 10.45 -13.28
CA MET B 1039 3.32 10.81 -14.11
C MET B 1039 2.33 9.67 -14.22
N VAL B 1040 1.16 9.97 -14.77
CA VAL B 1040 0.10 8.98 -14.90
C VAL B 1040 0.30 8.09 -16.13
N ASN B 1041 1.02 8.55 -17.14
CA ASN B 1041 1.22 7.70 -18.31
C ASN B 1041 2.10 6.49 -18.01
N ASP B 1042 2.73 6.45 -16.84
CA ASP B 1042 3.50 5.28 -16.42
C ASP B 1042 2.74 4.36 -15.49
N LYS B 1043 1.72 4.85 -14.80
CA LYS B 1043 1.14 4.13 -13.67
C LYS B 1043 -0.34 3.78 -13.87
N PHE B 1044 -0.81 3.72 -15.10
CA PHE B 1044 -2.17 3.28 -15.38
C PHE B 1044 -2.14 2.08 -16.30
N GLN B 1045 -2.96 1.09 -16.00
CA GLN B 1045 -3.00 -0.15 -16.76
C GLN B 1045 -4.38 -0.75 -16.67
N VAL B 1046 -4.86 -1.33 -17.77
CA VAL B 1046 -6.17 -1.95 -17.83
C VAL B 1046 -6.06 -3.24 -18.60
N ARG B 1047 -6.63 -4.32 -18.05
CA ARG B 1047 -6.36 -5.68 -18.50
C ARG B 1047 -7.63 -6.31 -19.07
N SER B 1048 -7.48 -7.02 -20.18
CA SER B 1048 -8.53 -7.85 -20.75
C SER B 1048 -7.93 -9.15 -21.27
N THR B 1049 -8.69 -9.93 -22.02
CA THR B 1049 -8.21 -11.22 -22.48
C THR B 1049 -6.93 -11.08 -23.31
N GLY B 1050 -5.92 -11.90 -22.99
CA GLY B 1050 -4.64 -11.84 -23.64
C GLY B 1050 -3.62 -12.83 -23.10
N PRO B 1051 -2.38 -12.36 -22.91
CA PRO B 1051 -1.28 -13.29 -22.63
C PRO B 1051 -1.39 -13.94 -21.26
N VAL B 1052 -1.15 -15.25 -21.23
CA VAL B 1052 -1.29 -16.05 -20.02
C VAL B 1052 -0.02 -16.86 -19.78
N ASN B 1053 0.37 -16.98 -18.52
CA ASN B 1053 1.48 -17.80 -18.09
C ASN B 1053 1.14 -19.26 -18.34
N SER B 1054 1.70 -19.83 -19.41
CA SER B 1054 1.13 -21.05 -19.99
C SER B 1054 1.24 -22.26 -19.08
N LEU B 1055 2.15 -22.26 -18.11
CA LEU B 1055 2.23 -23.41 -17.22
C LEU B 1055 1.18 -23.36 -16.12
N THR B 1056 0.69 -22.17 -15.79
CA THR B 1056 -0.31 -22.01 -14.75
C THR B 1056 -1.54 -21.26 -15.23
N MET B 1057 -1.53 -20.76 -16.45
CA MET B 1057 -2.70 -20.21 -17.15
C MET B 1057 -3.32 -19.01 -16.45
N GLN B 1058 -2.68 -18.47 -15.49
CA GLN B 1058 -3.12 -17.17 -15.02
C GLN B 1058 -2.41 -16.07 -15.79
N PRO B 1059 -3.05 -14.92 -15.98
CA PRO B 1059 -2.47 -13.89 -16.85
C PRO B 1059 -1.07 -13.46 -16.43
N VAL B 1060 -0.24 -13.14 -17.42
CA VAL B 1060 1.16 -12.86 -17.19
C VAL B 1060 1.33 -11.63 -16.29
N LYS B 1061 2.52 -11.49 -15.74
CA LYS B 1061 2.79 -10.42 -14.78
C LYS B 1061 3.55 -9.29 -15.47
N GLY B 1062 2.93 -8.12 -15.54
CA GLY B 1062 3.63 -6.98 -16.09
C GLY B 1062 2.79 -5.95 -16.78
N ARG B 1063 3.09 -4.67 -16.49
CA ARG B 1063 2.45 -3.58 -17.20
C ARG B 1063 2.82 -3.58 -18.67
N LYS B 1064 4.07 -3.89 -19.00
CA LYS B 1064 4.54 -3.83 -20.38
C LYS B 1064 3.94 -4.94 -21.23
N ARG B 1065 3.69 -6.10 -20.64
CA ARG B 1065 3.14 -7.23 -21.36
C ARG B 1065 1.62 -7.27 -21.33
N HIS B 1066 0.98 -6.25 -20.78
CA HIS B 1066 -0.47 -6.22 -20.62
C HIS B 1066 -0.93 -7.35 -19.70
N GLY B 1067 -0.37 -7.38 -18.49
CA GLY B 1067 -0.66 -8.41 -17.53
C GLY B 1067 -1.66 -7.97 -16.47
N GLY B 1068 -2.29 -8.95 -15.85
CA GLY B 1068 -3.30 -8.69 -14.85
C GLY B 1068 -2.73 -8.26 -13.53
N ILE B 1069 -3.63 -8.03 -12.57
CA ILE B 1069 -3.29 -7.55 -11.24
C ILE B 1069 -3.51 -8.68 -10.23
N ARG B 1070 -2.68 -8.71 -9.20
CA ARG B 1070 -2.78 -9.76 -8.19
C ARG B 1070 -3.92 -9.45 -7.22
N VAL B 1071 -4.74 -10.46 -6.97
CA VAL B 1071 -5.73 -10.42 -5.90
C VAL B 1071 -5.27 -11.38 -4.83
N GLY B 1072 -4.53 -10.88 -3.86
CA GLY B 1072 -3.78 -11.72 -2.95
C GLY B 1072 -4.60 -12.28 -1.81
N GLU B 1073 -3.88 -12.79 -0.81
CA GLU B 1073 -4.54 -13.35 0.37
C GLU B 1073 -5.33 -12.29 1.12
N MET B 1074 -4.77 -11.09 1.26
CA MET B 1074 -5.47 -10.04 1.98
C MET B 1074 -6.67 -9.50 1.21
N GLU B 1075 -6.71 -9.69 -0.10
CA GLU B 1075 -7.89 -9.32 -0.87
C GLU B 1075 -8.93 -10.44 -0.90
N ARG B 1076 -8.47 -11.68 -0.97
CA ARG B 1076 -9.39 -12.82 -0.94
C ARG B 1076 -10.07 -12.91 0.42
N ASP B 1077 -9.33 -12.70 1.50
CA ASP B 1077 -9.95 -12.78 2.82
C ASP B 1077 -10.95 -11.66 3.04
N ALA B 1078 -10.67 -10.47 2.51
CA ALA B 1078 -11.65 -9.40 2.58
C ALA B 1078 -12.89 -9.71 1.73
N LEU B 1079 -12.69 -10.27 0.54
CA LEU B 1079 -13.82 -10.62 -0.32
C LEU B 1079 -14.70 -11.68 0.34
N ILE B 1080 -14.10 -12.64 1.04
CA ILE B 1080 -14.87 -13.59 1.82
C ILE B 1080 -15.57 -12.89 2.98
N GLY B 1081 -14.88 -11.92 3.61
CA GLY B 1081 -15.42 -11.28 4.79
C GLY B 1081 -16.73 -10.57 4.55
N HIS B 1082 -16.86 -9.92 3.41
CA HIS B 1082 -18.14 -9.35 3.02
C HIS B 1082 -19.19 -10.41 2.74
N GLY B 1083 -18.88 -11.69 2.89
CA GLY B 1083 -19.78 -12.74 2.52
C GLY B 1083 -19.94 -12.92 1.03
N THR B 1084 -19.18 -12.20 0.23
CA THR B 1084 -19.29 -12.25 -1.22
C THR B 1084 -18.65 -13.52 -1.71
N SER B 1085 -19.46 -14.55 -1.93
CA SER B 1085 -18.97 -15.84 -2.40
C SER B 1085 -18.86 -15.88 -3.92
N PHE B 1086 -19.89 -15.41 -4.63
CA PHE B 1086 -19.81 -15.39 -6.07
C PHE B 1086 -18.78 -14.38 -6.56
N LEU B 1087 -18.65 -13.26 -5.87
CA LEU B 1087 -17.63 -12.28 -6.25
C LEU B 1087 -16.23 -12.87 -6.15
N LEU B 1088 -15.93 -13.51 -5.02
CA LEU B 1088 -14.62 -14.13 -4.84
C LEU B 1088 -14.40 -15.26 -5.82
N GLN B 1089 -15.45 -16.05 -6.08
CA GLN B 1089 -15.31 -17.12 -7.04
C GLN B 1089 -15.17 -16.61 -8.47
N ASP B 1090 -15.60 -15.38 -8.73
CA ASP B 1090 -15.42 -14.82 -10.07
C ASP B 1090 -14.04 -14.19 -10.23
N ARG B 1091 -13.56 -13.51 -9.18
CA ARG B 1091 -12.21 -12.96 -9.26
C ARG B 1091 -11.16 -14.06 -9.26
N LEU B 1092 -11.28 -15.00 -8.32
CA LEU B 1092 -10.25 -16.02 -8.15
C LEU B 1092 -10.29 -17.07 -9.26
N LEU B 1093 -11.48 -17.50 -9.66
CA LEU B 1093 -11.60 -18.64 -10.57
C LEU B 1093 -12.16 -18.26 -11.93
N ASN B 1094 -13.34 -17.65 -12.00
CA ASN B 1094 -14.05 -17.54 -13.26
C ASN B 1094 -13.30 -16.70 -14.28
N SER B 1095 -12.49 -15.75 -13.83
CA SER B 1095 -11.81 -14.82 -14.72
C SER B 1095 -10.38 -15.23 -15.04
N SER B 1096 -9.62 -15.75 -14.08
CA SER B 1096 -8.21 -16.02 -14.33
C SER B 1096 -8.00 -17.35 -15.06
N ASP B 1097 -8.24 -18.48 -14.39
CA ASP B 1097 -7.84 -19.77 -14.94
C ASP B 1097 -8.97 -20.78 -14.90
N TYR B 1098 -10.17 -20.35 -15.23
CA TYR B 1098 -11.30 -21.27 -15.34
C TYR B 1098 -11.09 -22.18 -16.55
N THR B 1099 -11.27 -23.49 -16.35
CA THR B 1099 -11.15 -24.40 -17.48
C THR B 1099 -12.04 -25.62 -17.26
N GLN B 1100 -12.68 -26.08 -18.33
CA GLN B 1100 -13.57 -27.23 -18.28
C GLN B 1100 -12.77 -28.46 -18.68
N ALA B 1101 -12.20 -29.13 -17.68
CA ALA B 1101 -11.31 -30.25 -17.89
C ALA B 1101 -12.05 -31.56 -17.68
N SER B 1102 -11.79 -32.53 -18.54
CA SER B 1102 -12.42 -33.84 -18.39
C SER B 1102 -11.74 -34.63 -17.29
N VAL B 1103 -12.55 -35.35 -16.52
CA VAL B 1103 -12.11 -36.16 -15.39
C VAL B 1103 -12.75 -37.53 -15.55
N CYS B 1104 -11.97 -38.59 -15.39
CA CYS B 1104 -12.54 -39.92 -15.42
C CYS B 1104 -13.26 -40.20 -14.10
N ARG B 1105 -14.50 -40.69 -14.22
CA ARG B 1105 -15.36 -40.84 -13.06
C ARG B 1105 -14.80 -41.85 -12.06
N GLU B 1106 -14.30 -42.99 -12.56
CA GLU B 1106 -13.93 -44.08 -11.68
C GLU B 1106 -12.56 -43.87 -11.05
N CYS B 1107 -11.53 -43.72 -11.88
CA CYS B 1107 -10.17 -43.58 -11.37
C CYS B 1107 -9.95 -42.26 -10.65
N GLY B 1108 -10.78 -41.25 -10.90
CA GLY B 1108 -10.65 -39.97 -10.23
C GLY B 1108 -9.39 -39.19 -10.56
N SER B 1109 -9.04 -39.08 -11.83
CA SER B 1109 -7.86 -38.34 -12.24
C SER B 1109 -8.23 -37.36 -13.35
N ILE B 1110 -7.48 -36.26 -13.41
CA ILE B 1110 -7.71 -35.20 -14.39
C ILE B 1110 -6.78 -35.34 -15.58
N LEU B 1111 -5.49 -35.50 -15.32
CA LEU B 1111 -4.47 -35.51 -16.37
C LEU B 1111 -4.23 -36.89 -16.96
N THR B 1112 -5.23 -37.77 -16.90
CA THR B 1112 -5.10 -39.11 -17.45
C THR B 1112 -5.87 -39.32 -18.74
N THR B 1113 -6.99 -38.64 -18.92
CA THR B 1113 -7.81 -38.86 -20.11
C THR B 1113 -7.13 -38.27 -21.34
N GLN B 1114 -7.71 -38.56 -22.50
CA GLN B 1114 -7.21 -38.05 -23.76
C GLN B 1114 -8.33 -38.12 -24.80
N GLN B 1115 -8.08 -37.48 -25.94
CA GLN B 1115 -8.96 -37.65 -27.09
C GLN B 1115 -8.65 -38.97 -27.78
N SER B 1116 -9.57 -39.39 -28.64
CA SER B 1116 -9.43 -40.64 -29.36
C SER B 1116 -9.39 -40.34 -30.85
N VAL B 1117 -8.40 -40.90 -31.53
CA VAL B 1117 -8.33 -40.74 -32.99
C VAL B 1117 -9.46 -41.54 -33.62
N PRO B 1118 -10.23 -40.96 -34.52
CA PRO B 1118 -11.27 -41.75 -35.22
C PRO B 1118 -10.66 -42.70 -36.22
N ARG B 1119 -11.49 -43.32 -37.05
CA ARG B 1119 -10.99 -44.22 -38.07
C ARG B 1119 -11.03 -43.54 -39.44
N SER B 1124 -14.02 -40.52 -32.42
CA SER B 1124 -14.11 -39.12 -32.04
C SER B 1124 -14.84 -38.97 -30.72
N THR B 1125 -14.11 -39.16 -29.62
CA THR B 1125 -14.70 -39.10 -28.29
C THR B 1125 -13.58 -38.84 -27.29
N VAL B 1126 -13.91 -38.96 -26.01
CA VAL B 1126 -12.96 -38.79 -24.91
C VAL B 1126 -12.93 -40.08 -24.12
N CYS B 1127 -11.72 -40.58 -23.83
CA CYS B 1127 -11.54 -41.82 -23.09
C CYS B 1127 -10.41 -41.64 -22.09
N CYS B 1128 -10.31 -42.58 -21.16
CA CYS B 1128 -9.26 -42.54 -20.15
C CYS B 1128 -8.18 -43.58 -20.43
N ARG B 1129 -7.05 -43.43 -19.74
CA ARG B 1129 -5.90 -44.30 -19.89
C ARG B 1129 -5.66 -45.20 -18.69
N ARG B 1130 -5.79 -44.66 -17.47
CA ARG B 1130 -5.43 -45.43 -16.28
C ARG B 1130 -6.32 -46.65 -16.10
N CYS B 1131 -7.62 -46.49 -16.30
CA CYS B 1131 -8.58 -47.57 -16.06
C CYS B 1131 -9.08 -48.18 -17.36
N SER B 1132 -8.43 -47.89 -18.48
CA SER B 1132 -8.67 -48.60 -19.72
C SER B 1132 -7.59 -49.66 -19.89
N MET B 1133 -7.92 -50.73 -20.60
CA MET B 1133 -7.01 -51.86 -20.73
C MET B 1133 -6.65 -52.10 -22.18
N ARG B 1134 -5.45 -52.65 -22.40
CA ARG B 1134 -5.01 -52.94 -23.75
C ARG B 1134 -5.91 -53.97 -24.40
N PHE B 1135 -6.13 -53.80 -25.70
CA PHE B 1135 -7.04 -54.69 -26.43
C PHE B 1135 -6.50 -56.09 -26.58
N GLU B 1136 -5.21 -56.32 -26.28
CA GLU B 1136 -4.65 -57.66 -26.39
C GLU B 1136 -5.27 -58.61 -25.37
N ASP B 1137 -5.69 -58.10 -24.21
CA ASP B 1137 -6.25 -58.95 -23.17
C ASP B 1137 -7.75 -59.14 -23.29
N ALA B 1138 -8.44 -58.32 -24.07
CA ALA B 1138 -9.89 -58.37 -24.15
C ALA B 1138 -10.36 -59.39 -25.18
N SER B 1156 -16.35 -51.72 -30.73
CA SER B 1156 -17.41 -51.34 -29.80
C SER B 1156 -16.93 -50.22 -28.89
N GLN B 1157 -16.44 -50.60 -27.71
CA GLN B 1157 -15.82 -49.67 -26.78
C GLN B 1157 -14.31 -49.64 -26.93
N ILE B 1158 -13.83 -49.85 -28.15
CA ILE B 1158 -12.41 -49.82 -28.47
C ILE B 1158 -12.07 -48.46 -29.08
N TRP B 1159 -11.02 -47.83 -28.60
CA TRP B 1159 -10.56 -46.56 -29.14
C TRP B 1159 -9.05 -46.59 -29.32
N GLU B 1160 -8.58 -45.88 -30.34
CA GLU B 1160 -7.22 -45.99 -30.82
C GLU B 1160 -6.50 -44.64 -30.69
N ASP B 1161 -5.21 -44.69 -30.39
CA ASP B 1161 -4.38 -43.50 -30.29
C ASP B 1161 -3.75 -43.20 -31.66
N GLY B 1162 -2.86 -42.20 -31.69
CA GLY B 1162 -2.07 -41.97 -32.87
C GLY B 1162 -0.92 -42.93 -33.04
N GLN B 1163 -0.47 -43.55 -31.95
CA GLN B 1163 0.52 -44.62 -32.04
C GLN B 1163 -0.07 -45.90 -32.60
N GLY B 1164 -1.39 -46.01 -32.65
CA GLY B 1164 -2.04 -47.23 -33.08
C GLY B 1164 -2.39 -48.18 -31.96
N ASN B 1165 -1.86 -47.96 -30.76
CA ASN B 1165 -2.14 -48.81 -29.61
C ASN B 1165 -3.61 -48.69 -29.25
N LYS B 1166 -4.38 -49.72 -29.53
CA LYS B 1166 -5.83 -49.70 -29.29
C LYS B 1166 -6.13 -50.17 -27.89
N PHE B 1167 -7.03 -49.45 -27.21
CA PHE B 1167 -7.46 -49.78 -25.87
C PHE B 1167 -8.96 -50.02 -25.85
N VAL B 1168 -9.44 -50.58 -24.75
CA VAL B 1168 -10.84 -50.84 -24.53
C VAL B 1168 -11.22 -50.35 -23.14
N GLY B 1169 -12.43 -49.80 -23.02
CA GLY B 1169 -12.94 -49.33 -21.75
C GLY B 1169 -12.38 -47.97 -21.36
N GLY B 1170 -12.73 -47.57 -20.14
CA GLY B 1170 -12.30 -46.30 -19.60
C GLY B 1170 -13.16 -45.12 -19.99
N ASN B 1171 -14.38 -45.36 -20.50
CA ASN B 1171 -15.24 -44.28 -20.97
C ASN B 1171 -16.09 -43.67 -19.87
N GLU B 1172 -15.64 -43.75 -18.62
CA GLU B 1172 -16.36 -43.14 -17.50
C GLU B 1172 -15.74 -41.79 -17.15
N THR B 1173 -15.96 -40.82 -18.04
CA THR B 1173 -15.39 -39.49 -17.84
C THR B 1173 -16.43 -38.42 -18.13
N THR B 1174 -16.25 -37.27 -17.49
CA THR B 1174 -17.19 -36.16 -17.55
C THR B 1174 -16.46 -34.86 -17.26
N THR B 1175 -17.11 -33.75 -17.59
CA THR B 1175 -16.47 -32.44 -17.48
C THR B 1175 -16.58 -31.88 -16.08
N VAL B 1176 -15.49 -31.27 -15.62
CA VAL B 1176 -15.46 -30.58 -14.33
C VAL B 1176 -14.74 -29.25 -14.52
N ALA B 1177 -15.30 -28.19 -13.96
CA ALA B 1177 -14.72 -26.86 -14.08
C ALA B 1177 -13.75 -26.63 -12.92
N ILE B 1178 -12.48 -26.39 -13.24
CA ILE B 1178 -11.45 -26.23 -12.22
C ILE B 1178 -10.49 -25.13 -12.61
N PRO B 1179 -9.70 -24.64 -11.65
CA PRO B 1179 -8.53 -23.84 -12.02
C PRO B 1179 -7.46 -24.72 -12.65
N PHE B 1180 -6.77 -24.17 -13.65
CA PHE B 1180 -5.71 -24.90 -14.31
C PHE B 1180 -4.56 -25.19 -13.34
N VAL B 1181 -4.32 -24.28 -12.40
CA VAL B 1181 -3.28 -24.50 -11.42
C VAL B 1181 -3.55 -25.75 -10.60
N LEU B 1182 -4.81 -26.18 -10.51
CA LEU B 1182 -5.09 -27.49 -9.93
C LEU B 1182 -4.47 -28.60 -10.77
N LYS B 1183 -4.62 -28.53 -12.09
CA LYS B 1183 -4.02 -29.53 -12.97
C LYS B 1183 -2.50 -29.51 -12.86
N TYR B 1184 -1.92 -28.32 -12.74
CA TYR B 1184 -0.47 -28.23 -12.59
C TYR B 1184 -0.01 -28.79 -11.24
N LEU B 1185 -0.79 -28.56 -10.18
CA LEU B 1185 -0.44 -29.18 -8.90
C LEU B 1185 -0.61 -30.68 -8.96
N ASP B 1186 -1.59 -31.17 -9.72
CA ASP B 1186 -1.73 -32.59 -9.95
C ASP B 1186 -0.47 -33.15 -10.58
N SER B 1187 0.06 -32.46 -11.59
CA SER B 1187 1.28 -32.92 -12.24
C SER B 1187 2.46 -32.89 -11.29
N GLU B 1188 2.64 -31.77 -10.58
CA GLU B 1188 3.78 -31.64 -9.69
C GLU B 1188 3.66 -32.51 -8.45
N LEU B 1189 2.50 -33.11 -8.20
CA LEU B 1189 2.37 -34.10 -7.15
C LEU B 1189 2.58 -35.51 -7.67
N SER B 1190 1.99 -35.85 -8.82
CA SER B 1190 2.24 -37.15 -9.42
C SER B 1190 3.72 -37.32 -9.77
N ALA B 1191 4.46 -36.22 -9.93
CA ALA B 1191 5.91 -36.33 -10.04
C ALA B 1191 6.52 -36.86 -8.76
N MET B 1192 5.98 -36.45 -7.61
CA MET B 1192 6.49 -36.92 -6.33
C MET B 1192 5.91 -38.27 -5.93
N GLY B 1193 5.03 -38.84 -6.74
CA GLY B 1193 4.40 -40.11 -6.41
C GLY B 1193 3.09 -39.98 -5.67
N ILE B 1194 2.69 -38.79 -5.26
CA ILE B 1194 1.41 -38.58 -4.60
C ILE B 1194 0.32 -38.53 -5.65
N ARG B 1195 -0.77 -39.25 -5.41
CA ARG B 1195 -1.91 -39.25 -6.31
C ARG B 1195 -3.11 -38.63 -5.61
N LEU B 1196 -3.68 -37.60 -6.22
CA LEU B 1196 -4.92 -37.00 -5.75
C LEU B 1196 -6.06 -37.56 -6.58
N ARG B 1197 -7.01 -38.21 -5.93
CA ARG B 1197 -8.18 -38.76 -6.61
C ARG B 1197 -9.36 -37.83 -6.34
N TYR B 1198 -9.96 -37.32 -7.41
CA TYR B 1198 -11.03 -36.33 -7.33
C TYR B 1198 -12.33 -37.05 -7.68
N ASN B 1199 -13.08 -37.43 -6.67
CA ASN B 1199 -14.35 -38.12 -6.90
C ASN B 1199 -15.41 -37.11 -7.30
N VAL B 1200 -16.03 -37.31 -8.46
CA VAL B 1200 -17.10 -36.41 -8.86
C VAL B 1200 -18.35 -36.71 -8.04
N GLU B 1201 -19.24 -35.74 -7.98
CA GLU B 1201 -20.46 -35.85 -7.20
C GLU B 1201 -21.50 -36.72 -7.91
N PRO B 1202 -21.84 -36.46 -9.19
CA PRO B 1202 -22.94 -37.25 -9.80
C PRO B 1202 -22.47 -38.56 -10.42
N LYS B 1203 -22.00 -39.48 -9.58
CA LYS B 1203 -21.62 -40.79 -10.06
C LYS B 1203 -22.84 -41.63 -10.40
N GLU C 30 -40.59 45.86 -8.44
CA GLU C 30 -40.87 46.04 -9.86
C GLU C 30 -39.62 46.53 -10.58
N TRP C 31 -38.57 45.70 -10.55
CA TRP C 31 -37.35 46.02 -11.25
C TRP C 31 -37.56 45.89 -12.75
N ASN C 32 -37.16 46.90 -13.51
CA ASN C 32 -37.39 46.91 -14.94
C ASN C 32 -36.16 47.48 -15.62
N VAL C 33 -36.04 47.18 -16.92
CA VAL C 33 -34.85 47.59 -17.67
C VAL C 33 -34.72 49.11 -17.69
N GLU C 34 -35.84 49.82 -17.73
CA GLU C 34 -35.78 51.28 -17.69
C GLU C 34 -35.23 51.77 -16.36
N LYS C 35 -35.58 51.12 -15.25
CA LYS C 35 -35.06 51.52 -13.95
C LYS C 35 -33.55 51.30 -13.88
N PHE C 36 -33.09 50.16 -14.38
CA PHE C 36 -31.65 49.90 -14.43
C PHE C 36 -30.93 50.93 -15.28
N LYS C 37 -31.48 51.21 -16.46
CA LYS C 37 -30.93 52.25 -17.32
C LYS C 37 -30.86 53.59 -16.59
N LYS C 38 -31.88 53.90 -15.80
CA LYS C 38 -31.87 55.14 -15.03
C LYS C 38 -30.72 55.18 -14.03
N ASP C 39 -30.50 54.07 -13.32
CA ASP C 39 -29.41 54.09 -12.33
C ASP C 39 -28.05 53.78 -12.94
N PHE C 40 -28.00 52.90 -13.95
CA PHE C 40 -26.71 52.49 -14.49
C PHE C 40 -26.04 53.62 -15.24
N GLU C 41 -24.72 53.74 -15.05
CA GLU C 41 -23.94 54.72 -15.78
C GLU C 41 -22.50 54.25 -15.85
N VAL C 42 -21.81 54.69 -16.90
CA VAL C 42 -20.44 54.24 -17.18
C VAL C 42 -19.50 55.41 -17.00
N ASN C 43 -18.56 55.27 -16.08
CA ASN C 43 -17.49 56.25 -15.88
C ASN C 43 -16.17 55.64 -16.34
N ILE C 44 -15.27 56.51 -16.77
CA ILE C 44 -13.97 56.10 -17.31
C ILE C 44 -12.87 56.83 -16.57
N SER C 45 -11.78 56.11 -16.27
CA SER C 45 -10.61 56.75 -15.69
C SER C 45 -9.60 57.17 -16.74
N SER C 46 -9.30 56.31 -17.70
CA SER C 46 -8.34 56.62 -18.74
C SER C 46 -8.63 55.72 -19.94
N LEU C 47 -7.80 55.84 -20.97
CA LEU C 47 -7.97 55.04 -22.16
C LEU C 47 -6.64 54.94 -22.88
N ASP C 48 -6.56 53.98 -23.79
CA ASP C 48 -5.34 53.67 -24.53
C ASP C 48 -5.70 52.63 -25.57
N ALA C 49 -4.70 52.22 -26.35
CA ALA C 49 -4.83 51.05 -27.22
C ALA C 49 -4.30 49.78 -26.55
N ARG C 50 -3.75 49.90 -25.34
CA ARG C 50 -3.23 48.76 -24.61
C ARG C 50 -3.78 48.60 -23.20
N GLU C 51 -4.57 49.56 -22.70
CA GLU C 51 -5.09 49.44 -21.34
C GLU C 51 -6.24 50.42 -21.18
N ALA C 52 -7.43 49.90 -20.93
CA ALA C 52 -8.60 50.71 -20.61
C ALA C 52 -8.96 50.48 -19.14
N ASN C 53 -9.05 51.57 -18.38
CA ASN C 53 -9.45 51.54 -16.98
C ASN C 53 -10.71 52.38 -16.86
N PHE C 54 -11.83 51.74 -16.56
CA PHE C 54 -13.09 52.46 -16.49
C PHE C 54 -13.91 51.91 -15.32
N ASP C 55 -15.14 52.38 -15.20
CA ASP C 55 -16.04 51.97 -14.13
C ASP C 55 -17.40 51.59 -14.71
N LEU C 56 -17.97 50.53 -14.15
CA LEU C 56 -19.38 50.19 -14.33
C LEU C 56 -20.05 50.29 -12.97
N ILE C 57 -20.98 51.22 -12.83
CA ILE C 57 -21.59 51.53 -11.55
C ILE C 57 -23.08 51.22 -11.61
N ASN C 58 -23.63 50.83 -10.46
CA ASN C 58 -25.04 50.43 -10.35
C ASN C 58 -25.37 49.31 -11.32
N ILE C 59 -24.68 48.19 -11.12
CA ILE C 59 -24.89 46.99 -11.92
C ILE C 59 -24.59 45.79 -11.02
N ASP C 60 -25.29 44.69 -11.24
CA ASP C 60 -25.16 43.56 -10.33
C ASP C 60 -23.85 42.83 -10.57
N THR C 61 -23.34 42.22 -9.50
CA THR C 61 -22.08 41.46 -9.57
C THR C 61 -22.14 40.39 -10.63
N SER C 62 -23.33 39.82 -10.88
CA SER C 62 -23.45 38.76 -11.87
C SER C 62 -23.05 39.27 -13.26
N ILE C 63 -23.53 40.46 -13.64
CA ILE C 63 -23.27 40.94 -14.99
C ILE C 63 -21.83 41.42 -15.14
N ALA C 64 -21.27 42.01 -14.08
CA ALA C 64 -19.85 42.35 -14.10
C ALA C 64 -19.00 41.10 -14.26
N ASN C 65 -19.34 40.03 -13.55
CA ASN C 65 -18.64 38.76 -13.69
C ASN C 65 -18.80 38.20 -15.10
N ALA C 66 -20.00 38.30 -15.67
CA ALA C 66 -20.22 37.79 -17.02
C ALA C 66 -19.39 38.54 -18.04
N PHE C 67 -19.30 39.87 -17.91
CA PHE C 67 -18.46 40.64 -18.82
C PHE C 67 -17.00 40.29 -18.65
N ARG C 68 -16.53 40.18 -17.41
CA ARG C 68 -15.15 39.79 -17.15
C ARG C 68 -14.83 38.45 -17.83
N ARG C 69 -15.70 37.46 -17.61
CA ARG C 69 -15.42 36.11 -18.10
C ARG C 69 -15.55 36.02 -19.61
N ILE C 70 -16.54 36.68 -20.22
CA ILE C 70 -16.64 36.63 -21.67
C ILE C 70 -15.47 37.35 -22.32
N MET C 71 -14.99 38.44 -21.70
CA MET C 71 -13.79 39.09 -22.21
C MET C 71 -12.60 38.15 -22.17
N ILE C 72 -12.38 37.49 -21.03
CA ILE C 72 -11.22 36.62 -20.91
C ILE C 72 -11.31 35.44 -21.88
N SER C 73 -12.50 34.84 -22.02
CA SER C 73 -12.63 33.55 -22.69
C SER C 73 -13.25 33.63 -24.08
N GLU C 74 -14.43 34.19 -24.22
CA GLU C 74 -15.27 33.89 -25.39
C GLU C 74 -15.07 34.84 -26.58
N VAL C 75 -14.16 35.80 -26.48
CA VAL C 75 -13.93 36.71 -27.60
C VAL C 75 -13.04 36.03 -28.63
N PRO C 76 -13.44 35.93 -29.89
CA PRO C 76 -12.59 35.30 -30.89
C PRO C 76 -11.30 36.09 -31.10
N SER C 77 -10.24 35.37 -31.46
CA SER C 77 -8.96 35.97 -31.79
C SER C 77 -8.28 35.08 -32.83
N VAL C 78 -7.07 35.48 -33.22
CA VAL C 78 -6.29 34.75 -34.21
C VAL C 78 -4.95 34.38 -33.60
N ALA C 79 -4.59 33.10 -33.67
CA ALA C 79 -3.29 32.63 -33.21
C ALA C 79 -2.95 31.36 -33.97
N ALA C 80 -1.67 30.98 -33.92
CA ALA C 80 -1.16 29.89 -34.74
C ALA C 80 -1.73 28.56 -34.27
N GLU C 81 -2.44 27.86 -35.16
CA GLU C 81 -3.01 26.56 -34.83
C GLU C 81 -2.19 25.40 -35.39
N TYR C 82 -2.09 25.30 -36.71
CA TYR C 82 -1.38 24.19 -37.33
C TYR C 82 -0.03 24.67 -37.82
N VAL C 83 1.04 24.00 -37.40
CA VAL C 83 2.40 24.44 -37.69
C VAL C 83 3.09 23.33 -38.46
N TYR C 84 3.05 23.41 -39.79
CA TYR C 84 3.71 22.44 -40.64
C TYR C 84 5.22 22.69 -40.63
N PHE C 85 6.00 21.64 -40.41
CA PHE C 85 7.46 21.75 -40.37
C PHE C 85 8.05 21.09 -41.60
N PHE C 86 9.02 21.75 -42.23
CA PHE C 86 9.79 21.14 -43.29
C PHE C 86 11.22 20.82 -42.88
N ASN C 87 11.77 21.55 -41.91
CA ASN C 87 13.08 21.23 -41.37
C ASN C 87 13.29 22.04 -40.11
N ASN C 88 13.88 21.41 -39.10
CA ASN C 88 14.20 22.11 -37.86
C ASN C 88 15.42 21.42 -37.26
N THR C 89 16.60 21.98 -37.54
CA THR C 89 17.84 21.46 -37.00
C THR C 89 18.31 22.26 -35.79
N SER C 90 17.46 23.13 -35.25
CA SER C 90 17.83 23.92 -34.09
C SER C 90 17.88 23.05 -32.84
N VAL C 91 18.27 23.67 -31.72
CA VAL C 91 18.34 22.95 -30.44
C VAL C 91 16.98 22.84 -29.76
N ILE C 92 15.97 23.52 -30.28
CA ILE C 92 14.62 23.48 -29.71
C ILE C 92 13.83 22.35 -30.36
N GLN C 93 13.27 21.47 -29.56
CA GLN C 93 12.44 20.40 -30.11
C GLN C 93 11.19 21.00 -30.72
N ASP C 94 10.78 20.42 -31.85
CA ASP C 94 9.82 21.09 -32.74
C ASP C 94 8.49 21.36 -32.05
N GLU C 95 8.09 20.52 -31.09
CA GLU C 95 6.84 20.76 -30.40
C GLU C 95 6.90 22.05 -29.59
N VAL C 96 8.03 22.29 -28.92
CA VAL C 96 8.16 23.52 -28.14
C VAL C 96 8.20 24.73 -29.06
N LEU C 97 8.87 24.61 -30.20
CA LEU C 97 8.89 25.71 -31.15
C LEU C 97 7.50 26.04 -31.67
N ALA C 98 6.73 25.01 -32.06
CA ALA C 98 5.40 25.26 -32.57
C ALA C 98 4.50 25.84 -31.48
N HIS C 99 4.69 25.40 -30.24
CA HIS C 99 3.92 25.97 -29.14
C HIS C 99 4.27 27.44 -28.93
N ARG C 100 5.56 27.78 -29.07
CA ARG C 100 5.94 29.19 -28.97
C ARG C 100 5.31 30.01 -30.08
N ILE C 101 5.28 29.47 -31.30
CA ILE C 101 4.62 30.17 -32.39
C ILE C 101 3.14 30.37 -32.09
N GLY C 102 2.49 29.34 -31.57
CA GLY C 102 1.09 29.46 -31.21
C GLY C 102 0.85 30.52 -30.15
N LEU C 103 1.76 30.63 -29.18
CA LEU C 103 1.63 31.65 -28.17
C LEU C 103 1.83 33.07 -28.70
N VAL C 104 2.32 33.22 -29.93
CA VAL C 104 2.65 34.55 -30.46
C VAL C 104 1.35 35.27 -30.80
N PRO C 105 1.08 36.42 -30.19
CA PRO C 105 -0.11 37.19 -30.57
C PRO C 105 0.03 37.73 -31.97
N LEU C 106 -1.10 37.85 -32.66
CA LEU C 106 -1.11 38.35 -34.02
C LEU C 106 -1.90 39.65 -34.06
N LYS C 107 -1.29 40.67 -34.67
CA LYS C 107 -1.96 41.96 -34.87
C LYS C 107 -2.82 41.86 -36.13
N VAL C 108 -3.89 41.09 -36.01
CA VAL C 108 -4.92 41.01 -37.05
C VAL C 108 -6.27 41.05 -36.35
N ASP C 109 -7.18 41.87 -36.86
CA ASP C 109 -8.52 41.91 -36.30
C ASP C 109 -9.20 40.58 -36.55
N PRO C 110 -9.81 39.97 -35.52
CA PRO C 110 -10.49 38.68 -35.73
C PRO C 110 -11.64 38.76 -36.70
N ASP C 111 -12.18 39.96 -36.94
CA ASP C 111 -13.40 40.10 -37.74
C ASP C 111 -13.17 39.87 -39.22
N MET C 112 -11.92 39.82 -39.67
CA MET C 112 -11.65 39.77 -41.09
C MET C 112 -11.87 38.39 -41.70
N LEU C 113 -11.94 37.35 -40.89
CA LEU C 113 -11.97 35.98 -41.40
C LEU C 113 -13.06 35.17 -40.70
N THR C 114 -13.60 34.19 -41.42
CA THR C 114 -14.68 33.36 -40.91
C THR C 114 -14.11 32.27 -40.01
N TRP C 115 -14.95 31.29 -39.66
CA TRP C 115 -14.57 30.19 -38.79
C TRP C 115 -14.28 28.92 -39.61
N VAL C 116 -13.54 28.03 -39.00
CA VAL C 116 -13.10 26.79 -39.63
C VAL C 116 -14.15 25.70 -39.39
N ASP C 117 -14.18 24.72 -40.29
CA ASP C 117 -15.13 23.60 -40.20
C ASP C 117 -14.32 22.34 -39.93
N SER C 118 -14.23 21.95 -38.66
CA SER C 118 -13.41 20.80 -38.29
C SER C 118 -13.94 19.52 -38.91
N ASN C 119 -15.23 19.45 -39.21
CA ASN C 119 -15.84 18.23 -39.74
C ASN C 119 -15.46 17.98 -41.19
N LEU C 120 -15.06 19.01 -41.93
CA LEU C 120 -14.68 18.82 -43.32
C LEU C 120 -13.28 18.22 -43.41
N PRO C 121 -12.94 17.60 -44.54
CA PRO C 121 -11.58 17.06 -44.70
C PRO C 121 -10.53 18.15 -44.60
N ASP C 122 -9.38 17.78 -44.02
CA ASP C 122 -8.30 18.74 -43.84
C ASP C 122 -7.72 19.24 -45.17
N ASP C 123 -8.05 18.57 -46.28
CA ASP C 123 -7.63 19.05 -47.58
C ASP C 123 -8.34 20.35 -47.93
N GLU C 124 -9.65 20.42 -47.71
CA GLU C 124 -10.45 21.59 -48.03
C GLU C 124 -10.93 22.33 -46.79
N LYS C 125 -10.44 21.93 -45.60
CA LYS C 125 -10.82 22.62 -44.37
C LYS C 125 -10.31 24.06 -44.36
N PHE C 126 -9.12 24.28 -44.91
CA PHE C 126 -8.54 25.61 -44.95
C PHE C 126 -8.87 26.29 -46.27
N THR C 127 -9.36 27.51 -46.19
CA THR C 127 -9.70 28.31 -47.37
C THR C 127 -9.18 29.72 -47.17
N ASP C 128 -9.28 30.53 -48.23
CA ASP C 128 -8.77 31.90 -48.19
C ASP C 128 -9.55 32.80 -47.23
N GLU C 129 -10.73 32.36 -46.78
CA GLU C 129 -11.57 33.17 -45.93
C GLU C 129 -11.35 32.93 -44.45
N ASN C 130 -10.71 31.82 -44.07
CA ASN C 130 -10.62 31.45 -42.67
C ASN C 130 -9.23 31.03 -42.22
N THR C 131 -8.27 30.92 -43.11
CA THR C 131 -6.94 30.43 -42.79
C THR C 131 -5.92 31.46 -43.24
N ILE C 132 -5.00 31.82 -42.36
CA ILE C 132 -3.93 32.75 -42.70
C ILE C 132 -2.61 32.00 -42.64
N VAL C 133 -1.84 32.08 -43.72
CA VAL C 133 -0.65 31.26 -43.92
C VAL C 133 0.58 32.12 -43.66
N LEU C 134 1.35 31.75 -42.65
CA LEU C 134 2.63 32.38 -42.36
C LEU C 134 3.76 31.42 -42.67
N SER C 135 4.97 31.95 -42.80
CA SER C 135 6.15 31.14 -43.06
C SER C 135 7.28 31.58 -42.17
N LEU C 136 8.33 30.77 -42.15
CA LEU C 136 9.57 31.10 -41.46
C LEU C 136 10.68 30.24 -42.05
N ASN C 137 11.59 30.86 -42.80
CA ASN C 137 12.73 30.16 -43.40
C ASN C 137 13.98 30.91 -42.98
N VAL C 138 14.53 30.57 -41.82
CA VAL C 138 15.71 31.26 -41.29
C VAL C 138 16.83 30.23 -41.11
N LYS C 139 17.95 30.46 -41.78
CA LYS C 139 19.11 29.60 -41.73
C LYS C 139 20.28 30.39 -41.18
N CYS C 140 21.01 29.82 -40.25
CA CYS C 140 22.14 30.50 -39.63
C CYS C 140 23.43 30.14 -40.35
N THR C 141 24.24 31.16 -40.61
CA THR C 141 25.55 31.00 -41.22
C THR C 141 26.52 31.92 -40.51
N ARG C 142 27.72 31.41 -40.23
CA ARG C 142 28.70 32.19 -39.50
C ARG C 142 29.17 33.39 -40.33
N ASN C 143 29.44 34.50 -39.65
CA ASN C 143 29.87 35.72 -40.31
C ASN C 143 31.39 35.84 -40.24
N PRO C 144 32.10 35.83 -41.37
CA PRO C 144 33.57 35.94 -41.30
C PRO C 144 34.07 37.25 -40.73
N ASP C 145 33.33 38.33 -40.90
CA ASP C 145 33.75 39.66 -40.45
C ASP C 145 33.53 39.87 -38.96
N ALA C 146 33.29 38.80 -38.21
CA ALA C 146 33.17 38.91 -36.76
C ALA C 146 34.52 39.35 -36.19
N PRO C 147 34.58 40.45 -35.45
CA PRO C 147 35.86 40.90 -34.92
C PRO C 147 36.43 39.90 -33.92
N LYS C 148 37.75 39.82 -33.88
CA LYS C 148 38.43 38.91 -32.98
C LYS C 148 38.31 39.38 -31.54
N GLY C 149 38.24 38.42 -30.62
CA GLY C 149 38.14 38.73 -29.21
C GLY C 149 36.84 39.36 -28.75
N SER C 150 35.71 38.92 -29.31
CA SER C 150 34.40 39.41 -28.90
C SER C 150 33.43 38.25 -28.81
N THR C 151 32.61 38.22 -27.76
CA THR C 151 31.70 37.13 -27.49
C THR C 151 30.27 37.41 -27.93
N ASP C 152 30.05 38.51 -28.61
CA ASP C 152 28.69 38.91 -28.95
C ASP C 152 28.11 37.99 -30.02
N PRO C 153 27.00 37.32 -29.76
CA PRO C 153 26.39 36.49 -30.81
C PRO C 153 25.89 37.29 -32.00
N LYS C 154 25.74 38.60 -31.86
CA LYS C 154 25.28 39.41 -32.99
C LYS C 154 26.37 39.56 -34.05
N GLU C 155 27.60 39.83 -33.62
CA GLU C 155 28.69 39.98 -34.56
C GLU C 155 29.17 38.64 -35.10
N LEU C 156 29.13 37.59 -34.27
CA LEU C 156 29.71 36.31 -34.67
C LEU C 156 28.90 35.65 -35.77
N TYR C 157 27.59 35.57 -35.59
CA TYR C 157 26.75 34.77 -36.47
C TYR C 157 25.79 35.65 -37.23
N ASN C 158 25.26 35.10 -38.33
CA ASN C 158 24.25 35.77 -39.14
C ASN C 158 22.95 34.99 -39.02
N ASN C 159 21.85 35.72 -38.81
CA ASN C 159 20.54 35.12 -38.55
C ASN C 159 20.61 34.18 -37.34
N ALA C 160 21.39 34.58 -36.34
CA ALA C 160 21.52 33.77 -35.13
C ALA C 160 20.23 33.70 -34.35
N HIS C 161 19.56 34.84 -34.15
CA HIS C 161 18.33 34.90 -33.40
C HIS C 161 17.14 34.95 -34.35
N VAL C 162 16.14 34.12 -34.10
CA VAL C 162 14.89 34.13 -34.84
C VAL C 162 13.88 34.94 -34.04
N TYR C 163 13.29 35.94 -34.67
CA TYR C 163 12.37 36.84 -34.01
C TYR C 163 10.98 36.73 -34.64
N ALA C 164 10.01 37.35 -34.00
CA ALA C 164 8.64 37.27 -34.50
C ALA C 164 8.47 38.00 -35.81
N ARG C 165 9.20 39.09 -36.02
CA ARG C 165 9.12 39.80 -37.30
C ARG C 165 9.57 38.94 -38.46
N ASP C 166 10.35 37.88 -38.19
CA ASP C 166 10.72 36.93 -39.23
C ASP C 166 9.54 36.10 -39.71
N LEU C 167 8.40 36.15 -39.02
CA LEU C 167 7.24 35.36 -39.39
C LEU C 167 6.56 36.02 -40.59
N LYS C 168 7.19 35.85 -41.76
CA LYS C 168 6.71 36.51 -42.95
C LYS C 168 5.30 36.09 -43.29
N PHE C 169 4.45 37.07 -43.57
CA PHE C 169 3.06 36.82 -43.94
C PHE C 169 2.98 36.55 -45.42
N GLU C 170 2.30 35.46 -45.78
CA GLU C 170 2.14 35.04 -47.17
C GLU C 170 0.67 34.98 -47.51
N PRO C 171 0.10 36.04 -48.08
CA PRO C 171 -1.32 36.02 -48.43
C PRO C 171 -1.60 35.01 -49.52
N GLN C 172 -2.82 34.46 -49.49
CA GLN C 172 -3.21 33.38 -50.39
C GLN C 172 -4.56 33.67 -51.03
N GLY C 173 -4.77 33.09 -52.20
CA GLY C 173 -6.08 33.14 -52.83
C GLY C 173 -6.48 34.55 -53.21
N ARG C 174 -7.60 34.99 -52.66
CA ARG C 174 -8.14 36.32 -52.93
C ARG C 174 -7.83 37.33 -51.85
N GLN C 175 -7.01 36.98 -50.86
CA GLN C 175 -6.74 37.90 -49.76
C GLN C 175 -5.53 38.78 -50.02
N SER C 176 -4.98 38.75 -51.23
CA SER C 176 -3.94 39.70 -51.58
C SER C 176 -4.46 41.13 -51.66
N THR C 177 -5.77 41.31 -51.83
CA THR C 177 -6.35 42.64 -51.88
C THR C 177 -6.75 43.14 -50.50
N THR C 178 -7.56 42.35 -49.78
CA THR C 178 -8.17 42.84 -48.56
C THR C 178 -7.16 42.98 -47.41
N PHE C 179 -6.09 42.22 -47.44
CA PHE C 179 -5.06 42.35 -46.42
C PHE C 179 -3.94 43.30 -46.82
N ALA C 180 -4.03 43.92 -47.99
CA ALA C 180 -2.98 44.84 -48.43
C ALA C 180 -2.88 46.04 -47.51
N ASP C 181 -4.02 46.57 -47.08
CA ASP C 181 -4.02 47.72 -46.16
C ASP C 181 -3.39 47.35 -44.83
N CYS C 182 -3.73 46.17 -44.30
CA CYS C 182 -3.25 45.76 -42.98
C CYS C 182 -2.25 44.61 -43.13
N PRO C 183 -0.95 44.86 -43.03
CA PRO C 183 0.02 43.76 -43.09
C PRO C 183 -0.10 42.87 -41.86
N VAL C 184 -0.23 41.57 -42.09
CA VAL C 184 -0.38 40.63 -40.99
C VAL C 184 0.98 40.46 -40.32
N VAL C 185 1.17 41.19 -39.22
CA VAL C 185 2.44 41.22 -38.51
C VAL C 185 2.08 40.91 -37.07
N PRO C 186 2.99 40.36 -36.26
CA PRO C 186 2.67 40.13 -34.85
C PRO C 186 2.45 41.44 -34.12
N ALA C 187 1.59 41.40 -33.11
CA ALA C 187 1.42 42.56 -32.24
C ALA C 187 2.73 42.92 -31.56
N ASP C 188 3.58 41.93 -31.30
CA ASP C 188 4.94 42.15 -30.83
C ASP C 188 5.90 41.51 -31.81
N PRO C 189 6.63 42.28 -32.61
CA PRO C 189 7.66 41.70 -33.48
C PRO C 189 9.01 41.47 -32.81
N ASP C 190 9.17 41.82 -31.54
CA ASP C 190 10.43 41.62 -30.84
C ASP C 190 10.45 40.35 -30.01
N ILE C 191 9.48 39.46 -30.20
CA ILE C 191 9.43 38.22 -29.43
C ILE C 191 10.51 37.27 -29.93
N LEU C 192 11.34 36.79 -29.01
CA LEU C 192 12.50 35.96 -29.31
C LEU C 192 12.04 34.50 -29.37
N LEU C 193 11.78 34.01 -30.58
CA LEU C 193 11.28 32.64 -30.75
C LEU C 193 12.35 31.62 -30.38
N ALA C 194 13.50 31.67 -31.04
CA ALA C 194 14.52 30.63 -30.88
C ALA C 194 15.90 31.27 -30.93
N LYS C 195 16.91 30.41 -30.92
CA LYS C 195 18.29 30.83 -31.13
C LYS C 195 19.00 29.78 -31.98
N LEU C 196 19.57 30.21 -33.10
CA LEU C 196 20.22 29.31 -34.03
C LEU C 196 21.74 29.38 -33.89
N ARG C 197 22.41 28.46 -34.57
CA ARG C 197 23.86 28.38 -34.64
C ARG C 197 24.23 28.00 -36.07
N PRO C 198 25.46 28.29 -36.49
CA PRO C 198 25.83 28.01 -37.89
C PRO C 198 25.63 26.54 -38.22
N GLY C 199 25.04 26.31 -39.38
CA GLY C 199 24.64 24.97 -39.78
C GLY C 199 23.16 24.71 -39.55
N GLN C 200 22.65 25.15 -38.41
CA GLN C 200 21.26 24.91 -38.07
C GLN C 200 20.33 25.76 -38.93
N GLU C 201 19.06 25.35 -38.99
CA GLU C 201 18.07 26.12 -39.72
C GLU C 201 16.69 25.77 -39.21
N ILE C 202 15.72 26.62 -39.56
CA ILE C 202 14.32 26.45 -39.18
C ILE C 202 13.47 26.88 -40.36
N SER C 203 12.71 25.96 -40.93
CA SER C 203 11.76 26.31 -41.98
C SER C 203 10.42 25.68 -41.66
N LEU C 204 9.36 26.48 -41.73
CA LEU C 204 8.03 26.02 -41.38
C LEU C 204 6.98 26.93 -42.00
N LYS C 205 5.77 26.40 -42.08
CA LYS C 205 4.57 27.15 -42.41
C LYS C 205 3.61 27.05 -41.24
N ALA C 206 2.68 28.00 -41.17
CA ALA C 206 1.75 28.07 -40.04
C ALA C 206 0.39 28.51 -40.56
N HIS C 207 -0.59 27.62 -40.51
CA HIS C 207 -1.98 27.98 -40.68
C HIS C 207 -2.51 28.47 -39.34
N CYS C 208 -2.80 29.76 -39.23
CA CYS C 208 -3.44 30.32 -38.06
C CYS C 208 -4.90 30.64 -38.37
N ILE C 209 -5.77 30.33 -37.41
CA ILE C 209 -7.21 30.38 -37.60
C ILE C 209 -7.84 31.01 -36.36
N LEU C 210 -9.17 31.11 -36.39
CA LEU C 210 -9.94 31.87 -35.43
C LEU C 210 -10.50 30.93 -34.36
N GLY C 211 -10.29 31.28 -33.09
CA GLY C 211 -10.77 30.46 -32.01
C GLY C 211 -10.87 31.24 -30.71
N ILE C 212 -11.71 30.72 -29.81
CA ILE C 212 -12.00 31.41 -28.56
C ILE C 212 -11.00 31.00 -27.50
N GLY C 213 -10.83 31.85 -26.49
CA GLY C 213 -9.82 31.66 -25.47
C GLY C 213 -10.13 30.60 -24.43
N GLY C 214 -11.37 30.10 -24.40
CA GLY C 214 -11.66 28.97 -23.55
C GLY C 214 -11.16 27.66 -24.14
N ASP C 215 -11.06 27.60 -25.47
CA ASP C 215 -10.44 26.45 -26.12
C ASP C 215 -8.98 26.31 -25.71
N HIS C 216 -8.24 27.42 -25.68
CA HIS C 216 -6.83 27.43 -25.34
C HIS C 216 -6.45 28.88 -25.05
N ALA C 217 -5.57 29.08 -24.07
CA ALA C 217 -5.19 30.42 -23.67
C ALA C 217 -4.49 31.21 -24.77
N LYS C 218 -3.91 30.52 -25.76
CA LYS C 218 -3.28 31.25 -26.86
C LYS C 218 -4.30 32.04 -27.66
N PHE C 219 -5.52 31.51 -27.79
CA PHE C 219 -6.59 32.20 -28.50
C PHE C 219 -7.15 33.39 -27.72
N SER C 220 -6.74 33.57 -26.48
CA SER C 220 -7.26 34.68 -25.68
C SER C 220 -6.85 36.01 -26.29
N PRO C 221 -7.73 37.02 -26.29
CA PRO C 221 -7.35 38.35 -26.78
C PRO C 221 -6.93 39.33 -25.70
N VAL C 222 -6.86 38.92 -24.44
CA VAL C 222 -6.66 39.83 -23.33
C VAL C 222 -5.48 39.38 -22.49
N SER C 223 -4.57 40.30 -22.20
CA SER C 223 -3.52 40.01 -21.22
C SER C 223 -4.14 39.75 -19.86
N THR C 224 -4.98 40.66 -19.39
CA THR C 224 -5.82 40.45 -18.22
C THR C 224 -6.93 41.49 -18.16
N ALA C 225 -8.16 41.04 -17.95
CA ALA C 225 -9.34 41.88 -17.89
C ALA C 225 -10.05 41.59 -16.59
N SER C 226 -9.83 42.42 -15.57
CA SER C 226 -10.36 42.13 -14.25
C SER C 226 -10.98 43.38 -13.64
N TYR C 227 -12.00 43.18 -12.85
CA TYR C 227 -12.61 44.28 -12.11
C TYR C 227 -12.23 44.18 -10.63
N ARG C 228 -12.53 45.25 -9.92
CA ARG C 228 -12.37 45.27 -8.47
C ARG C 228 -13.46 46.15 -7.90
N LEU C 229 -13.99 45.75 -6.75
CA LEU C 229 -14.99 46.57 -6.07
C LEU C 229 -14.34 47.85 -5.57
N LEU C 230 -15.01 48.96 -5.80
CA LEU C 230 -14.48 50.23 -5.36
C LEU C 230 -14.30 50.24 -3.85
N PRO C 231 -13.11 50.49 -3.34
CA PRO C 231 -12.94 50.55 -1.88
C PRO C 231 -13.76 51.68 -1.29
N GLN C 232 -14.14 51.51 -0.04
CA GLN C 232 -14.91 52.51 0.68
C GLN C 232 -14.31 52.65 2.07
N ILE C 233 -13.86 53.85 2.41
CA ILE C 233 -13.26 54.14 3.70
C ILE C 233 -14.21 55.04 4.46
N ASN C 234 -14.57 54.63 5.68
CA ASN C 234 -15.43 55.41 6.56
C ASN C 234 -14.63 55.76 7.80
N ILE C 235 -14.32 57.05 7.94
CA ILE C 235 -13.61 57.56 9.12
C ILE C 235 -14.67 57.84 10.17
N LEU C 236 -14.86 56.88 11.08
CA LEU C 236 -15.98 56.96 12.01
C LEU C 236 -15.84 58.15 12.95
N GLN C 237 -14.62 58.44 13.41
CA GLN C 237 -14.37 59.55 14.31
C GLN C 237 -13.28 60.44 13.75
N PRO C 238 -13.34 61.74 14.02
CA PRO C 238 -12.23 62.62 13.65
C PRO C 238 -10.93 62.16 14.30
N ILE C 239 -9.85 62.18 13.52
CA ILE C 239 -8.55 61.71 13.98
C ILE C 239 -7.58 62.89 13.98
N LYS C 240 -8.09 64.08 14.28
CA LYS C 240 -7.34 65.30 14.06
C LYS C 240 -6.05 65.32 14.86
N GLY C 241 -5.02 65.93 14.27
CA GLY C 241 -3.74 66.09 14.92
C GLY C 241 -2.65 65.33 14.19
N GLU C 242 -1.53 65.14 14.88
CA GLU C 242 -0.43 64.36 14.33
C GLU C 242 -0.89 62.97 13.94
N SER C 243 -1.87 62.42 14.66
CA SER C 243 -2.39 61.10 14.34
C SER C 243 -2.88 61.04 12.90
N ALA C 244 -3.54 62.12 12.43
CA ALA C 244 -3.95 62.15 11.03
C ALA C 244 -2.75 62.03 10.10
N ARG C 245 -1.67 62.72 10.42
CA ARG C 245 -0.42 62.55 9.68
C ARG C 245 -0.03 61.08 9.64
N ARG C 246 -0.09 60.41 10.79
CA ARG C 246 0.17 58.98 10.84
C ARG C 246 -0.89 58.21 10.06
N PHE C 247 -2.16 58.63 10.19
CA PHE C 247 -3.24 57.93 9.51
C PHE C 247 -3.13 58.08 8.00
N GLN C 248 -2.69 59.25 7.53
CA GLN C 248 -2.47 59.44 6.11
C GLN C 248 -1.37 58.52 5.60
N LYS C 249 -0.35 58.28 6.43
CA LYS C 249 0.78 57.45 6.03
C LYS C 249 0.39 55.99 5.82
N CYS C 250 -0.71 55.55 6.41
CA CYS C 250 -1.16 54.17 6.33
C CYS C 250 -1.89 53.85 5.03
N PHE C 251 -1.98 54.80 4.11
CA PHE C 251 -2.63 54.61 2.83
C PHE C 251 -1.70 55.13 1.74
N PRO C 252 -1.92 54.71 0.50
CA PRO C 252 -1.17 55.30 -0.62
C PRO C 252 -1.32 56.81 -0.65
N PRO C 253 -0.45 57.51 -1.38
CA PRO C 253 -0.49 58.98 -1.37
C PRO C 253 -1.80 59.59 -1.82
N GLY C 254 -2.48 59.02 -2.80
CA GLY C 254 -3.55 59.73 -3.48
C GLY C 254 -4.95 59.60 -2.94
N VAL C 255 -5.11 59.17 -1.68
CA VAL C 255 -6.42 58.88 -1.11
C VAL C 255 -6.75 59.77 0.08
N ILE C 256 -5.83 59.90 1.03
CA ILE C 256 -6.10 60.61 2.28
C ILE C 256 -5.54 62.02 2.21
N GLY C 257 -6.37 63.01 2.58
CA GLY C 257 -5.94 64.37 2.66
C GLY C 257 -6.28 64.96 4.01
N ILE C 258 -5.85 66.20 4.22
CA ILE C 258 -5.98 66.89 5.49
C ILE C 258 -6.79 68.17 5.29
N ASP C 259 -7.64 68.48 6.27
CA ASP C 259 -8.31 69.77 6.32
C ASP C 259 -7.30 70.88 6.64
N GLU C 260 -7.68 72.11 6.29
CA GLU C 260 -6.77 73.25 6.49
C GLU C 260 -6.77 73.71 7.95
N GLY C 261 -7.91 74.17 8.44
CA GLY C 261 -7.99 74.71 9.79
C GLY C 261 -7.70 73.68 10.86
N SER C 262 -8.57 72.70 11.01
CA SER C 262 -8.35 71.60 11.93
C SER C 262 -7.68 70.46 11.19
N ASP C 263 -6.58 69.96 11.72
CA ASP C 263 -5.78 68.97 11.00
C ASP C 263 -6.51 67.63 10.99
N GLU C 264 -7.60 67.55 10.23
CA GLU C 264 -8.48 66.39 10.24
C GLU C 264 -8.48 65.70 8.88
N ALA C 265 -8.31 64.39 8.89
CA ALA C 265 -8.15 63.60 7.69
C ALA C 265 -9.50 63.30 7.04
N TYR C 266 -9.48 63.23 5.71
CA TYR C 266 -10.66 62.88 4.92
C TYR C 266 -10.21 62.06 3.72
N VAL C 267 -11.15 61.35 3.11
CA VAL C 267 -10.87 60.54 1.94
C VAL C 267 -11.11 61.36 0.68
N LYS C 268 -10.15 61.33 -0.24
CA LYS C 268 -10.22 62.09 -1.47
C LYS C 268 -10.66 61.25 -2.66
N ASP C 269 -9.97 60.16 -2.94
CA ASP C 269 -10.25 59.35 -4.13
C ASP C 269 -9.89 57.91 -3.82
N ALA C 270 -10.87 57.11 -3.42
CA ALA C 270 -10.61 55.75 -2.96
C ALA C 270 -10.05 54.86 -4.06
N ARG C 271 -10.16 55.27 -5.32
CA ARG C 271 -9.67 54.44 -6.41
C ARG C 271 -8.16 54.27 -6.38
N LYS C 272 -7.45 55.07 -5.58
CA LYS C 272 -6.00 54.99 -5.47
C LYS C 272 -5.56 54.30 -4.19
N ASP C 273 -6.39 53.40 -3.65
CA ASP C 273 -6.04 52.67 -2.43
C ASP C 273 -6.25 51.18 -2.68
N THR C 274 -5.15 50.46 -2.90
CA THR C 274 -5.19 49.01 -2.82
C THR C 274 -5.46 48.61 -1.38
N VAL C 275 -6.25 47.55 -1.19
CA VAL C 275 -6.68 47.22 0.17
C VAL C 275 -5.51 46.55 0.88
N SER C 276 -4.66 47.36 1.50
CA SER C 276 -3.54 46.83 2.27
C SER C 276 -3.96 46.49 3.70
N ARG C 277 -4.93 47.22 4.25
CA ARG C 277 -5.35 47.04 5.64
C ARG C 277 -4.17 47.18 6.60
N GLU C 278 -3.30 48.13 6.33
CA GLU C 278 -2.20 48.40 7.25
C GLU C 278 -2.61 49.30 8.40
N VAL C 279 -3.77 49.94 8.33
CA VAL C 279 -4.23 50.77 9.43
C VAL C 279 -4.65 49.90 10.61
N LEU C 280 -5.29 48.76 10.32
CA LEU C 280 -5.71 47.84 11.38
C LEU C 280 -4.54 47.27 12.14
N ARG C 281 -3.33 47.35 11.59
CA ARG C 281 -2.15 46.88 12.29
C ARG C 281 -1.81 47.77 13.49
N TYR C 282 -2.44 48.93 13.62
CA TYR C 282 -2.14 49.88 14.68
C TYR C 282 -3.27 49.88 15.70
N GLU C 283 -2.91 49.77 16.99
CA GLU C 283 -3.92 49.82 18.04
C GLU C 283 -4.54 51.20 18.15
N GLU C 284 -3.80 52.25 17.78
CA GLU C 284 -4.28 53.62 17.95
C GLU C 284 -5.53 53.87 17.11
N PHE C 285 -5.54 53.40 15.87
CA PHE C 285 -6.67 53.61 14.97
C PHE C 285 -7.55 52.37 14.87
N ALA C 286 -7.65 51.60 15.95
CA ALA C 286 -8.44 50.38 15.93
C ALA C 286 -9.92 50.68 15.74
N ASP C 287 -10.43 51.70 16.41
CA ASP C 287 -11.86 51.99 16.36
C ASP C 287 -12.10 53.40 15.85
N LYS C 288 -11.44 53.77 14.75
CA LYS C 288 -11.64 55.06 14.12
C LYS C 288 -11.80 54.98 12.62
N VAL C 289 -11.79 53.79 12.03
CA VAL C 289 -11.90 53.65 10.59
C VAL C 289 -12.48 52.28 10.28
N LYS C 290 -13.36 52.24 9.28
CA LYS C 290 -13.90 51.00 8.76
C LYS C 290 -13.70 50.95 7.26
N LEU C 291 -13.34 49.78 6.74
CA LEU C 291 -13.00 49.64 5.33
C LEU C 291 -13.88 48.55 4.73
N GLY C 292 -14.51 48.87 3.61
CA GLY C 292 -15.34 47.90 2.91
C GLY C 292 -15.34 48.14 1.43
N ARG C 293 -16.33 47.61 0.72
CA ARG C 293 -16.44 47.83 -0.72
C ARG C 293 -17.85 48.31 -1.04
N VAL C 294 -17.97 49.03 -2.14
CA VAL C 294 -19.28 49.42 -2.65
C VAL C 294 -19.92 48.21 -3.33
N ARG C 295 -21.24 48.12 -3.22
CA ARG C 295 -21.94 46.92 -3.67
C ARG C 295 -21.92 46.78 -5.19
N ASN C 296 -22.04 47.88 -5.92
CA ASN C 296 -22.19 47.81 -7.37
C ASN C 296 -21.34 48.86 -8.06
N HIS C 297 -20.11 49.04 -7.61
CA HIS C 297 -19.17 49.99 -8.20
C HIS C 297 -17.93 49.19 -8.62
N PHE C 298 -17.91 48.78 -9.88
CA PHE C 298 -16.84 47.95 -10.40
C PHE C 298 -15.84 48.80 -11.17
N ILE C 299 -14.57 48.71 -10.82
CA ILE C 299 -13.50 49.33 -11.58
C ILE C 299 -12.90 48.24 -12.45
N PHE C 300 -13.04 48.37 -13.76
CA PHE C 300 -12.48 47.42 -14.70
C PHE C 300 -11.14 47.92 -15.20
N ASN C 301 -10.14 47.03 -15.18
CA ASN C 301 -8.86 47.26 -15.84
C ASN C 301 -8.69 46.15 -16.87
N VAL C 302 -8.61 46.54 -18.14
CA VAL C 302 -8.56 45.61 -19.26
C VAL C 302 -7.34 45.93 -20.10
N GLU C 303 -6.41 44.98 -20.20
CA GLU C 303 -5.21 45.14 -21.00
C GLU C 303 -5.30 44.25 -22.23
N SER C 304 -5.22 44.84 -23.41
CA SER C 304 -5.39 44.08 -24.64
C SER C 304 -4.11 43.34 -25.00
N ALA C 305 -4.27 42.24 -25.72
CA ALA C 305 -3.11 41.49 -26.20
C ALA C 305 -2.41 42.23 -27.33
N GLY C 306 -3.17 42.89 -28.20
CA GLY C 306 -2.59 43.67 -29.27
C GLY C 306 -3.40 43.63 -30.55
N ALA C 307 -4.26 42.62 -30.69
CA ALA C 307 -5.05 42.49 -31.89
C ALA C 307 -6.19 43.49 -31.96
N MET C 308 -6.77 43.85 -30.82
CA MET C 308 -7.88 44.79 -30.77
C MET C 308 -7.70 45.73 -29.59
N THR C 309 -8.33 46.89 -29.69
CA THR C 309 -8.33 47.83 -28.58
C THR C 309 -9.10 47.26 -27.40
N PRO C 310 -8.74 47.63 -26.17
CA PRO C 310 -9.49 47.11 -25.01
C PRO C 310 -10.97 47.45 -25.05
N GLU C 311 -11.32 48.65 -25.52
CA GLU C 311 -12.72 49.01 -25.64
C GLU C 311 -13.46 48.11 -26.61
N GLU C 312 -12.82 47.78 -27.73
CA GLU C 312 -13.46 46.85 -28.66
C GLU C 312 -13.60 45.47 -28.05
N ILE C 313 -12.66 45.07 -27.20
CA ILE C 313 -12.80 43.81 -26.46
C ILE C 313 -14.06 43.85 -25.60
N PHE C 314 -14.24 44.93 -24.84
CA PHE C 314 -15.39 45.04 -23.95
C PHE C 314 -16.70 45.03 -24.73
N PHE C 315 -16.75 45.81 -25.82
CA PHE C 315 -17.96 45.87 -26.63
C PHE C 315 -18.26 44.51 -27.24
N LYS C 316 -17.24 43.82 -27.75
CA LYS C 316 -17.44 42.49 -28.32
C LYS C 316 -17.97 41.54 -27.26
N SER C 317 -17.49 41.66 -26.02
CA SER C 317 -17.98 40.79 -24.96
C SER C 317 -19.46 40.99 -24.73
N VAL C 318 -19.89 42.24 -24.56
CA VAL C 318 -21.32 42.46 -24.29
C VAL C 318 -22.15 42.06 -25.50
N ARG C 319 -21.64 42.27 -26.71
CA ARG C 319 -22.40 41.91 -27.91
C ARG C 319 -22.55 40.40 -28.01
N ILE C 320 -21.51 39.65 -27.66
CA ILE C 320 -21.59 38.20 -27.70
C ILE C 320 -22.53 37.68 -26.63
N LEU C 321 -22.56 38.32 -25.46
CA LEU C 321 -23.53 37.92 -24.45
C LEU C 321 -24.96 38.14 -24.93
N LYS C 322 -25.21 39.29 -25.56
CA LYS C 322 -26.54 39.54 -26.10
C LYS C 322 -26.90 38.53 -27.17
N ASN C 323 -25.95 38.21 -28.05
CA ASN C 323 -26.21 37.22 -29.09
C ASN C 323 -26.45 35.85 -28.49
N LYS C 324 -25.72 35.50 -27.44
CA LYS C 324 -25.91 34.22 -26.76
C LYS C 324 -27.32 34.11 -26.20
N ALA C 325 -27.76 35.14 -25.48
CA ALA C 325 -29.11 35.14 -24.94
C ALA C 325 -30.14 35.10 -26.04
N GLU C 326 -29.92 35.83 -27.14
CA GLU C 326 -30.89 35.84 -28.23
C GLU C 326 -31.00 34.47 -28.90
N TYR C 327 -29.85 33.83 -29.15
CA TYR C 327 -29.86 32.49 -29.74
C TYR C 327 -30.55 31.50 -28.83
N LEU C 328 -30.29 31.59 -27.52
CA LEU C 328 -30.95 30.72 -26.56
C LEU C 328 -32.46 30.96 -26.56
N LYS C 329 -32.88 32.23 -26.66
CA LYS C 329 -34.29 32.55 -26.72
C LYS C 329 -34.94 31.96 -27.96
N ASN C 330 -34.23 31.96 -29.08
CA ASN C 330 -34.77 31.42 -30.31
C ASN C 330 -34.74 29.90 -30.37
N CYS C 331 -34.15 29.23 -29.38
CA CYS C 331 -34.06 27.77 -29.40
C CYS C 331 -35.42 27.16 -29.08
N PRO C 332 -36.00 26.34 -29.97
CA PRO C 332 -37.28 25.71 -29.64
C PRO C 332 -37.13 24.62 -28.59
N ILE C 333 -37.52 24.93 -27.36
CA ILE C 333 -37.40 24.00 -26.24
C ILE C 333 -38.29 22.78 -26.45
N THR D 12 -20.19 -29.94 -30.82
CA THR D 12 -21.48 -30.46 -30.38
C THR D 12 -21.33 -31.38 -29.18
N ALA D 13 -22.45 -31.97 -28.77
CA ALA D 13 -22.48 -33.02 -27.76
C ALA D 13 -21.86 -32.56 -26.44
N THR D 14 -22.48 -31.54 -25.86
CA THR D 14 -22.05 -30.97 -24.59
C THR D 14 -23.16 -31.10 -23.56
N THR D 15 -22.90 -30.57 -22.35
CA THR D 15 -23.88 -30.65 -21.28
C THR D 15 -25.18 -29.96 -21.64
N LEU D 16 -25.14 -29.02 -22.58
CA LEU D 16 -26.36 -28.38 -23.04
C LEU D 16 -27.17 -29.31 -23.93
N ASN D 17 -26.53 -30.30 -24.55
CA ASN D 17 -27.19 -31.12 -25.55
C ASN D 17 -27.12 -32.63 -25.26
N THR D 18 -26.31 -33.07 -24.31
CA THR D 18 -26.25 -34.48 -23.99
C THR D 18 -26.40 -34.67 -22.49
N PRO D 19 -27.06 -35.76 -22.07
CA PRO D 19 -27.17 -36.02 -20.63
C PRO D 19 -25.80 -36.26 -20.04
N VAL D 20 -25.60 -35.78 -18.81
CA VAL D 20 -24.33 -35.98 -18.13
C VAL D 20 -24.08 -37.46 -17.90
N VAL D 21 -25.09 -38.16 -17.38
CA VAL D 21 -24.99 -39.58 -17.05
C VAL D 21 -26.31 -40.22 -17.40
N ILE D 22 -26.29 -41.20 -18.30
CA ILE D 22 -27.50 -41.92 -18.70
C ILE D 22 -27.30 -43.39 -18.35
N HIS D 23 -28.08 -43.86 -17.38
CA HIS D 23 -28.05 -45.24 -16.91
C HIS D 23 -29.30 -45.97 -17.34
N ALA D 24 -29.27 -47.29 -17.23
CA ALA D 24 -30.45 -48.13 -17.41
C ALA D 24 -31.01 -48.45 -16.03
N THR D 25 -32.26 -48.08 -15.80
CA THR D 25 -32.85 -48.25 -14.47
C THR D 25 -32.90 -49.73 -14.09
N GLN D 26 -33.34 -50.57 -15.01
CA GLN D 26 -33.42 -52.01 -14.79
C GLN D 26 -32.88 -52.70 -16.03
N LEU D 27 -32.99 -54.02 -16.04
CA LEU D 27 -32.58 -54.79 -17.20
C LEU D 27 -33.54 -54.49 -18.36
N PRO D 28 -33.10 -54.75 -19.60
CA PRO D 28 -33.99 -54.50 -20.74
C PRO D 28 -35.26 -55.34 -20.65
N GLN D 29 -36.33 -54.80 -21.20
CA GLN D 29 -37.64 -55.46 -21.14
C GLN D 29 -38.36 -55.45 -22.48
N GLU E 4 3.80 -23.83 63.36
CA GLU E 4 3.18 -24.24 62.10
C GLU E 4 2.26 -25.44 62.30
N ASN E 5 2.30 -26.03 63.50
CA ASN E 5 1.31 -27.05 63.84
C ASN E 5 -0.08 -26.45 63.87
N GLU E 6 -0.22 -25.28 64.49
CA GLU E 6 -1.48 -24.56 64.42
C GLU E 6 -1.77 -24.11 63.00
N ARG E 7 -0.75 -23.67 62.27
CA ARG E 7 -0.91 -23.30 60.88
C ARG E 7 -1.28 -24.51 60.02
N ASN E 8 -0.65 -25.65 60.28
CA ASN E 8 -1.00 -26.86 59.54
C ASN E 8 -2.42 -27.31 59.84
N ILE E 9 -2.86 -27.17 61.09
CA ILE E 9 -4.25 -27.48 61.44
C ILE E 9 -5.19 -26.52 60.72
N SER E 10 -4.84 -25.24 60.66
CA SER E 10 -5.70 -24.28 59.97
C SER E 10 -5.82 -24.60 58.49
N ARG E 11 -4.70 -24.90 57.84
CA ARG E 11 -4.75 -25.31 56.43
C ARG E 11 -5.53 -26.60 56.27
N LEU E 12 -5.39 -27.52 57.22
CA LEU E 12 -6.12 -28.79 57.15
C LEU E 12 -7.62 -28.56 57.26
N TRP E 13 -8.04 -27.67 58.15
CA TRP E 13 -9.46 -27.34 58.26
C TRP E 13 -9.96 -26.66 57.00
N ARG E 14 -9.17 -25.75 56.43
CA ARG E 14 -9.59 -25.09 55.20
C ARG E 14 -9.75 -26.10 54.07
N ALA E 15 -8.80 -27.02 53.94
CA ALA E 15 -8.89 -28.05 52.92
C ALA E 15 -10.09 -28.96 53.17
N PHE E 16 -10.36 -29.28 54.44
CA PHE E 16 -11.51 -30.11 54.75
C PHE E 16 -12.81 -29.42 54.35
N ARG E 17 -12.91 -28.11 54.62
CA ARG E 17 -14.10 -27.38 54.20
C ARG E 17 -14.24 -27.40 52.70
N THR E 18 -13.13 -27.17 51.99
CA THR E 18 -13.21 -27.17 50.53
C THR E 18 -13.62 -28.55 50.00
N VAL E 19 -13.14 -29.62 50.63
CA VAL E 19 -13.53 -30.96 50.22
C VAL E 19 -15.00 -31.22 50.51
N LYS E 20 -15.48 -30.77 51.67
CA LYS E 20 -16.89 -30.94 51.99
C LYS E 20 -17.76 -30.21 50.98
N GLU E 21 -17.37 -28.99 50.63
CA GLU E 21 -18.10 -28.22 49.64
C GLU E 21 -18.05 -28.90 48.28
N MET E 22 -16.89 -29.44 47.89
CA MET E 22 -16.78 -30.13 46.62
C MET E 22 -17.68 -31.36 46.58
N VAL E 23 -17.74 -32.09 47.69
CA VAL E 23 -18.64 -33.23 47.79
C VAL E 23 -20.09 -32.77 47.65
N LYS E 24 -20.44 -31.65 48.28
CA LYS E 24 -21.80 -31.13 48.16
C LYS E 24 -22.12 -30.73 46.73
N ASP E 25 -21.13 -30.16 46.03
CA ASP E 25 -21.36 -29.67 44.68
C ASP E 25 -21.73 -30.79 43.73
N ARG E 26 -21.08 -31.94 43.87
CA ARG E 26 -21.36 -33.05 42.97
C ARG E 26 -22.77 -33.62 43.15
N GLY E 27 -23.44 -33.27 44.25
CA GLY E 27 -24.81 -33.67 44.46
C GLY E 27 -24.97 -34.67 45.59
N TYR E 28 -24.16 -34.52 46.64
CA TYR E 28 -24.12 -35.48 47.72
C TYR E 28 -24.53 -34.81 49.03
N PHE E 29 -25.06 -35.63 49.95
CA PHE E 29 -25.83 -35.14 51.09
C PHE E 29 -24.94 -34.43 52.10
N ILE E 30 -24.81 -33.11 51.94
CA ILE E 30 -24.11 -32.25 52.88
C ILE E 30 -24.91 -30.96 52.99
N THR E 31 -24.93 -30.36 54.18
CA THR E 31 -25.64 -29.12 54.40
C THR E 31 -24.66 -28.02 54.79
N GLN E 32 -25.14 -26.78 54.68
CA GLN E 32 -24.31 -25.62 55.02
C GLN E 32 -23.84 -25.67 56.46
N GLU E 33 -24.67 -26.19 57.36
CA GLU E 33 -24.26 -26.33 58.75
C GLU E 33 -23.04 -27.23 58.87
N GLU E 34 -23.02 -28.34 58.14
CA GLU E 34 -21.80 -29.12 58.01
C GLU E 34 -20.71 -28.34 57.28
N VAL E 35 -21.09 -27.64 56.22
CA VAL E 35 -20.10 -26.94 55.40
C VAL E 35 -19.45 -25.81 56.19
N GLU E 36 -20.25 -24.95 56.80
CA GLU E 36 -19.74 -23.85 57.60
C GLU E 36 -19.40 -24.36 59.01
N LEU E 37 -18.46 -25.31 59.04
CA LEU E 37 -18.00 -25.90 60.28
C LEU E 37 -16.80 -25.08 60.76
N PRO E 38 -16.98 -24.17 61.71
CA PRO E 38 -15.90 -23.24 62.05
C PRO E 38 -14.69 -23.95 62.65
N LEU E 39 -13.64 -23.16 62.87
CA LEU E 39 -12.38 -23.72 63.35
C LEU E 39 -12.56 -24.41 64.70
N GLU E 40 -13.39 -23.84 65.57
CA GLU E 40 -13.69 -24.51 66.83
C GLU E 40 -14.38 -25.84 66.60
N ASP E 41 -15.29 -25.90 65.62
CA ASP E 41 -15.96 -27.15 65.31
C ASP E 41 -14.96 -28.19 64.81
N PHE E 42 -14.03 -27.78 63.95
CA PHE E 42 -13.03 -28.72 63.44
C PHE E 42 -12.12 -29.21 64.55
N LYS E 43 -11.74 -28.32 65.47
CA LYS E 43 -10.90 -28.74 66.59
C LYS E 43 -11.64 -29.67 67.53
N ALA E 44 -12.91 -29.38 67.83
CA ALA E 44 -13.67 -30.16 68.78
C ALA E 44 -14.22 -31.45 68.19
N LYS E 45 -14.15 -31.62 66.87
CA LYS E 45 -14.59 -32.87 66.25
C LYS E 45 -13.45 -33.73 65.75
N TYR E 46 -12.32 -33.13 65.38
CA TYR E 46 -11.22 -33.89 64.81
C TYR E 46 -9.87 -33.60 65.46
N CYS E 47 -9.81 -32.72 66.44
CA CYS E 47 -8.57 -32.49 67.18
C CYS E 47 -8.78 -32.78 68.65
N ARG E 55 -5.36 -38.46 60.71
CA ARG E 55 -6.40 -37.87 59.89
C ARG E 55 -7.46 -38.91 59.54
N LYS E 56 -7.26 -40.14 60.01
CA LYS E 56 -8.21 -41.21 59.74
C LYS E 56 -9.59 -40.89 60.33
N MET E 57 -9.63 -40.06 61.37
CA MET E 57 -10.91 -39.59 61.89
C MET E 57 -11.63 -38.67 60.93
N MET E 58 -10.89 -37.98 60.04
CA MET E 58 -11.50 -37.11 59.04
C MET E 58 -12.10 -37.86 57.87
N SER E 59 -11.82 -39.15 57.74
CA SER E 59 -12.45 -39.96 56.70
C SER E 59 -13.96 -40.05 56.94
N PHE E 60 -14.72 -40.09 55.85
CA PHE E 60 -16.17 -40.14 55.97
C PHE E 60 -16.79 -40.61 54.66
N GLN E 61 -18.10 -40.81 54.71
CA GLN E 61 -18.89 -41.26 53.56
C GLN E 61 -19.96 -40.23 53.25
N ALA E 62 -20.30 -40.10 51.97
CA ALA E 62 -21.40 -39.25 51.54
C ALA E 62 -22.21 -39.99 50.49
N ASN E 63 -23.49 -39.64 50.41
CA ASN E 63 -24.45 -40.29 49.54
C ASN E 63 -25.24 -39.24 48.78
N PRO E 64 -25.80 -39.59 47.63
CA PRO E 64 -26.60 -38.62 46.88
C PRO E 64 -27.83 -38.21 47.66
N THR E 65 -28.29 -36.98 47.40
CA THR E 65 -29.60 -36.56 47.84
C THR E 65 -30.68 -37.15 46.92
N GLU E 66 -31.93 -37.06 47.36
CA GLU E 66 -33.03 -37.60 46.58
C GLU E 66 -33.13 -36.91 45.22
N GLU E 67 -32.93 -35.59 45.20
CA GLU E 67 -32.94 -34.87 43.93
C GLU E 67 -31.82 -35.33 43.00
N SER E 68 -30.61 -35.50 43.55
CA SER E 68 -29.49 -35.98 42.74
C SER E 68 -29.76 -37.38 42.21
N ILE E 69 -30.34 -38.25 43.04
CA ILE E 69 -30.71 -39.60 42.60
C ILE E 69 -31.71 -39.53 41.46
N SER E 70 -32.67 -38.61 41.55
CA SER E 70 -33.64 -38.45 40.47
C SER E 70 -32.95 -38.00 39.19
N LYS E 71 -32.01 -37.06 39.30
CA LYS E 71 -31.30 -36.58 38.12
C LYS E 71 -30.25 -37.57 37.64
N PHE E 72 -29.60 -38.28 38.58
CA PHE E 72 -28.52 -39.20 38.27
C PHE E 72 -28.84 -40.55 38.91
N PRO E 73 -29.59 -41.40 38.22
CA PRO E 73 -29.98 -42.69 38.80
C PRO E 73 -28.82 -43.57 39.22
N ASP E 74 -27.71 -43.54 38.49
CA ASP E 74 -26.60 -44.44 38.74
C ASP E 74 -25.55 -43.86 39.69
N MET E 75 -25.78 -42.67 40.24
CA MET E 75 -24.78 -42.04 41.08
C MET E 75 -24.74 -42.73 42.43
N GLY E 76 -23.62 -43.38 42.74
CA GLY E 76 -23.49 -44.19 43.93
C GLY E 76 -22.80 -43.47 45.08
N SER E 77 -22.44 -44.25 46.08
CA SER E 77 -21.84 -43.71 47.30
C SER E 77 -20.44 -43.18 47.02
N LEU E 78 -19.97 -42.32 47.93
CA LEU E 78 -18.65 -41.74 47.83
C LEU E 78 -17.95 -41.82 49.18
N TRP E 79 -16.67 -42.14 49.15
CA TRP E 79 -15.85 -42.22 50.36
C TRP E 79 -14.69 -41.26 50.24
N VAL E 80 -14.50 -40.42 51.27
CA VAL E 80 -13.43 -39.44 51.30
C VAL E 80 -12.49 -39.83 52.41
N GLU E 81 -11.18 -39.81 52.11
CA GLU E 81 -10.15 -40.29 53.02
C GLU E 81 -9.08 -39.23 53.18
N PHE E 82 -8.37 -39.30 54.30
CA PHE E 82 -7.20 -38.46 54.55
C PHE E 82 -6.08 -39.34 55.09
N CYS E 83 -4.93 -39.32 54.43
CA CYS E 83 -3.82 -40.17 54.82
C CYS E 83 -3.07 -39.59 56.02
N ASP E 84 -2.29 -40.45 56.66
CA ASP E 84 -1.47 -40.05 57.81
C ASP E 84 -0.02 -39.76 57.41
N GLU E 85 0.66 -40.74 56.82
CA GLU E 85 2.00 -40.50 56.33
C GLU E 85 1.96 -39.47 55.20
N PRO E 86 2.91 -38.54 55.15
CA PRO E 86 2.92 -37.54 54.07
C PRO E 86 2.99 -38.15 52.68
N SER E 87 3.39 -39.41 52.55
CA SER E 87 3.45 -40.09 51.26
C SER E 87 2.57 -41.33 51.30
N VAL E 88 2.13 -41.76 50.11
CA VAL E 88 1.25 -42.91 49.97
C VAL E 88 1.92 -43.93 49.06
N GLY E 89 1.95 -45.18 49.51
CA GLY E 89 2.52 -46.27 48.74
C GLY E 89 1.47 -47.32 48.40
N VAL E 90 1.92 -48.32 47.64
CA VAL E 90 1.01 -49.37 47.20
C VAL E 90 0.42 -50.12 48.38
N LYS E 91 1.08 -50.06 49.54
CA LYS E 91 0.51 -50.66 50.75
C LYS E 91 -0.78 -49.96 51.15
N THR E 92 -0.77 -48.62 51.15
CA THR E 92 -1.97 -47.87 51.46
C THR E 92 -2.94 -47.86 50.28
N MET E 93 -2.42 -47.70 49.06
CA MET E 93 -3.31 -47.61 47.90
C MET E 93 -4.06 -48.91 47.68
N LYS E 94 -3.37 -50.05 47.78
CA LYS E 94 -4.08 -51.32 47.72
C LYS E 94 -5.03 -51.46 48.89
N THR E 95 -4.66 -50.93 50.06
CA THR E 95 -5.59 -50.91 51.19
C THR E 95 -6.84 -50.11 50.85
N PHE E 96 -6.68 -48.97 50.16
CA PHE E 96 -7.83 -48.16 49.80
C PHE E 96 -8.68 -48.82 48.72
N VAL E 97 -8.04 -49.49 47.75
CA VAL E 97 -8.81 -50.22 46.74
C VAL E 97 -9.60 -51.35 47.40
N ILE E 98 -8.96 -52.07 48.32
CA ILE E 98 -9.64 -53.14 49.05
C ILE E 98 -10.78 -52.58 49.87
N HIS E 99 -10.58 -51.39 50.47
CA HIS E 99 -11.66 -50.77 51.22
C HIS E 99 -12.83 -50.42 50.32
N ILE E 100 -12.55 -49.88 49.14
CA ILE E 100 -13.61 -49.59 48.19
C ILE E 100 -14.37 -50.85 47.85
N GLN E 101 -13.65 -51.95 47.61
CA GLN E 101 -14.31 -53.21 47.34
C GLN E 101 -15.00 -53.79 48.57
N GLU E 102 -14.65 -53.32 49.76
CA GLU E 102 -15.24 -53.82 50.99
C GLU E 102 -16.67 -53.34 51.17
N LYS E 103 -16.91 -52.05 50.93
CA LYS E 103 -18.26 -51.49 51.01
C LYS E 103 -18.86 -51.23 49.64
N ASN E 104 -18.20 -51.67 48.56
CA ASN E 104 -18.77 -51.67 47.23
C ASN E 104 -19.21 -50.28 46.80
N PHE E 105 -18.43 -49.27 47.16
CA PHE E 105 -18.73 -47.91 46.77
C PHE E 105 -18.61 -47.75 45.27
N GLN E 106 -19.51 -46.96 44.69
CA GLN E 106 -19.42 -46.70 43.26
C GLN E 106 -18.22 -45.80 42.94
N THR E 107 -17.95 -44.83 43.81
CA THR E 107 -16.87 -43.89 43.57
C THR E 107 -16.15 -43.63 44.89
N GLY E 108 -14.90 -43.22 44.79
CA GLY E 108 -14.12 -42.86 45.96
C GLY E 108 -13.05 -41.87 45.59
N ILE E 109 -12.64 -41.06 46.57
CA ILE E 109 -11.62 -40.05 46.34
C ILE E 109 -10.56 -40.17 47.42
N PHE E 110 -9.36 -39.66 47.10
CA PHE E 110 -8.18 -39.87 47.92
C PHE E 110 -7.45 -38.55 48.12
N VAL E 111 -6.74 -38.44 49.25
CA VAL E 111 -5.99 -37.25 49.60
C VAL E 111 -4.59 -37.66 50.02
N TYR E 112 -3.59 -36.91 49.57
CA TYR E 112 -2.21 -37.07 50.01
C TYR E 112 -1.64 -35.71 50.41
N GLN E 113 -0.66 -35.73 51.30
CA GLN E 113 -0.06 -34.49 51.80
C GLN E 113 1.10 -34.04 50.92
N ASN E 114 2.14 -34.85 50.81
CA ASN E 114 3.36 -34.45 50.11
C ASN E 114 3.39 -34.97 48.68
N ASN E 115 3.28 -36.28 48.49
CA ASN E 115 3.36 -36.86 47.15
C ASN E 115 2.74 -38.26 47.18
N ILE E 116 2.42 -38.76 46.00
CA ILE E 116 1.97 -40.14 45.81
C ILE E 116 2.90 -40.79 44.80
N THR E 117 3.31 -42.02 45.10
CA THR E 117 4.21 -42.75 44.22
C THR E 117 3.46 -43.24 42.98
N PRO E 118 4.14 -43.39 41.85
CA PRO E 118 3.51 -44.04 40.69
C PRO E 118 2.98 -45.44 40.98
N SER E 119 3.56 -46.14 41.96
CA SER E 119 3.01 -47.43 42.36
C SER E 119 1.59 -47.28 42.89
N ALA E 120 1.36 -46.24 43.69
CA ALA E 120 0.00 -45.94 44.12
C ALA E 120 -0.86 -45.50 42.95
N MET E 121 -0.31 -44.66 42.06
CA MET E 121 -1.04 -44.26 40.86
C MET E 121 -1.31 -45.44 39.94
N LYS E 122 -0.57 -46.53 40.08
CA LYS E 122 -0.80 -47.72 39.28
C LYS E 122 -2.10 -48.43 39.64
N LEU E 123 -2.77 -48.03 40.73
CA LEU E 123 -4.04 -48.60 41.12
C LEU E 123 -5.21 -47.65 40.92
N VAL E 124 -5.07 -46.65 40.06
CA VAL E 124 -6.17 -45.73 39.77
C VAL E 124 -7.16 -46.39 38.82
N PRO E 125 -6.76 -46.86 37.62
CA PRO E 125 -7.75 -47.50 36.74
C PRO E 125 -7.85 -48.98 37.04
N SER E 126 -7.40 -49.36 38.24
CA SER E 126 -7.29 -50.77 38.59
C SER E 126 -8.65 -51.46 38.57
N ILE E 127 -9.69 -50.81 39.08
CA ILE E 127 -10.96 -51.50 39.31
C ILE E 127 -12.14 -50.75 38.70
N PRO E 128 -12.20 -50.59 37.38
CA PRO E 128 -13.37 -49.98 36.76
C PRO E 128 -14.55 -50.94 36.75
N PRO E 129 -15.78 -50.43 36.66
CA PRO E 129 -16.19 -49.02 36.54
C PRO E 129 -16.29 -48.33 37.89
N ALA E 130 -15.76 -48.95 38.95
CA ALA E 130 -15.70 -48.31 40.27
C ALA E 130 -14.57 -47.29 40.26
N THR E 131 -14.86 -46.13 39.67
CA THR E 131 -13.84 -45.11 39.50
C THR E 131 -13.40 -44.56 40.85
N ILE E 132 -12.10 -44.40 41.01
CA ILE E 132 -11.51 -43.82 42.21
C ILE E 132 -10.65 -42.65 41.78
N GLU E 133 -10.84 -41.50 42.43
CA GLU E 133 -10.12 -40.29 42.11
C GLU E 133 -9.03 -40.04 43.14
N THR E 134 -8.29 -38.95 42.96
CA THR E 134 -7.14 -38.65 43.79
C THR E 134 -6.94 -37.15 43.81
N PHE E 135 -6.59 -36.62 44.98
CA PHE E 135 -6.43 -35.19 45.17
C PHE E 135 -5.29 -34.91 46.13
N ASN E 136 -4.76 -33.69 46.05
CA ASN E 136 -3.78 -33.20 47.00
C ASN E 136 -4.50 -32.43 48.12
N GLU E 137 -3.73 -31.79 48.99
CA GLU E 137 -4.28 -30.91 50.01
C GLU E 137 -4.07 -29.44 49.67
N ALA E 138 -2.93 -29.11 49.06
CA ALA E 138 -2.62 -27.72 48.78
C ALA E 138 -3.44 -27.20 47.61
N ALA E 139 -3.74 -28.07 46.64
CA ALA E 139 -4.64 -27.69 45.58
C ALA E 139 -6.04 -27.38 46.09
N LEU E 140 -6.41 -27.91 47.25
CA LEU E 140 -7.72 -27.70 47.82
C LEU E 140 -7.70 -26.77 49.04
N VAL E 141 -6.58 -26.09 49.30
CA VAL E 141 -6.56 -25.08 50.34
C VAL E 141 -7.50 -23.93 49.97
N VAL E 142 -7.50 -23.54 48.70
CA VAL E 142 -8.42 -22.55 48.17
C VAL E 142 -9.29 -23.21 47.12
N ASN E 143 -10.60 -23.05 47.23
CA ASN E 143 -11.51 -23.57 46.22
C ASN E 143 -11.28 -22.81 44.92
N ILE E 144 -11.10 -23.56 43.83
CA ILE E 144 -10.83 -22.91 42.55
C ILE E 144 -12.10 -22.27 42.00
N THR E 145 -13.26 -22.88 42.25
CA THR E 145 -14.51 -22.37 41.67
C THR E 145 -15.00 -21.11 42.35
N HIS E 146 -14.38 -20.70 43.47
CA HIS E 146 -14.76 -19.46 44.13
C HIS E 146 -14.11 -18.23 43.49
N HIS E 147 -13.06 -18.42 42.71
CA HIS E 147 -12.41 -17.31 42.04
C HIS E 147 -13.37 -16.65 41.05
N GLU E 148 -13.20 -15.34 40.88
CA GLU E 148 -14.13 -14.58 40.04
C GLU E 148 -14.12 -15.09 38.60
N LEU E 149 -12.94 -15.42 38.08
CA LEU E 149 -12.81 -15.69 36.65
C LEU E 149 -13.57 -16.95 36.24
N VAL E 150 -13.54 -18.00 37.07
CA VAL E 150 -14.16 -19.27 36.70
C VAL E 150 -15.68 -19.15 36.80
N PRO E 151 -16.41 -19.40 35.73
CA PRO E 151 -17.87 -19.41 35.81
C PRO E 151 -18.39 -20.62 36.57
N LYS E 152 -19.69 -20.86 36.51
CA LYS E 152 -20.29 -22.04 37.11
C LYS E 152 -20.47 -23.13 36.06
N HIS E 153 -20.06 -24.34 36.42
CA HIS E 153 -20.17 -25.54 35.60
C HIS E 153 -21.23 -26.47 36.19
N ILE E 154 -21.99 -27.14 35.33
CA ILE E 154 -23.07 -28.02 35.75
C ILE E 154 -23.11 -29.24 34.83
N ARG E 155 -23.02 -30.43 35.39
CA ARG E 155 -23.15 -31.62 34.57
C ARG E 155 -24.59 -31.79 34.11
N LEU E 156 -24.76 -32.35 32.92
CA LEU E 156 -26.07 -32.57 32.32
C LEU E 156 -26.42 -34.05 32.34
N SER E 157 -27.65 -34.36 32.76
CA SER E 157 -28.14 -35.72 32.64
C SER E 157 -28.24 -36.10 31.17
N SER E 158 -28.17 -37.42 30.92
CA SER E 158 -28.12 -37.91 29.54
C SER E 158 -29.33 -37.45 28.74
N ASP E 159 -30.46 -37.20 29.39
CA ASP E 159 -31.57 -36.56 28.69
C ASP E 159 -31.20 -35.16 28.25
N GLU E 160 -30.58 -34.38 29.14
CA GLU E 160 -30.18 -33.02 28.80
C GLU E 160 -29.09 -33.02 27.72
N LYS E 161 -28.12 -33.93 27.84
CA LYS E 161 -27.08 -34.02 26.81
C LYS E 161 -27.66 -34.41 25.47
N ARG E 162 -28.57 -35.38 25.46
CA ARG E 162 -29.19 -35.79 24.21
C ARG E 162 -29.99 -34.65 23.60
N GLU E 163 -30.71 -33.90 24.43
CA GLU E 163 -31.45 -32.75 23.91
C GLU E 163 -30.52 -31.70 23.36
N LEU E 164 -29.39 -31.45 24.03
CA LEU E 164 -28.41 -30.50 23.52
C LEU E 164 -27.88 -30.94 22.17
N LEU E 165 -27.61 -32.24 22.02
CA LEU E 165 -27.06 -32.73 20.76
C LEU E 165 -28.10 -32.67 19.65
N LYS E 166 -29.37 -32.93 19.97
CA LYS E 166 -30.40 -32.87 18.94
C LYS E 166 -30.79 -31.44 18.59
N ARG E 167 -30.59 -30.50 19.52
CA ARG E 167 -30.96 -29.11 19.26
C ARG E 167 -30.13 -28.54 18.13
N TYR E 168 -28.83 -28.80 18.15
CA TYR E 168 -27.92 -28.33 17.11
C TYR E 168 -27.57 -29.40 16.09
N ARG E 169 -28.15 -30.59 16.21
CA ARG E 169 -27.82 -31.71 15.33
C ARG E 169 -26.33 -32.01 15.36
N LEU E 170 -25.73 -31.90 16.54
CA LEU E 170 -24.31 -32.09 16.71
C LEU E 170 -23.96 -33.57 16.82
N LYS E 171 -22.76 -33.90 16.35
CA LYS E 171 -22.10 -35.10 16.81
C LYS E 171 -21.43 -34.81 18.14
N GLU E 172 -21.16 -35.86 18.90
CA GLU E 172 -20.78 -35.68 20.29
C GLU E 172 -19.48 -34.89 20.42
N SER E 173 -18.49 -35.19 19.59
CA SER E 173 -17.19 -34.56 19.74
C SER E 173 -17.12 -33.19 19.06
N GLN E 174 -18.08 -32.85 18.20
CA GLN E 174 -18.07 -31.55 17.53
C GLN E 174 -18.24 -30.40 18.49
N LEU E 175 -18.69 -30.65 19.71
CA LEU E 175 -18.80 -29.60 20.71
C LEU E 175 -17.42 -29.09 21.10
N PRO E 176 -17.35 -27.90 21.70
CA PRO E 176 -16.10 -27.50 22.34
C PRO E 176 -15.70 -28.51 23.40
N ARG E 177 -14.39 -28.72 23.52
CA ARG E 177 -13.88 -29.72 24.45
C ARG E 177 -13.38 -29.07 25.73
N ILE E 178 -13.46 -29.83 26.81
CA ILE E 178 -12.78 -29.53 28.06
C ILE E 178 -11.98 -30.77 28.41
N GLN E 179 -10.66 -30.61 28.54
CA GLN E 179 -9.82 -31.78 28.77
C GLN E 179 -10.15 -32.40 30.12
N ARG E 180 -10.14 -33.73 30.16
CA ARG E 180 -10.50 -34.43 31.39
C ARG E 180 -9.58 -34.08 32.55
N ALA E 181 -8.38 -33.58 32.25
CA ALA E 181 -7.45 -33.18 33.29
C ALA E 181 -7.64 -31.73 33.73
N ASP E 182 -8.65 -31.04 33.20
CA ASP E 182 -8.90 -29.67 33.60
C ASP E 182 -9.17 -29.60 35.11
N PRO E 183 -8.70 -28.57 35.80
CA PRO E 183 -8.99 -28.48 37.24
C PRO E 183 -10.47 -28.50 37.55
N VAL E 184 -11.29 -27.90 36.69
CA VAL E 184 -12.74 -27.93 36.89
C VAL E 184 -13.26 -29.35 36.77
N ALA E 185 -12.80 -30.09 35.77
CA ALA E 185 -13.25 -31.46 35.59
C ALA E 185 -12.87 -32.33 36.78
N LEU E 186 -11.65 -32.15 37.29
CA LEU E 186 -11.23 -32.89 38.48
C LEU E 186 -12.06 -32.50 39.70
N TYR E 187 -12.35 -31.22 39.85
CA TYR E 187 -13.18 -30.77 40.97
C TYR E 187 -14.57 -31.38 40.91
N LEU E 188 -15.16 -31.44 39.71
CA LEU E 188 -16.51 -31.93 39.56
C LEU E 188 -16.57 -33.38 39.10
N GLY E 189 -15.43 -34.06 39.00
CA GLY E 189 -15.42 -35.48 38.71
C GLY E 189 -16.05 -35.85 37.39
N LEU E 190 -15.71 -35.12 36.33
CA LEU E 190 -16.30 -35.38 35.04
C LEU E 190 -15.75 -36.68 34.44
N LYS E 191 -16.53 -37.26 33.55
CA LYS E 191 -16.16 -38.48 32.83
C LYS E 191 -16.36 -38.24 31.35
N ARG E 192 -15.56 -38.94 30.54
CA ARG E 192 -15.58 -38.68 29.10
C ARG E 192 -16.98 -38.92 28.54
N GLY E 193 -17.47 -37.96 27.76
CA GLY E 193 -18.82 -37.99 27.24
C GLY E 193 -19.85 -37.24 28.06
N GLU E 194 -19.45 -36.66 29.20
CA GLU E 194 -20.38 -35.92 30.05
C GLU E 194 -20.29 -34.44 29.70
N VAL E 195 -21.31 -33.95 29.01
CA VAL E 195 -21.35 -32.55 28.59
C VAL E 195 -21.64 -31.68 29.81
N VAL E 196 -20.99 -30.53 29.87
CA VAL E 196 -21.11 -29.58 30.97
C VAL E 196 -21.73 -28.30 30.42
N LYS E 197 -22.70 -27.76 31.13
CA LYS E 197 -23.26 -26.44 30.85
C LYS E 197 -22.56 -25.42 31.73
N ILE E 198 -22.09 -24.34 31.12
CA ILE E 198 -21.33 -23.31 31.82
C ILE E 198 -22.07 -21.99 31.65
N ILE E 199 -22.19 -21.24 32.74
CA ILE E 199 -22.90 -19.97 32.74
C ILE E 199 -21.87 -18.85 32.74
N ARG E 200 -21.63 -18.25 31.58
CA ARG E 200 -20.65 -17.18 31.45
C ARG E 200 -21.36 -15.84 31.63
N LYS E 201 -20.84 -15.01 32.54
CA LYS E 201 -21.33 -13.65 32.72
C LYS E 201 -20.54 -12.75 31.78
N SER E 202 -21.05 -12.57 30.58
CA SER E 202 -20.35 -11.82 29.55
C SER E 202 -20.41 -10.31 29.80
N GLU E 203 -19.46 -9.59 29.23
CA GLU E 203 -19.48 -8.14 29.30
C GLU E 203 -20.51 -7.56 28.33
N THR E 204 -20.70 -8.21 27.18
CA THR E 204 -21.55 -7.68 26.14
C THR E 204 -22.94 -8.32 26.10
N SER E 205 -23.18 -9.37 26.90
CA SER E 205 -24.48 -10.02 26.87
C SER E 205 -24.96 -10.48 28.25
N GLY E 206 -24.23 -10.20 29.31
CA GLY E 206 -24.63 -10.69 30.62
C GLY E 206 -24.41 -12.19 30.74
N ARG E 207 -25.31 -12.85 31.46
CA ARG E 207 -25.21 -14.28 31.65
C ARG E 207 -25.77 -15.03 30.44
N TYR E 208 -25.01 -16.00 29.95
CA TYR E 208 -25.49 -16.86 28.89
C TYR E 208 -24.86 -18.24 29.02
N ALA E 209 -25.53 -19.21 28.41
CA ALA E 209 -25.22 -20.63 28.61
C ALA E 209 -24.40 -21.15 27.43
N SER E 210 -23.23 -21.69 27.74
CA SER E 210 -22.40 -22.39 26.77
C SER E 210 -22.21 -23.82 27.26
N TYR E 211 -21.48 -24.62 26.51
CA TYR E 211 -21.30 -26.02 26.85
C TYR E 211 -19.89 -26.47 26.50
N ARG E 212 -19.49 -27.58 27.11
CA ARG E 212 -18.18 -28.19 26.86
C ARG E 212 -18.30 -29.69 27.12
N ILE E 213 -17.91 -30.51 26.16
CA ILE E 213 -17.89 -31.95 26.38
C ILE E 213 -16.55 -32.33 27.00
N CYS E 214 -16.59 -33.17 28.03
CA CYS E 214 -15.36 -33.56 28.71
C CYS E 214 -14.68 -34.70 27.96
N MET E 215 -13.40 -34.54 27.69
CA MET E 215 -12.64 -35.55 26.94
C MET E 215 -11.24 -35.71 27.49
N PRO F 55 -27.69 -52.50 -13.52
CA PRO F 55 -29.11 -52.13 -13.45
C PRO F 55 -29.71 -52.49 -12.10
N GLU F 56 -28.91 -53.16 -11.28
CA GLU F 56 -29.31 -53.55 -9.93
C GLU F 56 -28.48 -52.88 -8.85
N ASP F 57 -27.17 -52.74 -9.06
CA ASP F 57 -26.38 -51.85 -8.21
C ASP F 57 -26.75 -50.40 -8.46
N PHE F 58 -27.14 -50.05 -9.68
CA PHE F 58 -27.63 -48.70 -9.95
C PHE F 58 -28.89 -48.41 -9.14
N GLN F 59 -29.80 -49.38 -9.06
CA GLN F 59 -31.02 -49.17 -8.30
C GLN F 59 -30.71 -48.96 -6.83
N GLN F 60 -29.78 -49.75 -6.28
CA GLN F 60 -29.38 -49.54 -4.89
C GLN F 60 -28.75 -48.18 -4.69
N HIS F 61 -27.93 -47.74 -5.65
CA HIS F 61 -27.32 -46.41 -5.55
C HIS F 61 -28.39 -45.32 -5.51
N GLU F 62 -29.35 -45.39 -6.43
CA GLU F 62 -30.41 -44.39 -6.46
C GLU F 62 -31.25 -44.44 -5.20
N GLN F 63 -31.58 -45.64 -4.73
CA GLN F 63 -32.40 -45.77 -3.53
C GLN F 63 -31.70 -45.23 -2.31
N ILE F 64 -30.41 -45.52 -2.15
CA ILE F 64 -29.67 -45.00 -1.00
C ILE F 64 -29.57 -43.49 -1.09
N ARG F 65 -29.32 -42.97 -2.30
CA ARG F 65 -29.27 -41.52 -2.50
C ARG F 65 -30.55 -40.86 -2.02
N ARG F 66 -31.69 -41.36 -2.50
CA ARG F 66 -32.97 -40.71 -2.17
C ARG F 66 -33.40 -40.99 -0.74
N LYS F 67 -32.98 -42.11 -0.16
CA LYS F 67 -33.30 -42.38 1.25
C LYS F 67 -32.54 -41.46 2.17
N THR F 68 -31.25 -41.25 1.90
CA THR F 68 -30.50 -40.28 2.70
C THR F 68 -30.98 -38.86 2.43
N LEU F 69 -31.43 -38.58 1.20
CA LEU F 69 -32.02 -37.27 0.90
C LEU F 69 -33.26 -37.02 1.73
N LYS F 70 -34.14 -38.01 1.84
CA LYS F 70 -35.36 -37.82 2.62
C LYS F 70 -35.06 -37.76 4.12
N GLU F 71 -34.05 -38.48 4.59
CA GLU F 71 -33.69 -38.41 6.00
C GLU F 71 -33.19 -37.02 6.37
N LYS F 72 -32.38 -36.41 5.50
CA LYS F 72 -31.86 -35.08 5.79
C LYS F 72 -32.95 -34.02 5.70
N ALA F 73 -33.84 -34.13 4.71
CA ALA F 73 -34.83 -33.11 4.42
C ALA F 73 -35.79 -32.90 5.58
N ILE F 74 -35.67 -31.77 6.26
CA ILE F 74 -36.55 -31.46 7.38
C ILE F 74 -37.97 -31.25 6.87
N PRO F 75 -38.99 -31.82 7.51
CA PRO F 75 -40.36 -31.57 7.06
C PRO F 75 -40.75 -30.11 7.18
N LYS F 76 -41.68 -29.68 6.35
CA LYS F 76 -42.03 -28.27 6.24
C LYS F 76 -42.49 -27.70 7.57
N ASP F 77 -43.27 -28.46 8.33
CA ASP F 77 -43.90 -27.95 9.54
C ASP F 77 -43.07 -28.17 10.80
N GLN F 78 -41.74 -28.22 10.68
CA GLN F 78 -40.88 -28.35 11.85
C GLN F 78 -39.70 -27.39 11.86
N ARG F 79 -39.51 -26.62 10.80
CA ARG F 79 -38.28 -25.85 10.65
C ARG F 79 -38.21 -24.71 11.66
N ALA F 80 -36.99 -24.37 12.05
CA ALA F 80 -36.73 -23.36 13.06
C ALA F 80 -35.67 -22.38 12.60
N THR F 81 -35.74 -21.95 11.35
CA THR F 81 -34.83 -20.92 10.85
C THR F 81 -35.55 -19.58 10.80
N THR F 82 -34.75 -18.51 10.79
CA THR F 82 -35.30 -17.17 10.84
C THR F 82 -36.16 -16.92 9.60
N PRO F 83 -37.39 -16.42 9.76
CA PRO F 83 -38.31 -16.33 8.62
C PRO F 83 -37.99 -15.23 7.63
N TYR F 84 -37.06 -14.33 7.95
CA TYR F 84 -36.68 -13.28 7.02
C TYR F 84 -35.80 -13.84 5.91
N MET F 85 -35.80 -13.15 4.77
CA MET F 85 -34.88 -13.45 3.67
C MET F 85 -33.64 -12.59 3.89
N THR F 86 -32.58 -13.21 4.40
CA THR F 86 -31.40 -12.49 4.83
C THR F 86 -30.72 -11.80 3.64
N LYS F 87 -29.73 -10.95 3.96
CA LYS F 87 -29.07 -10.17 2.94
C LYS F 87 -28.44 -11.05 1.88
N TYR F 88 -27.72 -12.09 2.32
CA TYR F 88 -27.07 -12.98 1.38
C TYR F 88 -28.08 -13.69 0.50
N GLU F 89 -29.17 -14.16 1.10
CA GLU F 89 -30.19 -14.85 0.32
C GLU F 89 -30.84 -13.90 -0.69
N ARG F 90 -31.10 -12.66 -0.28
CA ARG F 90 -31.68 -11.69 -1.20
C ARG F 90 -30.74 -11.41 -2.36
N ALA F 91 -29.46 -11.22 -2.07
CA ALA F 91 -28.47 -10.98 -3.12
C ALA F 91 -28.42 -12.14 -4.10
N ARG F 92 -28.36 -13.36 -3.57
CA ARG F 92 -28.23 -14.52 -4.46
C ARG F 92 -29.49 -14.73 -5.28
N ILE F 93 -30.66 -14.50 -4.67
CA ILE F 93 -31.90 -14.63 -5.42
C ILE F 93 -31.93 -13.63 -6.57
N LEU F 94 -31.55 -12.39 -6.28
CA LEU F 94 -31.55 -11.36 -7.33
C LEU F 94 -30.58 -11.74 -8.45
N GLY F 95 -29.37 -12.17 -8.08
CA GLY F 95 -28.40 -12.53 -9.11
C GLY F 95 -28.85 -13.70 -9.96
N THR F 96 -29.36 -14.75 -9.31
CA THR F 96 -29.76 -15.94 -10.06
C THR F 96 -30.96 -15.66 -10.96
N ARG F 97 -31.97 -14.97 -10.45
CA ARG F 97 -33.11 -14.67 -11.30
C ARG F 97 -32.73 -13.71 -12.41
N ALA F 98 -31.78 -12.80 -12.17
CA ALA F 98 -31.30 -11.94 -13.24
C ALA F 98 -30.64 -12.75 -14.35
N LEU F 99 -29.77 -13.69 -13.95
CA LEU F 99 -29.18 -14.58 -14.94
C LEU F 99 -30.24 -15.27 -15.76
N GLN F 100 -31.27 -15.79 -15.08
CA GLN F 100 -32.34 -16.47 -15.80
C GLN F 100 -33.03 -15.54 -16.79
N ILE F 101 -33.36 -14.32 -16.35
CA ILE F 101 -34.02 -13.37 -17.25
C ILE F 101 -33.16 -13.11 -18.48
N SER F 102 -31.84 -13.01 -18.28
CA SER F 102 -30.94 -12.77 -19.41
C SER F 102 -31.03 -13.89 -20.45
N MET F 103 -31.25 -15.12 -20.01
CA MET F 103 -31.29 -16.27 -20.90
C MET F 103 -32.71 -16.64 -21.31
N ASN F 104 -33.60 -15.64 -21.38
CA ASN F 104 -34.98 -15.82 -21.85
C ASN F 104 -35.83 -16.63 -20.87
N ALA F 105 -35.68 -16.36 -19.57
CA ALA F 105 -36.58 -16.94 -18.59
C ALA F 105 -37.96 -16.29 -18.70
N PRO F 106 -38.99 -16.90 -18.12
CA PRO F 106 -40.33 -16.31 -18.19
C PRO F 106 -40.37 -14.91 -17.58
N VAL F 107 -41.22 -14.07 -18.17
CA VAL F 107 -41.41 -12.70 -17.73
C VAL F 107 -42.81 -12.60 -17.12
N PHE F 108 -42.86 -12.43 -15.79
CA PHE F 108 -44.13 -12.17 -15.11
C PHE F 108 -44.37 -10.67 -14.98
N VAL F 109 -43.47 -9.96 -14.30
CA VAL F 109 -43.66 -8.55 -14.00
C VAL F 109 -43.56 -7.73 -15.29
N ASP F 110 -44.33 -6.65 -15.34
CA ASP F 110 -44.37 -5.81 -16.54
C ASP F 110 -43.07 -5.05 -16.72
N LEU F 111 -42.70 -4.86 -17.99
CA LEU F 111 -41.45 -4.18 -18.34
C LEU F 111 -41.76 -2.71 -18.56
N GLU F 112 -41.37 -1.88 -17.59
CA GLU F 112 -41.44 -0.42 -17.75
C GLU F 112 -40.13 0.12 -18.34
N GLY F 113 -39.71 -0.46 -19.45
CA GLY F 113 -38.53 -0.01 -20.15
C GLY F 113 -37.22 -0.46 -19.55
N GLU F 114 -37.23 -1.29 -18.52
CA GLU F 114 -35.98 -1.73 -17.92
C GLU F 114 -35.19 -2.59 -18.89
N THR F 115 -33.87 -2.49 -18.81
CA THR F 115 -32.98 -3.34 -19.57
C THR F 115 -31.94 -4.06 -18.73
N ASP F 116 -31.59 -3.54 -17.57
CA ASP F 116 -30.70 -4.25 -16.67
C ASP F 116 -31.45 -5.41 -16.04
N PRO F 117 -30.99 -6.65 -16.23
CA PRO F 117 -31.73 -7.79 -15.66
C PRO F 117 -31.82 -7.75 -14.15
N LEU F 118 -30.87 -7.10 -13.48
CA LEU F 118 -31.01 -6.96 -12.04
C LEU F 118 -32.18 -6.06 -11.68
N ARG F 119 -32.50 -5.09 -12.55
CA ARG F 119 -33.68 -4.27 -12.30
C ARG F 119 -34.97 -5.07 -12.49
N ILE F 120 -35.03 -5.93 -13.50
CA ILE F 120 -36.20 -6.78 -13.67
C ILE F 120 -36.32 -7.76 -12.51
N ALA F 121 -35.20 -8.26 -12.01
CA ALA F 121 -35.22 -9.12 -10.84
C ALA F 121 -35.73 -8.38 -9.61
N MET F 122 -35.31 -7.13 -9.43
CA MET F 122 -35.79 -6.34 -8.30
C MET F 122 -37.29 -6.08 -8.42
N LYS F 123 -37.77 -5.84 -9.64
CA LYS F 123 -39.20 -5.66 -9.86
C LYS F 123 -39.98 -6.93 -9.55
N GLU F 124 -39.41 -8.09 -9.88
CA GLU F 124 -40.06 -9.35 -9.51
C GLU F 124 -40.04 -9.56 -8.00
N LEU F 125 -38.94 -9.19 -7.34
CA LEU F 125 -38.86 -9.35 -5.89
C LEU F 125 -39.81 -8.41 -5.18
N ALA F 126 -40.13 -7.26 -5.77
CA ALA F 126 -41.07 -6.34 -5.15
C ALA F 126 -42.46 -6.97 -5.02
N GLU F 127 -42.89 -7.68 -6.05
CA GLU F 127 -44.20 -8.32 -6.06
C GLU F 127 -44.14 -9.78 -5.63
N LYS F 128 -42.98 -10.26 -5.21
CA LYS F 128 -42.77 -11.66 -4.82
C LYS F 128 -43.30 -12.61 -5.89
N LYS F 129 -42.91 -12.36 -7.14
CA LYS F 129 -43.22 -13.23 -8.25
C LYS F 129 -42.05 -14.14 -8.62
N ILE F 130 -40.98 -14.15 -7.82
CA ILE F 130 -39.77 -14.89 -8.14
C ILE F 130 -39.99 -16.38 -7.85
N PRO F 131 -39.91 -17.25 -8.84
CA PRO F 131 -40.19 -18.68 -8.64
C PRO F 131 -38.95 -19.49 -8.26
N LEU F 132 -38.33 -19.12 -7.15
CA LEU F 132 -37.16 -19.84 -6.65
C LEU F 132 -37.45 -20.32 -5.23
N VAL F 133 -36.50 -21.08 -4.68
CA VAL F 133 -36.64 -21.68 -3.36
C VAL F 133 -35.27 -21.72 -2.71
N ILE F 134 -35.12 -21.02 -1.58
CA ILE F 134 -33.90 -21.14 -0.79
C ILE F 134 -33.87 -22.50 -0.12
N ARG F 135 -32.69 -23.07 0.03
CA ARG F 135 -32.51 -24.35 0.73
C ARG F 135 -31.45 -24.13 1.81
N ARG F 136 -31.88 -23.71 2.98
CA ARG F 136 -30.92 -23.41 4.05
C ARG F 136 -30.38 -24.72 4.61
N TYR F 137 -29.05 -24.84 4.62
CA TYR F 137 -28.38 -26.06 5.07
C TYR F 137 -27.96 -25.91 6.51
N LEU F 138 -28.27 -26.90 7.32
CA LEU F 138 -27.77 -26.98 8.68
C LEU F 138 -26.39 -27.62 8.68
N PRO F 139 -25.60 -27.41 9.75
CA PRO F 139 -24.24 -27.97 9.75
C PRO F 139 -24.20 -29.48 9.56
N ASP F 140 -25.17 -30.19 10.13
CA ASP F 140 -25.25 -31.64 9.99
C ASP F 140 -25.46 -32.06 8.53
N GLY F 141 -25.96 -31.16 7.69
CA GLY F 141 -26.33 -31.47 6.33
C GLY F 141 -27.81 -31.42 6.09
N SER F 142 -28.61 -31.39 7.15
CA SER F 142 -30.06 -31.31 7.01
C SER F 142 -30.46 -29.95 6.45
N PHE F 143 -31.39 -29.96 5.49
CA PHE F 143 -31.77 -28.74 4.80
C PHE F 143 -33.26 -28.45 4.95
N GLU F 144 -33.57 -27.18 5.11
CA GLU F 144 -34.95 -26.68 5.14
C GLU F 144 -35.19 -25.85 3.90
N ASP F 145 -36.22 -26.19 3.14
CA ASP F 145 -36.56 -25.45 1.93
C ASP F 145 -37.56 -24.37 2.28
N TRP F 146 -37.25 -23.13 1.91
CA TRP F 146 -38.15 -21.98 2.10
C TRP F 146 -38.41 -21.35 0.75
N SER F 147 -39.67 -21.34 0.33
CA SER F 147 -39.99 -20.63 -0.90
C SER F 147 -39.81 -19.14 -0.69
N VAL F 148 -39.52 -18.43 -1.78
CA VAL F 148 -39.25 -17.00 -1.71
C VAL F 148 -40.42 -16.27 -1.05
N GLU F 149 -41.65 -16.69 -1.37
CA GLU F 149 -42.83 -15.99 -0.88
C GLU F 149 -42.96 -16.08 0.64
N GLU F 150 -42.63 -17.23 1.21
CA GLU F 150 -42.73 -17.38 2.66
C GLU F 150 -41.80 -16.45 3.41
N LEU F 151 -40.81 -15.89 2.72
CA LEU F 151 -39.77 -15.09 3.35
C LEU F 151 -40.20 -13.64 3.41
N ILE F 152 -40.03 -13.01 4.57
CA ILE F 152 -40.33 -11.60 4.77
C ILE F 152 -39.03 -10.82 4.68
N VAL F 153 -38.93 -9.96 3.67
CA VAL F 153 -37.69 -9.22 3.41
C VAL F 153 -37.77 -7.87 4.10
N ASP F 154 -36.80 -7.61 4.98
CA ASP F 154 -36.74 -6.37 5.76
C ASP F 154 -38.05 -6.10 6.49
N CYS G 37 -38.01 -57.19 -32.47
CA CYS G 37 -36.91 -57.10 -31.51
C CYS G 37 -36.85 -55.72 -30.88
N ILE G 38 -38.01 -55.09 -30.74
CA ILE G 38 -38.10 -53.80 -30.07
C ILE G 38 -38.17 -54.03 -28.57
N VAL G 39 -37.27 -53.40 -27.84
CA VAL G 39 -37.16 -53.58 -26.40
C VAL G 39 -37.50 -52.26 -25.73
N ARG G 40 -38.34 -52.31 -24.71
CA ARG G 40 -38.64 -51.14 -23.89
C ARG G 40 -37.63 -51.10 -22.75
N VAL G 41 -36.70 -50.16 -22.83
CA VAL G 41 -35.60 -50.04 -21.87
C VAL G 41 -35.87 -48.83 -20.99
N PRO G 42 -36.05 -49.01 -19.68
CA PRO G 42 -36.23 -47.85 -18.80
C PRO G 42 -34.88 -47.27 -18.40
N ILE G 43 -34.60 -46.06 -18.88
CA ILE G 43 -33.35 -45.37 -18.58
C ILE G 43 -33.62 -44.28 -17.54
N ALA G 44 -32.55 -43.83 -16.90
CA ALA G 44 -32.61 -42.81 -15.85
C ALA G 44 -31.48 -41.82 -16.07
N LEU G 45 -31.75 -40.76 -16.83
CA LEU G 45 -30.71 -39.83 -17.23
C LEU G 45 -30.63 -38.64 -16.28
N TYR G 46 -29.57 -37.86 -16.42
CA TYR G 46 -29.30 -36.67 -15.62
C TYR G 46 -29.16 -35.51 -16.59
N VAL G 47 -30.28 -34.87 -16.92
CA VAL G 47 -30.31 -33.88 -17.97
C VAL G 47 -30.24 -32.48 -17.38
N SER G 48 -30.02 -31.49 -18.23
CA SER G 48 -29.83 -30.11 -17.84
C SER G 48 -30.83 -29.24 -18.58
N LEU G 49 -31.53 -28.40 -17.84
CA LEU G 49 -32.66 -27.63 -18.35
C LEU G 49 -32.30 -26.15 -18.40
N ALA G 50 -32.64 -25.52 -19.52
CA ALA G 50 -32.37 -24.12 -19.78
C ALA G 50 -33.39 -23.23 -19.09
N PRO G 51 -33.07 -21.95 -18.88
CA PRO G 51 -34.08 -21.03 -18.34
C PRO G 51 -35.29 -20.88 -19.24
N MET G 52 -35.11 -20.96 -20.56
CA MET G 52 -36.23 -20.78 -21.48
C MET G 52 -37.26 -21.89 -21.39
N TYR G 53 -36.94 -22.99 -20.69
CA TYR G 53 -37.82 -24.14 -20.59
C TYR G 53 -38.36 -24.35 -19.18
N LEU G 54 -38.31 -23.32 -18.34
CA LEU G 54 -38.94 -23.43 -17.03
C LEU G 54 -40.46 -23.47 -17.14
N GLU G 55 -41.03 -22.97 -18.24
CA GLU G 55 -42.47 -23.01 -18.41
C GLU G 55 -42.99 -24.38 -18.81
N ASN G 56 -42.22 -25.14 -19.59
CA ASN G 56 -42.59 -26.49 -20.00
C ASN G 56 -41.41 -27.42 -19.74
N PRO G 57 -41.06 -27.68 -18.47
CA PRO G 57 -39.88 -28.51 -18.21
C PRO G 57 -39.96 -29.89 -18.83
N LEU G 58 -41.14 -30.50 -18.91
CA LEU G 58 -41.26 -31.76 -19.63
C LEU G 58 -40.90 -31.58 -21.10
N GLN G 59 -41.56 -30.63 -21.77
CA GLN G 59 -41.24 -30.37 -23.16
C GLN G 59 -39.81 -29.85 -23.30
N GLY G 60 -39.27 -29.22 -22.26
CA GLY G 60 -37.88 -28.79 -22.30
C GLY G 60 -36.92 -29.96 -22.35
N VAL G 61 -37.12 -30.94 -21.48
CA VAL G 61 -36.26 -32.12 -21.50
C VAL G 61 -36.45 -32.88 -22.81
N MET G 62 -37.68 -32.92 -23.31
CA MET G 62 -37.92 -33.60 -24.58
C MET G 62 -37.18 -32.92 -25.73
N LYS G 63 -37.21 -31.59 -25.78
CA LYS G 63 -36.58 -30.85 -26.87
C LYS G 63 -35.06 -30.78 -26.75
N GLN G 64 -34.53 -30.82 -25.53
CA GLN G 64 -33.08 -30.65 -25.37
C GLN G 64 -32.32 -31.97 -25.52
N HIS G 65 -32.83 -33.06 -24.95
CA HIS G 65 -32.05 -34.28 -24.87
C HIS G 65 -32.71 -35.48 -25.53
N LEU G 66 -33.99 -35.74 -25.24
CA LEU G 66 -34.63 -36.93 -25.80
C LEU G 66 -34.74 -36.85 -27.32
N ASN G 67 -35.15 -35.69 -27.84
CA ASN G 67 -35.16 -35.51 -29.29
C ASN G 67 -33.77 -35.64 -29.91
N PRO G 68 -32.68 -35.14 -29.31
CA PRO G 68 -31.34 -35.49 -29.78
C PRO G 68 -30.90 -36.91 -29.43
N LEU G 69 -31.80 -37.76 -28.94
CA LEU G 69 -31.47 -39.13 -28.66
C LEU G 69 -32.24 -40.13 -29.52
N VAL G 70 -33.19 -39.68 -30.31
CA VAL G 70 -33.99 -40.58 -31.14
C VAL G 70 -33.26 -40.85 -32.46
N MET G 71 -33.41 -42.08 -32.95
CA MET G 71 -32.89 -42.57 -34.23
C MET G 71 -31.37 -42.69 -34.26
N LYS G 72 -30.68 -42.41 -33.15
CA LYS G 72 -29.23 -42.52 -33.08
C LYS G 72 -28.85 -43.72 -32.22
N TYR G 73 -27.86 -44.48 -32.69
CA TYR G 73 -27.35 -45.58 -31.88
C TYR G 73 -26.81 -45.05 -30.56
N ASN G 74 -27.15 -45.74 -29.48
CA ASN G 74 -26.69 -45.39 -28.15
C ASN G 74 -25.93 -46.58 -27.58
N ASN G 75 -24.68 -46.35 -27.20
CA ASN G 75 -23.91 -47.41 -26.54
C ASN G 75 -24.32 -47.58 -25.09
N LYS G 76 -24.79 -46.51 -24.44
CA LYS G 76 -25.22 -46.61 -23.06
C LYS G 76 -26.55 -47.33 -22.91
N VAL G 77 -27.26 -47.57 -24.01
CA VAL G 77 -28.48 -48.37 -24.00
C VAL G 77 -28.16 -49.74 -24.58
N GLY G 78 -27.81 -49.78 -25.86
CA GLY G 78 -27.48 -51.03 -26.52
C GLY G 78 -27.95 -51.14 -27.95
N GLY G 79 -29.09 -50.52 -28.27
CA GLY G 79 -29.65 -50.55 -29.59
C GLY G 79 -29.80 -49.14 -30.14
N VAL G 80 -30.75 -48.99 -31.06
CA VAL G 80 -31.06 -47.70 -31.68
C VAL G 80 -32.44 -47.27 -31.24
N VAL G 81 -32.53 -46.05 -30.70
CA VAL G 81 -33.73 -45.58 -30.02
C VAL G 81 -34.77 -45.20 -31.06
N LEU G 82 -35.84 -46.00 -31.16
CA LEU G 82 -36.95 -45.63 -32.01
C LEU G 82 -37.78 -44.52 -31.39
N GLY G 83 -37.96 -44.55 -30.07
CA GLY G 83 -38.78 -43.52 -29.45
C GLY G 83 -38.61 -43.48 -27.95
N TYR G 84 -39.39 -42.62 -27.32
CA TYR G 84 -39.39 -42.43 -25.88
C TYR G 84 -40.83 -42.46 -25.38
N GLU G 85 -40.98 -42.53 -24.05
CA GLU G 85 -42.28 -42.54 -23.41
C GLU G 85 -42.07 -42.40 -21.90
N GLY G 86 -43.08 -41.88 -21.22
CA GLY G 86 -43.08 -41.85 -19.78
C GLY G 86 -41.98 -41.02 -19.18
N LEU G 87 -41.74 -39.84 -19.74
CA LEU G 87 -40.76 -38.94 -19.16
C LEU G 87 -41.25 -38.47 -17.80
N LYS G 88 -40.46 -38.70 -16.76
CA LYS G 88 -40.83 -38.39 -15.40
C LYS G 88 -39.66 -37.71 -14.72
N ILE G 89 -39.88 -36.50 -14.23
CA ILE G 89 -38.83 -35.72 -13.60
C ILE G 89 -38.81 -36.03 -12.12
N LEU G 90 -37.64 -36.36 -11.59
CA LEU G 90 -37.51 -36.54 -10.16
C LEU G 90 -37.57 -35.19 -9.44
N ASP G 91 -37.57 -35.25 -8.12
CA ASP G 91 -37.77 -34.07 -7.31
C ASP G 91 -36.56 -33.81 -6.41
N ALA G 92 -36.31 -32.54 -6.13
CA ALA G 92 -35.29 -32.15 -5.18
C ALA G 92 -35.81 -32.02 -3.77
N ASP G 93 -37.12 -32.09 -3.56
CA ASP G 93 -37.70 -32.19 -2.22
C ASP G 93 -38.30 -33.58 -2.05
N PRO G 94 -37.73 -34.42 -1.19
CA PRO G 94 -38.28 -35.77 -1.01
C PRO G 94 -39.66 -35.80 -0.39
N LEU G 95 -40.11 -34.68 0.19
CA LEU G 95 -41.36 -34.63 0.94
C LEU G 95 -42.53 -34.16 0.10
N SER G 96 -42.55 -34.51 -1.19
CA SER G 96 -43.57 -34.07 -2.11
C SER G 96 -44.35 -35.27 -2.63
N LYS G 97 -45.66 -35.08 -2.83
CA LYS G 97 -46.47 -36.13 -3.42
C LYS G 97 -46.00 -36.45 -4.82
N GLU G 98 -46.29 -37.67 -5.25
CA GLU G 98 -45.82 -38.15 -6.55
C GLU G 98 -46.42 -37.37 -7.71
N ASP G 99 -47.47 -36.59 -7.48
CA ASP G 99 -48.10 -35.79 -8.52
C ASP G 99 -47.97 -34.30 -8.26
N THR G 100 -47.04 -33.89 -7.39
CA THR G 100 -46.82 -32.47 -7.13
C THR G 100 -46.52 -31.76 -8.44
N SER G 101 -47.45 -30.91 -8.89
CA SER G 101 -47.31 -30.28 -10.19
C SER G 101 -46.04 -29.43 -10.25
N GLU G 102 -45.60 -28.90 -9.12
CA GLU G 102 -44.38 -28.12 -9.04
C GLU G 102 -43.32 -28.94 -8.31
N LYS G 103 -42.22 -29.23 -8.99
CA LYS G 103 -41.08 -29.91 -8.42
C LYS G 103 -39.88 -28.98 -8.37
N LEU G 104 -39.13 -29.04 -7.27
CA LEU G 104 -37.92 -28.26 -7.14
C LEU G 104 -36.83 -28.83 -8.05
N ILE G 105 -36.23 -27.97 -8.85
CA ILE G 105 -35.13 -28.33 -9.75
C ILE G 105 -33.91 -27.56 -9.30
N LYS G 106 -32.85 -28.28 -8.92
CA LYS G 106 -31.67 -27.60 -8.40
C LYS G 106 -31.02 -26.76 -9.50
N ILE G 107 -30.57 -25.57 -9.13
CA ILE G 107 -29.97 -24.61 -10.04
C ILE G 107 -28.46 -24.59 -9.80
N THR G 108 -27.69 -24.81 -10.86
CA THR G 108 -26.24 -24.79 -10.74
C THR G 108 -25.79 -23.41 -10.27
N PRO G 109 -24.75 -23.34 -9.42
CA PRO G 109 -24.40 -22.03 -8.85
C PRO G 109 -23.91 -21.02 -9.87
N ASP G 110 -22.93 -21.37 -10.68
CA ASP G 110 -22.32 -20.40 -11.59
C ASP G 110 -23.23 -20.01 -12.74
N THR G 111 -24.22 -20.82 -13.06
CA THR G 111 -24.98 -20.65 -14.29
C THR G 111 -26.47 -20.67 -13.99
N PRO G 112 -27.29 -20.15 -14.90
CA PRO G 112 -28.74 -20.15 -14.66
C PRO G 112 -29.40 -21.44 -15.12
N PHE G 113 -28.63 -22.50 -15.30
CA PHE G 113 -29.18 -23.77 -15.76
C PHE G 113 -29.50 -24.67 -14.58
N GLY G 114 -30.55 -25.46 -14.74
CA GLY G 114 -30.91 -26.48 -13.77
C GLY G 114 -30.37 -27.82 -14.21
N PHE G 115 -30.05 -28.67 -13.24
CA PHE G 115 -29.60 -30.02 -13.51
C PHE G 115 -30.44 -30.97 -12.67
N THR G 116 -31.04 -31.97 -13.32
CA THR G 116 -31.93 -32.85 -12.58
C THR G 116 -32.04 -34.20 -13.26
N TRP G 117 -32.50 -35.18 -12.50
CA TRP G 117 -32.70 -36.53 -13.00
C TRP G 117 -34.06 -36.67 -13.67
N CYS G 118 -34.14 -37.61 -14.61
CA CYS G 118 -35.42 -37.94 -15.25
C CYS G 118 -35.42 -39.43 -15.58
N HIS G 119 -36.46 -40.12 -15.15
CA HIS G 119 -36.69 -41.51 -15.52
C HIS G 119 -37.61 -41.54 -16.73
N VAL G 120 -37.23 -42.30 -17.75
CA VAL G 120 -37.99 -42.33 -18.99
C VAL G 120 -37.72 -43.67 -19.66
N ASN G 121 -38.76 -44.26 -20.26
CA ASN G 121 -38.64 -45.53 -20.94
C ASN G 121 -38.51 -45.30 -22.43
N LEU G 122 -37.44 -45.82 -23.03
CA LEU G 122 -37.21 -45.67 -24.47
C LEU G 122 -37.60 -46.95 -25.19
N TYR G 123 -38.37 -46.81 -26.26
CA TYR G 123 -38.60 -47.91 -27.18
C TYR G 123 -37.40 -47.98 -28.10
N VAL G 124 -36.45 -48.84 -27.75
CA VAL G 124 -35.20 -49.00 -28.48
C VAL G 124 -35.36 -50.18 -29.43
N TRP G 125 -34.59 -50.15 -30.50
CA TRP G 125 -34.49 -51.28 -31.42
C TRP G 125 -33.08 -51.84 -31.33
N GLN G 126 -32.97 -53.10 -30.92
CA GLN G 126 -31.67 -53.76 -30.85
C GLN G 126 -31.62 -54.87 -31.88
N PRO G 127 -30.66 -54.85 -32.81
CA PRO G 127 -30.45 -55.94 -33.76
C PRO G 127 -29.80 -57.16 -33.11
N ASN H 3 -53.75 35.89 15.82
CA ASN H 3 -53.88 37.06 16.69
C ASN H 3 -52.54 37.37 17.34
N THR H 4 -52.57 37.80 18.59
CA THR H 4 -51.38 38.17 19.34
C THR H 4 -51.30 37.32 20.60
N LEU H 5 -50.10 36.81 20.88
CA LEU H 5 -49.91 35.95 22.04
C LEU H 5 -49.17 36.61 23.19
N PHE H 6 -48.41 37.68 22.93
CA PHE H 6 -47.67 38.30 24.01
C PHE H 6 -47.29 39.71 23.63
N ASP H 7 -47.35 40.62 24.61
CA ASP H 7 -46.91 42.00 24.45
C ASP H 7 -46.19 42.43 25.72
N ASP H 8 -45.08 43.16 25.55
CA ASP H 8 -44.41 43.74 26.71
C ASP H 8 -43.45 44.81 26.23
N ILE H 9 -42.93 45.57 27.18
CA ILE H 9 -41.94 46.60 26.92
C ILE H 9 -40.71 46.28 27.77
N PHE H 10 -39.56 46.16 27.13
CA PHE H 10 -38.33 45.72 27.78
C PHE H 10 -37.26 46.79 27.69
N GLN H 11 -36.57 47.02 28.80
CA GLN H 11 -35.38 47.85 28.82
C GLN H 11 -34.15 46.96 28.73
N VAL H 12 -33.25 47.29 27.82
CA VAL H 12 -32.02 46.51 27.63
C VAL H 12 -31.03 46.88 28.73
N SER H 13 -30.43 45.85 29.33
CA SER H 13 -29.40 46.04 30.34
C SER H 13 -28.00 46.05 29.74
N GLU H 14 -27.75 45.20 28.75
CA GLU H 14 -26.46 45.18 28.06
C GLU H 14 -26.62 44.51 26.71
N VAL H 15 -25.65 44.76 25.82
CA VAL H 15 -25.56 44.11 24.53
C VAL H 15 -24.12 43.66 24.32
N ASP H 16 -23.95 42.45 23.80
CA ASP H 16 -22.62 41.87 23.60
C ASP H 16 -22.58 41.09 22.29
N PRO H 17 -21.69 41.44 21.36
CA PRO H 17 -21.59 40.65 20.13
C PRO H 17 -20.90 39.32 20.34
N GLY H 18 -19.81 39.30 21.11
CA GLY H 18 -19.13 38.07 21.45
C GLY H 18 -18.62 37.31 20.25
N ARG H 19 -17.58 37.84 19.59
CA ARG H 19 -16.94 37.19 18.46
C ARG H 19 -17.93 36.89 17.34
N TYR H 20 -18.94 37.76 17.21
CA TYR H 20 -19.83 37.78 16.07
C TYR H 20 -19.77 39.16 15.46
N ASN H 21 -19.60 39.22 14.14
CA ASN H 21 -19.57 40.51 13.47
C ASN H 21 -20.95 41.15 13.45
N LYS H 22 -22.01 40.37 13.34
CA LYS H 22 -23.35 40.91 13.12
C LYS H 22 -24.28 40.69 14.29
N VAL H 23 -24.57 39.45 14.66
CA VAL H 23 -25.56 39.21 15.69
C VAL H 23 -25.00 39.57 17.07
N CYS H 24 -25.91 39.83 18.00
CA CYS H 24 -25.56 40.16 19.38
C CYS H 24 -26.64 39.61 20.30
N ARG H 25 -26.24 39.37 21.55
CA ARG H 25 -27.13 38.90 22.60
C ARG H 25 -27.60 40.09 23.42
N ILE H 26 -28.92 40.18 23.62
CA ILE H 26 -29.57 41.30 24.29
C ILE H 26 -30.22 40.75 25.54
N GLU H 27 -29.81 41.26 26.69
CA GLU H 27 -30.47 40.97 27.95
C GLU H 27 -31.38 42.13 28.29
N ALA H 28 -32.62 41.83 28.68
CA ALA H 28 -33.64 42.85 28.83
C ALA H 28 -34.55 42.50 29.99
N ALA H 29 -34.95 43.53 30.73
CA ALA H 29 -35.89 43.37 31.84
C ALA H 29 -37.17 44.12 31.52
N SER H 30 -38.30 43.52 31.86
CA SER H 30 -39.58 44.17 31.60
C SER H 30 -39.70 45.46 32.41
N THR H 31 -40.23 46.50 31.76
CA THR H 31 -40.41 47.77 32.44
C THR H 31 -41.64 47.76 33.35
N THR H 32 -42.64 46.96 33.03
CA THR H 32 -43.88 46.92 33.81
C THR H 32 -43.81 45.88 34.93
N GLN H 33 -43.64 44.61 34.56
CA GLN H 33 -43.52 43.54 35.54
C GLN H 33 -42.09 43.46 36.04
N ASP H 34 -41.91 42.70 37.12
CA ASP H 34 -40.60 42.43 37.68
C ASP H 34 -40.22 40.95 37.60
N GLN H 35 -41.14 40.09 37.13
CA GLN H 35 -40.88 38.67 37.02
C GLN H 35 -40.70 38.23 35.58
N CYS H 36 -40.52 39.16 34.65
CA CYS H 36 -40.36 38.85 33.24
C CYS H 36 -39.02 39.39 32.78
N LYS H 37 -38.34 38.63 31.92
CA LYS H 37 -37.12 39.11 31.29
C LYS H 37 -36.88 38.33 30.00
N LEU H 38 -35.98 38.87 29.19
CA LEU H 38 -35.74 38.39 27.84
C LEU H 38 -34.24 38.31 27.62
N THR H 39 -33.83 37.32 26.83
CA THR H 39 -32.44 37.18 26.40
C THR H 39 -32.47 36.68 24.97
N LEU H 40 -32.20 37.56 24.02
CA LEU H 40 -32.51 37.29 22.62
C LEU H 40 -31.32 37.66 21.73
N ASP H 41 -31.09 36.86 20.69
CA ASP H 41 -30.07 37.15 19.70
C ASP H 41 -30.69 37.86 18.52
N ILE H 42 -30.14 39.03 18.17
CA ILE H 42 -30.61 39.80 17.02
C ILE H 42 -29.41 40.26 16.21
N ASN H 43 -29.56 40.33 14.89
CA ASN H 43 -28.48 40.84 14.06
C ASN H 43 -28.55 42.36 14.03
N VAL H 44 -27.61 43.00 14.71
CA VAL H 44 -27.63 44.45 14.88
C VAL H 44 -27.23 45.14 13.59
N GLU H 45 -26.95 44.37 12.54
CA GLU H 45 -26.66 44.98 11.25
C GLU H 45 -27.87 45.74 10.74
N LEU H 46 -29.03 45.09 10.68
CA LEU H 46 -30.27 45.73 10.24
C LEU H 46 -31.23 45.99 11.39
N PHE H 47 -30.74 45.97 12.63
CA PHE H 47 -31.50 46.46 13.78
C PHE H 47 -30.53 46.85 14.88
N PRO H 48 -29.87 47.99 14.75
CA PRO H 48 -28.92 48.40 15.80
C PRO H 48 -29.63 48.59 17.13
N VAL H 49 -28.95 48.17 18.21
CA VAL H 49 -29.45 48.30 19.57
C VAL H 49 -28.29 48.72 20.46
N ALA H 50 -28.64 49.19 21.66
CA ALA H 50 -27.64 49.69 22.60
C ALA H 50 -28.17 49.52 24.02
N ALA H 51 -27.27 49.66 24.98
CA ALA H 51 -27.67 49.53 26.38
C ALA H 51 -28.71 50.58 26.74
N GLN H 52 -29.72 50.13 27.49
CA GLN H 52 -30.84 50.98 27.92
C GLN H 52 -31.59 51.55 26.72
N ASP H 53 -32.16 50.64 25.92
CA ASP H 53 -33.10 50.97 24.88
C ASP H 53 -34.43 50.27 25.20
N SER H 54 -35.51 51.04 25.20
CA SER H 54 -36.84 50.49 25.48
C SER H 54 -37.43 49.96 24.18
N LEU H 55 -37.64 48.65 24.13
CA LEU H 55 -38.12 47.96 22.95
C LEU H 55 -39.49 47.37 23.22
N THR H 56 -40.40 47.50 22.25
CA THR H 56 -41.72 46.89 22.36
C THR H 56 -41.66 45.50 21.74
N VAL H 57 -41.76 44.47 22.56
CA VAL H 57 -41.58 43.09 22.16
C VAL H 57 -42.94 42.41 22.10
N THR H 58 -43.26 41.83 20.95
CA THR H 58 -44.56 41.21 20.74
C THR H 58 -44.39 39.85 20.08
N ILE H 59 -45.06 38.84 20.61
CA ILE H 59 -45.08 37.51 20.02
C ILE H 59 -46.48 37.28 19.45
N ALA H 60 -46.53 36.86 18.19
CA ALA H 60 -47.78 36.69 17.48
C ALA H 60 -47.84 35.30 16.86
N SER H 61 -49.05 34.83 16.61
CA SER H 61 -49.24 33.54 15.97
C SER H 61 -49.41 33.63 14.46
N SER H 62 -49.74 34.82 13.95
CA SER H 62 -49.88 35.03 12.51
C SER H 62 -49.96 36.53 12.28
N LEU H 63 -49.99 36.92 11.01
CA LEU H 63 -50.00 38.33 10.63
C LEU H 63 -51.16 38.55 9.66
N ASN H 64 -52.34 38.80 10.22
CA ASN H 64 -53.54 38.97 9.41
C ASN H 64 -54.50 39.99 10.02
N SER H 78 -48.17 29.57 3.00
CA SER H 78 -46.81 29.59 2.47
C SER H 78 -46.37 31.02 2.16
N TRP H 79 -45.12 31.32 2.48
CA TRP H 79 -44.59 32.66 2.30
C TRP H 79 -44.48 33.01 0.81
N ARG H 80 -44.49 34.31 0.53
CA ARG H 80 -44.40 34.86 -0.81
C ARG H 80 -43.91 36.29 -0.68
N PRO H 81 -43.04 36.76 -1.56
CA PRO H 81 -42.47 38.10 -1.41
C PRO H 81 -43.55 39.17 -1.36
N PRO H 82 -43.38 40.17 -0.49
CA PRO H 82 -44.44 41.18 -0.32
C PRO H 82 -44.72 41.93 -1.62
N GLN H 83 -45.99 42.26 -1.82
CA GLN H 83 -46.43 42.86 -3.08
C GLN H 83 -47.41 43.97 -2.74
N ALA H 84 -48.16 44.42 -3.75
CA ALA H 84 -49.06 45.56 -3.60
C ALA H 84 -50.18 45.25 -2.63
N GLY H 85 -50.53 46.24 -1.82
CA GLY H 85 -51.63 46.10 -0.88
C GLY H 85 -51.41 45.06 0.20
N ASP H 86 -50.17 44.85 0.59
CA ASP H 86 -49.84 43.85 1.60
C ASP H 86 -49.98 44.47 2.98
N ARG H 87 -50.82 43.87 3.82
CA ARG H 87 -51.04 44.33 5.17
C ARG H 87 -50.73 43.20 6.14
N SER H 88 -50.10 43.54 7.25
CA SER H 88 -49.78 42.58 8.29
C SER H 88 -49.36 43.34 9.53
N LEU H 89 -49.23 42.62 10.64
CA LEU H 89 -48.71 43.23 11.85
C LEU H 89 -47.28 43.72 11.66
N ALA H 90 -46.55 43.13 10.71
CA ALA H 90 -45.18 43.56 10.48
C ALA H 90 -45.10 45.02 10.07
N ASP H 91 -46.15 45.54 9.41
CA ASP H 91 -46.17 46.94 9.03
C ASP H 91 -46.10 47.86 10.23
N ASP H 92 -46.49 47.38 11.41
CA ASP H 92 -46.47 48.20 12.62
C ASP H 92 -45.20 48.02 13.43
N TYR H 93 -44.27 47.19 12.99
CA TYR H 93 -43.10 46.84 13.79
C TYR H 93 -41.84 46.95 12.94
N ASP H 94 -40.71 47.07 13.63
CA ASP H 94 -39.42 47.27 12.98
C ASP H 94 -38.73 45.95 12.63
N TYR H 95 -38.67 45.02 13.58
CA TYR H 95 -37.85 43.83 13.48
C TYR H 95 -38.74 42.61 13.65
N VAL H 96 -39.10 41.95 12.54
CA VAL H 96 -40.08 40.87 12.55
C VAL H 96 -39.37 39.58 12.17
N MET H 97 -39.44 38.58 13.05
CA MET H 97 -38.81 37.29 12.82
C MET H 97 -39.83 36.17 12.97
N TYR H 98 -39.57 35.07 12.28
CA TYR H 98 -40.31 33.83 12.40
C TYR H 98 -39.49 32.85 13.23
N GLY H 99 -40.15 31.91 13.90
CA GLY H 99 -39.38 30.91 14.61
C GLY H 99 -40.27 29.87 15.26
N THR H 100 -39.62 29.00 16.02
CA THR H 100 -40.27 27.89 16.69
C THR H 100 -39.90 27.93 18.17
N ALA H 101 -40.87 27.58 19.01
CA ALA H 101 -40.63 27.39 20.43
C ALA H 101 -40.34 25.92 20.69
N TYR H 102 -39.20 25.64 21.31
CA TYR H 102 -38.77 24.26 21.43
C TYR H 102 -38.64 23.75 22.86
N LYS H 103 -38.75 24.61 23.87
CA LYS H 103 -38.46 24.17 25.23
C LYS H 103 -39.19 25.06 26.23
N PHE H 104 -39.61 24.44 27.34
CA PHE H 104 -40.28 25.12 28.43
C PHE H 104 -39.73 24.60 29.74
N GLU H 105 -39.54 25.49 30.71
CA GLU H 105 -39.03 25.05 32.00
C GLU H 105 -39.58 25.94 33.10
N GLU H 106 -39.37 25.50 34.35
CA GLU H 106 -39.90 26.18 35.52
C GLU H 106 -38.74 26.55 36.44
N VAL H 107 -38.44 27.84 36.52
CA VAL H 107 -37.31 28.29 37.31
C VAL H 107 -37.52 27.97 38.79
N SER H 108 -38.72 28.22 39.29
CA SER H 108 -39.10 27.90 40.66
C SER H 108 -40.62 27.79 40.68
N LYS H 109 -41.20 27.84 41.87
CA LYS H 109 -42.65 27.90 41.98
C LYS H 109 -43.18 29.10 41.20
N ASP H 110 -44.12 28.84 40.29
CA ASP H 110 -44.82 29.89 39.55
C ASP H 110 -43.86 30.73 38.70
N LEU H 111 -43.22 30.06 37.75
CA LEU H 111 -42.38 30.71 36.75
C LEU H 111 -42.28 29.83 35.52
N ILE H 112 -42.35 30.44 34.34
CA ILE H 112 -42.33 29.73 33.07
C ILE H 112 -41.30 30.38 32.16
N ALA H 113 -40.35 29.60 31.69
CA ALA H 113 -39.35 30.05 30.72
C ALA H 113 -39.59 29.33 29.41
N VAL H 114 -39.66 30.10 28.33
CA VAL H 114 -39.97 29.59 27.00
C VAL H 114 -38.81 29.90 26.07
N TYR H 115 -38.33 28.88 25.37
CA TYR H 115 -37.17 28.98 24.50
C TYR H 115 -37.63 28.96 23.05
N TYR H 116 -37.23 29.97 22.28
CA TYR H 116 -37.58 30.09 20.89
C TYR H 116 -36.31 30.05 20.05
N SER H 117 -36.39 29.35 18.92
CA SER H 117 -35.28 29.29 17.96
C SER H 117 -35.80 29.85 16.65
N PHE H 118 -35.42 31.09 16.35
CA PHE H 118 -35.79 31.76 15.11
C PHE H 118 -34.72 31.44 14.08
N GLY H 119 -34.92 30.33 13.38
CA GLY H 119 -34.02 29.91 12.32
C GLY H 119 -32.59 29.71 12.76
N GLY H 120 -32.36 29.63 14.08
CA GLY H 120 -31.03 29.51 14.61
C GLY H 120 -30.69 30.55 15.66
N LEU H 121 -31.46 31.62 15.72
CA LEU H 121 -31.24 32.69 16.69
C LEU H 121 -32.09 32.44 17.93
N LEU H 122 -31.45 32.43 19.09
CA LEU H 122 -32.07 31.94 20.30
C LEU H 122 -32.65 33.07 21.14
N MET H 123 -33.84 32.84 21.69
CA MET H 123 -34.51 33.77 22.58
C MET H 123 -35.10 33.02 23.75
N ARG H 124 -34.67 33.37 24.96
CA ARG H 124 -35.25 32.83 26.18
C ARG H 124 -36.11 33.91 26.82
N LEU H 125 -37.37 33.59 27.10
CA LEU H 125 -38.31 34.54 27.69
C LEU H 125 -38.86 33.95 28.97
N GLU H 126 -38.69 34.64 30.09
CA GLU H 126 -39.10 34.15 31.39
C GLU H 126 -40.19 35.04 31.95
N GLY H 127 -41.28 34.43 32.41
CA GLY H 127 -42.40 35.17 32.94
C GLY H 127 -43.40 34.26 33.60
N ASN H 128 -44.36 34.87 34.29
CA ASN H 128 -45.33 34.11 35.07
C ASN H 128 -46.19 33.23 34.17
N TYR H 129 -46.72 32.16 34.76
CA TYR H 129 -47.47 31.18 33.99
C TYR H 129 -48.76 31.73 33.43
N ARG H 130 -49.19 32.92 33.87
CA ARG H 130 -50.39 33.55 33.34
C ARG H 130 -50.07 34.54 32.22
N ASN H 131 -49.01 35.33 32.38
CA ASN H 131 -48.57 36.21 31.29
C ASN H 131 -48.16 35.41 30.08
N LEU H 132 -47.43 34.32 30.29
CA LEU H 132 -46.98 33.45 29.22
C LEU H 132 -47.92 32.27 29.02
N ASN H 133 -49.15 32.36 29.55
CA ASN H 133 -50.12 31.30 29.38
C ASN H 133 -50.47 31.08 27.91
N ASN H 134 -50.29 32.11 27.07
CA ASN H 134 -50.57 31.97 25.66
C ASN H 134 -49.40 31.41 24.86
N LEU H 135 -48.26 31.15 25.49
CA LEU H 135 -47.13 30.59 24.78
C LEU H 135 -47.22 29.07 24.76
N LYS H 136 -47.06 28.49 23.58
CA LYS H 136 -47.20 27.05 23.40
C LYS H 136 -45.94 26.53 22.72
N GLN H 137 -46.00 25.31 22.22
CA GLN H 137 -44.96 24.72 21.37
C GLN H 137 -45.48 24.79 19.94
N GLU H 138 -45.25 25.92 19.28
CA GLU H 138 -45.74 26.13 17.92
C GLU H 138 -44.91 27.21 17.26
N ASN H 139 -45.10 27.34 15.94
CA ASN H 139 -44.42 28.39 15.19
C ASN H 139 -45.01 29.76 15.52
N ALA H 140 -44.14 30.71 15.85
CA ALA H 140 -44.58 32.02 16.28
C ALA H 140 -43.62 33.08 15.79
N TYR H 141 -44.13 34.31 15.67
CA TYR H 141 -43.36 35.45 15.21
C TYR H 141 -43.01 36.33 16.40
N LEU H 142 -41.85 36.97 16.32
CA LEU H 142 -41.40 37.95 17.31
C LEU H 142 -41.15 39.27 16.62
N LEU H 143 -41.79 40.33 17.10
CA LEU H 143 -41.74 41.66 16.51
C LEU H 143 -41.18 42.64 17.52
N ILE H 144 -40.23 43.45 17.10
CA ILE H 144 -39.59 44.45 17.95
C ILE H 144 -39.90 45.82 17.36
N ARG H 145 -40.31 46.75 18.22
CA ARG H 145 -40.62 48.11 17.83
C ARG H 145 -39.76 49.10 18.61
N ARG H 146 -39.24 50.09 17.89
CA ARG H 146 -38.66 51.31 18.45
C ARG H 146 -37.37 51.11 19.23
N MET I 1 14.25 26.76 -20.63
CA MET I 1 15.42 26.84 -21.48
C MET I 1 15.56 28.26 -22.04
N ILE I 2 14.57 28.66 -22.84
CA ILE I 2 14.55 29.96 -23.48
C ILE I 2 13.38 30.74 -22.91
N VAL I 3 13.41 32.06 -23.11
CA VAL I 3 12.44 32.95 -22.45
C VAL I 3 11.02 32.58 -22.88
N PRO I 4 10.07 32.45 -21.95
CA PRO I 4 8.70 32.12 -22.35
C PRO I 4 8.06 33.27 -23.09
N VAL I 5 7.20 32.92 -24.05
CA VAL I 5 6.54 33.95 -24.86
C VAL I 5 5.65 34.82 -23.99
N ARG I 6 4.90 34.20 -23.08
CA ARG I 6 3.94 34.91 -22.24
C ARG I 6 4.18 34.57 -20.77
N CYS I 7 3.73 35.48 -19.90
CA CYS I 7 3.69 35.18 -18.48
C CYS I 7 2.59 34.17 -18.22
N PHE I 8 2.91 33.12 -17.46
CA PHE I 8 1.99 32.00 -17.31
C PHE I 8 0.70 32.42 -16.60
N SER I 9 0.83 33.22 -15.53
CA SER I 9 -0.32 33.51 -14.70
C SER I 9 -1.32 34.40 -15.41
N CYS I 10 -0.90 35.63 -15.75
CA CYS I 10 -1.82 36.60 -16.34
C CYS I 10 -2.00 36.38 -17.83
N GLY I 11 -0.91 36.39 -18.58
CA GLY I 11 -0.97 36.17 -20.02
C GLY I 11 -0.27 37.26 -20.80
N LYS I 12 0.26 38.25 -20.08
CA LYS I 12 0.99 39.34 -20.72
C LYS I 12 2.22 38.82 -21.45
N VAL I 13 2.45 39.33 -22.64
CA VAL I 13 3.57 38.85 -23.45
C VAL I 13 4.86 39.37 -22.85
N VAL I 14 5.68 38.47 -22.32
CA VAL I 14 7.02 38.81 -21.86
C VAL I 14 8.08 38.11 -22.69
N GLY I 15 7.73 37.71 -23.91
CA GLY I 15 8.65 37.07 -24.82
C GLY I 15 9.56 38.00 -25.56
N ASP I 16 9.47 39.30 -25.30
CA ASP I 16 10.34 40.28 -25.93
C ASP I 16 11.14 41.11 -24.93
N LYS I 17 10.88 40.97 -23.64
CA LYS I 17 11.52 41.78 -22.62
C LYS I 17 12.79 41.16 -22.08
N TRP I 18 13.26 40.06 -22.65
CA TRP I 18 14.42 39.38 -22.10
C TRP I 18 15.70 40.13 -22.43
N GLU I 19 15.99 40.30 -23.71
CA GLU I 19 17.19 41.02 -24.10
C GLU I 19 17.17 42.45 -23.58
N SER I 20 15.99 43.07 -23.59
CA SER I 20 15.86 44.42 -23.05
C SER I 20 16.21 44.45 -21.57
N TYR I 21 15.75 43.45 -20.81
CA TYR I 21 16.09 43.39 -19.39
C TYR I 21 17.59 43.21 -19.19
N LEU I 22 18.21 42.36 -20.00
CA LEU I 22 19.65 42.16 -19.92
C LEU I 22 20.39 43.47 -20.21
N ASN I 23 19.95 44.19 -21.24
CA ASN I 23 20.58 45.46 -21.59
C ASN I 23 20.44 46.47 -20.44
N LEU I 24 19.20 46.67 -19.97
CA LEU I 24 18.96 47.63 -18.90
C LEU I 24 19.68 47.26 -17.62
N LEU I 25 20.02 45.99 -17.43
CA LEU I 25 20.84 45.61 -16.28
C LEU I 25 22.33 45.78 -16.56
N GLN I 26 22.71 45.75 -17.84
CA GLN I 26 24.12 45.76 -18.23
C GLN I 26 24.58 47.09 -18.82
N GLU I 27 23.88 47.56 -19.86
CA GLU I 27 24.25 48.85 -20.47
C GLU I 27 24.14 49.98 -19.46
N ASP I 28 23.07 49.99 -18.69
CA ASP I 28 22.84 50.96 -17.64
C ASP I 28 22.88 50.24 -16.30
N GLU I 29 23.52 50.85 -15.31
CA GLU I 29 23.57 50.27 -13.97
C GLU I 29 22.20 50.40 -13.35
N LEU I 30 21.44 49.31 -13.34
CA LEU I 30 20.09 49.29 -12.78
C LEU I 30 19.93 48.11 -11.84
N ASP I 31 19.15 48.32 -10.78
CA ASP I 31 18.70 47.20 -9.98
C ASP I 31 17.63 46.43 -10.74
N GLU I 32 17.43 45.17 -10.32
CA GLU I 32 16.50 44.29 -11.02
C GLU I 32 15.09 44.86 -11.03
N GLY I 33 14.65 45.40 -9.89
CA GLY I 33 13.31 45.96 -9.82
C GLY I 33 13.13 47.16 -10.73
N THR I 34 14.13 48.04 -10.77
CA THR I 34 14.03 49.21 -11.63
C THR I 34 13.91 48.81 -13.10
N ALA I 35 14.73 47.85 -13.54
CA ALA I 35 14.66 47.40 -14.92
C ALA I 35 13.32 46.76 -15.22
N LEU I 36 12.84 45.90 -14.31
CA LEU I 36 11.54 45.26 -14.55
C LEU I 36 10.43 46.29 -14.64
N SER I 37 10.44 47.28 -13.76
CA SER I 37 9.41 48.32 -13.81
C SER I 37 9.50 49.13 -15.10
N ARG I 38 10.71 49.52 -15.51
CA ARG I 38 10.85 50.37 -16.68
C ARG I 38 10.46 49.65 -17.96
N LEU I 39 10.30 48.33 -17.92
CA LEU I 39 9.78 47.57 -19.05
C LEU I 39 8.27 47.40 -18.99
N GLY I 40 7.63 47.80 -17.90
CA GLY I 40 6.20 47.65 -17.77
C GLY I 40 5.79 46.36 -17.10
N LEU I 41 6.40 46.05 -15.97
CA LEU I 41 6.12 44.83 -15.22
C LEU I 41 5.94 45.19 -13.76
N LYS I 42 4.70 45.50 -13.37
CA LYS I 42 4.37 45.82 -11.99
C LYS I 42 3.79 44.65 -11.21
N ARG I 43 2.92 43.85 -11.84
CA ARG I 43 2.41 42.65 -11.20
C ARG I 43 3.54 41.66 -10.96
N TYR I 44 3.61 41.11 -9.75
CA TYR I 44 4.71 40.20 -9.44
C TYR I 44 4.66 38.95 -10.30
N CYS I 45 3.49 38.59 -10.82
CA CYS I 45 3.41 37.43 -11.71
C CYS I 45 4.23 37.65 -12.97
N CYS I 46 4.14 38.84 -13.57
CA CYS I 46 4.97 39.14 -14.73
C CYS I 46 6.42 39.35 -14.34
N ARG I 47 6.67 39.93 -13.17
CA ARG I 47 8.03 40.22 -12.76
C ARG I 47 8.84 38.93 -12.57
N ARG I 48 8.24 37.89 -11.98
CA ARG I 48 9.01 36.67 -11.75
C ARG I 48 9.33 35.94 -13.04
N MET I 49 8.60 36.20 -14.12
CA MET I 49 8.84 35.51 -15.37
C MET I 49 10.14 35.91 -16.03
N ILE I 50 10.68 37.09 -15.71
CA ILE I 50 11.88 37.59 -16.35
C ILE I 50 12.97 37.74 -15.30
N LEU I 51 12.56 37.99 -14.05
CA LEU I 51 13.54 38.19 -12.99
C LEU I 51 14.38 36.96 -12.76
N THR I 52 13.77 35.78 -12.78
CA THR I 52 14.40 34.54 -12.38
C THR I 52 14.67 33.60 -13.54
N HIS I 53 14.53 34.07 -14.78
CA HIS I 53 14.84 33.22 -15.92
C HIS I 53 16.35 32.99 -16.01
N VAL I 54 16.74 31.81 -16.45
CA VAL I 54 18.15 31.41 -16.53
C VAL I 54 18.66 31.52 -17.96
N ASP I 55 17.77 31.35 -18.94
CA ASP I 55 18.14 31.31 -20.35
C ASP I 55 19.21 30.25 -20.60
N LEU I 56 18.81 29.01 -20.36
CA LEU I 56 19.73 27.89 -20.47
C LEU I 56 20.12 27.57 -21.91
N ILE I 57 19.39 28.10 -22.88
CA ILE I 57 19.62 27.70 -24.26
C ILE I 57 21.04 28.05 -24.70
N GLU I 58 21.62 29.11 -24.12
CA GLU I 58 23.01 29.44 -24.42
C GLU I 58 23.91 28.24 -24.16
N LYS I 59 23.81 27.66 -22.97
CA LYS I 59 24.61 26.48 -22.67
C LYS I 59 24.26 25.33 -23.58
N PHE I 60 23.02 25.27 -24.07
CA PHE I 60 22.62 24.25 -25.02
C PHE I 60 23.17 24.49 -26.42
N LEU I 61 23.54 25.73 -26.75
CA LEU I 61 23.94 26.04 -28.11
C LEU I 61 25.42 25.78 -28.38
N ARG I 62 26.22 25.59 -27.32
CA ARG I 62 27.63 25.25 -27.54
C ARG I 62 27.76 23.92 -28.26
N TYR I 63 26.95 22.94 -27.87
CA TYR I 63 27.05 21.58 -28.42
C TYR I 63 26.30 21.51 -29.75
N ASN I 64 26.88 22.16 -30.75
CA ASN I 64 26.34 22.09 -32.10
C ASN I 64 27.03 20.96 -32.84
N PRO I 65 26.30 19.94 -33.28
CA PRO I 65 26.92 18.85 -34.05
C PRO I 65 27.15 19.18 -35.52
N LEU I 66 26.80 20.38 -35.97
CA LEU I 66 26.92 20.73 -37.39
C LEU I 66 28.05 21.73 -37.63
N GLU I 67 28.97 21.87 -36.69
CA GLU I 67 30.08 22.82 -36.81
C GLU I 67 31.29 22.23 -36.13
N LYS I 68 32.44 22.24 -36.81
CA LYS I 68 33.64 21.67 -36.24
C LYS I 68 34.06 22.45 -35.01
N ARG I 69 34.32 21.73 -33.93
CA ARG I 69 34.69 22.36 -32.68
C ARG I 69 36.16 22.76 -32.71
N GLU J 45 -30.80 21.82 -30.50
CA GLU J 45 -30.85 21.06 -29.26
C GLU J 45 -29.90 21.66 -28.23
N LYS J 46 -29.79 22.99 -28.27
CA LYS J 46 -29.00 23.70 -27.28
C LYS J 46 -29.62 23.59 -25.89
N ILE J 47 -30.95 23.71 -25.80
CA ILE J 47 -31.66 23.71 -24.53
C ILE J 47 -32.77 22.67 -24.59
N LYS J 48 -32.95 21.94 -23.49
CA LYS J 48 -33.93 20.86 -23.41
C LYS J 48 -34.68 20.96 -22.09
N LEU J 49 -35.90 20.45 -22.10
CA LEU J 49 -36.77 20.44 -20.91
C LEU J 49 -36.70 19.08 -20.26
N LEU J 50 -36.27 19.04 -19.00
CA LEU J 50 -36.13 17.78 -18.28
C LEU J 50 -37.50 17.36 -17.76
N THR J 51 -38.16 16.48 -18.53
CA THR J 51 -39.52 16.05 -18.19
C THR J 51 -39.58 15.37 -16.82
N GLN J 52 -38.46 14.80 -16.36
CA GLN J 52 -38.44 14.12 -15.08
C GLN J 52 -38.23 15.05 -13.89
N ALA J 53 -38.08 16.36 -14.14
CA ALA J 53 -37.95 17.33 -13.07
C ALA J 53 -39.02 18.42 -13.12
N THR J 54 -39.90 18.41 -14.11
CA THR J 54 -40.82 19.50 -14.34
C THR J 54 -42.14 19.24 -13.62
N SER J 55 -43.11 20.12 -13.83
CA SER J 55 -44.46 19.96 -13.30
C SER J 55 -45.42 19.68 -14.45
N GLU J 56 -46.63 19.24 -14.08
CA GLU J 56 -47.62 18.91 -15.09
C GLU J 56 -48.09 20.14 -15.86
N ASP J 57 -48.49 21.19 -15.14
CA ASP J 57 -49.01 22.40 -15.77
C ASP J 57 -47.91 23.30 -16.30
N GLY J 58 -46.67 23.09 -15.87
CA GLY J 58 -45.57 23.95 -16.27
C GLY J 58 -45.21 25.01 -15.24
N THR J 59 -45.85 25.02 -14.08
CA THR J 59 -45.54 26.02 -13.07
C THR J 59 -44.18 25.79 -12.42
N SER J 60 -43.51 24.69 -12.74
CA SER J 60 -42.16 24.44 -12.25
C SER J 60 -41.47 23.52 -13.24
N ALA J 61 -40.22 23.84 -13.59
CA ALA J 61 -39.55 23.12 -14.66
C ALA J 61 -38.04 23.24 -14.49
N SER J 62 -37.34 22.33 -15.17
CA SER J 62 -35.88 22.33 -15.22
C SER J 62 -35.42 22.26 -16.67
N PHE J 63 -34.40 23.05 -16.96
CA PHE J 63 -33.85 23.17 -18.31
C PHE J 63 -32.39 22.76 -18.30
N GLN J 64 -31.96 22.04 -19.33
CA GLN J 64 -30.56 21.66 -19.50
C GLN J 64 -30.05 22.26 -20.80
N ILE J 65 -29.01 23.05 -20.70
CA ILE J 65 -28.46 23.77 -21.85
C ILE J 65 -26.99 23.37 -22.00
N VAL J 66 -26.60 23.12 -23.24
CA VAL J 66 -25.25 22.66 -23.53
C VAL J 66 -24.32 23.85 -23.71
N GLU J 67 -23.03 23.60 -23.56
CA GLU J 67 -21.99 24.58 -23.91
C GLU J 67 -22.17 25.90 -23.16
N GLU J 68 -22.61 25.82 -21.90
CA GLU J 68 -22.78 26.98 -21.06
C GLU J 68 -22.18 26.68 -19.69
N ASP J 69 -22.00 27.73 -18.89
CA ASP J 69 -21.28 27.62 -17.64
C ASP J 69 -21.87 28.64 -16.67
N HIS J 70 -21.12 28.95 -15.61
CA HIS J 70 -21.57 29.97 -14.67
C HIS J 70 -21.88 31.29 -15.37
N THR J 71 -21.17 31.60 -16.45
CA THR J 71 -21.22 32.94 -17.01
C THR J 71 -22.63 33.30 -17.46
N LEU J 72 -23.25 32.46 -18.28
CA LEU J 72 -24.63 32.72 -18.66
C LEU J 72 -25.60 32.36 -17.54
N GLY J 73 -25.30 31.31 -16.78
CA GLY J 73 -26.24 30.83 -15.79
C GLY J 73 -26.53 31.86 -14.71
N ASN J 74 -25.48 32.49 -14.18
CA ASN J 74 -25.66 33.47 -13.12
C ASN J 74 -26.39 34.71 -13.63
N ALA J 75 -26.05 35.18 -14.83
CA ALA J 75 -26.74 36.34 -15.40
C ALA J 75 -28.21 36.06 -15.59
N LEU J 76 -28.53 34.93 -16.24
CA LEU J 76 -29.93 34.59 -16.46
C LEU J 76 -30.66 34.38 -15.15
N ARG J 77 -30.02 33.73 -14.18
CA ARG J 77 -30.67 33.42 -12.92
C ARG J 77 -30.99 34.70 -12.14
N TYR J 78 -30.04 35.63 -12.07
CA TYR J 78 -30.33 36.90 -11.41
C TYR J 78 -31.46 37.64 -12.12
N VAL J 79 -31.38 37.74 -13.45
CA VAL J 79 -32.37 38.50 -14.20
C VAL J 79 -33.76 37.91 -14.00
N ILE J 80 -33.88 36.59 -14.07
CA ILE J 80 -35.20 35.99 -13.93
C ILE J 80 -35.70 36.05 -12.48
N MET J 81 -34.80 35.97 -11.50
CA MET J 81 -35.25 36.17 -10.12
C MET J 81 -35.72 37.58 -9.87
N LYS J 82 -35.34 38.53 -10.74
CA LYS J 82 -35.98 39.84 -10.68
C LYS J 82 -37.45 39.80 -11.14
N ASN J 83 -37.88 38.77 -11.85
CA ASN J 83 -39.27 38.68 -12.27
C ASN J 83 -40.15 38.32 -11.09
N PRO J 84 -41.28 39.01 -10.89
CA PRO J 84 -42.07 38.82 -9.67
C PRO J 84 -42.90 37.55 -9.65
N ASP J 85 -43.13 36.93 -10.79
CA ASP J 85 -43.99 35.76 -10.86
C ASP J 85 -43.25 34.46 -10.57
N VAL J 86 -41.93 34.52 -10.43
CA VAL J 86 -41.10 33.33 -10.28
C VAL J 86 -40.74 33.15 -8.81
N GLU J 87 -41.02 31.96 -8.28
CA GLU J 87 -40.82 31.68 -6.86
C GLU J 87 -39.40 31.23 -6.57
N PHE J 88 -38.95 30.17 -7.23
CA PHE J 88 -37.65 29.56 -6.95
C PHE J 88 -36.88 29.42 -8.24
N CYS J 89 -35.79 30.15 -8.39
CA CYS J 89 -34.93 29.98 -9.55
C CYS J 89 -33.49 29.76 -9.13
N GLY J 90 -32.80 28.92 -9.90
CA GLY J 90 -31.43 28.58 -9.57
C GLY J 90 -30.72 27.93 -10.74
N TYR J 91 -29.40 27.93 -10.67
CA TYR J 91 -28.58 27.30 -11.70
C TYR J 91 -27.68 26.25 -11.06
N SER J 92 -27.45 25.16 -11.80
CA SER J 92 -26.63 24.08 -11.29
C SER J 92 -25.86 23.42 -12.42
N ILE J 93 -24.57 23.25 -12.22
CA ILE J 93 -23.70 22.53 -13.16
C ILE J 93 -23.63 21.08 -12.71
N PRO J 94 -24.04 20.12 -13.52
CA PRO J 94 -23.97 18.72 -13.11
C PRO J 94 -22.56 18.32 -12.70
N HIS J 95 -21.61 18.41 -13.63
CA HIS J 95 -20.21 18.15 -13.36
C HIS J 95 -19.40 19.22 -14.09
N PRO J 96 -18.35 19.74 -13.47
CA PRO J 96 -17.56 20.79 -14.13
C PRO J 96 -17.01 20.37 -15.49
N SER J 97 -16.56 19.12 -15.61
CA SER J 97 -15.98 18.67 -16.88
C SER J 97 -17.03 18.65 -17.97
N GLU J 98 -18.25 18.22 -17.65
CA GLU J 98 -19.32 18.24 -18.63
C GLU J 98 -19.77 19.67 -18.88
N ASN J 99 -20.10 19.97 -20.12
CA ASN J 99 -20.57 21.31 -20.48
C ASN J 99 -22.09 21.32 -20.50
N LEU J 100 -22.66 21.23 -19.31
CA LEU J 100 -24.09 21.22 -19.12
C LEU J 100 -24.47 22.21 -18.03
N LEU J 101 -25.64 22.82 -18.17
CA LEU J 101 -26.14 23.76 -17.19
C LEU J 101 -27.64 23.58 -17.03
N ASN J 102 -28.09 23.32 -15.81
CA ASN J 102 -29.51 23.17 -15.51
C ASN J 102 -30.02 24.42 -14.82
N ILE J 103 -31.16 24.92 -15.29
CA ILE J 103 -31.82 26.07 -14.70
C ILE J 103 -33.16 25.61 -14.16
N ARG J 104 -33.40 25.87 -12.88
CA ARG J 104 -34.63 25.50 -12.20
C ARG J 104 -35.49 26.75 -12.05
N ILE J 105 -36.70 26.70 -12.60
CA ILE J 105 -37.64 27.82 -12.53
C ILE J 105 -38.97 27.30 -12.01
N GLN J 106 -39.35 27.75 -10.82
CA GLN J 106 -40.65 27.45 -10.22
C GLN J 106 -41.40 28.76 -10.09
N THR J 107 -42.49 28.89 -10.83
CA THR J 107 -43.30 30.10 -10.80
C THR J 107 -44.23 30.09 -9.61
N TYR J 108 -45.05 31.13 -9.51
CA TYR J 108 -46.09 31.23 -8.50
C TYR J 108 -47.46 30.96 -9.09
N GLY J 109 -47.52 30.48 -10.32
CA GLY J 109 -48.76 30.41 -11.08
C GLY J 109 -48.89 31.58 -12.05
N GLU J 110 -49.97 31.53 -12.82
CA GLU J 110 -50.38 32.61 -13.72
C GLU J 110 -49.51 32.72 -14.96
N THR J 111 -48.39 31.99 -15.02
CA THR J 111 -47.55 32.00 -16.21
C THR J 111 -46.63 30.77 -16.19
N THR J 112 -46.59 30.05 -17.31
CA THR J 112 -45.77 28.86 -17.43
C THR J 112 -44.29 29.22 -17.35
N ALA J 113 -43.51 28.33 -16.73
CA ALA J 113 -42.10 28.61 -16.49
C ALA J 113 -41.29 28.71 -17.76
N VAL J 114 -41.75 28.10 -18.86
CA VAL J 114 -41.15 28.36 -20.16
C VAL J 114 -41.19 29.84 -20.47
N ASP J 115 -42.36 30.46 -20.27
CA ASP J 115 -42.50 31.88 -20.55
C ASP J 115 -41.67 32.72 -19.58
N ALA J 116 -41.53 32.27 -18.34
CA ALA J 116 -40.65 32.97 -17.41
C ALA J 116 -39.22 32.95 -17.91
N LEU J 117 -38.77 31.81 -18.44
CA LEU J 117 -37.43 31.74 -19.01
C LEU J 117 -37.29 32.69 -20.20
N GLN J 118 -38.32 32.74 -21.06
CA GLN J 118 -38.26 33.65 -22.20
C GLN J 118 -38.15 35.09 -21.74
N LYS J 119 -38.92 35.48 -20.72
CA LYS J 119 -38.88 36.84 -20.23
C LYS J 119 -37.53 37.16 -19.58
N GLY J 120 -36.96 36.19 -18.86
CA GLY J 120 -35.64 36.40 -18.30
C GLY J 120 -34.58 36.62 -19.38
N LEU J 121 -34.64 35.80 -20.43
CA LEU J 121 -33.72 36.00 -21.56
C LEU J 121 -33.91 37.37 -22.20
N LYS J 122 -35.17 37.78 -22.39
CA LYS J 122 -35.43 39.08 -22.98
C LYS J 122 -34.85 40.21 -22.14
N ASP J 123 -35.03 40.13 -20.82
CA ASP J 123 -34.51 41.17 -19.96
C ASP J 123 -32.99 41.16 -19.93
N LEU J 124 -32.38 39.99 -20.06
CA LEU J 124 -30.92 39.94 -20.19
C LEU J 124 -30.45 40.62 -21.46
N MET J 125 -31.14 40.37 -22.58
CA MET J 125 -30.79 41.05 -23.83
C MET J 125 -30.93 42.56 -23.69
N ASP J 126 -32.01 43.02 -23.06
CA ASP J 126 -32.20 44.46 -22.90
C ASP J 126 -31.14 45.07 -22.01
N LEU J 127 -30.74 44.36 -20.94
CA LEU J 127 -29.68 44.87 -20.08
C LEU J 127 -28.37 44.99 -20.84
N CYS J 128 -28.05 44.00 -21.67
CA CYS J 128 -26.86 44.10 -22.51
C CYS J 128 -26.96 45.27 -23.47
N ASP J 129 -28.13 45.49 -24.06
CA ASP J 129 -28.30 46.62 -24.95
C ASP J 129 -28.03 47.94 -24.22
N VAL J 130 -28.58 48.11 -23.02
CA VAL J 130 -28.41 49.39 -22.34
C VAL J 130 -26.96 49.59 -21.91
N VAL J 131 -26.27 48.52 -21.47
CA VAL J 131 -24.87 48.73 -21.10
C VAL J 131 -24.04 49.08 -22.33
N GLU J 132 -24.36 48.46 -23.47
CA GLU J 132 -23.65 48.79 -24.71
C GLU J 132 -23.86 50.26 -25.09
N SER J 133 -25.11 50.72 -25.03
CA SER J 133 -25.40 52.10 -25.38
C SER J 133 -24.72 53.08 -24.42
N LYS J 134 -24.79 52.80 -23.12
CA LYS J 134 -24.17 53.70 -22.15
C LYS J 134 -22.66 53.78 -22.34
N PHE J 135 -22.01 52.63 -22.51
CA PHE J 135 -20.57 52.61 -22.71
C PHE J 135 -20.18 53.34 -23.99
N THR J 136 -20.93 53.11 -25.08
CA THR J 136 -20.61 53.79 -26.34
C THR J 136 -20.75 55.29 -26.20
N GLU J 137 -21.87 55.75 -25.66
CA GLU J 137 -22.08 57.20 -25.54
C GLU J 137 -21.04 57.84 -24.63
N LYS J 138 -20.60 57.13 -23.60
CA LYS J 138 -19.63 57.71 -22.68
C LYS J 138 -18.20 57.55 -23.14
N ILE J 139 -17.93 56.72 -24.15
CA ILE J 139 -16.55 56.60 -24.62
C ILE J 139 -16.16 57.81 -25.47
N LYS J 140 -17.14 58.43 -26.14
CA LYS J 140 -16.86 59.55 -27.03
C LYS J 140 -16.58 60.81 -26.24
N SER J 141 -17.36 61.07 -25.19
CA SER J 141 -17.10 62.20 -24.31
C SER J 141 -15.70 62.13 -23.71
N MET J 142 -15.36 60.98 -23.14
CA MET J 142 -14.04 60.74 -22.58
C MET J 142 -13.63 61.82 -21.58
N LEU K 27 23.82 13.90 -49.20
CA LEU K 27 24.54 13.41 -48.03
C LEU K 27 23.61 13.29 -46.84
N LYS K 28 23.52 12.09 -46.28
CA LYS K 28 22.54 11.81 -45.24
C LYS K 28 23.15 11.53 -43.87
N TYR K 29 24.47 11.65 -43.71
CA TYR K 29 25.08 11.34 -42.43
C TYR K 29 26.11 12.39 -42.07
N ILE K 30 26.41 12.47 -40.78
CA ILE K 30 27.32 13.47 -40.25
C ILE K 30 28.22 12.80 -39.22
N CYS K 31 29.52 13.03 -39.34
CA CYS K 31 30.43 12.48 -38.35
C CYS K 31 30.16 13.09 -36.98
N ALA K 32 30.28 12.26 -35.94
CA ALA K 32 30.05 12.73 -34.58
C ALA K 32 31.28 13.38 -33.97
N GLU K 33 32.39 13.45 -34.70
CA GLU K 33 33.64 13.98 -34.18
C GLU K 33 34.04 15.28 -34.88
N CYS K 34 34.24 15.24 -36.19
CA CYS K 34 34.69 16.40 -36.95
C CYS K 34 33.54 17.15 -37.59
N SER K 35 32.31 16.65 -37.46
CA SER K 35 31.09 17.26 -37.95
C SER K 35 31.02 17.34 -39.47
N SER K 36 31.96 16.72 -40.18
CA SER K 36 31.96 16.77 -41.64
C SER K 36 30.90 15.83 -42.19
N LYS K 37 30.11 16.32 -43.13
CA LYS K 37 29.09 15.49 -43.75
C LYS K 37 29.75 14.38 -44.57
N LEU K 38 29.03 13.27 -44.71
CA LEU K 38 29.52 12.13 -45.46
C LEU K 38 28.34 11.28 -45.90
N SER K 39 28.63 10.26 -46.69
CA SER K 39 27.63 9.33 -47.19
C SER K 39 28.14 7.91 -47.05
N LEU K 40 27.23 6.96 -47.14
CA LEU K 40 27.58 5.54 -47.01
C LEU K 40 27.09 4.78 -48.24
N SER K 41 27.98 3.97 -48.81
CA SER K 41 27.63 3.07 -49.89
C SER K 41 27.12 1.75 -49.31
N ARG K 42 26.44 0.98 -50.15
CA ARG K 42 26.02 -0.36 -49.74
C ARG K 42 27.24 -1.23 -49.49
N THR K 43 27.17 -2.00 -48.40
CA THR K 43 28.23 -2.90 -47.91
C THR K 43 29.43 -2.12 -47.39
N ASP K 44 29.44 -0.80 -47.57
CA ASP K 44 30.61 -0.01 -47.23
C ASP K 44 30.79 0.10 -45.72
N ALA K 45 32.02 0.35 -45.30
CA ALA K 45 32.34 0.45 -43.89
C ALA K 45 31.70 1.69 -43.28
N VAL K 46 31.28 1.57 -42.02
CA VAL K 46 30.78 2.70 -41.26
C VAL K 46 31.97 3.50 -40.75
N ARG K 47 32.40 4.49 -41.52
CA ARG K 47 33.58 5.26 -41.15
C ARG K 47 33.49 6.64 -41.74
N CYS K 48 33.96 7.64 -41.00
CA CYS K 48 34.12 8.98 -41.54
C CYS K 48 35.37 9.00 -42.42
N LYS K 49 35.21 9.53 -43.63
CA LYS K 49 36.32 9.51 -44.58
C LYS K 49 37.47 10.39 -44.11
N ASP K 50 37.17 11.56 -43.57
CA ASP K 50 38.19 12.56 -43.29
C ASP K 50 38.83 12.43 -41.93
N CYS K 51 38.36 11.50 -41.08
CA CYS K 51 38.98 11.30 -39.79
C CYS K 51 38.64 9.90 -39.30
N GLY K 52 39.38 9.44 -38.29
CA GLY K 52 39.17 8.11 -37.76
C GLY K 52 38.00 8.04 -36.80
N HIS K 53 36.78 8.02 -37.33
CA HIS K 53 35.59 7.86 -36.51
C HIS K 53 34.59 6.96 -37.21
N ARG K 54 33.88 6.16 -36.43
CA ARG K 54 32.93 5.19 -36.95
C ARG K 54 31.52 5.41 -36.40
N ILE K 55 31.24 6.58 -35.84
CA ILE K 55 29.91 6.95 -35.37
C ILE K 55 29.38 8.01 -36.31
N LEU K 56 28.20 7.77 -36.86
CA LEU K 56 27.63 8.65 -37.87
C LEU K 56 26.19 8.97 -37.50
N LEU K 57 25.94 10.22 -37.12
CA LEU K 57 24.57 10.68 -36.92
C LEU K 57 23.84 10.69 -38.25
N LYS K 58 22.54 10.37 -38.21
CA LYS K 58 21.72 10.48 -39.41
C LYS K 58 21.26 11.92 -39.56
N ALA K 59 21.39 12.45 -40.78
CA ALA K 59 21.05 13.84 -41.00
C ALA K 59 19.54 14.01 -41.06
N ARG K 60 19.10 15.25 -40.86
CA ARG K 60 17.68 15.59 -40.91
C ARG K 60 17.37 16.18 -42.27
N THR K 61 16.52 15.50 -43.03
CA THR K 61 16.19 15.93 -44.38
C THR K 61 14.87 16.69 -44.40
N LYS K 62 14.52 17.23 -45.57
CA LYS K 62 13.37 18.10 -45.72
C LYS K 62 12.12 17.26 -45.94
N ARG K 63 11.27 17.18 -44.93
CA ARG K 63 10.01 16.45 -45.01
C ARG K 63 8.95 17.18 -44.18
N LEU K 64 7.70 16.96 -44.56
CA LEU K 64 6.59 17.51 -43.81
C LEU K 64 6.47 16.81 -42.46
N VAL K 65 6.44 17.59 -41.39
CA VAL K 65 6.09 17.10 -40.05
C VAL K 65 5.11 18.08 -39.47
N GLN K 66 3.92 17.60 -39.09
CA GLN K 66 2.91 18.50 -38.55
C GLN K 66 3.02 18.58 -37.03
N PHE K 67 2.43 19.63 -36.48
CA PHE K 67 2.36 19.81 -35.05
C PHE K 67 1.08 20.56 -34.73
N GLU K 68 0.88 20.81 -33.43
CA GLU K 68 -0.22 21.64 -32.96
C GLU K 68 0.29 22.41 -31.75
N ALA K 69 0.03 23.72 -31.73
CA ALA K 69 0.61 24.60 -30.72
C ALA K 69 -0.19 24.53 -29.42
N ARG K 70 -0.27 23.33 -28.86
CA ARG K 70 -1.02 23.11 -27.63
C ARG K 70 -0.24 22.29 -26.61
#